data_4ZLA
#
_entry.id   4ZLA
#
_cell.length_a   99.770
_cell.length_b   99.690
_cell.length_c   96.780
_cell.angle_alpha   81.890
_cell.angle_beta   60.970
_cell.angle_gamma   75.390
#
_symmetry.space_group_name_H-M   'P 1'
#
loop_
_entity.id
_entity.type
_entity.pdbx_description
1 polymer 'Cytosol aminopeptidase'
2 non-polymer 'ZINC ION'
3 non-polymer 'SODIUM ION'
4 non-polymer 'BICARBONATE ION'
5 non-polymer '2-(3-AMINO-2-HYDROXY-4-PHENYL-BUTYRYLAMINO)-4-METHYL-PENTANOIC ACID'
6 water water
#
_entity_poly.entity_id   1
_entity_poly.type   'polypeptide(L)'
_entity_poly.pdbx_seq_one_letter_code
;GIDFPTMLKIKLEKTTFENAKAECSLVFIINKDFSHAWVKNKELLETFKYEGEGVFLDQENKILYAGVKEDDVHLLRESA
CLAVRTLKKLAFKSVKVGVYTCGAHSKDNALLENLKALFLGLKLGLYEYDTFKSNKKESVLKEAIVALELHKPCEKTCAN
SLEKSAKEALKYAEIMTESLNIVKDLVNTPPMIGTPVYMAEVAQKVAKENHLEIHVHDEKFLEEKKMNAFLAVNKASLSV
NPPRLIHLVYKPKKAKKKIALVGKGLTYDCGGLSLKPADYMVTMKADKGGGSAVIGLLNALAKLGVEAEVHGIIGATENM
IGPAAYKPDDILISKEGKSIEVRNTDAEGRLVLADCLSYAQDLNPDVIVDFATLTGACVVGLGEFTSAIMGHNEELKNLF
ETSGLESGELLAKLPFNRHLKKLIESKIADVCNISSSRYGGAITAGLFLNEFIRDEFKDKWLHIDIAGPAYVEKEWDVNS
FGASGAGVRACTAFVEELLKKA
;
_entity_poly.pdbx_strand_id   A,B,C,D,E,F
#
loop_
_chem_comp.id
_chem_comp.type
_chem_comp.name
_chem_comp.formula
BCT non-polymer 'BICARBONATE ION' 'C H O3 -1'
BES non-polymer '2-(3-AMINO-2-HYDROXY-4-PHENYL-BUTYRYLAMINO)-4-METHYL-PENTANOIC ACID' 'C16 H24 N2 O4'
NA non-polymer 'SODIUM ION' 'Na 1'
ZN non-polymer 'ZINC ION' 'Zn 2'
#
# COMPACT_ATOMS: atom_id res chain seq x y z
N MET A 7 47.56 1.19 -3.52
CA MET A 7 47.69 0.78 -2.13
C MET A 7 48.62 1.71 -1.35
N LEU A 8 48.24 2.07 -0.13
CA LEU A 8 49.05 2.99 0.66
C LEU A 8 50.25 2.27 1.27
N LYS A 9 51.43 2.50 0.72
CA LYS A 9 52.63 1.87 1.26
C LYS A 9 52.94 2.50 2.61
N ILE A 10 53.14 1.66 3.61
CA ILE A 10 53.59 2.10 4.91
C ILE A 10 55.03 1.63 5.13
N LYS A 11 55.93 2.55 5.49
CA LYS A 11 57.27 2.13 5.90
C LYS A 11 57.55 2.58 7.31
N LEU A 12 58.08 1.64 8.10
CA LEU A 12 58.43 1.90 9.48
C LEU A 12 59.84 2.46 9.53
N GLU A 13 60.04 3.53 10.31
CA GLU A 13 61.37 4.13 10.43
C GLU A 13 61.79 4.30 11.88
N LYS A 14 63.02 3.88 12.17
CA LYS A 14 63.56 4.02 13.52
C LYS A 14 64.10 5.43 13.68
N THR A 15 63.17 6.35 13.92
CA THR A 15 63.47 7.76 14.07
C THR A 15 62.40 8.41 14.92
N THR A 16 62.64 9.66 15.29
CA THR A 16 61.63 10.44 15.99
C THR A 16 60.62 10.96 14.97
N PHE A 17 59.43 11.30 15.44
CA PHE A 17 58.43 11.96 14.62
C PHE A 17 58.99 13.24 14.00
N GLU A 18 59.65 14.06 14.81
CA GLU A 18 60.17 15.35 14.33
C GLU A 18 61.26 15.20 13.27
N ASN A 19 62.10 14.18 13.39
CA ASN A 19 63.19 13.96 12.43
C ASN A 19 62.80 13.14 11.19
N ALA A 20 61.64 12.49 11.21
CA ALA A 20 61.18 11.78 10.03
C ALA A 20 60.84 12.77 8.93
N LYS A 21 61.01 12.36 7.67
CA LYS A 21 60.78 13.26 6.55
C LYS A 21 59.66 12.81 5.62
N ALA A 22 58.70 13.70 5.41
CA ALA A 22 57.58 13.44 4.50
C ALA A 22 57.01 14.77 4.06
N GLU A 23 56.18 14.77 3.02
CA GLU A 23 55.70 16.00 2.43
C GLU A 23 54.64 16.68 3.29
N CYS A 24 54.05 15.92 4.20
CA CYS A 24 53.15 16.50 5.21
C CYS A 24 53.09 15.62 6.45
N SER A 25 52.40 16.09 7.49
CA SER A 25 52.37 15.41 8.78
C SER A 25 50.93 15.14 9.23
N LEU A 26 50.76 14.06 9.99
CA LEU A 26 49.46 13.72 10.58
C LEU A 26 49.56 13.65 12.11
N VAL A 27 48.67 14.38 12.79
CA VAL A 27 48.64 14.37 14.24
C VAL A 27 47.21 14.18 14.74
N PHE A 28 47.01 13.23 15.64
CA PHE A 28 45.69 13.01 16.20
C PHE A 28 45.49 13.85 17.45
N ILE A 29 44.32 14.44 17.57
CA ILE A 29 43.94 15.15 18.76
C ILE A 29 42.95 14.32 19.55
N ILE A 30 43.41 13.78 20.68
CA ILE A 30 42.57 12.94 21.53
C ILE A 30 41.83 13.75 22.57
N ASN A 31 40.51 13.69 22.53
CA ASN A 31 39.64 14.30 23.54
C ASN A 31 39.94 15.79 23.77
N LYS A 32 40.12 16.53 22.68
CA LYS A 32 40.28 17.98 22.71
C LYS A 32 41.52 18.45 23.49
N ASP A 33 42.51 17.57 23.64
CA ASP A 33 43.77 17.92 24.31
C ASP A 33 44.80 18.38 23.29
N PHE A 34 45.06 19.68 23.25
CA PHE A 34 45.99 20.24 22.27
C PHE A 34 47.37 20.51 22.87
N SER A 35 47.70 19.82 23.96
CA SER A 35 48.94 20.11 24.69
C SER A 35 50.21 19.55 24.05
N HIS A 36 50.09 18.47 23.30
CA HIS A 36 51.28 17.73 22.84
C HIS A 36 52.24 18.57 22.00
N ALA A 37 53.53 18.25 22.10
CA ALA A 37 54.56 18.97 21.39
C ALA A 37 54.37 18.91 19.88
N TRP A 38 53.76 17.84 19.39
CA TRP A 38 53.61 17.64 17.95
C TRP A 38 52.62 18.65 17.36
N VAL A 39 51.82 19.28 18.21
CA VAL A 39 50.98 20.39 17.78
C VAL A 39 51.85 21.64 17.67
N LYS A 40 52.48 21.80 16.50
CA LYS A 40 53.48 22.83 16.22
C LYS A 40 53.01 24.27 16.47
N ASN A 41 51.82 24.58 16.02
CA ASN A 41 51.27 25.92 16.20
C ASN A 41 49.87 25.86 16.82
N LYS A 42 49.84 25.85 18.14
CA LYS A 42 48.59 25.73 18.89
C LYS A 42 47.69 26.97 18.74
N GLU A 43 48.29 28.15 18.53
CA GLU A 43 47.48 29.36 18.45
C GLU A 43 46.66 29.41 17.15
N LEU A 44 47.23 28.90 16.06
CA LEU A 44 46.51 28.82 14.79
C LEU A 44 45.18 28.08 14.94
N LEU A 45 45.19 26.97 15.68
CA LEU A 45 43.97 26.19 15.88
C LEU A 45 42.94 26.93 16.73
N GLU A 46 43.42 27.68 17.73
CA GLU A 46 42.52 28.48 18.56
C GLU A 46 41.87 29.56 17.69
N THR A 47 42.70 30.21 16.89
CA THR A 47 42.25 31.29 16.00
C THR A 47 41.07 30.87 15.13
N PHE A 48 41.19 29.70 14.50
CA PHE A 48 40.16 29.21 13.59
C PHE A 48 39.21 28.21 14.26
N LYS A 49 39.16 28.26 15.58
CA LYS A 49 38.16 27.55 16.37
C LYS A 49 38.08 26.04 16.08
N TYR A 50 39.21 25.42 15.74
CA TYR A 50 39.25 23.96 15.67
C TYR A 50 39.29 23.41 17.07
N GLU A 51 38.31 22.59 17.42
CA GLU A 51 38.20 22.06 18.77
C GLU A 51 38.23 20.52 18.79
N GLY A 52 38.75 19.94 17.71
CA GLY A 52 38.97 18.51 17.67
C GLY A 52 37.87 17.73 16.97
N GLU A 53 36.96 18.44 16.31
CA GLU A 53 35.90 17.77 15.56
C GLU A 53 36.34 17.60 14.11
N GLY A 54 36.52 16.35 13.68
CA GLY A 54 36.95 16.08 12.32
C GLY A 54 38.39 16.50 12.10
N VAL A 55 38.71 16.97 10.90
CA VAL A 55 40.09 17.30 10.55
C VAL A 55 40.33 18.80 10.40
N PHE A 56 41.60 19.18 10.47
CA PHE A 56 42.01 20.57 10.26
C PHE A 56 43.45 20.60 9.76
N LEU A 57 43.68 21.30 8.65
CA LEU A 57 45.02 21.34 8.07
C LEU A 57 45.72 22.67 8.38
N ASP A 58 46.76 22.60 9.20
CA ASP A 58 47.70 23.71 9.37
C ASP A 58 48.46 23.88 8.06
N GLN A 59 48.04 24.87 7.26
CA GLN A 59 48.58 25.03 5.91
C GLN A 59 50.08 25.30 5.86
N GLU A 60 50.56 26.24 6.66
CA GLU A 60 51.97 26.61 6.60
C GLU A 60 52.88 25.48 7.07
N ASN A 61 52.47 24.78 8.11
CA ASN A 61 53.26 23.67 8.64
C ASN A 61 52.97 22.34 7.96
N LYS A 62 51.94 22.33 7.12
CA LYS A 62 51.52 21.14 6.38
C LYS A 62 51.27 20.00 7.34
N ILE A 63 50.54 20.32 8.40
CA ILE A 63 50.12 19.34 9.38
C ILE A 63 48.60 19.15 9.33
N LEU A 64 48.17 17.91 9.10
CA LEU A 64 46.76 17.57 9.21
C LEU A 64 46.47 17.06 10.60
N TYR A 65 45.53 17.71 11.29
CA TYR A 65 45.04 17.20 12.56
C TYR A 65 43.76 16.43 12.32
N ALA A 66 43.56 15.35 13.08
CA ALA A 66 42.36 14.53 12.98
C ALA A 66 41.83 14.23 14.37
N GLY A 67 40.61 14.63 14.65
CA GLY A 67 40.05 14.42 15.99
C GLY A 67 39.75 12.97 16.33
N VAL A 68 40.06 12.59 17.57
CA VAL A 68 39.64 11.30 18.12
C VAL A 68 38.84 11.61 19.39
N LYS A 69 37.52 11.37 19.35
CA LYS A 69 36.61 11.93 20.35
C LYS A 69 36.89 11.47 21.78
N GLU A 70 37.27 10.21 21.91
CA GLU A 70 37.67 9.64 23.19
C GLU A 70 38.87 8.76 22.96
N ASP A 71 39.59 8.46 24.04
CA ASP A 71 40.79 7.65 23.98
C ASP A 71 40.45 6.18 23.68
N ASP A 72 40.17 5.88 22.42
CA ASP A 72 39.56 4.62 22.04
C ASP A 72 40.18 4.08 20.75
N VAL A 73 40.71 2.86 20.81
CA VAL A 73 41.39 2.26 19.67
C VAL A 73 40.49 2.23 18.41
N HIS A 74 39.19 2.04 18.62
CA HIS A 74 38.27 2.00 17.50
C HIS A 74 38.10 3.36 16.84
N LEU A 75 38.03 4.42 17.65
CA LEU A 75 37.92 5.76 17.10
C LEU A 75 39.22 6.15 16.41
N LEU A 76 40.35 5.69 16.94
CA LEU A 76 41.65 5.90 16.31
C LEU A 76 41.66 5.35 14.89
N ARG A 77 41.15 4.11 14.73
CA ARG A 77 41.09 3.45 13.43
C ARG A 77 40.24 4.24 12.44
N GLU A 78 39.10 4.71 12.92
CA GLU A 78 38.22 5.54 12.10
C GLU A 78 38.89 6.84 11.66
N SER A 79 39.55 7.51 12.60
CA SER A 79 40.22 8.79 12.30
C SER A 79 41.36 8.66 11.33
N ALA A 80 42.12 7.57 11.44
CA ALA A 80 43.22 7.33 10.52
C ALA A 80 42.68 7.24 9.11
N CYS A 81 41.54 6.56 8.97
CA CYS A 81 40.90 6.39 7.68
C CYS A 81 40.41 7.74 7.13
N LEU A 82 39.78 8.54 7.98
CA LEU A 82 39.33 9.87 7.59
C LEU A 82 40.53 10.75 7.20
N ALA A 83 41.63 10.61 7.92
CA ALA A 83 42.83 11.38 7.62
C ALA A 83 43.29 11.11 6.19
N VAL A 84 43.35 9.83 5.82
CA VAL A 84 43.89 9.46 4.52
C VAL A 84 42.90 9.83 3.41
N ARG A 85 41.61 9.72 3.69
CA ARG A 85 40.59 10.15 2.73
C ARG A 85 40.77 11.62 2.43
N THR A 86 41.00 12.39 3.49
CA THR A 86 41.27 13.82 3.33
C THR A 86 42.50 14.04 2.46
N LEU A 87 43.59 13.36 2.79
CA LEU A 87 44.87 13.58 2.10
C LEU A 87 44.92 13.09 0.65
N LYS A 88 44.11 12.08 0.33
CA LYS A 88 44.09 11.51 -1.02
C LYS A 88 43.70 12.54 -2.09
N LYS A 89 42.97 13.57 -1.68
CA LYS A 89 42.50 14.60 -2.60
C LYS A 89 43.49 15.77 -2.68
N LEU A 90 44.57 15.68 -1.93
CA LEU A 90 45.58 16.75 -1.91
C LEU A 90 46.80 16.37 -2.75
N ALA A 91 47.86 17.16 -2.70
CA ALA A 91 48.96 16.96 -3.65
C ALA A 91 50.25 16.46 -2.98
N PHE A 92 50.11 15.91 -1.78
CA PHE A 92 51.27 15.40 -1.05
C PHE A 92 51.49 13.92 -1.33
N LYS A 93 52.74 13.58 -1.67
CA LYS A 93 53.11 12.22 -2.04
C LYS A 93 53.20 11.30 -0.83
N SER A 94 53.41 11.91 0.34
CA SER A 94 53.66 11.13 1.53
C SER A 94 53.30 11.91 2.79
N VAL A 95 52.88 11.19 3.82
CA VAL A 95 52.54 11.77 5.12
C VAL A 95 53.34 11.04 6.19
N LYS A 96 53.71 11.74 7.26
CA LYS A 96 54.36 11.07 8.37
C LYS A 96 53.48 11.11 9.60
N VAL A 97 53.56 10.06 10.42
CA VAL A 97 52.71 9.94 11.59
C VAL A 97 53.46 9.23 12.72
N GLY A 98 53.13 9.55 13.97
CA GLY A 98 53.72 8.88 15.09
C GLY A 98 52.93 7.64 15.51
N VAL A 99 53.34 7.03 16.61
CA VAL A 99 52.67 5.83 17.10
C VAL A 99 51.75 6.16 18.28
N TYR A 100 50.47 5.82 18.14
CA TYR A 100 49.47 6.16 19.13
C TYR A 100 48.99 4.92 19.87
N THR A 101 48.68 5.06 21.16
CA THR A 101 48.20 3.94 21.96
C THR A 101 46.99 4.32 22.81
N CYS A 102 45.80 4.30 22.19
CA CYS A 102 44.57 4.64 22.88
C CYS A 102 44.05 3.46 23.71
N GLY A 103 42.92 3.67 24.40
CA GLY A 103 42.30 2.63 25.18
C GLY A 103 41.90 1.45 24.30
N ALA A 104 42.47 0.28 24.57
CA ALA A 104 42.20 -0.90 23.75
C ALA A 104 41.54 -2.01 24.56
N HIS A 105 41.26 -3.12 23.88
CA HIS A 105 40.77 -4.33 24.53
C HIS A 105 41.93 -5.02 25.25
N ASN A 109 47.94 -7.77 23.17
CA ASN A 109 47.80 -6.65 24.10
C ASN A 109 47.59 -5.32 23.39
N ALA A 110 47.65 -4.24 24.17
CA ALA A 110 47.27 -2.91 23.72
C ALA A 110 48.07 -2.41 22.52
N LEU A 111 49.39 -2.33 22.69
CA LEU A 111 50.24 -1.72 21.67
C LEU A 111 50.03 -2.30 20.28
N LEU A 112 50.01 -3.62 20.17
CA LEU A 112 49.82 -4.29 18.88
C LEU A 112 48.44 -3.98 18.23
N GLU A 113 47.38 -3.99 19.03
CA GLU A 113 46.06 -3.68 18.48
C GLU A 113 45.94 -2.23 18.04
N ASN A 114 46.59 -1.34 18.79
CA ASN A 114 46.64 0.06 18.38
C ASN A 114 47.43 0.25 17.10
N LEU A 115 48.52 -0.49 16.95
CA LEU A 115 49.29 -0.43 15.71
C LEU A 115 48.48 -0.99 14.54
N LYS A 116 47.76 -2.09 14.78
CA LYS A 116 46.91 -2.66 13.73
C LYS A 116 45.84 -1.67 13.30
N ALA A 117 45.23 -1.01 14.28
CA ALA A 117 44.16 -0.04 14.04
C ALA A 117 44.65 1.15 13.22
N LEU A 118 45.82 1.67 13.59
CA LEU A 118 46.37 2.82 12.88
C LEU A 118 46.71 2.43 11.45
N PHE A 119 47.40 1.31 11.27
CA PHE A 119 47.88 0.94 9.93
C PHE A 119 46.74 0.49 9.04
N LEU A 120 45.78 -0.25 9.59
CA LEU A 120 44.67 -0.71 8.79
C LEU A 120 43.84 0.52 8.42
N GLY A 121 43.56 1.36 9.42
CA GLY A 121 42.76 2.57 9.20
C GLY A 121 43.38 3.47 8.15
N LEU A 122 44.67 3.74 8.24
CA LEU A 122 45.35 4.50 7.19
C LEU A 122 45.15 3.87 5.80
N LYS A 123 45.38 2.57 5.69
CA LYS A 123 45.32 1.95 4.37
C LYS A 123 43.92 1.99 3.78
N LEU A 124 42.92 1.86 4.63
CA LEU A 124 41.54 1.78 4.18
C LEU A 124 40.99 3.12 3.73
N GLY A 125 41.72 4.20 4.03
CA GLY A 125 41.31 5.52 3.62
C GLY A 125 41.39 5.76 2.13
N LEU A 126 42.16 4.92 1.44
CA LEU A 126 42.34 5.04 0.00
C LEU A 126 41.19 4.41 -0.80
N TYR A 127 40.45 3.46 -0.21
CA TYR A 127 39.45 2.75 -0.98
C TYR A 127 38.22 3.60 -1.28
N GLU A 128 37.83 3.60 -2.55
CA GLU A 128 36.49 4.02 -2.96
C GLU A 128 36.13 3.22 -4.22
N TYR A 129 34.85 2.90 -4.39
CA TYR A 129 34.43 2.18 -5.59
C TYR A 129 34.19 3.18 -6.70
N ASP A 130 35.25 3.49 -7.43
CA ASP A 130 35.20 4.54 -8.44
C ASP A 130 35.51 4.01 -9.82
N THR A 131 35.54 2.68 -9.94
CA THR A 131 35.78 2.00 -11.21
C THR A 131 34.99 2.60 -12.38
N PHE A 132 33.74 2.95 -12.14
CA PHE A 132 32.89 3.42 -13.25
C PHE A 132 32.83 4.94 -13.38
N LYS A 133 33.50 5.65 -12.51
CA LYS A 133 33.52 7.11 -12.60
C LYS A 133 34.47 7.56 -13.72
N SER A 134 33.97 8.40 -14.63
CA SER A 134 34.81 8.93 -15.70
C SER A 134 35.79 10.02 -15.19
N ASN A 135 35.45 10.65 -14.07
CA ASN A 135 36.28 11.70 -13.48
C ASN A 135 37.31 11.19 -12.48
N LYS A 136 37.40 9.88 -12.33
CA LYS A 136 38.28 9.27 -11.33
C LYS A 136 39.73 9.67 -11.55
N LYS A 137 40.44 9.96 -10.46
CA LYS A 137 41.82 10.41 -10.56
C LYS A 137 42.77 9.49 -9.79
N GLU A 138 43.98 9.34 -10.31
CA GLU A 138 45.07 8.68 -9.60
C GLU A 138 45.50 9.58 -8.45
N SER A 139 45.55 9.05 -7.25
CA SER A 139 45.94 9.85 -6.09
C SER A 139 47.44 10.09 -6.06
N VAL A 140 47.83 11.29 -5.60
CA VAL A 140 49.25 11.60 -5.43
C VAL A 140 49.81 10.91 -4.18
N LEU A 141 49.00 10.81 -3.14
CA LEU A 141 49.41 10.19 -1.90
C LEU A 141 49.65 8.69 -2.08
N LYS A 142 50.91 8.30 -1.95
CA LYS A 142 51.27 6.90 -2.15
C LYS A 142 51.89 6.27 -0.92
N GLU A 143 52.26 7.08 0.06
CA GLU A 143 53.14 6.59 1.12
C GLU A 143 52.89 7.25 2.46
N ALA A 144 52.94 6.44 3.51
CA ALA A 144 52.91 6.96 4.86
C ALA A 144 54.16 6.50 5.60
N ILE A 145 54.83 7.44 6.27
CA ILE A 145 56.00 7.10 7.05
C ILE A 145 55.63 7.06 8.54
N VAL A 146 55.79 5.89 9.15
CA VAL A 146 55.49 5.77 10.56
C VAL A 146 56.78 5.88 11.38
N ALA A 147 56.93 6.99 12.10
CA ALA A 147 58.06 7.16 13.01
C ALA A 147 57.81 6.33 14.24
N LEU A 148 58.73 5.42 14.54
CA LEU A 148 58.56 4.53 15.67
C LEU A 148 58.88 5.26 16.97
N GLU A 149 58.02 6.24 17.28
CA GLU A 149 58.10 6.98 18.53
C GLU A 149 56.69 7.14 19.12
N LEU A 150 56.54 6.88 20.41
CA LEU A 150 55.24 6.93 21.07
C LEU A 150 54.75 8.35 21.33
N HIS A 151 53.46 8.56 21.08
CA HIS A 151 52.80 9.83 21.30
C HIS A 151 52.59 10.08 22.81
N LYS A 152 52.43 9.01 23.59
CA LYS A 152 52.31 9.16 25.04
C LYS A 152 53.48 8.53 25.81
N SER A 161 59.25 -4.87 22.36
CA SER A 161 59.82 -4.27 21.15
C SER A 161 58.76 -3.63 20.25
N LEU A 162 58.77 -2.30 20.22
CA LEU A 162 57.87 -1.53 19.38
C LEU A 162 58.03 -1.90 17.90
N GLU A 163 59.27 -2.17 17.51
CA GLU A 163 59.57 -2.51 16.12
C GLU A 163 58.99 -3.86 15.73
N LYS A 164 59.07 -4.84 16.62
CA LYS A 164 58.53 -6.16 16.33
C LYS A 164 57.02 -6.12 16.23
N SER A 165 56.39 -5.36 17.15
CA SER A 165 54.95 -5.19 17.16
C SER A 165 54.44 -4.45 15.92
N ALA A 166 55.18 -3.42 15.50
CA ALA A 166 54.82 -2.65 14.32
C ALA A 166 54.90 -3.53 13.07
N LYS A 167 55.89 -4.43 13.05
CA LYS A 167 56.05 -5.32 11.91
C LYS A 167 54.96 -6.39 11.86
N GLU A 168 54.58 -6.89 13.04
CA GLU A 168 53.47 -7.81 13.12
C GLU A 168 52.17 -7.13 12.66
N ALA A 169 51.97 -5.90 13.12
CA ALA A 169 50.78 -5.12 12.78
C ALA A 169 50.75 -4.75 11.32
N LEU A 170 51.91 -4.50 10.74
CA LEU A 170 51.97 -4.07 9.36
C LEU A 170 51.61 -5.22 8.46
N LYS A 171 52.10 -6.41 8.78
CA LYS A 171 51.77 -7.60 8.02
C LYS A 171 50.26 -7.83 8.04
N TYR A 172 49.64 -7.69 9.21
CA TYR A 172 48.19 -7.85 9.33
C TYR A 172 47.44 -6.85 8.44
N ALA A 173 47.84 -5.58 8.53
CA ALA A 173 47.14 -4.53 7.81
C ALA A 173 47.30 -4.70 6.32
N GLU A 174 48.44 -5.23 5.90
CA GLU A 174 48.68 -5.45 4.48
C GLU A 174 47.79 -6.57 3.97
N ILE A 175 47.73 -7.66 4.73
CA ILE A 175 46.93 -8.81 4.32
C ILE A 175 45.43 -8.50 4.40
N MET A 176 45.02 -7.85 5.48
CA MET A 176 43.61 -7.57 5.71
C MET A 176 43.08 -6.48 4.75
N THR A 177 43.90 -5.48 4.42
CA THR A 177 43.46 -4.48 3.44
C THR A 177 43.23 -5.17 2.10
N GLU A 178 44.21 -5.98 1.69
CA GLU A 178 44.10 -6.69 0.43
C GLU A 178 42.86 -7.56 0.40
N SER A 179 42.62 -8.27 1.51
CA SER A 179 41.50 -9.19 1.61
C SER A 179 40.15 -8.46 1.59
N LEU A 180 40.06 -7.39 2.36
CA LEU A 180 38.84 -6.59 2.42
C LEU A 180 38.54 -5.97 1.05
N ASN A 181 39.55 -5.45 0.38
CA ASN A 181 39.32 -4.87 -0.94
C ASN A 181 38.97 -5.90 -2.03
N ILE A 182 39.44 -7.14 -1.90
CA ILE A 182 38.98 -8.22 -2.78
C ILE A 182 37.49 -8.47 -2.58
N VAL A 183 37.08 -8.56 -1.32
CA VAL A 183 35.66 -8.72 -1.00
C VAL A 183 34.83 -7.53 -1.49
N LYS A 184 35.30 -6.32 -1.23
CA LYS A 184 34.53 -5.12 -1.56
C LYS A 184 34.41 -4.92 -3.06
N ASP A 185 35.50 -5.15 -3.78
CA ASP A 185 35.46 -5.05 -5.23
C ASP A 185 34.49 -6.07 -5.81
N LEU A 186 34.46 -7.26 -5.23
CA LEU A 186 33.55 -8.29 -5.72
C LEU A 186 32.10 -7.90 -5.41
N VAL A 187 31.79 -7.65 -4.16
CA VAL A 187 30.43 -7.27 -3.76
C VAL A 187 29.90 -6.05 -4.56
N ASN A 188 30.76 -5.04 -4.72
CA ASN A 188 30.43 -3.83 -5.49
C ASN A 188 30.23 -4.05 -6.98
N THR A 189 30.76 -5.14 -7.53
CA THR A 189 30.62 -5.41 -8.97
C THR A 189 29.13 -5.59 -9.34
N PRO A 190 28.67 -4.85 -10.36
CA PRO A 190 27.25 -4.89 -10.72
C PRO A 190 26.84 -6.24 -11.31
N PRO A 191 25.54 -6.59 -11.19
CA PRO A 191 25.09 -7.97 -11.41
C PRO A 191 25.19 -8.51 -12.85
N MET A 192 25.15 -7.66 -13.87
CA MET A 192 25.33 -8.15 -15.24
C MET A 192 26.75 -8.70 -15.42
N ILE A 193 27.68 -8.11 -14.68
CA ILE A 193 29.08 -8.52 -14.71
C ILE A 193 29.39 -9.57 -13.65
N GLY A 194 28.94 -9.32 -12.43
CA GLY A 194 29.25 -10.16 -11.31
C GLY A 194 28.33 -11.36 -11.19
N THR A 195 28.42 -12.25 -12.17
CA THR A 195 27.64 -13.48 -12.24
C THR A 195 28.21 -14.56 -11.31
N PRO A 196 27.51 -15.72 -11.20
CA PRO A 196 28.15 -16.79 -10.42
C PRO A 196 29.46 -17.27 -11.04
N VAL A 197 29.53 -17.24 -12.36
CA VAL A 197 30.74 -17.60 -13.08
C VAL A 197 31.86 -16.62 -12.72
N TYR A 198 31.51 -15.34 -12.64
CA TYR A 198 32.46 -14.32 -12.23
C TYR A 198 32.98 -14.54 -10.78
N MET A 199 32.09 -14.93 -9.87
CA MET A 199 32.50 -15.26 -8.50
C MET A 199 33.53 -16.38 -8.48
N ALA A 200 33.27 -17.41 -9.28
CA ALA A 200 34.18 -18.54 -9.40
C ALA A 200 35.53 -18.11 -9.97
N GLU A 201 35.51 -17.20 -10.92
CA GLU A 201 36.74 -16.69 -11.51
C GLU A 201 37.57 -15.92 -10.49
N VAL A 202 36.90 -15.18 -9.59
CA VAL A 202 37.58 -14.43 -8.55
C VAL A 202 38.19 -15.40 -7.54
N ALA A 203 37.43 -16.44 -7.18
CA ALA A 203 37.91 -17.46 -6.26
C ALA A 203 39.07 -18.23 -6.88
N GLN A 204 39.04 -18.40 -8.20
CA GLN A 204 40.14 -19.06 -8.92
C GLN A 204 41.42 -18.26 -8.77
N LYS A 205 41.30 -16.94 -8.87
CA LYS A 205 42.45 -16.06 -8.76
C LYS A 205 43.05 -16.13 -7.36
N VAL A 206 42.20 -16.11 -6.35
CA VAL A 206 42.63 -16.25 -4.96
C VAL A 206 43.35 -17.57 -4.74
N ALA A 207 42.79 -18.65 -5.30
CA ALA A 207 43.39 -19.97 -5.20
C ALA A 207 44.76 -20.01 -5.87
N LYS A 208 44.86 -19.47 -7.08
CA LYS A 208 46.14 -19.43 -7.79
C LYS A 208 47.17 -18.64 -7.00
N GLU A 209 46.75 -17.46 -6.54
CA GLU A 209 47.61 -16.58 -5.75
C GLU A 209 48.11 -17.22 -4.47
N ASN A 210 47.28 -18.04 -3.83
CA ASN A 210 47.68 -18.65 -2.56
C ASN A 210 47.98 -20.14 -2.66
N HIS A 211 48.04 -20.66 -3.88
CA HIS A 211 48.28 -22.09 -4.09
C HIS A 211 47.29 -22.99 -3.35
N LEU A 212 46.02 -22.62 -3.42
CA LEU A 212 44.97 -23.38 -2.75
C LEU A 212 44.40 -24.43 -3.68
N GLU A 213 43.88 -25.49 -3.10
CA GLU A 213 43.03 -26.40 -3.85
C GLU A 213 41.68 -25.72 -4.15
N ILE A 214 41.14 -25.91 -5.34
CA ILE A 214 39.81 -25.38 -5.66
C ILE A 214 39.01 -26.32 -6.54
N HIS A 215 37.73 -26.47 -6.17
CA HIS A 215 36.77 -27.19 -7.01
C HIS A 215 35.62 -26.25 -7.34
N VAL A 216 35.27 -26.17 -8.61
CA VAL A 216 34.13 -25.36 -9.01
C VAL A 216 33.08 -26.27 -9.65
N HIS A 217 32.01 -26.54 -8.92
CA HIS A 217 31.00 -27.48 -9.36
C HIS A 217 29.85 -26.74 -10.02
N ASP A 218 29.22 -27.38 -11.00
CA ASP A 218 28.06 -26.78 -11.68
C ASP A 218 26.76 -27.48 -11.33
N GLU A 219 25.72 -27.23 -12.14
CA GLU A 219 24.39 -27.73 -11.88
C GLU A 219 24.31 -29.24 -11.99
N LYS A 220 25.22 -29.86 -12.74
CA LYS A 220 25.18 -31.32 -12.84
C LYS A 220 25.65 -31.96 -11.53
N PHE A 221 26.68 -31.39 -10.92
CA PHE A 221 27.11 -31.85 -9.61
C PHE A 221 26.00 -31.67 -8.56
N LEU A 222 25.37 -30.50 -8.56
CA LEU A 222 24.25 -30.25 -7.65
C LEU A 222 23.15 -31.32 -7.78
N GLU A 223 22.78 -31.64 -9.02
CA GLU A 223 21.79 -32.67 -9.29
CA GLU A 223 21.77 -32.66 -9.25
C GLU A 223 22.21 -34.02 -8.72
N GLU A 224 23.47 -34.40 -8.99
CA GLU A 224 23.99 -35.67 -8.51
C GLU A 224 23.99 -35.73 -6.99
N LYS A 225 24.32 -34.60 -6.37
CA LYS A 225 24.35 -34.52 -4.91
C LYS A 225 22.95 -34.24 -4.34
N LYS A 226 21.97 -34.19 -5.22
CA LYS A 226 20.56 -33.99 -4.85
C LYS A 226 20.35 -32.71 -4.07
N MET A 227 21.06 -31.65 -4.46
CA MET A 227 20.95 -30.36 -3.82
C MET A 227 19.82 -29.57 -4.45
N ASN A 228 18.60 -30.04 -4.23
CA ASN A 228 17.44 -29.53 -4.98
C ASN A 228 16.92 -28.19 -4.47
N ALA A 229 17.22 -27.84 -3.22
CA ALA A 229 16.84 -26.51 -2.73
C ALA A 229 17.66 -25.44 -3.47
N PHE A 230 18.97 -25.64 -3.50
CA PHE A 230 19.91 -24.83 -4.29
C PHE A 230 19.47 -24.76 -5.77
N LEU A 231 19.21 -25.90 -6.39
CA LEU A 231 18.80 -25.91 -7.78
C LEU A 231 17.50 -25.12 -8.02
N ALA A 232 16.53 -25.28 -7.12
CA ALA A 232 15.27 -24.57 -7.22
C ALA A 232 15.45 -23.06 -7.41
N VAL A 233 16.29 -22.48 -6.58
CA VAL A 233 16.53 -21.03 -6.57
C VAL A 233 17.08 -20.57 -7.92
N ASN A 234 17.92 -21.42 -8.53
CA ASN A 234 18.58 -21.15 -9.80
C ASN A 234 17.70 -21.42 -11.05
N LYS A 235 16.63 -22.20 -10.88
CA LYS A 235 15.85 -22.67 -12.04
C LYS A 235 15.39 -21.57 -13.00
N ALA A 236 14.96 -20.43 -12.49
CA ALA A 236 14.53 -19.34 -13.35
C ALA A 236 15.66 -18.86 -14.28
N SER A 237 16.90 -18.91 -13.79
CA SER A 237 18.00 -18.31 -14.54
C SER A 237 19.07 -19.30 -14.99
N LEU A 238 18.78 -20.59 -14.85
CA LEU A 238 19.74 -21.63 -15.25
C LEU A 238 20.28 -21.43 -16.68
N SER A 239 19.40 -21.13 -17.62
CA SER A 239 19.79 -21.07 -19.02
C SER A 239 20.54 -19.77 -19.35
N VAL A 240 20.48 -18.82 -18.42
CA VAL A 240 21.18 -17.55 -18.57
C VAL A 240 22.49 -17.54 -17.78
N ASN A 241 22.41 -17.83 -16.49
CA ASN A 241 23.60 -17.87 -15.65
C ASN A 241 23.53 -19.10 -14.76
N PRO A 242 24.19 -20.20 -15.18
CA PRO A 242 24.20 -21.45 -14.41
C PRO A 242 24.81 -21.24 -13.03
N PRO A 243 24.40 -22.07 -12.05
CA PRO A 243 24.87 -21.94 -10.67
C PRO A 243 26.30 -22.42 -10.53
N ARG A 244 26.97 -22.00 -9.48
CA ARG A 244 28.30 -22.51 -9.19
C ARG A 244 28.44 -22.81 -7.69
N LEU A 245 28.92 -24.00 -7.38
CA LEU A 245 29.28 -24.31 -6.00
C LEU A 245 30.80 -24.25 -5.96
N ILE A 246 31.32 -23.25 -5.26
CA ILE A 246 32.74 -23.00 -5.18
C ILE A 246 33.30 -23.57 -3.87
N HIS A 247 34.37 -24.35 -3.98
CA HIS A 247 34.96 -24.99 -2.81
C HIS A 247 36.46 -24.77 -2.81
N LEU A 248 36.92 -23.86 -1.96
CA LEU A 248 38.34 -23.57 -1.78
C LEU A 248 38.89 -24.37 -0.61
N VAL A 249 40.13 -24.84 -0.73
CA VAL A 249 40.76 -25.52 0.39
C VAL A 249 42.15 -24.98 0.67
N TYR A 250 42.35 -24.53 1.90
CA TYR A 250 43.67 -24.18 2.41
C TYR A 250 44.11 -25.27 3.39
N LYS A 251 45.23 -25.91 3.10
CA LYS A 251 45.67 -27.03 3.94
C LYS A 251 47.17 -26.90 4.26
N PRO A 252 47.48 -26.24 5.39
CA PRO A 252 48.87 -25.96 5.77
C PRO A 252 49.56 -27.22 6.29
N LYS A 253 50.83 -27.11 6.63
CA LYS A 253 51.59 -28.27 7.08
C LYS A 253 51.05 -28.78 8.41
N LYS A 254 50.74 -27.86 9.32
CA LYS A 254 50.13 -28.24 10.58
C LYS A 254 48.72 -27.66 10.70
N ALA A 255 47.75 -28.55 10.89
CA ALA A 255 46.36 -28.15 11.02
C ALA A 255 45.80 -28.59 12.36
N LYS A 256 45.58 -27.62 13.25
CA LYS A 256 45.01 -27.90 14.55
C LYS A 256 43.51 -28.18 14.50
N LYS A 257 42.85 -27.60 13.49
CA LYS A 257 41.40 -27.69 13.34
C LYS A 257 41.05 -27.77 11.87
N LYS A 258 39.94 -28.42 11.56
CA LYS A 258 39.32 -28.30 10.25
C LYS A 258 38.14 -27.33 10.38
N ILE A 259 38.16 -26.27 9.58
CA ILE A 259 37.19 -25.17 9.69
C ILE A 259 36.47 -24.95 8.37
N ALA A 260 35.14 -25.00 8.40
CA ALA A 260 34.34 -24.83 7.20
C ALA A 260 33.65 -23.49 7.26
N LEU A 261 33.86 -22.68 6.23
CA LEU A 261 33.25 -21.37 6.14
C LEU A 261 32.31 -21.40 4.96
N VAL A 262 31.05 -21.06 5.19
CA VAL A 262 30.01 -21.27 4.20
C VAL A 262 29.32 -19.97 3.88
N GLY A 263 29.28 -19.59 2.61
CA GLY A 263 28.73 -18.29 2.26
C GLY A 263 27.58 -18.30 1.25
N LYS A 264 26.58 -17.46 1.50
CA LYS A 264 25.51 -17.22 0.55
C LYS A 264 26.06 -16.33 -0.58
N GLY A 265 26.15 -16.88 -1.78
CA GLY A 265 26.60 -16.10 -2.92
C GLY A 265 25.49 -15.73 -3.90
N LEU A 266 24.49 -15.00 -3.42
CA LEU A 266 23.40 -14.57 -4.29
C LEU A 266 23.86 -13.36 -5.08
N THR A 267 24.26 -13.57 -6.33
CA THR A 267 24.88 -12.50 -7.08
C THR A 267 23.82 -11.48 -7.53
N TYR A 268 22.56 -11.91 -7.55
CA TYR A 268 21.44 -10.98 -7.56
C TYR A 268 20.18 -11.64 -7.01
N ASP A 269 19.42 -10.86 -6.27
CA ASP A 269 18.19 -11.35 -5.66
C ASP A 269 17.04 -10.42 -6.00
N CYS A 270 16.22 -10.78 -6.99
CA CYS A 270 15.05 -9.94 -7.33
C CYS A 270 13.82 -10.38 -6.55
N GLY A 271 13.98 -11.43 -5.75
CA GLY A 271 12.88 -11.99 -4.99
C GLY A 271 12.25 -13.23 -5.62
N GLY A 272 12.53 -13.46 -6.90
CA GLY A 272 11.85 -14.51 -7.66
C GLY A 272 10.41 -14.12 -7.96
N LEU A 273 9.52 -15.10 -8.09
CA LEU A 273 8.11 -14.81 -8.35
C LEU A 273 7.54 -13.90 -7.28
N SER A 274 8.01 -14.11 -6.03
CA SER A 274 7.71 -13.23 -4.90
C SER A 274 8.54 -11.94 -5.04
N LEU A 275 8.26 -11.20 -6.11
CA LEU A 275 9.09 -10.09 -6.56
C LEU A 275 9.24 -8.94 -5.54
N LYS A 276 10.46 -8.49 -5.35
CA LYS A 276 10.75 -7.33 -4.50
C LYS A 276 10.24 -6.04 -5.10
N PRO A 277 9.73 -5.13 -4.26
CA PRO A 277 9.41 -3.77 -4.71
C PRO A 277 10.68 -3.07 -5.18
N ALA A 278 10.57 -2.18 -6.16
CA ALA A 278 11.73 -1.49 -6.72
C ALA A 278 12.65 -0.88 -5.65
N ASP A 279 12.06 -0.27 -4.62
CA ASP A 279 12.84 0.40 -3.58
C ASP A 279 13.68 -0.55 -2.71
N TYR A 280 13.31 -1.83 -2.70
CA TYR A 280 14.02 -2.84 -1.92
C TYR A 280 14.93 -3.73 -2.77
N MET A 281 14.77 -3.69 -4.09
CA MET A 281 15.56 -4.51 -4.99
C MET A 281 16.91 -3.88 -5.28
N VAL A 282 16.96 -2.55 -5.32
CA VAL A 282 18.25 -1.87 -5.46
C VAL A 282 19.18 -2.27 -4.27
N THR A 283 20.48 -2.36 -4.56
CA THR A 283 21.56 -2.91 -3.70
C THR A 283 21.59 -4.45 -3.58
N MET A 284 20.72 -5.18 -4.27
CA MET A 284 20.73 -6.62 -4.10
C MET A 284 21.86 -7.32 -4.85
N LYS A 285 22.70 -6.53 -5.55
CA LYS A 285 23.96 -7.08 -6.06
C LYS A 285 24.81 -7.54 -4.88
N ALA A 286 24.56 -6.96 -3.71
CA ALA A 286 25.34 -7.26 -2.50
C ALA A 286 24.83 -8.49 -1.76
N ASP A 287 23.87 -9.20 -2.35
CA ASP A 287 23.37 -10.44 -1.74
C ASP A 287 24.41 -11.57 -1.88
N LYS A 288 25.55 -11.23 -2.46
CA LYS A 288 26.68 -12.15 -2.51
C LYS A 288 27.72 -11.78 -1.47
N GLY A 289 27.33 -10.94 -0.51
CA GLY A 289 28.23 -10.48 0.53
C GLY A 289 28.87 -11.59 1.37
N GLY A 290 28.08 -12.58 1.76
CA GLY A 290 28.55 -13.69 2.57
C GLY A 290 29.53 -14.59 1.83
N GLY A 291 29.20 -14.92 0.60
CA GLY A 291 30.05 -15.78 -0.22
C GLY A 291 31.33 -15.04 -0.55
N SER A 292 31.22 -13.74 -0.80
CA SER A 292 32.38 -12.90 -1.06
C SER A 292 33.30 -12.82 0.15
N ALA A 293 32.71 -12.69 1.35
CA ALA A 293 33.51 -12.63 2.56
C ALA A 293 34.30 -13.92 2.76
N VAL A 294 33.71 -15.07 2.40
CA VAL A 294 34.40 -16.36 2.47
C VAL A 294 35.62 -16.43 1.52
N ILE A 295 35.47 -15.94 0.29
CA ILE A 295 36.59 -15.90 -0.63
C ILE A 295 37.70 -15.01 -0.06
N GLY A 296 37.32 -13.85 0.47
CA GLY A 296 38.29 -12.97 1.12
C GLY A 296 38.94 -13.56 2.36
N LEU A 297 38.16 -14.32 3.13
CA LEU A 297 38.69 -15.02 4.30
C LEU A 297 39.73 -16.09 3.97
N LEU A 298 39.56 -16.81 2.86
CA LEU A 298 40.53 -17.82 2.47
C LEU A 298 41.85 -17.12 2.10
N ASN A 299 41.73 -15.94 1.49
CA ASN A 299 42.92 -15.16 1.18
C ASN A 299 43.65 -14.72 2.46
N ALA A 300 42.93 -14.10 3.39
CA ALA A 300 43.50 -13.59 4.65
C ALA A 300 44.14 -14.71 5.47
N LEU A 301 43.41 -15.79 5.67
CA LEU A 301 43.85 -16.87 6.53
C LEU A 301 45.02 -17.65 5.92
N ALA A 302 45.02 -17.81 4.60
CA ALA A 302 46.16 -18.42 3.94
C ALA A 302 47.42 -17.58 4.12
N LYS A 303 47.31 -16.28 3.84
CA LYS A 303 48.47 -15.40 3.92
C LYS A 303 48.95 -15.18 5.35
N LEU A 304 48.04 -15.25 6.32
CA LEU A 304 48.43 -15.20 7.72
C LEU A 304 49.11 -16.50 8.15
N GLY A 305 48.96 -17.54 7.33
CA GLY A 305 49.54 -18.83 7.61
C GLY A 305 48.95 -19.52 8.83
N VAL A 306 47.64 -19.39 9.05
CA VAL A 306 47.02 -19.99 10.24
C VAL A 306 47.15 -21.50 10.20
N GLU A 307 47.20 -22.12 11.39
CA GLU A 307 47.39 -23.55 11.50
C GLU A 307 46.05 -24.27 11.60
N ALA A 308 45.30 -24.23 10.50
CA ALA A 308 44.02 -24.91 10.42
C ALA A 308 43.77 -25.29 8.99
N GLU A 309 43.03 -26.38 8.78
CA GLU A 309 42.59 -26.70 7.44
C GLU A 309 41.29 -25.93 7.24
N VAL A 310 41.26 -25.04 6.25
CA VAL A 310 40.11 -24.15 6.09
C VAL A 310 39.44 -24.36 4.74
N HIS A 311 38.14 -24.63 4.79
CA HIS A 311 37.36 -24.86 3.59
C HIS A 311 36.43 -23.67 3.37
N GLY A 312 36.44 -23.13 2.16
CA GLY A 312 35.54 -22.04 1.80
C GLY A 312 34.53 -22.56 0.80
N ILE A 313 33.26 -22.50 1.17
CA ILE A 313 32.19 -23.06 0.37
C ILE A 313 31.20 -21.94 0.07
N ILE A 314 30.94 -21.71 -1.21
CA ILE A 314 30.07 -20.64 -1.66
C ILE A 314 29.03 -21.19 -2.62
N GLY A 315 27.77 -20.94 -2.33
CA GLY A 315 26.71 -21.32 -3.25
C GLY A 315 26.36 -20.09 -4.03
N ALA A 316 26.70 -20.08 -5.30
CA ALA A 316 26.50 -18.89 -6.13
C ALA A 316 25.41 -19.13 -7.14
N THR A 317 24.42 -18.24 -7.13
CA THR A 317 23.35 -18.26 -8.13
C THR A 317 22.66 -16.92 -8.07
N GLU A 318 21.83 -16.64 -9.06
CA GLU A 318 20.87 -15.55 -8.94
C GLU A 318 19.54 -16.12 -8.47
N ASN A 319 18.69 -15.25 -7.94
CA ASN A 319 17.27 -15.58 -7.69
C ASN A 319 16.45 -14.70 -8.62
N MET A 320 16.12 -15.21 -9.79
CA MET A 320 15.47 -14.39 -10.81
C MET A 320 14.01 -14.78 -10.97
N ILE A 321 13.29 -14.01 -11.79
CA ILE A 321 11.91 -14.29 -12.07
C ILE A 321 11.80 -14.67 -13.54
N GLY A 322 10.88 -15.59 -13.83
CA GLY A 322 10.67 -16.04 -15.20
C GLY A 322 9.79 -17.26 -15.25
N PRO A 323 9.50 -17.75 -16.46
CA PRO A 323 8.55 -18.85 -16.65
C PRO A 323 8.98 -20.16 -16.02
N ALA A 324 10.28 -20.34 -15.76
CA ALA A 324 10.75 -21.57 -15.14
C ALA A 324 11.07 -21.41 -13.64
N ALA A 325 10.75 -20.26 -13.07
CA ALA A 325 11.05 -19.98 -11.67
C ALA A 325 10.38 -20.98 -10.73
N TYR A 326 11.05 -21.33 -9.63
CA TYR A 326 10.41 -22.10 -8.57
C TYR A 326 9.32 -21.25 -7.92
N LYS A 327 8.31 -21.86 -7.23
CA LYS A 327 7.08 -21.15 -6.87
C LYS A 327 6.69 -21.31 -5.41
N PRO A 328 5.97 -20.31 -4.88
CA PRO A 328 5.16 -20.52 -3.67
C PRO A 328 4.25 -21.73 -3.97
N ASP A 329 4.26 -22.72 -3.06
CA ASP A 329 3.55 -24.04 -3.11
C ASP A 329 4.46 -25.16 -3.59
N ASP A 330 5.69 -24.85 -4.02
CA ASP A 330 6.59 -25.93 -4.38
C ASP A 330 7.10 -26.55 -3.08
N ILE A 331 7.33 -27.85 -3.14
CA ILE A 331 7.85 -28.58 -2.01
C ILE A 331 9.13 -29.27 -2.46
N LEU A 332 10.31 -28.81 -1.90
CA LEU A 332 11.63 -29.22 -2.37
C LEU A 332 12.23 -30.25 -1.43
N ILE A 333 12.96 -31.22 -1.98
CA ILE A 333 13.63 -32.21 -1.15
C ILE A 333 15.08 -31.79 -1.02
N SER A 334 15.45 -31.34 0.17
CA SER A 334 16.82 -30.90 0.43
C SER A 334 17.80 -32.07 0.32
N LYS A 335 19.07 -31.76 0.10
CA LYS A 335 20.10 -32.78 0.12
C LYS A 335 20.05 -33.59 1.42
N GLU A 336 19.78 -32.94 2.55
CA GLU A 336 19.70 -33.64 3.83
C GLU A 336 18.52 -34.60 3.89
N GLY A 337 17.51 -34.36 3.05
CA GLY A 337 16.37 -35.25 2.94
C GLY A 337 15.08 -34.68 3.47
N LYS A 338 15.16 -33.61 4.24
CA LYS A 338 13.97 -32.93 4.74
C LYS A 338 13.25 -32.22 3.61
N SER A 339 11.93 -32.26 3.63
CA SER A 339 11.17 -31.57 2.61
C SER A 339 10.85 -30.15 3.07
N ILE A 340 10.81 -29.23 2.11
CA ILE A 340 10.66 -27.80 2.37
C ILE A 340 9.46 -27.21 1.60
N GLU A 341 8.43 -26.76 2.31
CA GLU A 341 7.33 -26.05 1.65
C GLU A 341 7.79 -24.63 1.39
N VAL A 342 7.83 -24.24 0.11
CA VAL A 342 8.11 -22.87 -0.25
C VAL A 342 6.83 -22.05 -0.22
N ARG A 343 6.81 -20.99 0.57
CA ARG A 343 5.64 -20.11 0.59
C ARG A 343 5.99 -18.72 0.08
N ASN A 344 7.27 -18.45 -0.04
CA ASN A 344 7.75 -17.18 -0.57
C ASN A 344 9.13 -17.37 -1.19
N THR A 345 9.28 -17.04 -2.48
CA THR A 345 10.52 -17.32 -3.19
C THR A 345 11.64 -16.34 -2.85
N ASP A 346 11.29 -15.30 -2.11
CA ASP A 346 12.26 -14.30 -1.62
C ASP A 346 12.99 -14.78 -0.36
N ALA A 347 12.62 -15.96 0.15
CA ALA A 347 13.40 -16.61 1.22
C ALA A 347 14.27 -17.68 0.58
N GLU A 348 15.13 -17.25 -0.35
CA GLU A 348 15.90 -18.16 -1.21
C GLU A 348 17.27 -18.50 -0.61
N GLY A 349 17.83 -17.57 0.14
CA GLY A 349 19.17 -17.74 0.69
C GLY A 349 19.28 -18.95 1.59
N ARG A 350 18.24 -19.16 2.40
CA ARG A 350 18.24 -20.25 3.37
C ARG A 350 18.10 -21.59 2.63
N LEU A 351 17.54 -21.57 1.42
CA LEU A 351 17.44 -22.77 0.58
C LEU A 351 18.82 -23.16 0.03
N VAL A 352 19.49 -22.19 -0.57
CA VAL A 352 20.88 -22.40 -1.03
C VAL A 352 21.75 -22.85 0.15
N LEU A 353 21.67 -22.14 1.27
CA LEU A 353 22.47 -22.52 2.44
C LEU A 353 22.15 -23.90 3.01
N ALA A 354 20.88 -24.31 3.00
CA ALA A 354 20.51 -25.64 3.49
C ALA A 354 21.37 -26.71 2.81
N ASP A 355 21.47 -26.63 1.49
CA ASP A 355 22.24 -27.59 0.70
C ASP A 355 23.76 -27.38 0.82
N CYS A 356 24.20 -26.13 0.92
CA CYS A 356 25.62 -25.87 1.11
C CYS A 356 26.14 -26.28 2.51
N LEU A 357 25.30 -26.13 3.53
CA LEU A 357 25.66 -26.59 4.87
C LEU A 357 25.73 -28.12 4.95
N SER A 358 24.87 -28.77 4.16
CA SER A 358 24.88 -30.23 4.08
C SER A 358 26.18 -30.71 3.48
N TYR A 359 26.53 -30.13 2.33
CA TYR A 359 27.82 -30.37 1.69
C TYR A 359 28.97 -30.09 2.66
N ALA A 360 28.88 -29.00 3.42
CA ALA A 360 29.93 -28.64 4.36
C ALA A 360 30.10 -29.66 5.48
N GLN A 361 28.99 -30.23 5.93
CA GLN A 361 29.06 -31.19 7.02
C GLN A 361 29.71 -32.49 6.57
N ASP A 362 29.56 -32.82 5.28
CA ASP A 362 30.21 -34.00 4.71
C ASP A 362 31.75 -33.98 4.85
N LEU A 363 32.31 -32.79 5.07
CA LEU A 363 33.75 -32.63 5.31
C LEU A 363 34.16 -33.04 6.72
N ASN A 364 33.16 -33.29 7.57
CA ASN A 364 33.38 -33.49 8.99
CA ASN A 364 33.34 -33.48 9.00
C ASN A 364 34.27 -32.44 9.63
N PRO A 365 33.87 -31.16 9.54
CA PRO A 365 34.68 -30.10 10.15
C PRO A 365 34.54 -30.03 11.67
N ASP A 366 35.50 -29.41 12.33
CA ASP A 366 35.43 -29.16 13.76
C ASP A 366 34.54 -27.95 14.02
N VAL A 367 34.57 -27.02 13.07
CA VAL A 367 33.83 -25.77 13.21
C VAL A 367 33.21 -25.40 11.86
N ILE A 368 31.93 -25.02 11.88
CA ILE A 368 31.24 -24.49 10.68
C ILE A 368 30.70 -23.10 10.97
N VAL A 369 31.10 -22.10 10.19
CA VAL A 369 30.51 -20.79 10.33
C VAL A 369 29.88 -20.44 9.00
N ASP A 370 28.63 -19.98 9.01
CA ASP A 370 28.07 -19.51 7.74
C ASP A 370 27.85 -18.00 7.80
N PHE A 371 28.04 -17.33 6.66
CA PHE A 371 27.85 -15.90 6.50
C PHE A 371 26.82 -15.63 5.42
N ALA A 372 25.82 -14.81 5.72
CA ALA A 372 24.77 -14.57 4.74
C ALA A 372 24.09 -13.25 4.98
N THR A 373 23.83 -12.53 3.88
CA THR A 373 22.96 -11.38 3.90
C THR A 373 21.54 -11.91 3.86
N LEU A 374 21.07 -12.42 4.99
CA LEU A 374 19.94 -13.35 4.96
C LEU A 374 18.55 -12.73 5.21
N THR A 375 18.45 -11.81 6.16
CA THR A 375 17.13 -11.25 6.48
C THR A 375 17.11 -9.75 6.69
N GLY A 376 16.03 -9.12 6.23
CA GLY A 376 15.81 -7.73 6.52
C GLY A 376 15.43 -7.53 7.97
N ALA A 377 14.80 -8.54 8.58
CA ALA A 377 14.44 -8.47 10.00
C ALA A 377 15.65 -8.30 10.93
N CYS A 378 16.77 -8.89 10.55
CA CYS A 378 18.01 -8.68 11.30
C CYS A 378 18.43 -7.21 11.26
N VAL A 379 18.27 -6.56 10.11
CA VAL A 379 18.64 -5.16 9.97
C VAL A 379 17.64 -4.26 10.71
N VAL A 380 16.36 -4.62 10.65
CA VAL A 380 15.36 -3.92 11.44
C VAL A 380 15.73 -3.98 12.93
N GLY A 381 16.09 -5.17 13.40
CA GLY A 381 16.35 -5.38 14.82
C GLY A 381 17.66 -4.81 15.33
N LEU A 382 18.73 -4.88 14.54
CA LEU A 382 20.07 -4.50 15.00
C LEU A 382 20.59 -3.20 14.37
N GLY A 383 19.96 -2.79 13.27
CA GLY A 383 20.43 -1.64 12.51
C GLY A 383 21.38 -2.07 11.39
N GLU A 384 21.75 -1.12 10.55
CA GLU A 384 22.59 -1.46 9.39
C GLU A 384 24.05 -1.78 9.69
N PHE A 385 24.51 -1.52 10.91
CA PHE A 385 25.95 -1.55 11.18
C PHE A 385 26.42 -2.79 11.95
N THR A 386 25.48 -3.65 12.29
CA THR A 386 25.71 -4.76 13.22
C THR A 386 25.27 -6.11 12.66
N SER A 387 26.12 -7.13 12.76
CA SER A 387 25.74 -8.47 12.34
C SER A 387 25.19 -9.28 13.51
N ALA A 388 24.31 -10.24 13.21
CA ALA A 388 23.76 -11.13 14.22
C ALA A 388 24.51 -12.45 14.27
N ILE A 389 24.75 -12.95 15.49
CA ILE A 389 25.37 -14.26 15.70
C ILE A 389 24.34 -15.23 16.27
N MET A 390 24.15 -16.36 15.60
CA MET A 390 23.24 -17.38 16.11
C MET A 390 23.92 -18.73 16.17
N GLY A 391 23.32 -19.66 16.91
CA GLY A 391 23.90 -20.97 17.12
C GLY A 391 23.55 -21.48 18.52
N HIS A 392 24.07 -22.65 18.88
CA HIS A 392 23.72 -23.31 20.15
C HIS A 392 24.82 -23.25 21.20
N ASN A 393 26.07 -23.32 20.74
CA ASN A 393 27.22 -23.33 21.65
C ASN A 393 27.51 -21.91 22.14
N GLU A 394 27.12 -21.59 23.37
CA GLU A 394 27.29 -20.21 23.86
C GLU A 394 28.75 -19.80 23.92
N GLU A 395 29.63 -20.72 24.34
CA GLU A 395 31.05 -20.39 24.43
C GLU A 395 31.61 -20.04 23.04
N LEU A 396 31.21 -20.82 22.03
CA LEU A 396 31.61 -20.56 20.64
C LEU A 396 31.09 -19.20 20.18
N LYS A 397 29.82 -18.93 20.47
CA LYS A 397 29.20 -17.67 20.08
C LYS A 397 29.91 -16.51 20.76
N ASN A 398 30.23 -16.67 22.04
CA ASN A 398 30.92 -15.62 22.78
C ASN A 398 32.32 -15.36 22.26
N LEU A 399 33.01 -16.43 21.84
CA LEU A 399 34.33 -16.25 21.27
C LEU A 399 34.24 -15.47 19.95
N PHE A 400 33.25 -15.79 19.12
CA PHE A 400 33.10 -15.04 17.87
C PHE A 400 32.78 -13.57 18.15
N GLU A 401 31.85 -13.33 19.07
CA GLU A 401 31.48 -11.97 19.42
C GLU A 401 32.66 -11.16 19.97
N THR A 402 33.37 -11.67 20.96
CA THR A 402 34.46 -10.92 21.58
CA THR A 402 34.46 -10.91 21.59
C THR A 402 35.60 -10.66 20.60
N SER A 403 35.98 -11.68 19.86
CA SER A 403 37.02 -11.56 18.83
C SER A 403 36.64 -10.52 17.81
N GLY A 404 35.41 -10.64 17.30
CA GLY A 404 34.92 -9.75 16.27
C GLY A 404 34.82 -8.31 16.73
N LEU A 405 34.32 -8.10 17.94
CA LEU A 405 34.26 -6.74 18.49
C LEU A 405 35.68 -6.15 18.57
N GLU A 406 36.65 -6.96 18.98
CA GLU A 406 38.04 -6.50 19.07
C GLU A 406 38.59 -6.11 17.72
N SER A 407 38.17 -6.84 16.67
CA SER A 407 38.64 -6.56 15.31
C SER A 407 38.01 -5.28 14.75
N GLY A 408 36.98 -4.78 15.42
CA GLY A 408 36.33 -3.55 15.00
C GLY A 408 34.97 -3.72 14.34
N GLU A 409 34.47 -4.94 14.27
CA GLU A 409 33.14 -5.18 13.71
C GLU A 409 32.09 -5.09 14.81
N LEU A 410 30.89 -4.65 14.47
CA LEU A 410 29.82 -4.59 15.45
C LEU A 410 28.97 -5.85 15.35
N LEU A 411 28.72 -6.50 16.49
CA LEU A 411 28.03 -7.79 16.51
C LEU A 411 27.05 -7.90 17.65
N ALA A 412 26.11 -8.81 17.50
CA ALA A 412 25.14 -9.07 18.54
C ALA A 412 24.70 -10.52 18.48
N LYS A 413 24.57 -11.16 19.65
CA LYS A 413 23.98 -12.50 19.73
C LYS A 413 22.46 -12.42 19.73
N LEU A 414 21.81 -13.28 18.96
CA LEU A 414 20.36 -13.34 19.00
C LEU A 414 19.97 -14.75 19.45
N PRO A 415 19.11 -14.86 20.48
CA PRO A 415 18.80 -16.18 21.03
C PRO A 415 17.69 -16.98 20.32
N PHE A 416 17.90 -18.28 20.14
CA PHE A 416 16.83 -19.18 19.72
C PHE A 416 15.85 -19.36 20.89
N ASN A 417 14.62 -19.78 20.60
CA ASN A 417 13.76 -20.36 21.63
C ASN A 417 12.73 -21.27 20.99
N ARG A 418 12.09 -22.09 21.82
CA ARG A 418 11.22 -23.13 21.29
C ARG A 418 9.95 -22.57 20.67
N HIS A 419 9.54 -21.37 21.12
CA HIS A 419 8.31 -20.78 20.59
C HIS A 419 8.49 -20.34 19.14
N LEU A 420 9.67 -19.77 18.84
CA LEU A 420 10.02 -19.36 17.49
C LEU A 420 10.17 -20.55 16.54
N LYS A 421 10.74 -21.63 17.06
CA LYS A 421 10.95 -22.86 16.29
C LYS A 421 9.64 -23.41 15.71
N LYS A 422 8.55 -23.26 16.46
CA LYS A 422 7.25 -23.75 15.99
C LYS A 422 6.72 -22.98 14.78
N LEU A 423 7.23 -21.78 14.54
CA LEU A 423 6.67 -20.90 13.55
C LEU A 423 7.08 -21.27 12.13
N ILE A 424 8.03 -22.19 11.99
CA ILE A 424 8.43 -22.61 10.65
C ILE A 424 7.90 -24.02 10.33
N GLU A 425 6.94 -24.48 11.13
CA GLU A 425 6.22 -25.72 10.78
C GLU A 425 5.45 -25.60 9.47
N SER A 426 5.30 -26.74 8.79
CA SER A 426 4.48 -26.88 7.60
C SER A 426 3.40 -27.95 7.81
N LYS A 427 2.21 -27.73 7.27
CA LYS A 427 1.16 -28.75 7.35
C LYS A 427 1.41 -29.85 6.32
N ILE A 428 2.23 -29.55 5.32
CA ILE A 428 2.41 -30.50 4.21
C ILE A 428 3.86 -30.87 3.88
N ALA A 429 4.83 -30.31 4.61
CA ALA A 429 6.23 -30.67 4.41
C ALA A 429 6.90 -30.77 5.76
N ASP A 430 8.19 -31.06 5.78
CA ASP A 430 8.88 -31.20 7.06
C ASP A 430 9.10 -29.83 7.68
N VAL A 431 9.30 -28.82 6.83
CA VAL A 431 9.56 -27.48 7.31
C VAL A 431 9.11 -26.48 6.24
N CYS A 432 8.84 -25.25 6.66
CA CYS A 432 8.44 -24.15 5.78
C CYS A 432 9.58 -23.16 5.60
N ASN A 433 9.75 -22.58 4.41
CA ASN A 433 10.87 -21.66 4.21
C ASN A 433 10.57 -20.23 4.68
N ILE A 434 9.37 -19.99 5.18
CA ILE A 434 9.11 -18.73 5.90
C ILE A 434 8.41 -19.02 7.23
N SER A 435 8.44 -18.04 8.13
CA SER A 435 7.71 -18.08 9.39
C SER A 435 6.22 -17.72 9.19
N SER A 436 5.35 -18.26 10.04
CA SER A 436 3.93 -17.88 10.05
C SER A 436 3.70 -16.50 10.67
N SER A 437 4.75 -15.94 11.26
CA SER A 437 4.62 -14.66 11.98
C SER A 437 5.42 -13.56 11.29
N ARG A 438 5.00 -12.31 11.48
CA ARG A 438 5.77 -11.17 11.00
C ARG A 438 6.93 -10.84 11.92
N TYR A 439 7.08 -11.58 13.01
CA TYR A 439 8.06 -11.20 14.03
C TYR A 439 9.14 -12.24 14.27
N GLY A 440 10.40 -11.79 14.32
CA GLY A 440 11.55 -12.65 14.65
C GLY A 440 12.22 -13.32 13.46
N GLY A 441 12.06 -12.71 12.29
CA GLY A 441 12.49 -13.33 11.04
C GLY A 441 13.95 -13.74 10.98
N ALA A 442 14.85 -12.95 11.57
CA ALA A 442 16.28 -13.31 11.54
C ALA A 442 16.53 -14.62 12.30
N ILE A 443 15.73 -14.85 13.35
CA ILE A 443 15.98 -15.97 14.24
C ILE A 443 15.24 -17.22 13.75
N THR A 444 14.02 -17.04 13.19
CA THR A 444 13.37 -18.18 12.57
C THR A 444 14.13 -18.58 11.30
N ALA A 445 14.83 -17.64 10.68
CA ALA A 445 15.71 -18.00 9.56
C ALA A 445 16.87 -18.87 10.04
N GLY A 446 17.44 -18.51 11.17
CA GLY A 446 18.53 -19.30 11.74
C GLY A 446 18.03 -20.66 12.19
N LEU A 447 16.80 -20.70 12.72
CA LEU A 447 16.18 -21.96 13.12
C LEU A 447 15.83 -22.84 11.90
N PHE A 448 15.48 -22.21 10.78
CA PHE A 448 15.35 -22.97 9.53
C PHE A 448 16.68 -23.63 9.19
N LEU A 449 17.76 -22.85 9.17
CA LEU A 449 19.08 -23.41 8.91
C LEU A 449 19.40 -24.58 9.88
N ASN A 450 19.05 -24.40 11.14
CA ASN A 450 19.25 -25.42 12.16
C ASN A 450 18.63 -26.77 11.80
N GLU A 451 17.52 -26.76 11.07
CA GLU A 451 16.89 -28.02 10.68
C GLU A 451 17.78 -28.84 9.73
N PHE A 452 18.83 -28.22 9.20
CA PHE A 452 19.74 -28.90 8.28
C PHE A 452 21.13 -29.13 8.89
N ILE A 453 21.27 -28.74 10.15
CA ILE A 453 22.50 -29.02 10.89
C ILE A 453 22.31 -30.34 11.66
N ARG A 454 23.10 -31.36 11.31
CA ARG A 454 23.01 -32.67 11.95
C ARG A 454 23.37 -32.59 13.44
N ASP A 455 22.82 -33.52 14.23
CA ASP A 455 23.01 -33.55 15.68
C ASP A 455 24.48 -33.42 16.09
N GLU A 456 25.37 -34.10 15.38
CA GLU A 456 26.79 -34.08 15.75
C GLU A 456 27.52 -32.78 15.35
N PHE A 457 26.84 -31.85 14.69
CA PHE A 457 27.46 -30.56 14.40
C PHE A 457 26.78 -29.36 15.07
N LYS A 458 25.75 -29.61 15.89
CA LYS A 458 24.97 -28.48 16.40
C LYS A 458 25.77 -27.62 17.38
N ASP A 459 26.70 -28.21 18.12
N ASP A 459 26.68 -28.20 18.14
CA ASP A 459 27.51 -27.43 19.04
CA ASP A 459 27.51 -27.41 19.04
C ASP A 459 28.79 -26.95 18.36
C ASP A 459 28.79 -26.93 18.35
N LYS A 460 28.85 -27.08 17.03
CA LYS A 460 30.03 -26.69 16.28
C LYS A 460 29.73 -25.63 15.22
N TRP A 461 28.50 -25.11 15.27
CA TRP A 461 27.97 -24.27 14.19
C TRP A 461 27.64 -22.84 14.62
N LEU A 462 28.11 -21.87 13.84
CA LEU A 462 27.71 -20.47 13.99
C LEU A 462 27.02 -19.95 12.73
N HIS A 463 25.95 -19.19 12.91
CA HIS A 463 25.27 -18.53 11.81
C HIS A 463 25.39 -17.03 11.98
N ILE A 464 25.90 -16.37 10.95
CA ILE A 464 26.15 -14.93 11.00
C ILE A 464 25.35 -14.21 9.91
N ASP A 465 24.37 -13.41 10.32
CA ASP A 465 23.55 -12.63 9.40
C ASP A 465 24.19 -11.25 9.24
N ILE A 466 24.83 -11.02 8.10
CA ILE A 466 25.51 -9.76 7.82
C ILE A 466 24.68 -8.87 6.87
N ALA A 467 23.37 -9.04 6.88
CA ALA A 467 22.48 -8.32 5.94
C ALA A 467 22.60 -6.81 6.09
N GLY A 468 22.86 -6.36 7.32
CA GLY A 468 23.09 -4.95 7.57
C GLY A 468 24.40 -4.41 6.99
N PRO A 469 25.53 -4.76 7.62
CA PRO A 469 26.77 -4.03 7.31
C PRO A 469 27.49 -4.46 6.04
N ALA A 470 27.11 -5.58 5.41
CA ALA A 470 27.76 -6.00 4.19
C ALA A 470 27.75 -4.91 3.11
N TYR A 471 26.66 -4.17 3.07
CA TYR A 471 26.47 -3.11 2.08
C TYR A 471 25.59 -2.01 2.64
N VAL A 472 26.13 -0.79 2.64
CA VAL A 472 25.50 0.37 3.24
C VAL A 472 25.68 1.55 2.30
N GLU A 473 24.62 2.26 2.01
CA GLU A 473 24.76 3.34 1.04
C GLU A 473 25.17 4.69 1.66
N LYS A 474 26.24 4.66 2.45
CA LYS A 474 26.91 5.88 2.86
C LYS A 474 28.26 5.49 3.44
N GLU A 475 29.09 6.50 3.71
CA GLU A 475 30.37 6.27 4.38
C GLU A 475 30.14 6.06 5.87
N TRP A 476 30.82 5.07 6.45
CA TRP A 476 30.77 4.91 7.90
C TRP A 476 32.04 4.19 8.38
N ASP A 477 32.59 4.66 9.49
CA ASP A 477 33.81 4.09 10.07
C ASP A 477 34.89 3.98 8.98
N VAL A 478 35.42 2.77 8.77
CA VAL A 478 36.46 2.56 7.76
C VAL A 478 35.88 2.10 6.43
N ASN A 479 34.60 2.37 6.21
CA ASN A 479 33.92 1.82 5.05
C ASN A 479 33.46 2.91 4.11
N SER A 480 33.78 2.75 2.82
CA SER A 480 33.29 3.67 1.81
C SER A 480 31.86 3.28 1.44
N PHE A 481 31.24 4.10 0.60
CA PHE A 481 29.90 3.82 0.08
C PHE A 481 29.85 2.45 -0.58
N GLY A 482 28.86 1.65 -0.18
CA GLY A 482 28.67 0.34 -0.75
C GLY A 482 29.22 -0.80 0.10
N ALA A 483 29.98 -1.69 -0.53
CA ALA A 483 30.50 -2.89 0.13
C ALA A 483 31.49 -2.50 1.23
N SER A 484 31.46 -3.23 2.33
CA SER A 484 32.33 -2.98 3.49
C SER A 484 33.30 -4.10 3.82
N GLY A 485 32.99 -5.30 3.34
CA GLY A 485 33.79 -6.47 3.60
C GLY A 485 33.44 -7.08 4.95
N ALA A 486 32.23 -6.77 5.43
CA ALA A 486 31.71 -7.30 6.70
C ALA A 486 31.93 -8.81 6.86
N GLY A 487 32.37 -9.22 8.05
CA GLY A 487 32.60 -10.62 8.33
C GLY A 487 34.06 -11.07 8.28
N VAL A 488 34.86 -10.43 7.42
CA VAL A 488 36.23 -10.86 7.20
C VAL A 488 37.13 -10.63 8.42
N ARG A 489 37.19 -9.40 8.90
CA ARG A 489 37.95 -9.09 10.12
C ARG A 489 37.53 -9.92 11.34
N ALA A 490 36.22 -10.00 11.54
CA ALA A 490 35.66 -10.74 12.68
C ALA A 490 36.03 -12.24 12.63
N CYS A 491 35.82 -12.87 11.48
CA CYS A 491 36.09 -14.29 11.40
C CYS A 491 37.59 -14.59 11.51
N THR A 492 38.42 -13.70 10.96
CA THR A 492 39.87 -13.87 11.07
C THR A 492 40.29 -13.89 12.53
N ALA A 493 39.84 -12.90 13.29
CA ALA A 493 40.18 -12.79 14.71
C ALA A 493 39.65 -14.00 15.47
N PHE A 494 38.46 -14.47 15.08
CA PHE A 494 37.85 -15.67 15.66
C PHE A 494 38.70 -16.89 15.45
N VAL A 495 39.13 -17.11 14.21
CA VAL A 495 39.95 -18.27 13.89
C VAL A 495 41.28 -18.17 14.64
N GLU A 496 41.87 -16.98 14.68
CA GLU A 496 43.13 -16.79 15.38
C GLU A 496 43.00 -17.10 16.86
N GLU A 497 41.96 -16.57 17.49
CA GLU A 497 41.75 -16.78 18.91
C GLU A 497 41.44 -18.24 19.21
N LEU A 498 40.71 -18.87 18.32
CA LEU A 498 40.38 -20.28 18.45
C LEU A 498 41.65 -21.14 18.42
N LEU A 499 42.53 -20.85 17.46
CA LEU A 499 43.75 -21.63 17.27
C LEU A 499 44.78 -21.40 18.39
N LYS A 500 44.75 -20.20 18.96
CA LYS A 500 45.62 -19.89 20.09
C LYS A 500 45.35 -20.84 21.26
N LYS A 501 44.07 -21.16 21.45
CA LYS A 501 43.64 -22.08 22.50
C LYS A 501 43.83 -23.54 22.12
N ALA A 502 44.19 -23.81 20.88
CA ALA A 502 44.28 -25.20 20.41
C ALA A 502 45.73 -25.69 20.35
N MET B 7 -9.03 -46.42 1.14
CA MET B 7 -8.27 -47.56 1.63
C MET B 7 -8.82 -48.03 2.99
N LEU B 8 -9.91 -47.42 3.46
CA LEU B 8 -10.61 -47.99 4.62
C LEU B 8 -11.60 -49.03 4.12
N LYS B 9 -11.30 -50.31 4.34
CA LYS B 9 -12.23 -51.35 3.92
C LYS B 9 -13.47 -51.32 4.77
N ILE B 10 -14.64 -51.34 4.14
CA ILE B 10 -15.89 -51.46 4.89
C ILE B 10 -16.49 -52.84 4.64
N LYS B 11 -16.68 -53.57 5.74
CA LYS B 11 -17.25 -54.89 5.73
C LYS B 11 -18.66 -54.84 6.28
N LEU B 12 -19.64 -55.23 5.46
CA LEU B 12 -21.03 -55.26 5.89
C LEU B 12 -21.34 -56.60 6.50
N GLU B 13 -21.97 -56.60 7.67
CA GLU B 13 -22.24 -57.87 8.34
C GLU B 13 -23.69 -57.97 8.85
N LYS B 14 -24.31 -59.11 8.53
CA LYS B 14 -25.60 -59.48 9.09
C LYS B 14 -25.44 -59.93 10.54
N THR B 15 -25.38 -58.96 11.45
CA THR B 15 -25.24 -59.24 12.87
C THR B 15 -25.63 -58.02 13.68
N THR B 16 -25.88 -58.22 14.97
CA THR B 16 -26.12 -57.08 15.85
C THR B 16 -24.80 -56.37 16.14
N PHE B 17 -24.89 -55.10 16.53
CA PHE B 17 -23.71 -54.32 16.89
C PHE B 17 -22.95 -55.02 18.04
N GLU B 18 -23.67 -55.51 19.04
CA GLU B 18 -23.01 -56.17 20.16
C GLU B 18 -22.28 -57.47 19.76
N ASN B 19 -22.87 -58.24 18.84
CA ASN B 19 -22.23 -59.49 18.43
C ASN B 19 -21.12 -59.30 17.40
N ALA B 20 -21.09 -58.16 16.73
CA ALA B 20 -20.02 -57.91 15.75
C ALA B 20 -18.68 -57.86 16.48
N LYS B 21 -17.61 -58.22 15.78
CA LYS B 21 -16.28 -58.23 16.40
C LYS B 21 -15.31 -57.29 15.70
N ALA B 22 -14.62 -56.46 16.49
CA ALA B 22 -13.59 -55.56 15.98
C ALA B 22 -12.74 -55.11 17.16
N GLU B 23 -11.60 -54.47 16.90
CA GLU B 23 -10.68 -54.17 17.99
C GLU B 23 -11.15 -52.95 18.79
N CYS B 24 -12.10 -52.20 18.26
CA CYS B 24 -12.71 -51.10 19.01
C CYS B 24 -14.11 -50.79 18.44
N SER B 25 -14.83 -49.90 19.12
CA SER B 25 -16.19 -49.54 18.75
C SER B 25 -16.32 -48.05 18.48
N LEU B 26 -17.22 -47.70 17.56
CA LEU B 26 -17.59 -46.32 17.34
C LEU B 26 -19.08 -46.16 17.62
N VAL B 27 -19.40 -45.20 18.48
CA VAL B 27 -20.78 -44.91 18.82
C VAL B 27 -21.04 -43.41 18.68
N PHE B 28 -22.02 -43.04 17.86
CA PHE B 28 -22.36 -41.64 17.70
C PHE B 28 -23.34 -41.19 18.75
N ILE B 29 -23.09 -40.01 19.30
CA ILE B 29 -24.01 -39.37 20.23
C ILE B 29 -24.71 -38.25 19.49
N ILE B 30 -26.01 -38.43 19.20
CA ILE B 30 -26.78 -37.46 18.43
C ILE B 30 -27.54 -36.52 19.36
N ASN B 31 -27.31 -35.22 19.20
CA ASN B 31 -28.01 -34.17 19.97
C ASN B 31 -27.94 -34.37 21.49
N LYS B 32 -26.79 -34.89 21.95
CA LYS B 32 -26.50 -35.08 23.37
C LYS B 32 -27.43 -36.12 24.02
N ASP B 33 -27.94 -37.06 23.22
CA ASP B 33 -28.73 -38.17 23.74
C ASP B 33 -27.84 -39.36 24.05
N PHE B 34 -27.64 -39.60 25.34
CA PHE B 34 -26.80 -40.67 25.81
C PHE B 34 -27.60 -41.89 26.32
N SER B 35 -28.87 -41.99 25.91
CA SER B 35 -29.78 -43.01 26.47
C SER B 35 -29.59 -44.41 25.90
N HIS B 36 -29.04 -44.51 24.69
CA HIS B 36 -29.02 -45.76 23.92
C HIS B 36 -28.23 -46.89 24.59
N ALA B 37 -28.67 -48.12 24.33
CA ALA B 37 -27.98 -49.31 24.84
C ALA B 37 -26.49 -49.33 24.49
N TRP B 38 -26.12 -48.76 23.34
CA TRP B 38 -24.72 -48.80 22.90
C TRP B 38 -23.80 -47.91 23.72
N VAL B 39 -24.38 -47.07 24.57
CA VAL B 39 -23.57 -46.26 25.50
C VAL B 39 -23.30 -47.11 26.72
N LYS B 40 -22.18 -47.83 26.69
CA LYS B 40 -21.95 -48.91 27.64
C LYS B 40 -21.67 -48.45 29.07
N ASN B 41 -20.83 -47.42 29.22
CA ASN B 41 -20.51 -46.90 30.54
C ASN B 41 -20.74 -45.39 30.59
N LYS B 42 -21.97 -45.02 30.94
CA LYS B 42 -22.40 -43.63 30.94
C LYS B 42 -21.73 -42.83 32.05
N GLU B 43 -21.49 -43.48 33.18
CA GLU B 43 -20.88 -42.83 34.32
C GLU B 43 -19.50 -42.28 33.98
N LEU B 44 -18.73 -43.04 33.19
CA LEU B 44 -17.41 -42.59 32.76
C LEU B 44 -17.49 -41.25 32.03
N LEU B 45 -18.46 -41.13 31.15
CA LEU B 45 -18.63 -39.92 30.37
C LEU B 45 -19.00 -38.73 31.26
N GLU B 46 -19.76 -39.01 32.32
CA GLU B 46 -20.11 -37.98 33.29
C GLU B 46 -18.89 -37.56 34.10
N THR B 47 -18.15 -38.54 34.59
CA THR B 47 -16.95 -38.31 35.39
C THR B 47 -15.98 -37.34 34.70
N PHE B 48 -15.81 -37.51 33.40
CA PHE B 48 -14.86 -36.69 32.66
C PHE B 48 -15.54 -35.60 31.81
N LYS B 49 -16.78 -35.29 32.12
CA LYS B 49 -17.48 -34.16 31.53
C LYS B 49 -17.61 -34.21 30.00
N TYR B 50 -17.74 -35.41 29.42
CA TYR B 50 -18.01 -35.50 27.99
C TYR B 50 -19.47 -35.19 27.74
N GLU B 51 -19.71 -34.13 26.99
CA GLU B 51 -21.07 -33.66 26.76
C GLU B 51 -21.49 -33.82 25.31
N GLY B 52 -20.76 -34.63 24.55
CA GLY B 52 -21.15 -34.94 23.18
C GLY B 52 -20.60 -33.99 22.15
N GLU B 53 -19.70 -33.11 22.58
CA GLU B 53 -18.99 -32.21 21.68
C GLU B 53 -17.68 -32.86 21.25
N GLY B 54 -17.55 -33.15 19.96
CA GLY B 54 -16.35 -33.81 19.47
C GLY B 54 -16.31 -35.28 19.87
N VAL B 55 -15.10 -35.84 19.99
CA VAL B 55 -14.96 -37.25 20.30
C VAL B 55 -14.45 -37.47 21.71
N PHE B 56 -14.72 -38.67 22.22
CA PHE B 56 -14.25 -39.09 23.52
C PHE B 56 -14.07 -40.60 23.51
N LEU B 57 -12.92 -41.05 23.97
CA LEU B 57 -12.60 -42.47 23.93
C LEU B 57 -12.69 -43.11 25.33
N ASP B 58 -13.63 -44.03 25.48
CA ASP B 58 -13.74 -44.88 26.65
C ASP B 58 -12.62 -45.90 26.59
N GLN B 59 -11.62 -45.74 27.45
CA GLN B 59 -10.41 -46.57 27.32
C GLN B 59 -10.66 -48.03 27.69
N GLU B 60 -11.35 -48.26 28.80
CA GLU B 60 -11.56 -49.64 29.24
C GLU B 60 -12.42 -50.42 28.25
N ASN B 61 -13.46 -49.79 27.73
CA ASN B 61 -14.35 -50.47 26.80
C ASN B 61 -13.93 -50.32 25.33
N LYS B 62 -12.89 -49.52 25.09
CA LYS B 62 -12.41 -49.25 23.72
C LYS B 62 -13.56 -48.78 22.84
N ILE B 63 -14.28 -47.80 23.34
CA ILE B 63 -15.40 -47.22 22.61
C ILE B 63 -15.07 -45.77 22.32
N LEU B 64 -15.07 -45.41 21.04
CA LEU B 64 -14.95 -44.01 20.66
C LEU B 64 -16.34 -43.43 20.44
N TYR B 65 -16.68 -42.42 21.24
CA TYR B 65 -17.90 -41.67 21.04
C TYR B 65 -17.63 -40.47 20.14
N ALA B 66 -18.55 -40.20 19.21
CA ALA B 66 -18.45 -39.04 18.31
C ALA B 66 -19.75 -38.25 18.33
N GLY B 67 -19.66 -36.99 18.70
CA GLY B 67 -20.84 -36.16 18.79
C GLY B 67 -21.38 -35.72 17.44
N VAL B 68 -22.70 -35.71 17.33
CA VAL B 68 -23.39 -35.16 16.17
C VAL B 68 -24.38 -34.15 16.76
N LYS B 69 -24.07 -32.86 16.62
CA LYS B 69 -24.77 -31.80 17.35
C LYS B 69 -26.28 -31.79 17.13
N GLU B 70 -26.68 -32.04 15.90
CA GLU B 70 -28.10 -32.07 15.56
CA GLU B 70 -28.09 -32.05 15.54
C GLU B 70 -28.39 -33.32 14.76
N ASP B 71 -29.64 -33.75 14.79
CA ASP B 71 -30.06 -34.94 14.07
C ASP B 71 -30.00 -34.68 12.56
N ASP B 72 -28.79 -34.70 11.99
CA ASP B 72 -28.60 -34.22 10.63
C ASP B 72 -27.58 -35.02 9.84
N VAL B 73 -27.97 -35.44 8.65
CA VAL B 73 -27.17 -36.37 7.88
C VAL B 73 -25.81 -35.77 7.49
N HIS B 74 -25.76 -34.45 7.36
CA HIS B 74 -24.50 -33.78 7.00
C HIS B 74 -23.55 -33.77 8.17
N LEU B 75 -24.08 -33.56 9.36
CA LEU B 75 -23.26 -33.55 10.55
C LEU B 75 -22.80 -34.96 10.87
N LEU B 76 -23.61 -35.96 10.51
CA LEU B 76 -23.20 -37.36 10.66
C LEU B 76 -22.00 -37.70 9.76
N ARG B 77 -22.06 -37.27 8.50
CA ARG B 77 -20.93 -37.42 7.57
C ARG B 77 -19.65 -36.84 8.15
N GLU B 78 -19.74 -35.62 8.65
CA GLU B 78 -18.59 -34.95 9.27
C GLU B 78 -18.03 -35.71 10.48
N SER B 79 -18.93 -36.13 11.37
CA SER B 79 -18.52 -36.85 12.57
CA SER B 79 -18.54 -36.85 12.57
C SER B 79 -17.86 -38.18 12.27
N ALA B 80 -18.36 -38.87 11.25
CA ALA B 80 -17.77 -40.15 10.83
C ALA B 80 -16.32 -39.93 10.39
N CYS B 81 -16.09 -38.83 9.69
CA CYS B 81 -14.76 -38.47 9.20
C CYS B 81 -13.82 -38.20 10.36
N LEU B 82 -14.29 -37.37 11.29
CA LEU B 82 -13.53 -37.02 12.48
C LEU B 82 -13.21 -38.26 13.31
N ALA B 83 -14.14 -39.21 13.36
CA ALA B 83 -13.93 -40.43 14.16
C ALA B 83 -12.78 -41.25 13.59
N VAL B 84 -12.77 -41.44 12.29
CA VAL B 84 -11.75 -42.24 11.66
C VAL B 84 -10.40 -41.51 11.69
N ARG B 85 -10.44 -40.20 11.49
CA ARG B 85 -9.25 -39.36 11.66
C ARG B 85 -8.63 -39.59 13.03
N THR B 86 -9.47 -39.62 14.05
CA THR B 86 -9.05 -39.92 15.42
C THR B 86 -8.45 -41.32 15.57
N LEU B 87 -9.15 -42.33 15.04
CA LEU B 87 -8.69 -43.72 15.18
C LEU B 87 -7.46 -44.00 14.35
N LYS B 88 -7.29 -43.25 13.25
CA LYS B 88 -6.13 -43.43 12.38
C LYS B 88 -4.80 -43.35 13.15
N LYS B 89 -4.79 -42.57 14.22
CA LYS B 89 -3.59 -42.31 14.99
C LYS B 89 -3.35 -43.34 16.09
N LEU B 90 -4.28 -44.30 16.20
CA LEU B 90 -4.21 -45.27 17.29
C LEU B 90 -3.74 -46.63 16.77
N ALA B 91 -3.89 -47.69 17.57
CA ALA B 91 -3.32 -48.99 17.22
C ALA B 91 -4.37 -50.09 17.02
N PHE B 92 -5.62 -49.69 16.80
CA PHE B 92 -6.67 -50.66 16.52
C PHE B 92 -6.77 -50.90 15.01
N LYS B 93 -6.74 -52.18 14.62
CA LYS B 93 -6.74 -52.53 13.20
C LYS B 93 -8.14 -52.40 12.61
N SER B 94 -9.16 -52.47 13.46
CA SER B 94 -10.54 -52.47 13.01
C SER B 94 -11.46 -51.78 13.99
N VAL B 95 -12.55 -51.21 13.48
CA VAL B 95 -13.56 -50.55 14.30
C VAL B 95 -14.92 -51.06 13.87
N LYS B 96 -15.82 -51.30 14.81
CA LYS B 96 -17.18 -51.64 14.44
C LYS B 96 -18.14 -50.48 14.72
N VAL B 97 -19.17 -50.38 13.89
CA VAL B 97 -20.14 -49.31 14.00
C VAL B 97 -21.52 -49.84 13.56
N GLY B 98 -22.59 -49.30 14.15
CA GLY B 98 -23.95 -49.64 13.75
C GLY B 98 -24.48 -48.76 12.62
N VAL B 99 -25.75 -48.94 12.25
CA VAL B 99 -26.32 -48.13 11.16
C VAL B 99 -27.19 -47.00 11.70
N TYR B 100 -26.88 -45.76 11.30
CA TYR B 100 -27.58 -44.58 11.82
C TYR B 100 -28.49 -43.92 10.78
N THR B 101 -29.55 -43.26 11.27
CA THR B 101 -30.52 -42.65 10.37
C THR B 101 -30.90 -41.25 10.87
N CYS B 102 -30.08 -40.26 10.54
CA CYS B 102 -30.33 -38.87 10.95
C CYS B 102 -31.23 -38.12 9.96
N GLY B 103 -31.68 -36.93 10.35
CA GLY B 103 -32.46 -36.07 9.49
C GLY B 103 -31.81 -35.91 8.11
N ALA B 104 -32.55 -36.33 7.09
CA ALA B 104 -32.06 -36.33 5.72
C ALA B 104 -32.78 -35.27 4.89
N ALA B 110 -33.95 -41.65 2.64
CA ALA B 110 -33.31 -41.18 3.87
C ALA B 110 -32.29 -42.19 4.36
N LEU B 111 -32.71 -43.45 4.41
CA LEU B 111 -31.84 -44.53 4.85
C LEU B 111 -30.63 -44.62 3.95
N LEU B 112 -30.87 -44.59 2.65
CA LEU B 112 -29.79 -44.69 1.68
C LEU B 112 -28.85 -43.47 1.79
N GLU B 113 -29.45 -42.30 1.92
CA GLU B 113 -28.72 -41.05 2.08
C GLU B 113 -27.83 -41.08 3.33
N ASN B 114 -28.39 -41.61 4.42
CA ASN B 114 -27.64 -41.75 5.67
C ASN B 114 -26.51 -42.78 5.59
N LEU B 115 -26.75 -43.86 4.88
CA LEU B 115 -25.71 -44.89 4.70
C LEU B 115 -24.56 -44.34 3.84
N LYS B 116 -24.91 -43.61 2.79
CA LYS B 116 -23.88 -42.98 1.96
C LYS B 116 -23.02 -42.02 2.82
N ALA B 117 -23.69 -41.18 3.62
CA ALA B 117 -23.02 -40.24 4.54
C ALA B 117 -22.06 -40.94 5.49
N LEU B 118 -22.51 -42.05 6.06
CA LEU B 118 -21.71 -42.78 7.02
C LEU B 118 -20.51 -43.40 6.35
N PHE B 119 -20.73 -44.06 5.22
CA PHE B 119 -19.68 -44.82 4.60
C PHE B 119 -18.67 -43.87 3.97
N LEU B 120 -19.17 -42.80 3.35
CA LEU B 120 -18.28 -41.83 2.75
C LEU B 120 -17.47 -41.13 3.81
N GLY B 121 -18.16 -40.63 4.84
CA GLY B 121 -17.51 -39.95 5.96
C GLY B 121 -16.39 -40.76 6.56
N LEU B 122 -16.67 -42.04 6.86
CA LEU B 122 -15.67 -42.94 7.41
C LEU B 122 -14.45 -43.10 6.50
N LYS B 123 -14.67 -43.29 5.20
CA LYS B 123 -13.56 -43.52 4.29
C LYS B 123 -12.69 -42.26 4.13
N LEU B 124 -13.32 -41.10 4.13
CA LEU B 124 -12.59 -39.84 3.95
C LEU B 124 -11.75 -39.50 5.18
N GLY B 125 -12.05 -40.14 6.30
CA GLY B 125 -11.29 -39.91 7.52
C GLY B 125 -9.83 -40.28 7.41
N LEU B 126 -9.50 -41.18 6.50
CA LEU B 126 -8.10 -41.61 6.34
C LEU B 126 -7.25 -40.65 5.50
N TYR B 127 -7.88 -39.78 4.70
CA TYR B 127 -7.10 -39.00 3.74
C TYR B 127 -6.34 -37.86 4.42
N GLU B 128 -5.06 -37.74 4.09
CA GLU B 128 -4.33 -36.50 4.33
C GLU B 128 -3.19 -36.42 3.35
N TYR B 129 -2.84 -35.19 2.94
CA TYR B 129 -1.77 -35.00 1.99
C TYR B 129 -0.43 -34.98 2.73
N ASP B 130 0.11 -36.16 2.98
CA ASP B 130 1.33 -36.29 3.79
C ASP B 130 2.44 -36.92 2.98
N THR B 131 2.25 -36.95 1.66
CA THR B 131 3.24 -37.43 0.70
C THR B 131 4.65 -36.94 0.98
N PHE B 132 4.80 -35.67 1.33
CA PHE B 132 6.14 -35.11 1.53
C PHE B 132 6.60 -35.06 2.97
N LYS B 133 5.81 -35.63 3.87
CA LYS B 133 6.18 -35.65 5.29
C LYS B 133 7.12 -36.80 5.58
N SER B 134 8.27 -36.50 6.19
CA SER B 134 9.26 -37.54 6.50
C SER B 134 8.82 -38.49 7.62
N ASN B 135 7.90 -38.03 8.46
CA ASN B 135 7.39 -38.84 9.56
C ASN B 135 6.08 -39.53 9.19
N LYS B 136 5.81 -39.64 7.90
CA LYS B 136 4.62 -40.32 7.40
C LYS B 136 4.53 -41.73 7.99
N LYS B 137 3.36 -42.07 8.53
CA LYS B 137 3.17 -43.40 9.09
C LYS B 137 1.99 -44.06 8.41
N GLU B 138 2.11 -45.34 8.10
CA GLU B 138 0.96 -46.04 7.58
C GLU B 138 0.08 -46.39 8.77
N SER B 139 -1.23 -46.23 8.58
CA SER B 139 -2.17 -46.46 9.65
C SER B 139 -2.31 -47.94 9.95
N VAL B 140 -2.47 -48.25 11.23
CA VAL B 140 -2.83 -49.60 11.65
C VAL B 140 -4.30 -49.88 11.30
N LEU B 141 -5.11 -48.84 11.34
CA LEU B 141 -6.54 -48.98 11.08
C LEU B 141 -6.82 -49.34 9.63
N LYS B 142 -7.43 -50.51 9.41
CA LYS B 142 -7.62 -51.01 8.05
C LYS B 142 -9.07 -51.24 7.67
N GLU B 143 -9.93 -51.50 8.65
CA GLU B 143 -11.30 -51.92 8.36
C GLU B 143 -12.36 -51.30 9.27
N ALA B 144 -13.54 -51.02 8.72
CA ALA B 144 -14.70 -50.72 9.53
C ALA B 144 -15.77 -51.81 9.34
N ILE B 145 -16.07 -52.52 10.43
CA ILE B 145 -17.13 -53.52 10.43
C ILE B 145 -18.48 -52.87 10.71
N VAL B 146 -19.36 -52.88 9.72
CA VAL B 146 -20.66 -52.26 9.86
C VAL B 146 -21.70 -53.35 10.19
N ALA B 147 -22.17 -53.34 11.44
CA ALA B 147 -23.22 -54.25 11.85
C ALA B 147 -24.54 -53.75 11.30
N LEU B 148 -25.18 -54.55 10.44
CA LEU B 148 -26.43 -54.11 9.85
C LEU B 148 -27.56 -54.20 10.89
N GLU B 149 -27.52 -53.30 11.86
CA GLU B 149 -28.57 -53.14 12.86
C GLU B 149 -28.87 -51.64 13.01
N LEU B 150 -30.16 -51.30 13.03
CA LEU B 150 -30.54 -49.89 13.07
C LEU B 150 -30.40 -49.29 14.48
N HIS B 151 -29.84 -48.08 14.52
CA HIS B 151 -29.72 -47.33 15.76
C HIS B 151 -31.09 -46.82 16.21
N LYS B 152 -31.97 -46.59 15.23
CA LYS B 152 -33.29 -46.00 15.48
C LYS B 152 -34.41 -46.99 15.21
N LEU B 162 -32.53 -52.92 3.98
CA LEU B 162 -31.33 -52.37 4.63
C LEU B 162 -30.07 -52.87 3.94
N GLU B 163 -29.97 -54.18 3.75
CA GLU B 163 -28.79 -54.78 3.14
C GLU B 163 -28.62 -54.31 1.70
N LYS B 164 -29.74 -54.20 0.99
CA LYS B 164 -29.78 -53.65 -0.37
C LYS B 164 -29.32 -52.19 -0.40
N SER B 165 -29.84 -51.40 0.52
CA SER B 165 -29.40 -50.00 0.64
C SER B 165 -27.92 -49.91 0.98
N ALA B 166 -27.47 -50.72 1.93
CA ALA B 166 -26.08 -50.67 2.41
C ALA B 166 -25.10 -50.97 1.27
N LYS B 167 -25.43 -52.00 0.50
CA LYS B 167 -24.66 -52.38 -0.69
C LYS B 167 -24.58 -51.23 -1.70
N GLU B 168 -25.72 -50.61 -1.99
CA GLU B 168 -25.76 -49.47 -2.89
C GLU B 168 -24.92 -48.30 -2.34
N ALA B 169 -25.05 -48.01 -1.05
CA ALA B 169 -24.28 -46.92 -0.43
C ALA B 169 -22.79 -47.22 -0.38
N LEU B 170 -22.43 -48.47 -0.11
CA LEU B 170 -21.03 -48.86 -0.11
C LEU B 170 -20.42 -48.67 -1.49
N LYS B 171 -21.17 -49.03 -2.54
CA LYS B 171 -20.67 -48.84 -3.89
C LYS B 171 -20.36 -47.36 -4.15
N TYR B 172 -21.33 -46.49 -3.87
CA TYR B 172 -21.14 -45.05 -3.99
C TYR B 172 -19.94 -44.54 -3.18
N ALA B 173 -19.88 -44.93 -1.91
CA ALA B 173 -18.82 -44.52 -1.02
C ALA B 173 -17.46 -44.89 -1.59
N GLU B 174 -17.35 -46.12 -2.11
CA GLU B 174 -16.09 -46.59 -2.68
C GLU B 174 -15.68 -45.79 -3.91
N ILE B 175 -16.64 -45.57 -4.81
CA ILE B 175 -16.37 -44.84 -6.03
C ILE B 175 -16.10 -43.36 -5.72
N MET B 176 -16.87 -42.78 -4.82
CA MET B 176 -16.70 -41.36 -4.54
C MET B 176 -15.39 -41.08 -3.80
N THR B 177 -15.02 -41.94 -2.87
CA THR B 177 -13.76 -41.79 -2.15
C THR B 177 -12.59 -41.81 -3.13
N GLU B 178 -12.58 -42.82 -3.99
CA GLU B 178 -11.53 -42.95 -5.00
C GLU B 178 -11.50 -41.71 -5.89
N SER B 179 -12.67 -41.29 -6.33
CA SER B 179 -12.76 -40.14 -7.23
C SER B 179 -12.30 -38.85 -6.55
N LEU B 180 -12.80 -38.58 -5.35
CA LEU B 180 -12.38 -37.38 -4.62
C LEU B 180 -10.87 -37.40 -4.36
N ASN B 181 -10.34 -38.56 -3.99
CA ASN B 181 -8.91 -38.63 -3.66
C ASN B 181 -8.03 -38.52 -4.89
N ILE B 182 -8.50 -38.98 -6.04
CA ILE B 182 -7.81 -38.71 -7.29
C ILE B 182 -7.67 -37.20 -7.49
N VAL B 183 -8.78 -36.49 -7.33
CA VAL B 183 -8.80 -35.04 -7.52
C VAL B 183 -7.92 -34.32 -6.48
N LYS B 184 -8.07 -34.71 -5.22
CA LYS B 184 -7.31 -34.07 -4.14
C LYS B 184 -5.81 -34.30 -4.31
N ASP B 185 -5.40 -35.50 -4.69
CA ASP B 185 -3.99 -35.76 -4.89
CA ASP B 185 -3.99 -35.77 -4.89
C ASP B 185 -3.45 -34.90 -6.03
N LEU B 186 -4.24 -34.78 -7.09
CA LEU B 186 -3.82 -33.97 -8.22
C LEU B 186 -3.71 -32.50 -7.81
N VAL B 187 -4.78 -31.96 -7.22
CA VAL B 187 -4.80 -30.55 -6.83
C VAL B 187 -3.68 -30.25 -5.82
N ASN B 188 -3.47 -31.16 -4.87
CA ASN B 188 -2.41 -30.99 -3.87
C ASN B 188 -1.00 -31.10 -4.43
N THR B 189 -0.82 -31.73 -5.59
CA THR B 189 0.52 -31.84 -6.19
C THR B 189 1.12 -30.46 -6.46
N PRO B 190 2.33 -30.20 -5.94
CA PRO B 190 3.00 -28.91 -6.15
C PRO B 190 3.33 -28.69 -7.63
N PRO B 191 3.43 -27.42 -8.04
CA PRO B 191 3.40 -27.02 -9.45
C PRO B 191 4.64 -27.41 -10.27
N MET B 192 5.80 -27.58 -9.64
CA MET B 192 6.97 -28.03 -10.38
C MET B 192 6.69 -29.41 -10.95
N ILE B 193 5.88 -30.19 -10.24
CA ILE B 193 5.54 -31.56 -10.64
C ILE B 193 4.23 -31.61 -11.40
N GLY B 194 3.24 -30.93 -10.84
CA GLY B 194 1.90 -30.93 -11.39
C GLY B 194 1.73 -30.02 -12.59
N THR B 195 2.45 -30.32 -13.66
CA THR B 195 2.38 -29.58 -14.92
C THR B 195 1.13 -29.94 -15.75
N PRO B 196 0.87 -29.18 -16.83
CA PRO B 196 -0.21 -29.59 -17.74
C PRO B 196 -0.02 -31.02 -18.25
N VAL B 197 1.22 -31.37 -18.60
CA VAL B 197 1.55 -32.74 -19.00
C VAL B 197 1.18 -33.73 -17.92
N TYR B 198 1.49 -33.39 -16.67
CA TYR B 198 1.11 -34.23 -15.53
C TYR B 198 -0.40 -34.43 -15.43
N MET B 199 -1.18 -33.37 -15.62
CA MET B 199 -2.65 -33.50 -15.61
C MET B 199 -3.12 -34.50 -16.66
N ALA B 200 -2.53 -34.41 -17.85
CA ALA B 200 -2.88 -35.31 -18.94
C ALA B 200 -2.53 -36.76 -18.59
N GLU B 201 -1.45 -36.95 -17.85
CA GLU B 201 -1.05 -38.28 -17.41
C GLU B 201 -2.07 -38.87 -16.43
N VAL B 202 -2.52 -38.05 -15.48
CA VAL B 202 -3.56 -38.49 -14.57
C VAL B 202 -4.86 -38.83 -15.34
N ALA B 203 -5.20 -38.01 -16.33
CA ALA B 203 -6.36 -38.26 -17.19
C ALA B 203 -6.21 -39.57 -17.96
N GLN B 204 -5.02 -39.80 -18.52
CA GLN B 204 -4.70 -41.08 -19.17
C GLN B 204 -4.93 -42.27 -18.23
N LYS B 205 -4.49 -42.17 -16.98
CA LYS B 205 -4.70 -43.26 -16.03
C LYS B 205 -6.19 -43.52 -15.80
N VAL B 206 -6.98 -42.45 -15.67
CA VAL B 206 -8.42 -42.60 -15.45
C VAL B 206 -9.08 -43.20 -16.68
N ALA B 207 -8.64 -42.78 -17.86
CA ALA B 207 -9.16 -43.31 -19.11
C ALA B 207 -8.82 -44.80 -19.25
N LYS B 208 -7.58 -45.16 -18.92
CA LYS B 208 -7.16 -46.56 -19.00
C LYS B 208 -7.94 -47.43 -18.02
N GLU B 209 -8.14 -46.91 -16.81
CA GLU B 209 -8.87 -47.63 -15.76
C GLU B 209 -10.33 -47.88 -16.14
N ASN B 210 -10.93 -46.93 -16.86
CA ASN B 210 -12.34 -47.03 -17.20
C ASN B 210 -12.61 -47.33 -18.66
N HIS B 211 -11.56 -47.65 -19.41
CA HIS B 211 -11.67 -47.91 -20.84
C HIS B 211 -12.36 -46.75 -21.53
N LEU B 212 -11.92 -45.53 -21.22
CA LEU B 212 -12.50 -44.34 -21.84
C LEU B 212 -11.73 -43.95 -23.08
N GLU B 213 -12.43 -43.30 -23.98
CA GLU B 213 -11.79 -42.61 -25.08
C GLU B 213 -11.07 -41.36 -24.51
N ILE B 214 -9.85 -41.10 -24.95
CA ILE B 214 -9.17 -39.88 -24.52
C ILE B 214 -8.38 -39.27 -25.66
N HIS B 215 -8.49 -37.95 -25.77
CA HIS B 215 -7.67 -37.18 -26.70
C HIS B 215 -6.88 -36.14 -25.91
N VAL B 216 -5.58 -36.08 -26.17
CA VAL B 216 -4.73 -35.08 -25.54
C VAL B 216 -4.11 -34.20 -26.62
N HIS B 217 -4.58 -32.97 -26.73
CA HIS B 217 -4.16 -32.05 -27.78
C HIS B 217 -3.10 -31.08 -27.27
N ASP B 218 -2.17 -30.67 -28.14
CA ASP B 218 -1.16 -29.71 -27.72
C ASP B 218 -1.37 -28.33 -28.36
N GLU B 219 -0.33 -27.50 -28.34
CA GLU B 219 -0.43 -26.15 -28.85
C GLU B 219 -0.67 -26.11 -30.35
N LYS B 220 -0.26 -27.15 -31.07
CA LYS B 220 -0.45 -27.16 -32.52
C LYS B 220 -1.94 -27.31 -32.83
N PHE B 221 -2.61 -28.17 -32.09
CA PHE B 221 -4.05 -28.32 -32.22
C PHE B 221 -4.76 -27.02 -31.83
N LEU B 222 -4.34 -26.41 -30.71
CA LEU B 222 -4.90 -25.12 -30.30
C LEU B 222 -4.79 -24.08 -31.41
N GLU B 223 -3.62 -24.00 -32.05
CA GLU B 223 -3.42 -23.08 -33.16
C GLU B 223 -4.37 -23.36 -34.31
N GLU B 224 -4.47 -24.64 -34.68
CA GLU B 224 -5.38 -25.06 -35.75
C GLU B 224 -6.85 -24.64 -35.51
N LYS B 225 -7.29 -24.74 -34.27
CA LYS B 225 -8.67 -24.40 -33.91
C LYS B 225 -8.82 -22.93 -33.55
N LYS B 226 -7.73 -22.18 -33.73
CA LYS B 226 -7.70 -20.75 -33.47
C LYS B 226 -8.10 -20.42 -32.04
N MET B 227 -7.67 -21.25 -31.10
CA MET B 227 -7.93 -21.02 -29.69
CA MET B 227 -7.95 -21.01 -29.70
C MET B 227 -6.87 -20.09 -29.14
N ASN B 228 -6.91 -18.84 -29.62
CA ASN B 228 -5.91 -17.85 -29.29
C ASN B 228 -6.02 -17.26 -27.90
N ALA B 229 -7.21 -17.35 -27.30
CA ALA B 229 -7.35 -16.89 -25.93
C ALA B 229 -6.57 -17.82 -25.01
N PHE B 230 -6.83 -19.12 -25.13
CA PHE B 230 -6.08 -20.19 -24.47
C PHE B 230 -4.57 -20.04 -24.71
N LEU B 231 -4.18 -19.91 -25.99
CA LEU B 231 -2.77 -19.82 -26.33
C LEU B 231 -2.08 -18.62 -25.66
N ALA B 232 -2.79 -17.49 -25.61
CA ALA B 232 -2.21 -16.28 -25.05
C ALA B 232 -1.77 -16.49 -23.61
N VAL B 233 -2.59 -17.19 -22.83
CA VAL B 233 -2.30 -17.42 -21.42
C VAL B 233 -1.00 -18.23 -21.29
N ASN B 234 -0.85 -19.23 -22.16
CA ASN B 234 0.30 -20.11 -22.15
C ASN B 234 1.61 -19.53 -22.73
N LYS B 235 1.54 -18.43 -23.47
CA LYS B 235 2.73 -17.94 -24.20
C LYS B 235 3.98 -17.71 -23.33
N ALA B 236 3.81 -17.14 -22.15
CA ALA B 236 4.96 -16.92 -21.26
C ALA B 236 5.76 -18.21 -20.95
N SER B 237 5.04 -19.33 -20.84
CA SER B 237 5.64 -20.59 -20.40
C SER B 237 5.61 -21.73 -21.44
N LEU B 238 5.24 -21.42 -22.68
CA LEU B 238 5.14 -22.44 -23.72
C LEU B 238 6.41 -23.29 -23.85
N SER B 239 7.57 -22.65 -23.79
CA SER B 239 8.82 -23.35 -24.04
C SER B 239 9.25 -24.14 -22.80
N VAL B 240 8.58 -23.92 -21.67
CA VAL B 240 8.87 -24.64 -20.43
C VAL B 240 7.86 -25.78 -20.17
N ASN B 241 6.59 -25.41 -20.08
CA ASN B 241 5.51 -26.39 -19.94
C ASN B 241 4.42 -26.08 -20.96
N PRO B 242 4.42 -26.82 -22.07
CA PRO B 242 3.42 -26.60 -23.13
C PRO B 242 2.01 -26.92 -22.65
N PRO B 243 1.00 -26.35 -23.31
CA PRO B 243 -0.36 -26.54 -22.81
C PRO B 243 -0.92 -27.90 -23.25
N ARG B 244 -1.97 -28.33 -22.56
CA ARG B 244 -2.68 -29.53 -22.93
C ARG B 244 -4.18 -29.28 -22.92
N LEU B 245 -4.84 -29.62 -24.02
CA LEU B 245 -6.30 -29.68 -24.05
C LEU B 245 -6.68 -31.14 -23.91
N ILE B 246 -7.25 -31.48 -22.76
CA ILE B 246 -7.57 -32.87 -22.43
C ILE B 246 -9.06 -33.14 -22.67
N HIS B 247 -9.34 -34.22 -23.38
CA HIS B 247 -10.71 -34.53 -23.76
C HIS B 247 -11.00 -36.01 -23.49
N LEU B 248 -11.67 -36.27 -22.38
CA LEU B 248 -12.14 -37.61 -22.01
C LEU B 248 -13.56 -37.86 -22.50
N VAL B 249 -13.84 -39.09 -22.92
CA VAL B 249 -15.22 -39.42 -23.30
C VAL B 249 -15.69 -40.74 -22.69
N TYR B 250 -16.80 -40.67 -21.98
CA TYR B 250 -17.48 -41.85 -21.46
C TYR B 250 -18.72 -42.07 -22.30
N LYS B 251 -18.82 -43.23 -22.92
CA LYS B 251 -19.94 -43.49 -23.81
C LYS B 251 -20.56 -44.86 -23.51
N PRO B 252 -21.64 -44.86 -22.71
CA PRO B 252 -22.32 -46.06 -22.23
C PRO B 252 -23.17 -46.69 -23.33
N LYS B 253 -23.73 -47.87 -23.08
CA LYS B 253 -24.56 -48.53 -24.08
C LYS B 253 -25.88 -47.77 -24.24
N LYS B 254 -26.38 -47.20 -23.14
CA LYS B 254 -27.57 -46.37 -23.18
C LYS B 254 -27.21 -44.96 -22.76
N ALA B 255 -27.45 -43.99 -23.63
CA ALA B 255 -27.14 -42.61 -23.34
C ALA B 255 -28.37 -41.73 -23.49
N LYS B 256 -28.95 -41.33 -22.37
CA LYS B 256 -30.15 -40.49 -22.39
C LYS B 256 -29.82 -39.01 -22.58
N LYS B 257 -28.61 -38.62 -22.20
CA LYS B 257 -28.15 -37.25 -22.36
C LYS B 257 -26.69 -37.23 -22.79
N LYS B 258 -26.33 -36.13 -23.46
CA LYS B 258 -24.96 -35.81 -23.81
C LYS B 258 -24.52 -34.62 -22.98
N ILE B 259 -23.51 -34.82 -22.14
CA ILE B 259 -23.11 -33.83 -21.15
C ILE B 259 -21.63 -33.50 -21.28
N ALA B 260 -21.32 -32.21 -21.38
CA ALA B 260 -19.95 -31.74 -21.45
C ALA B 260 -19.58 -31.04 -20.15
N LEU B 261 -18.52 -31.54 -19.52
CA LEU B 261 -18.01 -30.93 -18.31
C LEU B 261 -16.70 -30.25 -18.65
N VAL B 262 -16.62 -28.95 -18.38
CA VAL B 262 -15.47 -28.16 -18.81
C VAL B 262 -14.72 -27.60 -17.60
N GLY B 263 -13.41 -27.81 -17.54
CA GLY B 263 -12.66 -27.40 -16.36
C GLY B 263 -11.44 -26.53 -16.61
N LYS B 264 -11.27 -25.52 -15.76
CA LYS B 264 -10.07 -24.69 -15.77
C LYS B 264 -8.93 -25.48 -15.14
N GLY B 265 -7.92 -25.85 -15.93
CA GLY B 265 -6.77 -26.55 -15.43
C GLY B 265 -5.53 -25.67 -15.36
N LEU B 266 -5.61 -24.59 -14.59
CA LEU B 266 -4.45 -23.71 -14.46
C LEU B 266 -3.52 -24.30 -13.40
N THR B 267 -2.45 -24.97 -13.85
CA THR B 267 -1.63 -25.74 -12.93
C THR B 267 -0.75 -24.82 -12.09
N TYR B 268 -0.52 -23.61 -12.58
CA TYR B 268 -0.08 -22.53 -11.70
C TYR B 268 -0.52 -21.17 -12.24
N ASP B 269 -0.85 -20.27 -11.33
CA ASP B 269 -1.32 -18.95 -11.70
C ASP B 269 -0.56 -17.92 -10.88
N CYS B 270 0.45 -17.29 -11.48
CA CYS B 270 1.18 -16.25 -10.74
C CYS B 270 0.63 -14.86 -11.04
N GLY B 271 -0.40 -14.84 -11.90
CA GLY B 271 -1.02 -13.60 -12.34
C GLY B 271 -0.51 -13.10 -13.68
N GLY B 272 0.59 -13.68 -14.16
CA GLY B 272 1.23 -13.19 -15.38
C GLY B 272 1.91 -11.86 -15.12
N LEU B 273 1.96 -10.98 -16.13
CA LEU B 273 2.59 -9.66 -15.96
C LEU B 273 1.87 -8.83 -14.88
N SER B 274 0.57 -9.06 -14.74
CA SER B 274 -0.24 -8.55 -13.64
C SER B 274 0.00 -9.42 -12.41
N LEU B 275 1.25 -9.39 -11.95
CA LEU B 275 1.76 -10.31 -10.95
C LEU B 275 1.01 -10.25 -9.61
N LYS B 276 0.65 -11.41 -9.09
CA LYS B 276 0.06 -11.50 -7.76
C LYS B 276 1.06 -11.17 -6.66
N PRO B 277 0.60 -10.46 -5.61
CA PRO B 277 1.42 -10.32 -4.40
C PRO B 277 1.72 -11.68 -3.80
N ALA B 278 2.80 -11.83 -3.04
CA ALA B 278 3.19 -13.13 -2.48
C ALA B 278 2.11 -13.78 -1.63
N ASP B 279 1.41 -12.99 -0.83
CA ASP B 279 0.36 -13.50 0.05
C ASP B 279 -0.80 -14.11 -0.72
N TYR B 280 -0.97 -13.68 -1.97
CA TYR B 280 -2.06 -14.18 -2.78
C TYR B 280 -1.64 -15.27 -3.75
N MET B 281 -0.35 -15.37 -4.02
CA MET B 281 0.14 -16.34 -5.00
C MET B 281 0.26 -17.74 -4.39
N VAL B 282 0.58 -17.81 -3.11
CA VAL B 282 0.60 -19.09 -2.41
C VAL B 282 -0.81 -19.73 -2.50
N THR B 283 -0.85 -21.05 -2.64
CA THR B 283 -2.04 -21.91 -2.89
C THR B 283 -2.50 -21.95 -4.37
N MET B 284 -1.88 -21.19 -5.26
CA MET B 284 -2.33 -21.21 -6.66
C MET B 284 -1.98 -22.49 -7.46
N LYS B 285 -1.27 -23.43 -6.84
CA LYS B 285 -1.17 -24.77 -7.42
C LYS B 285 -2.57 -25.36 -7.58
N ALA B 286 -3.52 -24.83 -6.80
CA ALA B 286 -4.87 -25.34 -6.79
C ALA B 286 -5.76 -24.66 -7.82
N ASP B 287 -5.17 -23.81 -8.68
CA ASP B 287 -5.96 -23.16 -9.72
C ASP B 287 -6.35 -24.18 -10.79
N LYS B 288 -5.87 -25.41 -10.61
CA LYS B 288 -6.29 -26.52 -11.48
C LYS B 288 -7.44 -27.30 -10.84
N GLY B 289 -8.12 -26.67 -9.88
CA GLY B 289 -9.17 -27.33 -9.13
C GLY B 289 -10.35 -27.79 -9.97
N GLY B 290 -10.75 -26.95 -10.93
CA GLY B 290 -11.89 -27.22 -11.77
C GLY B 290 -11.62 -28.31 -12.79
N GLY B 291 -10.51 -28.19 -13.50
CA GLY B 291 -10.09 -29.25 -14.40
C GLY B 291 -9.83 -30.56 -13.69
N SER B 292 -9.26 -30.51 -12.50
CA SER B 292 -9.03 -31.74 -11.74
C SER B 292 -10.38 -32.41 -11.38
N ALA B 293 -11.35 -31.59 -10.99
CA ALA B 293 -12.66 -32.10 -10.62
C ALA B 293 -13.32 -32.80 -11.81
N VAL B 294 -13.13 -32.26 -13.01
CA VAL B 294 -13.67 -32.87 -14.21
C VAL B 294 -13.06 -34.26 -14.44
N ILE B 295 -11.75 -34.40 -14.25
CA ILE B 295 -11.09 -35.71 -14.33
C ILE B 295 -11.72 -36.71 -13.33
N GLY B 296 -11.91 -36.28 -12.08
CA GLY B 296 -12.54 -37.12 -11.09
C GLY B 296 -13.97 -37.49 -11.41
N LEU B 297 -14.70 -36.54 -11.98
CA LEU B 297 -16.08 -36.77 -12.39
C LEU B 297 -16.22 -37.86 -13.46
N LEU B 298 -15.30 -37.89 -14.42
CA LEU B 298 -15.38 -38.94 -15.45
C LEU B 298 -15.13 -40.28 -14.79
N ASN B 299 -14.21 -40.32 -13.81
CA ASN B 299 -14.01 -41.55 -13.06
C ASN B 299 -15.28 -41.98 -12.33
N ALA B 300 -15.88 -41.06 -11.56
CA ALA B 300 -17.09 -41.35 -10.80
C ALA B 300 -18.26 -41.75 -11.70
N LEU B 301 -18.52 -40.96 -12.74
CA LEU B 301 -19.69 -41.19 -13.58
C LEU B 301 -19.56 -42.49 -14.39
N ALA B 302 -18.35 -42.84 -14.80
CA ALA B 302 -18.14 -44.08 -15.52
C ALA B 302 -18.36 -45.28 -14.61
N LYS B 303 -17.75 -45.26 -13.43
CA LYS B 303 -17.90 -46.39 -12.51
C LYS B 303 -19.32 -46.53 -11.97
N LEU B 304 -20.04 -45.40 -11.85
CA LEU B 304 -21.45 -45.47 -11.47
C LEU B 304 -22.30 -45.97 -12.63
N GLY B 305 -21.73 -45.96 -13.83
CA GLY B 305 -22.41 -46.43 -15.02
C GLY B 305 -23.64 -45.63 -15.39
N VAL B 306 -23.57 -44.30 -15.26
CA VAL B 306 -24.73 -43.46 -15.56
C VAL B 306 -25.06 -43.53 -17.06
N GLU B 307 -26.34 -43.38 -17.37
CA GLU B 307 -26.80 -43.50 -18.75
C GLU B 307 -26.68 -42.17 -19.49
N ALA B 308 -25.45 -41.68 -19.60
CA ALA B 308 -25.23 -40.43 -20.30
C ALA B 308 -23.88 -40.46 -20.98
N GLU B 309 -23.79 -39.82 -22.15
CA GLU B 309 -22.49 -39.67 -22.78
C GLU B 309 -21.84 -38.46 -22.15
N VAL B 310 -20.70 -38.67 -21.49
CA VAL B 310 -20.07 -37.60 -20.73
C VAL B 310 -18.74 -37.20 -21.35
N HIS B 311 -18.62 -35.92 -21.66
CA HIS B 311 -17.36 -35.38 -22.16
C HIS B 311 -16.70 -34.54 -21.09
N GLY B 312 -15.45 -34.84 -20.78
CA GLY B 312 -14.67 -34.04 -19.87
C GLY B 312 -13.62 -33.27 -20.63
N ILE B 313 -13.64 -31.96 -20.50
CA ILE B 313 -12.77 -31.09 -21.27
C ILE B 313 -11.97 -30.25 -20.29
N ILE B 314 -10.66 -30.31 -20.40
CA ILE B 314 -9.79 -29.58 -19.49
C ILE B 314 -8.79 -28.76 -20.25
N GLY B 315 -8.79 -27.46 -20.01
CA GLY B 315 -7.79 -26.58 -20.59
C GLY B 315 -6.67 -26.41 -19.59
N ALA B 316 -5.53 -27.03 -19.87
CA ALA B 316 -4.43 -27.03 -18.92
C ALA B 316 -3.23 -26.20 -19.38
N THR B 317 -2.80 -25.28 -18.51
CA THR B 317 -1.63 -24.42 -18.78
C THR B 317 -1.25 -23.75 -17.47
N GLU B 318 -0.03 -23.23 -17.39
CA GLU B 318 0.27 -22.28 -16.34
C GLU B 318 -0.02 -20.87 -16.84
N ASN B 319 -0.09 -19.93 -15.90
CA ASN B 319 -0.15 -18.51 -16.20
C ASN B 319 1.10 -17.90 -15.59
N MET B 320 2.19 -17.85 -16.37
CA MET B 320 3.48 -17.41 -15.84
C MET B 320 3.85 -16.01 -16.31
N ILE B 321 4.92 -15.48 -15.75
CA ILE B 321 5.42 -14.18 -16.17
C ILE B 321 6.76 -14.39 -16.87
N GLY B 322 7.04 -13.56 -17.87
CA GLY B 322 8.26 -13.70 -18.65
C GLY B 322 8.22 -12.84 -19.90
N PRO B 323 9.33 -12.82 -20.68
CA PRO B 323 9.49 -11.90 -21.81
C PRO B 323 8.54 -12.18 -22.98
N ALA B 324 7.91 -13.35 -23.01
CA ALA B 324 6.93 -13.66 -24.05
C ALA B 324 5.49 -13.64 -23.52
N ALA B 325 5.31 -13.22 -22.25
CA ALA B 325 3.98 -13.19 -21.64
C ALA B 325 2.99 -12.35 -22.43
N TYR B 326 1.74 -12.78 -22.48
CA TYR B 326 0.70 -11.91 -23.03
C TYR B 326 0.49 -10.73 -22.06
N LYS B 327 -0.19 -9.64 -22.50
CA LYS B 327 -0.06 -8.36 -21.79
C LYS B 327 -1.39 -7.64 -21.59
N PRO B 328 -1.49 -6.83 -20.52
CA PRO B 328 -2.52 -5.78 -20.52
C PRO B 328 -2.36 -4.98 -21.82
N ASP B 329 -3.46 -4.75 -22.55
CA ASP B 329 -3.57 -4.09 -23.87
C ASP B 329 -3.65 -5.09 -25.03
N ASP B 330 -3.28 -6.36 -24.81
CA ASP B 330 -3.45 -7.33 -25.90
C ASP B 330 -4.94 -7.51 -26.21
N ILE B 331 -5.24 -7.74 -27.48
CA ILE B 331 -6.60 -7.94 -27.94
C ILE B 331 -6.59 -9.26 -28.68
N LEU B 332 -7.30 -10.23 -28.13
CA LEU B 332 -7.21 -11.62 -28.56
C LEU B 332 -8.46 -12.01 -29.29
N ILE B 333 -8.27 -12.74 -30.40
CA ILE B 333 -9.42 -13.26 -31.12
C ILE B 333 -9.76 -14.65 -30.61
N SER B 334 -10.88 -14.77 -29.90
CA SER B 334 -11.32 -16.07 -29.40
C SER B 334 -11.68 -17.01 -30.54
N LYS B 335 -11.77 -18.31 -30.22
CA LYS B 335 -12.16 -19.28 -31.22
C LYS B 335 -13.56 -18.96 -31.73
N GLU B 336 -14.46 -18.57 -30.83
CA GLU B 336 -15.83 -18.21 -31.21
C GLU B 336 -15.83 -17.05 -32.19
N GLY B 337 -14.82 -16.20 -32.11
CA GLY B 337 -14.68 -15.14 -33.08
C GLY B 337 -14.63 -13.78 -32.43
N LYS B 338 -15.17 -13.68 -31.23
CA LYS B 338 -15.23 -12.40 -30.54
C LYS B 338 -13.84 -11.98 -30.06
N SER B 339 -13.56 -10.69 -30.14
CA SER B 339 -12.28 -10.16 -29.68
C SER B 339 -12.34 -9.80 -28.20
N ILE B 340 -11.21 -9.97 -27.53
CA ILE B 340 -11.09 -9.74 -26.10
C ILE B 340 -10.01 -8.70 -25.81
N GLU B 341 -10.38 -7.54 -25.26
CA GLU B 341 -9.39 -6.63 -24.71
C GLU B 341 -8.85 -7.13 -23.37
N VAL B 342 -7.55 -7.44 -23.32
CA VAL B 342 -6.89 -7.79 -22.04
C VAL B 342 -6.48 -6.52 -21.30
N ARG B 343 -7.02 -6.33 -20.10
CA ARG B 343 -6.59 -5.22 -19.27
C ARG B 343 -5.86 -5.71 -18.01
N ASN B 344 -5.87 -7.01 -17.78
CA ASN B 344 -5.23 -7.60 -16.59
C ASN B 344 -5.01 -9.08 -16.84
N THR B 345 -3.74 -9.51 -16.84
CA THR B 345 -3.39 -10.89 -17.21
C THR B 345 -3.74 -11.92 -16.14
N ASP B 346 -4.18 -11.44 -14.97
CA ASP B 346 -4.58 -12.28 -13.85
C ASP B 346 -6.04 -12.70 -14.00
N ALA B 347 -6.70 -12.20 -15.03
CA ALA B 347 -8.02 -12.71 -15.37
C ALA B 347 -7.85 -13.70 -16.52
N GLU B 348 -7.03 -14.72 -16.29
CA GLU B 348 -6.65 -15.65 -17.34
C GLU B 348 -7.60 -16.83 -17.50
N GLY B 349 -8.19 -17.30 -16.41
CA GLY B 349 -9.00 -18.51 -16.46
C GLY B 349 -10.15 -18.36 -17.43
N ARG B 350 -10.75 -17.17 -17.46
CA ARG B 350 -11.90 -16.95 -18.33
C ARG B 350 -11.50 -16.95 -19.81
N LEU B 351 -10.24 -16.63 -20.11
CA LEU B 351 -9.74 -16.73 -21.47
C LEU B 351 -9.62 -18.20 -21.89
N VAL B 352 -8.98 -19.01 -21.03
CA VAL B 352 -8.86 -20.43 -21.30
C VAL B 352 -10.26 -21.05 -21.46
N LEU B 353 -11.18 -20.67 -20.57
CA LEU B 353 -12.53 -21.24 -20.62
C LEU B 353 -13.30 -20.77 -21.84
N ALA B 354 -13.07 -19.53 -22.29
CA ALA B 354 -13.78 -19.05 -23.50
C ALA B 354 -13.52 -20.00 -24.65
N ASP B 355 -12.27 -20.44 -24.78
CA ASP B 355 -11.94 -21.34 -25.88
C ASP B 355 -12.37 -22.78 -25.61
N CYS B 356 -12.24 -23.24 -24.38
CA CYS B 356 -12.66 -24.61 -24.06
C CYS B 356 -14.18 -24.79 -24.16
N LEU B 357 -14.94 -23.75 -23.81
CA LEU B 357 -16.39 -23.77 -23.98
C LEU B 357 -16.80 -23.82 -25.44
N SER B 358 -16.00 -23.19 -26.30
CA SER B 358 -16.28 -23.19 -27.74
C SER B 358 -16.08 -24.60 -28.31
N TYR B 359 -14.96 -25.21 -27.93
CA TYR B 359 -14.68 -26.59 -28.26
C TYR B 359 -15.79 -27.53 -27.75
N ALA B 360 -16.27 -27.27 -26.54
CA ALA B 360 -17.34 -28.06 -25.94
C ALA B 360 -18.63 -27.97 -26.75
N GLN B 361 -19.00 -26.75 -27.13
CA GLN B 361 -20.24 -26.54 -27.85
C GLN B 361 -20.25 -27.24 -29.22
N ASP B 362 -19.08 -27.37 -29.85
CA ASP B 362 -18.98 -28.02 -31.16
C ASP B 362 -19.42 -29.48 -31.08
N LEU B 363 -19.42 -30.02 -29.87
CA LEU B 363 -19.86 -31.40 -29.63
C LEU B 363 -21.39 -31.50 -29.61
N ASN B 364 -22.06 -30.36 -29.66
CA ASN B 364 -23.52 -30.30 -29.55
C ASN B 364 -24.07 -31.03 -28.31
N PRO B 365 -23.63 -30.62 -27.10
CA PRO B 365 -24.15 -31.35 -25.93
C PRO B 365 -25.53 -30.85 -25.53
N ASP B 366 -26.22 -31.64 -24.73
CA ASP B 366 -27.51 -31.25 -24.18
C ASP B 366 -27.31 -30.33 -22.98
N VAL B 367 -26.23 -30.56 -22.25
CA VAL B 367 -25.91 -29.80 -21.05
C VAL B 367 -24.42 -29.52 -21.02
N ILE B 368 -24.04 -28.29 -20.66
CA ILE B 368 -22.66 -27.90 -20.41
C ILE B 368 -22.56 -27.35 -19.01
N VAL B 369 -21.62 -27.88 -18.23
CA VAL B 369 -21.29 -27.33 -16.92
C VAL B 369 -19.80 -27.03 -16.89
N ASP B 370 -19.41 -25.81 -16.49
CA ASP B 370 -18.00 -25.55 -16.30
C ASP B 370 -17.72 -25.37 -14.82
N PHE B 371 -16.49 -25.75 -14.45
CA PHE B 371 -15.95 -25.65 -13.09
C PHE B 371 -14.65 -24.88 -13.13
N ALA B 372 -14.55 -23.84 -12.29
CA ALA B 372 -13.37 -23.01 -12.30
C ALA B 372 -13.15 -22.35 -10.95
N THR B 373 -11.90 -22.34 -10.51
CA THR B 373 -11.47 -21.54 -9.37
C THR B 373 -11.26 -20.14 -9.93
N LEU B 374 -12.34 -19.42 -10.22
CA LEU B 374 -12.26 -18.33 -11.18
C LEU B 374 -12.07 -16.94 -10.57
N THR B 375 -12.73 -16.64 -9.45
CA THR B 375 -12.62 -15.27 -8.91
C THR B 375 -12.46 -15.20 -7.41
N GLY B 376 -11.62 -14.25 -6.96
CA GLY B 376 -11.52 -13.94 -5.55
C GLY B 376 -12.83 -13.36 -5.04
N ALA B 377 -13.53 -12.66 -5.92
CA ALA B 377 -14.77 -11.96 -5.54
C ALA B 377 -15.86 -12.94 -5.11
N CYS B 378 -15.86 -14.11 -5.72
CA CYS B 378 -16.77 -15.16 -5.29
C CYS B 378 -16.52 -15.57 -3.85
N VAL B 379 -15.23 -15.74 -3.52
CA VAL B 379 -14.85 -16.14 -2.18
C VAL B 379 -15.18 -15.05 -1.16
N VAL B 380 -14.93 -13.79 -1.53
CA VAL B 380 -15.30 -12.65 -0.67
C VAL B 380 -16.80 -12.66 -0.39
N GLY B 381 -17.59 -12.92 -1.44
CA GLY B 381 -19.04 -12.82 -1.35
C GLY B 381 -19.70 -13.98 -0.63
N LEU B 382 -19.18 -15.18 -0.80
CA LEU B 382 -19.84 -16.39 -0.27
C LEU B 382 -19.07 -17.03 0.89
N GLY B 383 -17.81 -16.68 1.04
CA GLY B 383 -16.97 -17.37 2.00
C GLY B 383 -16.21 -18.48 1.32
N GLU B 384 -15.25 -19.07 2.04
CA GLU B 384 -14.36 -20.04 1.46
C GLU B 384 -15.01 -21.41 1.26
N PHE B 385 -16.20 -21.63 1.83
CA PHE B 385 -16.73 -23.00 1.92
C PHE B 385 -17.83 -23.29 0.91
N THR B 386 -18.18 -22.28 0.12
CA THR B 386 -19.38 -22.30 -0.71
C THR B 386 -19.04 -21.93 -2.14
N SER B 387 -19.54 -22.70 -3.11
CA SER B 387 -19.37 -22.39 -4.54
C SER B 387 -20.58 -21.65 -5.08
N ALA B 388 -20.38 -20.86 -6.13
CA ALA B 388 -21.43 -20.09 -6.77
C ALA B 388 -21.91 -20.77 -8.04
N ILE B 389 -23.21 -20.70 -8.28
CA ILE B 389 -23.81 -21.28 -9.46
C ILE B 389 -24.37 -20.17 -10.32
N MET B 390 -23.95 -20.09 -11.57
CA MET B 390 -24.47 -19.08 -12.49
C MET B 390 -25.00 -19.68 -13.78
N GLY B 391 -25.84 -18.91 -14.47
CA GLY B 391 -26.44 -19.38 -15.69
C GLY B 391 -27.77 -18.70 -15.95
N HIS B 392 -28.43 -19.11 -17.04
CA HIS B 392 -29.71 -18.51 -17.42
C HIS B 392 -30.92 -19.35 -17.02
N ASN B 393 -30.78 -20.66 -17.15
CA ASN B 393 -31.91 -21.59 -16.96
C ASN B 393 -32.14 -21.81 -15.49
N GLU B 394 -33.25 -21.28 -14.95
CA GLU B 394 -33.45 -21.36 -13.50
C GLU B 394 -33.72 -22.80 -13.06
N GLU B 395 -34.45 -23.59 -13.85
CA GLU B 395 -34.70 -24.98 -13.46
C GLU B 395 -33.40 -25.78 -13.40
N LEU B 396 -32.51 -25.54 -14.35
CA LEU B 396 -31.23 -26.24 -14.38
C LEU B 396 -30.33 -25.83 -13.21
N LYS B 397 -30.32 -24.54 -12.91
CA LYS B 397 -29.57 -24.00 -11.77
C LYS B 397 -30.12 -24.53 -10.45
N ASN B 398 -31.45 -24.54 -10.33
CA ASN B 398 -32.06 -25.12 -9.13
C ASN B 398 -31.78 -26.60 -8.98
N LEU B 399 -31.78 -27.34 -10.10
CA LEU B 399 -31.49 -28.77 -10.02
C LEU B 399 -30.05 -29.00 -9.55
N PHE B 400 -29.10 -28.22 -10.04
CA PHE B 400 -27.73 -28.37 -9.57
C PHE B 400 -27.60 -28.03 -8.09
N GLU B 401 -28.23 -26.94 -7.67
CA GLU B 401 -28.18 -26.51 -6.27
C GLU B 401 -28.79 -27.54 -5.30
N THR B 402 -30.02 -27.95 -5.56
CA THR B 402 -30.68 -28.92 -4.69
CA THR B 402 -30.68 -28.94 -4.70
C THR B 402 -29.91 -30.24 -4.65
N SER B 403 -29.58 -30.80 -5.81
CA SER B 403 -28.76 -32.02 -5.88
C SER B 403 -27.44 -31.87 -5.15
N GLY B 404 -26.75 -30.76 -5.42
CA GLY B 404 -25.48 -30.44 -4.81
C GLY B 404 -25.53 -30.36 -3.28
N LEU B 405 -26.50 -29.60 -2.76
CA LEU B 405 -26.68 -29.50 -1.32
C LEU B 405 -26.93 -30.88 -0.72
N GLU B 406 -27.78 -31.68 -1.36
CA GLU B 406 -28.05 -33.02 -0.83
C GLU B 406 -26.78 -33.87 -0.77
N SER B 407 -25.88 -33.68 -1.72
CA SER B 407 -24.63 -34.43 -1.75
C SER B 407 -23.64 -33.98 -0.67
N GLY B 408 -23.95 -32.86 -0.01
CA GLY B 408 -23.11 -32.35 1.07
C GLY B 408 -22.22 -31.17 0.70
N GLU B 409 -22.35 -30.65 -0.53
CA GLU B 409 -21.60 -29.46 -0.90
C GLU B 409 -22.43 -28.19 -0.62
N LEU B 410 -21.73 -27.10 -0.29
CA LEU B 410 -22.39 -25.84 -0.02
C LEU B 410 -22.38 -25.01 -1.29
N LEU B 411 -23.56 -24.52 -1.66
CA LEU B 411 -23.75 -23.82 -2.93
C LEU B 411 -24.66 -22.62 -2.78
N ALA B 412 -24.54 -21.69 -3.72
CA ALA B 412 -25.40 -20.52 -3.78
C ALA B 412 -25.55 -20.08 -5.23
N LYS B 413 -26.76 -19.66 -5.61
CA LYS B 413 -26.93 -19.08 -6.94
C LYS B 413 -26.60 -17.59 -6.90
N LEU B 414 -25.91 -17.10 -7.91
CA LEU B 414 -25.70 -15.67 -8.01
C LEU B 414 -26.38 -15.19 -9.29
N PRO B 415 -27.20 -14.13 -9.18
CA PRO B 415 -27.98 -13.70 -10.35
C PRO B 415 -27.28 -12.72 -11.29
N PHE B 416 -27.44 -12.93 -12.59
CA PHE B 416 -27.05 -11.94 -13.59
C PHE B 416 -28.02 -10.76 -13.53
N ASN B 417 -27.62 -9.61 -14.04
CA ASN B 417 -28.56 -8.56 -14.40
C ASN B 417 -27.94 -7.67 -15.46
N ARG B 418 -28.75 -6.82 -16.09
CA ARG B 418 -28.28 -6.07 -17.26
C ARG B 418 -27.28 -4.98 -16.92
N HIS B 419 -27.34 -4.50 -15.68
CA HIS B 419 -26.39 -3.49 -15.21
C HIS B 419 -24.98 -4.05 -15.13
N LEU B 420 -24.82 -5.23 -14.53
CA LEU B 420 -23.50 -5.89 -14.47
C LEU B 420 -22.96 -6.19 -15.87
N LYS B 421 -23.86 -6.50 -16.80
CA LYS B 421 -23.44 -6.89 -18.14
C LYS B 421 -22.71 -5.76 -18.87
N LYS B 422 -23.11 -4.53 -18.60
CA LYS B 422 -22.46 -3.36 -19.22
C LYS B 422 -21.02 -3.14 -18.74
N LEU B 423 -20.68 -3.70 -17.60
CA LEU B 423 -19.39 -3.42 -16.99
C LEU B 423 -18.21 -4.11 -17.68
N ILE B 424 -18.47 -5.07 -18.57
CA ILE B 424 -17.38 -5.75 -19.29
C ILE B 424 -17.24 -5.29 -20.75
N GLU B 425 -17.91 -4.19 -21.09
CA GLU B 425 -17.71 -3.58 -22.38
C GLU B 425 -16.27 -3.12 -22.57
N SER B 426 -15.87 -3.08 -23.84
CA SER B 426 -14.59 -2.55 -24.26
C SER B 426 -14.79 -1.50 -25.33
N LYS B 427 -14.00 -0.44 -25.26
CA LYS B 427 -14.05 0.61 -26.26
C LYS B 427 -13.38 0.16 -27.57
N ILE B 428 -12.57 -0.89 -27.52
CA ILE B 428 -11.72 -1.22 -28.68
C ILE B 428 -11.77 -2.72 -29.03
N ALA B 429 -12.68 -3.45 -28.40
CA ALA B 429 -12.85 -4.88 -28.66
C ALA B 429 -14.29 -5.25 -28.39
N ASP B 430 -14.66 -6.51 -28.62
CA ASP B 430 -16.05 -6.94 -28.39
C ASP B 430 -16.34 -7.06 -26.90
N VAL B 431 -15.34 -7.45 -26.13
CA VAL B 431 -15.51 -7.63 -24.69
C VAL B 431 -14.16 -7.37 -23.99
N CYS B 432 -14.22 -6.96 -22.73
CA CYS B 432 -13.02 -6.77 -21.90
C CYS B 432 -12.89 -7.92 -20.91
N ASN B 433 -11.68 -8.38 -20.60
CA ASN B 433 -11.55 -9.53 -19.69
C ASN B 433 -11.61 -9.15 -18.21
N ILE B 434 -11.78 -7.86 -17.93
CA ILE B 434 -12.10 -7.42 -16.56
C ILE B 434 -13.27 -6.44 -16.54
N SER B 435 -13.86 -6.28 -15.37
CA SER B 435 -14.94 -5.33 -15.14
C SER B 435 -14.40 -3.91 -14.90
N SER B 436 -15.18 -2.90 -15.26
CA SER B 436 -14.83 -1.51 -14.96
C SER B 436 -15.02 -1.19 -13.47
N SER B 437 -15.72 -2.08 -12.76
CA SER B 437 -16.06 -1.86 -11.36
C SER B 437 -15.31 -2.81 -10.43
N ARG B 438 -15.08 -2.38 -9.20
CA ARG B 438 -14.50 -3.25 -8.20
C ARG B 438 -15.54 -4.21 -7.62
N TYR B 439 -16.79 -4.10 -8.08
CA TYR B 439 -17.90 -4.80 -7.47
C TYR B 439 -18.58 -5.78 -8.40
N GLY B 440 -18.85 -6.97 -7.89
CA GLY B 440 -19.61 -7.97 -8.62
C GLY B 440 -18.76 -8.87 -9.49
N GLY B 441 -17.47 -8.95 -9.16
CA GLY B 441 -16.50 -9.73 -9.93
C GLY B 441 -16.86 -11.17 -10.29
N ALA B 442 -17.46 -11.94 -9.38
CA ALA B 442 -17.83 -13.34 -9.70
C ALA B 442 -18.84 -13.37 -10.82
N ILE B 443 -19.74 -12.39 -10.81
CA ILE B 443 -20.88 -12.40 -11.70
C ILE B 443 -20.54 -11.78 -13.07
N THR B 444 -19.71 -10.76 -13.08
CA THR B 444 -19.25 -10.23 -14.37
C THR B 444 -18.31 -11.23 -15.04
N ALA B 445 -17.58 -12.03 -14.24
CA ALA B 445 -16.79 -13.10 -14.84
C ALA B 445 -17.73 -14.09 -15.52
N GLY B 446 -18.83 -14.43 -14.86
CA GLY B 446 -19.82 -15.31 -15.46
C GLY B 446 -20.38 -14.72 -16.74
N LEU B 447 -20.62 -13.42 -16.75
CA LEU B 447 -21.18 -12.76 -17.92
C LEU B 447 -20.15 -12.65 -19.04
N PHE B 448 -18.87 -12.63 -18.67
CA PHE B 448 -17.82 -12.74 -19.67
C PHE B 448 -17.91 -14.10 -20.37
N LEU B 449 -18.01 -15.16 -19.57
CA LEU B 449 -18.15 -16.50 -20.15
C LEU B 449 -19.40 -16.55 -21.05
N ASN B 450 -20.48 -15.91 -20.59
CA ASN B 450 -21.71 -15.89 -21.37
C ASN B 450 -21.52 -15.40 -22.82
N GLU B 451 -20.63 -14.43 -23.00
CA GLU B 451 -20.39 -13.87 -24.33
C GLU B 451 -19.89 -14.92 -25.30
N PHE B 452 -19.40 -16.04 -24.78
CA PHE B 452 -18.87 -17.10 -25.62
C PHE B 452 -19.79 -18.33 -25.66
N ILE B 453 -20.94 -18.22 -25.02
CA ILE B 453 -21.94 -19.27 -25.12
C ILE B 453 -22.91 -18.87 -26.24
N ARG B 454 -23.02 -19.71 -27.26
CA ARG B 454 -23.94 -19.44 -28.36
C ARG B 454 -25.37 -19.40 -27.86
N ASP B 455 -26.25 -18.68 -28.56
CA ASP B 455 -27.63 -18.56 -28.16
C ASP B 455 -28.27 -19.93 -27.93
N GLU B 456 -27.97 -20.87 -28.82
CA GLU B 456 -28.60 -22.18 -28.76
C GLU B 456 -28.06 -23.02 -27.60
N PHE B 457 -27.06 -22.51 -26.88
CA PHE B 457 -26.60 -23.22 -25.69
C PHE B 457 -26.83 -22.45 -24.38
N LYS B 458 -27.33 -21.22 -24.45
CA LYS B 458 -27.42 -20.40 -23.24
C LYS B 458 -28.35 -21.01 -22.19
N ASP B 459 -29.39 -21.71 -22.62
CA ASP B 459 -30.29 -22.35 -21.66
C ASP B 459 -29.85 -23.76 -21.30
N LYS B 460 -28.65 -24.16 -21.72
CA LYS B 460 -28.13 -25.48 -21.40
C LYS B 460 -26.84 -25.44 -20.59
N TRP B 461 -26.53 -24.26 -20.05
CA TRP B 461 -25.20 -24.00 -19.48
C TRP B 461 -25.26 -23.60 -18.01
N LEU B 462 -24.34 -24.17 -17.24
CA LEU B 462 -24.10 -23.77 -15.86
C LEU B 462 -22.65 -23.40 -15.68
N HIS B 463 -22.41 -22.34 -14.94
CA HIS B 463 -21.06 -21.96 -14.55
C HIS B 463 -20.92 -22.12 -13.02
N ILE B 464 -19.94 -22.90 -12.58
CA ILE B 464 -19.71 -23.14 -11.14
C ILE B 464 -18.35 -22.60 -10.73
N ASP B 465 -18.36 -21.57 -9.90
CA ASP B 465 -17.13 -20.94 -9.42
C ASP B 465 -16.75 -21.57 -8.08
N ILE B 466 -15.72 -22.41 -8.08
CA ILE B 466 -15.32 -23.16 -6.89
C ILE B 466 -14.03 -22.60 -6.28
N ALA B 467 -13.73 -21.33 -6.59
CA ALA B 467 -12.53 -20.67 -6.05
C ALA B 467 -12.39 -20.82 -4.55
N GLY B 468 -13.51 -20.88 -3.84
CA GLY B 468 -13.44 -21.01 -2.39
C GLY B 468 -13.11 -22.42 -1.95
N PRO B 469 -14.07 -23.34 -2.04
CA PRO B 469 -13.87 -24.62 -1.36
C PRO B 469 -12.91 -25.57 -2.04
N ALA B 470 -12.47 -25.30 -3.28
CA ALA B 470 -11.57 -26.24 -3.94
C ALA B 470 -10.26 -26.46 -3.16
N TYR B 471 -9.82 -25.44 -2.44
CA TYR B 471 -8.60 -25.50 -1.66
C TYR B 471 -8.69 -24.56 -0.47
N VAL B 472 -8.54 -25.12 0.73
CA VAL B 472 -8.73 -24.36 1.95
C VAL B 472 -7.60 -24.74 2.90
N GLU B 473 -6.95 -23.76 3.53
CA GLU B 473 -5.80 -24.09 4.34
C GLU B 473 -6.12 -24.40 5.81
N LYS B 474 -7.10 -25.28 5.99
CA LYS B 474 -7.42 -25.87 7.29
C LYS B 474 -8.36 -27.06 7.04
N GLU B 475 -8.55 -27.88 8.07
CA GLU B 475 -9.52 -28.98 8.00
C GLU B 475 -10.90 -28.42 8.17
N TRP B 476 -11.84 -28.91 7.37
CA TRP B 476 -13.22 -28.53 7.52
C TRP B 476 -14.12 -29.64 6.99
N ASP B 477 -15.22 -29.92 7.67
CA ASP B 477 -16.13 -31.00 7.26
C ASP B 477 -15.36 -32.30 6.99
N VAL B 478 -15.53 -32.89 5.81
CA VAL B 478 -14.83 -34.12 5.44
C VAL B 478 -13.51 -33.83 4.70
N ASN B 479 -13.00 -32.62 4.86
CA ASN B 479 -11.86 -32.19 4.04
C ASN B 479 -10.64 -31.91 4.86
N SER B 480 -9.53 -32.52 4.45
CA SER B 480 -8.26 -32.32 5.11
C SER B 480 -7.70 -30.98 4.63
N PHE B 481 -6.60 -30.55 5.22
CA PHE B 481 -5.90 -29.35 4.80
C PHE B 481 -5.61 -29.42 3.31
N GLY B 482 -5.92 -28.35 2.59
CA GLY B 482 -5.62 -28.28 1.17
C GLY B 482 -6.79 -28.59 0.26
N ALA B 483 -6.57 -29.47 -0.71
CA ALA B 483 -7.59 -29.80 -1.71
C ALA B 483 -8.75 -30.53 -1.06
N SER B 484 -9.94 -30.26 -1.58
CA SER B 484 -11.16 -30.85 -1.05
C SER B 484 -11.89 -31.77 -2.01
N GLY B 485 -11.65 -31.61 -3.31
CA GLY B 485 -12.39 -32.36 -4.31
C GLY B 485 -13.72 -31.68 -4.63
N ALA B 486 -13.83 -30.38 -4.32
CA ALA B 486 -15.05 -29.63 -4.54
C ALA B 486 -15.61 -29.77 -5.96
N GLY B 487 -16.93 -29.93 -6.05
CA GLY B 487 -17.59 -30.00 -7.33
C GLY B 487 -17.93 -31.42 -7.79
N VAL B 488 -17.12 -32.39 -7.36
CA VAL B 488 -17.31 -33.79 -7.76
C VAL B 488 -18.62 -34.40 -7.26
N ARG B 489 -18.86 -34.36 -5.96
CA ARG B 489 -20.07 -34.93 -5.40
C ARG B 489 -21.34 -34.25 -5.92
N ALA B 490 -21.28 -32.93 -5.99
CA ALA B 490 -22.44 -32.13 -6.39
C ALA B 490 -22.80 -32.38 -7.85
N CYS B 491 -21.80 -32.43 -8.72
CA CYS B 491 -22.07 -32.64 -10.15
C CYS B 491 -22.52 -34.09 -10.40
N THR B 492 -21.99 -35.01 -9.60
CA THR B 492 -22.44 -36.39 -9.68
C THR B 492 -23.93 -36.46 -9.36
N ALA B 493 -24.32 -35.84 -8.26
CA ALA B 493 -25.71 -35.86 -7.82
C ALA B 493 -26.61 -35.16 -8.84
N PHE B 494 -26.13 -34.07 -9.40
CA PHE B 494 -26.82 -33.35 -10.47
C PHE B 494 -27.11 -34.24 -11.68
N VAL B 495 -26.08 -34.96 -12.14
CA VAL B 495 -26.21 -35.82 -13.31
C VAL B 495 -27.20 -36.96 -13.04
N GLU B 496 -27.04 -37.64 -11.91
CA GLU B 496 -27.97 -38.68 -11.51
C GLU B 496 -29.42 -38.18 -11.48
N GLU B 497 -29.65 -37.01 -10.90
CA GLU B 497 -31.03 -36.51 -10.78
C GLU B 497 -31.57 -36.08 -12.14
N LEU B 498 -30.67 -35.56 -12.97
CA LEU B 498 -30.99 -35.19 -14.33
C LEU B 498 -31.46 -36.38 -15.16
N LEU B 499 -30.79 -37.53 -14.99
CA LEU B 499 -31.09 -38.70 -15.79
C LEU B 499 -32.41 -39.35 -15.35
N LYS B 500 -32.79 -39.16 -14.08
CA LYS B 500 -34.10 -39.58 -13.58
C LYS B 500 -35.26 -39.00 -14.41
N LYS B 501 -35.17 -37.72 -14.76
CA LYS B 501 -36.26 -37.06 -15.47
C LYS B 501 -36.27 -37.38 -16.96
N ALA B 502 -35.09 -37.68 -17.52
CA ALA B 502 -34.95 -37.87 -18.97
C ALA B 502 -35.72 -39.09 -19.47
N MET C 7 20.91 41.41 10.41
CA MET C 7 21.79 41.61 11.55
C MET C 7 23.24 41.53 11.12
N LEU C 8 23.47 41.23 9.84
CA LEU C 8 24.80 41.47 9.28
C LEU C 8 24.89 42.92 8.81
N LYS C 9 25.54 43.76 9.59
CA LYS C 9 25.73 45.15 9.22
C LYS C 9 26.62 45.23 7.99
N ILE C 10 26.21 46.01 6.99
CA ILE C 10 27.05 46.29 5.84
C ILE C 10 27.44 47.76 5.79
N LYS C 11 28.73 48.02 5.90
CA LYS C 11 29.26 49.38 5.87
C LYS C 11 29.92 49.67 4.54
N LEU C 12 29.38 50.65 3.81
CA LEU C 12 29.95 51.03 2.53
C LEU C 12 31.11 51.99 2.78
N GLU C 13 32.22 51.81 2.05
CA GLU C 13 33.39 52.69 2.21
C GLU C 13 34.03 53.04 0.87
N LYS C 14 34.23 54.35 0.62
CA LYS C 14 34.95 54.71 -0.59
C LYS C 14 36.44 54.63 -0.32
N THR C 15 36.96 53.43 -0.54
CA THR C 15 38.37 53.13 -0.43
C THR C 15 38.65 51.95 -1.36
N THR C 16 39.92 51.60 -1.52
CA THR C 16 40.26 50.45 -2.33
C THR C 16 40.06 49.19 -1.50
N PHE C 17 39.97 48.04 -2.17
CA PHE C 17 39.88 46.77 -1.48
C PHE C 17 41.11 46.57 -0.57
N GLU C 18 42.29 46.83 -1.09
CA GLU C 18 43.51 46.60 -0.32
C GLU C 18 43.61 47.48 0.93
N ASN C 19 43.10 48.71 0.85
CA ASN C 19 43.24 49.66 1.96
C ASN C 19 42.09 49.62 2.98
N ALA C 20 40.99 48.95 2.64
CA ALA C 20 39.90 48.75 3.60
C ALA C 20 40.39 47.85 4.72
N LYS C 21 39.93 48.07 5.94
CA LYS C 21 40.41 47.29 7.08
C LYS C 21 39.31 46.45 7.73
N ALA C 22 39.56 45.15 7.81
CA ALA C 22 38.64 44.22 8.45
C ALA C 22 39.43 42.99 8.90
N GLU C 23 38.85 42.18 9.77
CA GLU C 23 39.60 41.08 10.38
C GLU C 23 39.87 39.91 9.42
N CYS C 24 39.11 39.85 8.32
CA CYS C 24 39.40 38.90 7.24
C CYS C 24 38.89 39.45 5.90
N SER C 25 39.21 38.74 4.82
CA SER C 25 38.85 39.18 3.48
C SER C 25 38.03 38.12 2.74
N LEU C 26 37.12 38.57 1.88
CA LEU C 26 36.36 37.66 1.03
C LEU C 26 36.62 37.97 -0.44
N VAL C 27 37.07 36.96 -1.18
CA VAL C 27 37.33 37.12 -2.60
C VAL C 27 36.66 36.01 -3.40
N PHE C 28 35.92 36.39 -4.43
CA PHE C 28 35.27 35.40 -5.27
C PHE C 28 36.16 34.99 -6.42
N ILE C 29 36.16 33.69 -6.71
CA ILE C 29 36.83 33.17 -7.89
C ILE C 29 35.80 32.79 -8.95
N ILE C 30 35.66 33.67 -9.95
CA ILE C 30 34.73 33.45 -11.05
C ILE C 30 35.33 32.52 -12.10
N ASN C 31 34.66 31.39 -12.34
CA ASN C 31 35.01 30.45 -13.40
C ASN C 31 36.49 30.05 -13.40
N LYS C 32 36.96 29.61 -12.24
CA LYS C 32 38.33 29.11 -12.05
C LYS C 32 39.44 30.10 -12.44
N ASP C 33 39.10 31.38 -12.54
CA ASP C 33 40.08 32.41 -12.89
C ASP C 33 40.80 32.94 -11.65
N PHE C 34 42.05 32.52 -11.45
CA PHE C 34 42.78 32.95 -10.26
C PHE C 34 43.75 34.12 -10.53
N SER C 35 43.57 34.81 -11.65
CA SER C 35 44.52 35.85 -12.08
C SER C 35 44.49 37.15 -11.29
N HIS C 36 43.34 37.52 -10.73
CA HIS C 36 43.17 38.85 -10.15
C HIS C 36 44.15 39.14 -9.01
N ALA C 37 44.52 40.42 -8.88
CA ALA C 37 45.50 40.85 -7.88
C ALA C 37 45.05 40.51 -6.46
N TRP C 38 43.74 40.52 -6.23
CA TRP C 38 43.16 40.25 -4.91
C TRP C 38 43.45 38.81 -4.45
N VAL C 39 43.70 37.91 -5.40
CA VAL C 39 44.23 36.60 -5.05
C VAL C 39 45.70 36.75 -4.67
N LYS C 40 45.98 37.00 -3.39
CA LYS C 40 47.31 37.46 -3.04
C LYS C 40 48.37 36.36 -3.03
N ASN C 41 48.00 35.16 -2.59
CA ASN C 41 48.91 34.04 -2.66
C ASN C 41 48.32 32.94 -3.53
N LYS C 42 48.56 33.03 -4.84
CA LYS C 42 48.01 32.08 -5.81
C LYS C 42 48.65 30.71 -5.68
N GLU C 43 49.92 30.68 -5.33
CA GLU C 43 50.65 29.43 -5.19
C GLU C 43 50.06 28.52 -4.09
N LEU C 44 49.59 29.12 -2.99
CA LEU C 44 48.95 28.36 -1.92
C LEU C 44 47.74 27.58 -2.45
N LEU C 45 46.92 28.24 -3.25
CA LEU C 45 45.72 27.63 -3.79
C LEU C 45 46.07 26.47 -4.73
N GLU C 46 47.12 26.64 -5.53
CA GLU C 46 47.59 25.56 -6.39
C GLU C 46 48.10 24.38 -5.56
N THR C 47 48.82 24.69 -4.50
CA THR C 47 49.43 23.65 -3.65
C THR C 47 48.38 22.75 -3.01
N PHE C 48 47.27 23.34 -2.56
CA PHE C 48 46.23 22.56 -1.87
C PHE C 48 45.08 22.25 -2.80
N LYS C 49 45.37 22.29 -4.10
CA LYS C 49 44.44 21.89 -5.15
C LYS C 49 43.05 22.54 -5.06
N TYR C 50 42.99 23.79 -4.62
CA TYR C 50 41.72 24.52 -4.66
C TYR C 50 41.48 25.02 -6.07
N GLU C 51 40.46 24.47 -6.71
CA GLU C 51 40.16 24.83 -8.09
C GLU C 51 38.85 25.59 -8.22
N GLY C 52 38.45 26.28 -7.16
CA GLY C 52 37.37 27.24 -7.27
C GLY C 52 35.97 26.69 -7.12
N GLU C 53 35.82 25.49 -6.58
CA GLU C 53 34.49 25.03 -6.20
C GLU C 53 34.38 24.99 -4.69
N GLY C 54 33.32 25.60 -4.17
CA GLY C 54 33.16 25.74 -2.75
C GLY C 54 34.08 26.82 -2.24
N VAL C 55 34.45 26.75 -0.97
CA VAL C 55 35.27 27.79 -0.37
C VAL C 55 36.65 27.28 0.00
N PHE C 56 37.60 28.21 0.12
CA PHE C 56 38.94 27.87 0.59
C PHE C 56 39.51 29.04 1.39
N LEU C 57 40.13 28.72 2.52
CA LEU C 57 40.58 29.76 3.43
C LEU C 57 42.11 29.84 3.49
N ASP C 58 42.66 30.90 2.89
CA ASP C 58 44.07 31.25 3.05
C ASP C 58 44.30 31.66 4.50
N GLN C 59 44.85 30.76 5.30
CA GLN C 59 44.95 30.99 6.74
C GLN C 59 45.85 32.16 7.12
N GLU C 60 47.08 32.19 6.63
CA GLU C 60 48.02 33.24 7.03
C GLU C 60 47.55 34.64 6.64
N ASN C 61 46.88 34.74 5.50
CA ASN C 61 46.42 36.03 5.00
C ASN C 61 44.97 36.34 5.35
N LYS C 62 44.30 35.36 5.98
CA LYS C 62 42.91 35.50 6.40
C LYS C 62 42.02 35.93 5.23
N ILE C 63 42.13 35.20 4.13
CA ILE C 63 41.32 35.42 2.95
C ILE C 63 40.44 34.21 2.69
N LEU C 64 39.13 34.43 2.64
CA LEU C 64 38.21 33.37 2.21
C LEU C 64 37.94 33.50 0.74
N TYR C 65 38.23 32.44 0.00
CA TYR C 65 37.89 32.40 -1.41
C TYR C 65 36.58 31.63 -1.57
N ALA C 66 35.70 32.13 -2.43
CA ALA C 66 34.43 31.48 -2.70
C ALA C 66 34.22 31.37 -4.20
N GLY C 67 34.03 30.15 -4.69
CA GLY C 67 33.89 29.92 -6.11
C GLY C 67 32.53 30.30 -6.67
N VAL C 68 32.55 30.98 -7.82
CA VAL C 68 31.35 31.24 -8.60
C VAL C 68 31.56 30.55 -9.95
N LYS C 69 30.77 29.50 -10.22
CA LYS C 69 31.05 28.60 -11.33
C LYS C 69 31.02 29.27 -12.71
N GLU C 70 30.06 30.17 -12.90
CA GLU C 70 29.93 30.93 -14.14
C GLU C 70 29.73 32.39 -13.84
N ASP C 71 30.04 33.26 -14.81
CA ASP C 71 29.84 34.70 -14.65
C ASP C 71 28.35 35.05 -14.53
N ASP C 72 27.76 34.80 -13.37
CA ASP C 72 26.30 34.79 -13.22
C ASP C 72 25.88 35.44 -11.91
N VAL C 73 25.04 36.48 -11.98
CA VAL C 73 24.64 37.23 -10.79
C VAL C 73 23.92 36.35 -9.76
N HIS C 74 23.19 35.34 -10.24
CA HIS C 74 22.51 34.44 -9.34
C HIS C 74 23.47 33.56 -8.56
N LEU C 75 24.52 33.10 -9.23
CA LEU C 75 25.53 32.30 -8.56
C LEU C 75 26.33 33.16 -7.58
N LEU C 76 26.52 34.43 -7.94
CA LEU C 76 27.17 35.37 -7.03
C LEU C 76 26.39 35.50 -5.73
N ARG C 77 25.08 35.71 -5.83
CA ARG C 77 24.21 35.75 -4.67
C ARG C 77 24.36 34.49 -3.80
N GLU C 78 24.44 33.33 -4.45
CA GLU C 78 24.58 32.07 -3.75
C GLU C 78 25.92 31.95 -3.02
N SER C 79 27.00 32.36 -3.70
CA SER C 79 28.34 32.26 -3.11
C SER C 79 28.52 33.20 -1.94
N ALA C 80 27.95 34.39 -2.03
CA ALA C 80 27.99 35.37 -0.94
C ALA C 80 27.39 34.79 0.33
N CYS C 81 26.27 34.09 0.17
CA CYS C 81 25.58 33.47 1.29
C CYS C 81 26.45 32.36 1.89
N LEU C 82 26.96 31.47 1.03
CA LEU C 82 27.85 30.39 1.47
C LEU C 82 29.10 30.92 2.18
N ALA C 83 29.62 32.05 1.70
CA ALA C 83 30.79 32.65 2.33
C ALA C 83 30.48 33.05 3.77
N VAL C 84 29.37 33.77 3.96
CA VAL C 84 29.01 34.25 5.29
C VAL C 84 28.67 33.10 6.22
N ARG C 85 28.03 32.06 5.68
CA ARG C 85 27.76 30.86 6.46
C ARG C 85 29.06 30.25 6.97
N THR C 86 30.06 30.21 6.09
CA THR C 86 31.38 29.70 6.45
C THR C 86 31.99 30.55 7.56
N LEU C 87 32.02 31.86 7.33
CA LEU C 87 32.63 32.80 8.25
C LEU C 87 31.91 32.86 9.59
N LYS C 88 30.63 32.56 9.60
CA LYS C 88 29.81 32.62 10.81
C LYS C 88 30.30 31.62 11.87
N LYS C 89 30.95 30.56 11.41
CA LYS C 89 31.49 29.51 12.28
C LYS C 89 32.81 29.93 12.88
N LEU C 90 33.35 31.05 12.40
CA LEU C 90 34.71 31.46 12.77
C LEU C 90 34.74 32.56 13.81
N ALA C 91 35.92 33.12 14.05
CA ALA C 91 36.10 34.06 15.14
C ALA C 91 36.45 35.46 14.66
N PHE C 92 36.20 35.74 13.37
CA PHE C 92 36.43 37.06 12.81
C PHE C 92 35.19 37.93 12.95
N LYS C 93 35.35 39.12 13.52
CA LYS C 93 34.21 39.98 13.79
C LYS C 93 33.76 40.72 12.52
N SER C 94 34.67 40.83 11.56
CA SER C 94 34.40 41.60 10.35
C SER C 94 35.08 41.00 9.13
N VAL C 95 34.46 41.21 7.98
CA VAL C 95 35.02 40.75 6.71
C VAL C 95 34.98 41.88 5.67
N LYS C 96 35.96 41.90 4.77
CA LYS C 96 36.04 42.91 3.73
C LYS C 96 35.80 42.30 2.34
N VAL C 97 35.09 43.02 1.49
CA VAL C 97 34.77 42.53 0.15
C VAL C 97 34.66 43.66 -0.87
N GLY C 98 35.15 43.41 -2.09
CA GLY C 98 35.00 44.35 -3.17
C GLY C 98 33.70 44.21 -3.94
N VAL C 99 33.51 45.05 -4.95
CA VAL C 99 32.28 45.07 -5.73
C VAL C 99 32.39 44.23 -7.01
N TYR C 100 31.46 43.29 -7.17
CA TYR C 100 31.50 42.37 -8.28
C TYR C 100 30.38 42.67 -9.27
N THR C 101 30.68 42.53 -10.55
CA THR C 101 29.68 42.76 -11.60
C THR C 101 29.62 41.57 -12.55
N CYS C 102 29.02 40.47 -12.08
CA CYS C 102 28.81 39.28 -12.91
C CYS C 102 27.71 39.51 -13.94
N GLY C 103 27.49 38.50 -14.79
CA GLY C 103 26.49 38.60 -15.85
C GLY C 103 25.07 38.74 -15.33
N ALA C 104 24.44 39.87 -15.64
CA ALA C 104 23.08 40.12 -15.17
C ALA C 104 22.07 39.97 -16.30
N ASN C 109 19.55 47.67 -15.19
CA ASN C 109 20.85 48.08 -14.69
C ASN C 109 21.62 46.91 -14.10
N ALA C 110 22.73 46.54 -14.75
CA ALA C 110 23.53 45.41 -14.32
C ALA C 110 24.15 45.65 -12.95
N LEU C 111 24.72 46.83 -12.77
CA LEU C 111 25.46 47.15 -11.55
C LEU C 111 24.58 47.04 -10.30
N LEU C 112 23.40 47.65 -10.35
CA LEU C 112 22.50 47.63 -9.21
C LEU C 112 22.07 46.21 -8.89
N GLU C 113 21.77 45.44 -9.92
CA GLU C 113 21.42 44.03 -9.78
C GLU C 113 22.51 43.25 -9.03
N ASN C 114 23.75 43.39 -9.49
CA ASN C 114 24.88 42.71 -8.85
C ASN C 114 25.14 43.16 -7.41
N LEU C 115 24.92 44.45 -7.13
CA LEU C 115 25.10 44.96 -5.77
C LEU C 115 24.00 44.45 -4.85
N LYS C 116 22.78 44.35 -5.37
CA LYS C 116 21.68 43.79 -4.59
C LYS C 116 21.96 42.33 -4.29
N ALA C 117 22.44 41.58 -5.28
CA ALA C 117 22.72 40.16 -5.11
C ALA C 117 23.82 39.93 -4.06
N LEU C 118 24.83 40.79 -4.07
CA LEU C 118 25.93 40.69 -3.13
C LEU C 118 25.47 41.00 -1.71
N PHE C 119 24.77 42.10 -1.53
CA PHE C 119 24.40 42.50 -0.17
C PHE C 119 23.32 41.59 0.40
N LEU C 120 22.38 41.16 -0.44
CA LEU C 120 21.36 40.22 -0.01
C LEU C 120 22.00 38.88 0.35
N GLY C 121 22.79 38.34 -0.58
CA GLY C 121 23.48 37.08 -0.39
C GLY C 121 24.24 37.04 0.93
N LEU C 122 25.11 38.02 1.14
CA LEU C 122 25.85 38.15 2.40
C LEU C 122 24.95 38.10 3.63
N LYS C 123 23.87 38.89 3.64
CA LYS C 123 23.05 39.02 4.85
C LYS C 123 22.31 37.72 5.13
N LEU C 124 21.90 37.04 4.06
CA LEU C 124 21.13 35.83 4.20
C LEU C 124 22.01 34.68 4.72
N GLY C 125 23.32 34.85 4.60
CA GLY C 125 24.25 33.84 5.11
C GLY C 125 24.21 33.63 6.61
N LEU C 126 23.64 34.57 7.36
CA LEU C 126 23.58 34.43 8.81
C LEU C 126 22.35 33.66 9.29
N TYR C 127 21.31 33.55 8.46
CA TYR C 127 20.07 32.96 8.95
C TYR C 127 20.17 31.45 9.10
N GLU C 128 19.71 30.94 10.24
CA GLU C 128 19.35 29.53 10.37
C GLU C 128 18.28 29.46 11.45
N TYR C 129 17.38 28.49 11.36
CA TYR C 129 16.33 28.39 12.35
C TYR C 129 16.84 27.56 13.53
N ASP C 130 17.52 28.21 14.47
CA ASP C 130 18.19 27.50 15.55
C ASP C 130 17.62 27.86 16.92
N THR C 131 16.46 28.47 16.95
CA THR C 131 15.82 28.90 18.19
CA THR C 131 15.90 28.92 18.23
C THR C 131 15.70 27.76 19.21
N PHE C 132 15.46 26.55 18.72
CA PHE C 132 15.25 25.45 19.67
C PHE C 132 16.50 24.66 19.93
N LYS C 133 17.61 25.07 19.32
CA LYS C 133 18.89 24.40 19.56
C LYS C 133 19.52 24.84 20.89
N SER C 134 19.78 23.89 21.79
CA SER C 134 20.44 24.20 23.07
C SER C 134 21.91 24.60 22.91
N ASN C 135 22.53 24.17 21.82
CA ASN C 135 23.94 24.46 21.53
C ASN C 135 24.14 25.74 20.70
N LYS C 136 23.06 26.49 20.50
CA LYS C 136 23.12 27.69 19.67
C LYS C 136 24.05 28.72 20.28
N LYS C 137 24.81 29.38 19.44
CA LYS C 137 25.78 30.37 19.92
C LYS C 137 25.70 31.64 19.11
N GLU C 138 26.00 32.76 19.76
CA GLU C 138 26.05 34.03 19.05
C GLU C 138 27.23 34.01 18.10
N SER C 139 26.99 34.41 16.86
CA SER C 139 28.07 34.61 15.90
C SER C 139 28.89 35.83 16.31
N VAL C 140 30.19 35.81 16.06
CA VAL C 140 30.98 37.00 16.33
C VAL C 140 31.16 37.81 15.04
N LEU C 141 30.86 37.19 13.90
CA LEU C 141 30.81 37.92 12.66
C LEU C 141 29.64 38.89 12.69
N LYS C 142 29.94 40.17 12.71
CA LYS C 142 28.89 41.18 12.88
C LYS C 142 28.73 42.10 11.68
N GLU C 143 29.79 42.29 10.91
CA GLU C 143 29.75 43.27 9.84
C GLU C 143 30.59 42.91 8.64
N ALA C 144 30.17 43.40 7.49
CA ALA C 144 30.94 43.29 6.27
C ALA C 144 31.30 44.69 5.80
N ILE C 145 32.57 44.88 5.49
CA ILE C 145 33.02 46.16 4.96
C ILE C 145 33.10 46.05 3.45
N VAL C 146 32.20 46.76 2.77
CA VAL C 146 32.21 46.74 1.32
C VAL C 146 33.09 47.90 0.82
N ALA C 147 34.21 47.55 0.22
CA ALA C 147 35.08 48.55 -0.42
C ALA C 147 34.52 48.90 -1.77
N LEU C 148 34.16 50.16 -1.96
CA LEU C 148 33.57 50.60 -3.22
C LEU C 148 34.62 50.68 -4.32
N GLU C 149 35.08 49.49 -4.73
CA GLU C 149 36.04 49.35 -5.80
C GLU C 149 35.68 48.14 -6.66
N LEU C 150 35.53 48.36 -7.96
CA LEU C 150 35.14 47.29 -8.88
C LEU C 150 36.23 46.24 -9.02
N HIS C 151 35.82 44.98 -9.02
CA HIS C 151 36.68 43.83 -9.24
C HIS C 151 37.06 43.76 -10.72
N LYS C 152 36.14 44.22 -11.57
CA LYS C 152 36.41 44.36 -12.99
C LYS C 152 35.73 45.60 -13.56
N SER C 161 27.79 56.07 -11.16
CA SER C 161 27.48 56.46 -9.79
C SER C 161 27.46 55.23 -8.86
N LEU C 162 28.64 54.70 -8.58
CA LEU C 162 28.78 53.45 -7.82
C LEU C 162 28.26 53.58 -6.39
N GLU C 163 28.57 54.70 -5.75
CA GLU C 163 28.15 54.92 -4.37
C GLU C 163 26.63 55.03 -4.23
N LYS C 164 25.97 55.68 -5.19
CA LYS C 164 24.52 55.81 -5.13
C LYS C 164 23.84 54.46 -5.36
N SER C 165 24.36 53.69 -6.33
CA SER C 165 23.86 52.35 -6.58
C SER C 165 24.05 51.43 -5.37
N ALA C 166 25.20 51.53 -4.71
CA ALA C 166 25.46 50.72 -3.51
C ALA C 166 24.50 51.07 -2.38
N LYS C 167 24.19 52.35 -2.23
CA LYS C 167 23.28 52.78 -1.17
C LYS C 167 21.88 52.25 -1.42
N GLU C 168 21.45 52.35 -2.69
CA GLU C 168 20.15 51.84 -3.09
C GLU C 168 20.07 50.32 -2.92
N ALA C 169 21.11 49.62 -3.37
CA ALA C 169 21.17 48.17 -3.23
C ALA C 169 21.15 47.77 -1.76
N LEU C 170 21.79 48.60 -0.94
CA LEU C 170 21.85 48.35 0.49
C LEU C 170 20.49 48.50 1.13
N LYS C 171 19.74 49.52 0.69
CA LYS C 171 18.41 49.73 1.23
C LYS C 171 17.54 48.49 0.97
N TYR C 172 17.51 48.06 -0.28
CA TYR C 172 16.82 46.83 -0.67
C TYR C 172 17.21 45.65 0.20
N ALA C 173 18.52 45.42 0.29
CA ALA C 173 19.05 44.25 0.97
C ALA C 173 18.64 44.23 2.43
N GLU C 174 18.62 45.39 3.07
CA GLU C 174 18.21 45.49 4.45
C GLU C 174 16.73 45.17 4.61
N ILE C 175 15.89 45.78 3.75
CA ILE C 175 14.45 45.59 3.83
C ILE C 175 14.05 44.16 3.46
N MET C 176 14.69 43.62 2.44
CA MET C 176 14.32 42.28 1.97
C MET C 176 14.81 41.20 2.95
N THR C 177 15.98 41.41 3.55
CA THR C 177 16.48 40.45 4.52
C THR C 177 15.53 40.41 5.72
N GLU C 178 15.16 41.59 6.20
CA GLU C 178 14.24 41.68 7.33
C GLU C 178 12.91 41.00 7.00
N SER C 179 12.44 41.25 5.78
CA SER C 179 11.14 40.77 5.35
C SER C 179 11.12 39.25 5.19
N LEU C 180 12.15 38.73 4.52
CA LEU C 180 12.33 37.29 4.38
C LEU C 180 12.45 36.60 5.74
N ASN C 181 13.31 37.11 6.61
CA ASN C 181 13.44 36.49 7.91
C ASN C 181 12.17 36.60 8.78
N ILE C 182 11.35 37.62 8.58
CA ILE C 182 10.03 37.67 9.21
C ILE C 182 9.19 36.48 8.74
N VAL C 183 9.19 36.27 7.42
CA VAL C 183 8.42 35.15 6.86
C VAL C 183 8.96 33.78 7.28
N LYS C 184 10.29 33.61 7.24
CA LYS C 184 10.89 32.32 7.59
C LYS C 184 10.73 31.99 9.06
N ASP C 185 10.88 33.00 9.92
CA ASP C 185 10.63 32.78 11.34
C ASP C 185 9.20 32.32 11.62
N LEU C 186 8.24 32.92 10.92
CA LEU C 186 6.84 32.52 11.08
C LEU C 186 6.60 31.12 10.55
N VAL C 187 6.93 30.88 9.28
CA VAL C 187 6.73 29.55 8.69
C VAL C 187 7.44 28.45 9.51
N ASN C 188 8.66 28.73 9.96
CA ASN C 188 9.42 27.76 10.77
C ASN C 188 8.84 27.48 12.14
N THR C 189 7.99 28.37 12.64
CA THR C 189 7.42 28.20 13.98
C THR C 189 6.53 26.96 14.05
N PRO C 190 6.79 26.06 15.03
CA PRO C 190 6.04 24.80 15.15
C PRO C 190 4.56 25.07 15.46
N PRO C 191 3.66 24.13 15.10
CA PRO C 191 2.23 24.41 15.02
C PRO C 191 1.49 24.64 16.34
N MET C 192 1.95 24.03 17.43
CA MET C 192 1.33 24.25 18.74
C MET C 192 1.48 25.70 19.16
N ILE C 193 2.56 26.33 18.68
CA ILE C 193 2.85 27.76 18.92
C ILE C 193 2.29 28.67 17.81
N GLY C 194 2.59 28.32 16.56
CA GLY C 194 2.23 29.14 15.42
C GLY C 194 0.80 28.90 14.98
N THR C 195 -0.14 29.27 15.84
CA THR C 195 -1.57 29.17 15.57
C THR C 195 -2.06 30.31 14.68
N PRO C 196 -3.34 30.29 14.29
CA PRO C 196 -3.87 31.45 13.58
C PRO C 196 -3.79 32.74 14.42
N VAL C 197 -4.06 32.65 15.71
CA VAL C 197 -3.92 33.82 16.57
C VAL C 197 -2.48 34.33 16.51
N TYR C 198 -1.52 33.41 16.54
CA TYR C 198 -0.11 33.79 16.44
C TYR C 198 0.21 34.52 15.13
N MET C 199 -0.32 34.01 14.00
CA MET C 199 -0.14 34.68 12.72
C MET C 199 -0.63 36.13 12.80
N ALA C 200 -1.79 36.31 13.43
CA ALA C 200 -2.40 37.61 13.61
C ALA C 200 -1.51 38.53 14.44
N GLU C 201 -0.87 37.96 15.47
CA GLU C 201 0.04 38.72 16.32
C GLU C 201 1.27 39.16 15.54
N VAL C 202 1.77 38.30 14.66
CA VAL C 202 2.90 38.68 13.81
C VAL C 202 2.49 39.78 12.84
N ALA C 203 1.26 39.68 12.32
CA ALA C 203 0.74 40.72 11.43
C ALA C 203 0.54 42.04 12.18
N GLN C 204 0.05 41.95 13.42
CA GLN C 204 -0.10 43.15 14.25
C GLN C 204 1.24 43.86 14.42
N LYS C 205 2.31 43.10 14.66
CA LYS C 205 3.62 43.71 14.87
C LYS C 205 4.11 44.39 13.60
N VAL C 206 3.89 43.76 12.45
CA VAL C 206 4.29 44.35 11.18
C VAL C 206 3.48 45.61 10.91
N ALA C 207 2.22 45.61 11.33
CA ALA C 207 1.36 46.77 11.12
C ALA C 207 1.76 47.93 12.02
N LYS C 208 2.06 47.62 13.28
CA LYS C 208 2.50 48.64 14.22
C LYS C 208 3.83 49.24 13.76
N GLU C 209 4.72 48.39 13.27
CA GLU C 209 6.05 48.81 12.84
C GLU C 209 6.00 49.75 11.64
N ASN C 210 5.07 49.49 10.72
CA ASN C 210 4.96 50.27 9.50
C ASN C 210 3.77 51.23 9.49
N HIS C 211 3.11 51.37 10.65
CA HIS C 211 1.91 52.19 10.77
C HIS C 211 0.85 51.83 9.73
N LEU C 212 0.53 50.54 9.64
CA LEU C 212 -0.47 50.09 8.70
C LEU C 212 -1.83 49.98 9.34
N GLU C 213 -2.87 50.13 8.53
CA GLU C 213 -4.20 49.75 8.94
C GLU C 213 -4.25 48.23 9.04
N ILE C 214 -4.85 47.70 10.10
CA ILE C 214 -5.02 46.27 10.21
C ILE C 214 -6.36 45.90 10.81
N HIS C 215 -7.00 44.90 10.22
CA HIS C 215 -8.23 44.34 10.73
C HIS C 215 -8.04 42.84 10.92
N VAL C 216 -8.41 42.33 12.09
CA VAL C 216 -8.33 40.91 12.37
C VAL C 216 -9.72 40.38 12.71
N HIS C 217 -10.30 39.62 11.78
CA HIS C 217 -11.65 39.10 11.94
C HIS C 217 -11.65 37.66 12.45
N ASP C 218 -12.70 37.27 13.17
CA ASP C 218 -12.81 35.89 13.62
C ASP C 218 -13.99 35.16 12.97
N GLU C 219 -14.37 34.05 13.59
CA GLU C 219 -15.42 33.20 13.05
C GLU C 219 -16.78 33.91 12.99
N LYS C 220 -17.02 34.88 13.86
CA LYS C 220 -18.29 35.59 13.82
C LYS C 220 -18.42 36.43 12.55
N PHE C 221 -17.33 37.07 12.16
CA PHE C 221 -17.28 37.84 10.90
C PHE C 221 -17.43 36.92 9.70
N LEU C 222 -16.72 35.79 9.73
CA LEU C 222 -16.83 34.78 8.68
C LEU C 222 -18.30 34.37 8.47
N GLU C 223 -18.97 34.03 9.57
CA GLU C 223 -20.39 33.68 9.53
C GLU C 223 -21.21 34.78 8.90
N GLU C 224 -20.95 36.02 9.31
CA GLU C 224 -21.68 37.17 8.81
C GLU C 224 -21.49 37.34 7.29
N LYS C 225 -20.26 37.16 6.84
CA LYS C 225 -19.96 37.31 5.42
C LYS C 225 -20.25 36.02 4.63
N LYS C 226 -20.84 35.04 5.30
CA LYS C 226 -21.23 33.78 4.68
C LYS C 226 -20.05 33.05 4.03
N MET C 227 -18.88 33.13 4.66
CA MET C 227 -17.70 32.46 4.15
C MET C 227 -17.69 31.01 4.66
N ASN C 228 -18.63 30.21 4.17
CA ASN C 228 -18.86 28.87 4.69
C ASN C 228 -17.82 27.85 4.25
N ALA C 229 -17.08 28.15 3.18
CA ALA C 229 -16.00 27.27 2.76
C ALA C 229 -14.83 27.36 3.75
N PHE C 230 -14.37 28.58 4.04
CA PHE C 230 -13.39 28.87 5.09
C PHE C 230 -13.81 28.26 6.43
N LEU C 231 -15.04 28.52 6.85
CA LEU C 231 -15.53 28.02 8.13
C LEU C 231 -15.48 26.49 8.21
N ALA C 232 -15.88 25.83 7.13
CA ALA C 232 -15.89 24.37 7.12
C ALA C 232 -14.53 23.76 7.47
N VAL C 233 -13.47 24.31 6.90
CA VAL C 233 -12.13 23.80 7.12
C VAL C 233 -11.77 23.92 8.61
N ASN C 234 -12.24 25.00 9.25
CA ASN C 234 -11.93 25.27 10.66
C ASN C 234 -12.79 24.49 11.66
N LYS C 235 -13.92 23.93 11.23
CA LYS C 235 -14.89 23.33 12.15
C LYS C 235 -14.32 22.28 13.11
N ALA C 236 -13.39 21.46 12.65
CA ALA C 236 -12.82 20.44 13.53
C ALA C 236 -12.12 21.05 14.73
N SER C 237 -11.45 22.18 14.51
CA SER C 237 -10.57 22.75 15.52
C SER C 237 -11.05 24.10 16.05
N LEU C 238 -12.26 24.52 15.67
CA LEU C 238 -12.80 25.81 16.10
C LEU C 238 -12.70 26.02 17.62
N SER C 239 -13.09 25.03 18.40
CA SER C 239 -13.08 25.20 19.86
C SER C 239 -11.66 25.19 20.43
N VAL C 240 -10.67 24.81 19.62
CA VAL C 240 -9.27 24.81 20.08
C VAL C 240 -8.53 26.04 19.59
N ASN C 241 -8.47 26.22 18.26
CA ASN C 241 -7.84 27.37 17.67
C ASN C 241 -8.80 27.99 16.65
N PRO C 242 -9.52 29.04 17.07
CA PRO C 242 -10.45 29.73 16.16
C PRO C 242 -9.72 30.35 14.99
N PRO C 243 -10.42 30.53 13.86
CA PRO C 243 -9.85 31.08 12.62
C PRO C 243 -9.61 32.58 12.72
N ARG C 244 -8.69 33.08 11.91
CA ARG C 244 -8.48 34.50 11.80
C ARG C 244 -8.42 34.90 10.32
N LEU C 245 -9.22 35.89 9.95
CA LEU C 245 -9.06 36.53 8.66
C LEU C 245 -8.28 37.82 8.89
N ILE C 246 -7.03 37.83 8.42
CA ILE C 246 -6.15 38.97 8.66
C ILE C 246 -6.15 39.88 7.45
N HIS C 247 -6.33 41.18 7.67
CA HIS C 247 -6.41 42.16 6.60
C HIS C 247 -5.52 43.37 6.89
N LEU C 248 -4.37 43.44 6.23
CA LEU C 248 -3.43 44.56 6.36
C LEU C 248 -3.62 45.55 5.23
N VAL C 249 -3.52 46.84 5.50
CA VAL C 249 -3.62 47.84 4.44
C VAL C 249 -2.48 48.83 4.48
N TYR C 250 -1.72 48.91 3.39
CA TYR C 250 -0.72 49.94 3.23
C TYR C 250 -1.25 50.99 2.25
N LYS C 251 -1.29 52.25 2.71
CA LYS C 251 -1.88 53.33 1.92
C LYS C 251 -0.95 54.52 1.78
N PRO C 252 -0.16 54.55 0.70
CA PRO C 252 0.83 55.62 0.49
C PRO C 252 0.15 56.94 0.14
N LYS C 253 0.93 58.01 0.05
CA LYS C 253 0.40 59.30 -0.34
C LYS C 253 -0.03 59.27 -1.80
N LYS C 254 0.78 58.67 -2.66
CA LYS C 254 0.43 58.53 -4.07
C LYS C 254 0.24 57.05 -4.40
N ALA C 255 -0.97 56.69 -4.82
CA ALA C 255 -1.27 55.30 -5.13
C ALA C 255 -1.69 55.13 -6.59
N LYS C 256 -0.78 54.62 -7.41
CA LYS C 256 -1.06 54.42 -8.83
C LYS C 256 -1.91 53.18 -9.11
N LYS C 257 -1.91 52.24 -8.18
CA LYS C 257 -2.67 51.00 -8.33
C LYS C 257 -3.16 50.52 -6.97
N LYS C 258 -4.24 49.73 -6.99
CA LYS C 258 -4.68 49.04 -5.79
C LYS C 258 -4.43 47.55 -5.99
N ILE C 259 -3.69 46.96 -5.06
CA ILE C 259 -3.24 45.58 -5.21
C ILE C 259 -3.64 44.75 -4.01
N ALA C 260 -4.32 43.64 -4.28
CA ALA C 260 -4.74 42.69 -3.24
C ALA C 260 -3.84 41.47 -3.30
N LEU C 261 -3.19 41.17 -2.19
CA LEU C 261 -2.33 40.02 -2.05
C LEU C 261 -3.00 39.04 -1.09
N VAL C 262 -3.32 37.84 -1.57
CA VAL C 262 -4.12 36.90 -0.78
C VAL C 262 -3.33 35.62 -0.44
N GLY C 263 -3.27 35.27 0.85
CA GLY C 263 -2.42 34.18 1.28
C GLY C 263 -3.15 33.06 2.02
N LYS C 264 -2.84 31.81 1.66
CA LYS C 264 -3.30 30.64 2.40
C LYS C 264 -2.50 30.55 3.69
N GLY C 265 -3.18 30.69 4.83
CA GLY C 265 -2.52 30.61 6.13
C GLY C 265 -2.92 29.37 6.91
N LEU C 266 -2.61 28.20 6.35
CA LEU C 266 -2.97 26.96 7.01
C LEU C 266 -1.86 26.64 7.98
N THR C 267 -2.07 26.97 9.25
CA THR C 267 -1.03 26.86 10.27
C THR C 267 -0.72 25.41 10.60
N TYR C 268 -1.69 24.53 10.36
CA TYR C 268 -1.37 23.11 10.27
C TYR C 268 -2.41 22.40 9.41
N ASP C 269 -1.92 21.45 8.62
CA ASP C 269 -2.76 20.68 7.72
C ASP C 269 -2.51 19.20 7.88
N CYS C 270 -3.37 18.52 8.64
CA CYS C 270 -3.25 17.08 8.84
C CYS C 270 -4.05 16.33 7.78
N GLY C 271 -4.77 17.05 6.95
CA GLY C 271 -5.57 16.44 5.90
C GLY C 271 -7.05 16.41 6.26
N GLY C 272 -7.35 16.61 7.55
CA GLY C 272 -8.69 16.45 8.08
C GLY C 272 -9.08 14.97 8.10
N LEU C 273 -10.37 14.69 7.96
CA LEU C 273 -10.84 13.30 7.93
C LEU C 273 -10.12 12.50 6.84
N SER C 274 -9.82 13.14 5.71
CA SER C 274 -8.97 12.55 4.67
C SER C 274 -7.52 12.67 5.13
N LEU C 275 -7.21 11.93 6.20
CA LEU C 275 -5.95 12.04 6.93
C LEU C 275 -4.73 11.77 6.06
N LYS C 276 -3.73 12.65 6.17
CA LYS C 276 -2.44 12.43 5.51
C LYS C 276 -1.67 11.29 6.15
N PRO C 277 -0.91 10.54 5.34
CA PRO C 277 0.02 9.56 5.91
C PRO C 277 1.14 10.30 6.67
N ALA C 278 1.69 9.64 7.70
CA ALA C 278 2.69 10.27 8.55
C ALA C 278 3.84 10.89 7.78
N ASP C 279 4.30 10.21 6.73
CA ASP C 279 5.43 10.68 5.94
CA ASP C 279 5.46 10.70 5.99
C ASP C 279 5.13 11.94 5.16
N TYR C 280 3.83 12.25 5.01
CA TYR C 280 3.44 13.44 4.26
C TYR C 280 2.93 14.55 5.16
N MET C 281 2.62 14.23 6.41
CA MET C 281 2.10 15.22 7.33
C MET C 281 3.22 16.06 7.95
N VAL C 282 4.38 15.46 8.19
CA VAL C 282 5.54 16.22 8.65
C VAL C 282 5.84 17.36 7.63
N THR C 283 6.28 18.52 8.13
CA THR C 283 6.46 19.81 7.39
C THR C 283 5.17 20.62 7.10
N MET C 284 4.00 20.14 7.53
CA MET C 284 2.78 20.88 7.19
C MET C 284 2.54 22.11 8.09
N LYS C 285 3.46 22.34 9.04
CA LYS C 285 3.52 23.63 9.73
C LYS C 285 3.76 24.73 8.70
N ALA C 286 4.31 24.33 7.56
CA ALA C 286 4.69 25.27 6.50
C ALA C 286 3.55 25.53 5.52
N ASP C 287 2.38 24.97 5.82
CA ASP C 287 1.21 25.22 4.97
C ASP C 287 0.68 26.65 5.17
N LYS C 288 1.30 27.40 6.07
CA LYS C 288 0.98 28.81 6.23
C LYS C 288 1.97 29.65 5.43
N GLY C 289 2.69 29.01 4.51
CA GLY C 289 3.70 29.71 3.72
C GLY C 289 3.20 30.87 2.86
N GLY C 290 2.02 30.70 2.29
CA GLY C 290 1.44 31.70 1.42
C GLY C 290 1.00 32.93 2.20
N GLY C 291 0.22 32.70 3.26
CA GLY C 291 -0.21 33.76 4.16
C GLY C 291 0.98 34.48 4.78
N SER C 292 2.04 33.73 5.07
CA SER C 292 3.22 34.32 5.72
C SER C 292 3.95 35.22 4.74
N ALA C 293 4.06 34.77 3.49
CA ALA C 293 4.71 35.55 2.46
C ALA C 293 3.98 36.90 2.31
N VAL C 294 2.65 36.88 2.41
CA VAL C 294 1.87 38.11 2.27
C VAL C 294 2.20 39.11 3.39
N ILE C 295 2.25 38.62 4.63
CA ILE C 295 2.66 39.44 5.77
C ILE C 295 4.04 40.05 5.56
N GLY C 296 5.01 39.24 5.13
CA GLY C 296 6.34 39.74 4.79
C GLY C 296 6.35 40.74 3.63
N LEU C 297 5.49 40.50 2.64
CA LEU C 297 5.33 41.42 1.53
C LEU C 297 4.81 42.81 1.94
N LEU C 298 3.90 42.87 2.90
CA LEU C 298 3.40 44.17 3.36
C LEU C 298 4.52 44.94 4.06
N ASN C 299 5.35 44.25 4.82
CA ASN C 299 6.50 44.88 5.43
C ASN C 299 7.44 45.47 4.38
N ALA C 300 7.74 44.69 3.35
CA ALA C 300 8.73 45.09 2.34
C ALA C 300 8.24 46.26 1.49
N LEU C 301 7.01 46.14 0.99
CA LEU C 301 6.46 47.13 0.07
C LEU C 301 6.23 48.48 0.78
N ALA C 302 5.85 48.42 2.06
CA ALA C 302 5.70 49.61 2.87
C ALA C 302 7.06 50.27 3.16
N LYS C 303 8.06 49.46 3.52
CA LYS C 303 9.38 50.02 3.78
C LYS C 303 10.09 50.45 2.50
N LEU C 304 9.76 49.82 1.37
CA LEU C 304 10.30 50.32 0.10
C LEU C 304 9.50 51.53 -0.37
N GLY C 305 8.36 51.77 0.28
CA GLY C 305 7.52 52.92 -0.01
C GLY C 305 6.97 52.95 -1.42
N VAL C 306 6.47 51.80 -1.91
CA VAL C 306 5.95 51.75 -3.27
C VAL C 306 4.70 52.61 -3.37
N GLU C 307 4.46 53.14 -4.57
CA GLU C 307 3.30 53.99 -4.80
C GLU C 307 2.11 53.16 -5.24
N ALA C 308 1.59 52.38 -4.30
CA ALA C 308 0.44 51.53 -4.55
C ALA C 308 -0.25 51.27 -3.24
N GLU C 309 -1.57 51.24 -3.28
CA GLU C 309 -2.32 50.81 -2.12
C GLU C 309 -2.31 49.29 -2.12
N VAL C 310 -1.74 48.70 -1.09
CA VAL C 310 -1.59 47.26 -1.03
C VAL C 310 -2.39 46.64 0.12
N HIS C 311 -3.23 45.67 -0.21
CA HIS C 311 -3.98 44.95 0.80
C HIS C 311 -3.42 43.54 0.98
N GLY C 312 -3.18 43.15 2.21
CA GLY C 312 -2.68 41.82 2.51
C GLY C 312 -3.78 41.07 3.21
N ILE C 313 -4.23 39.98 2.60
CA ILE C 313 -5.36 39.23 3.13
C ILE C 313 -4.93 37.78 3.40
N ILE C 314 -5.11 37.34 4.64
CA ILE C 314 -4.66 36.03 5.04
C ILE C 314 -5.79 35.26 5.70
N GLY C 315 -6.11 34.10 5.16
CA GLY C 315 -7.12 33.26 5.78
C GLY C 315 -6.35 32.26 6.62
N ALA C 316 -6.43 32.38 7.94
CA ALA C 316 -5.64 31.51 8.83
C ALA C 316 -6.53 30.56 9.62
N THR C 317 -6.23 29.27 9.50
CA THR C 317 -6.90 28.21 10.25
C THR C 317 -6.04 26.96 10.21
N GLU C 318 -6.33 26.00 11.07
CA GLU C 318 -5.78 24.68 10.85
C GLU C 318 -6.81 23.84 10.11
N ASN C 319 -6.35 22.73 9.53
CA ASN C 319 -7.22 21.68 8.96
C ASN C 319 -6.99 20.43 9.80
N MET C 320 -7.84 20.23 10.82
CA MET C 320 -7.64 19.17 11.79
C MET C 320 -8.67 18.05 11.65
N ILE C 321 -8.52 17.02 12.46
CA ILE C 321 -9.43 15.90 12.41
C ILE C 321 -10.07 15.79 13.79
N GLY C 322 -11.34 15.41 13.80
CA GLY C 322 -12.09 15.30 15.03
C GLY C 322 -13.57 15.10 14.72
N PRO C 323 -14.38 14.98 15.78
CA PRO C 323 -15.80 14.66 15.62
C PRO C 323 -16.63 15.75 14.94
N ALA C 324 -16.15 17.00 14.89
CA ALA C 324 -16.89 18.08 14.23
C ALA C 324 -16.33 18.44 12.86
N ALA C 325 -15.35 17.67 12.38
CA ALA C 325 -14.70 18.01 11.11
C ALA C 325 -15.69 18.01 9.93
N TYR C 326 -15.37 18.83 8.89
CA TYR C 326 -16.18 18.81 7.68
C TYR C 326 -15.77 17.55 6.92
N LYS C 327 -16.63 17.08 6.03
CA LYS C 327 -16.53 15.69 5.56
C LYS C 327 -16.51 15.57 4.05
N PRO C 328 -15.85 14.52 3.53
CA PRO C 328 -16.18 14.13 2.15
C PRO C 328 -17.70 13.89 2.06
N ASP C 329 -18.35 14.47 1.03
CA ASP C 329 -19.80 14.53 0.79
C ASP C 329 -20.46 15.82 1.29
N ASP C 330 -19.74 16.64 2.07
CA ASP C 330 -20.32 17.92 2.47
C ASP C 330 -20.41 18.79 1.22
N ILE C 331 -21.48 19.57 1.18
CA ILE C 331 -21.72 20.51 0.11
C ILE C 331 -21.91 21.91 0.71
N LEU C 332 -20.92 22.73 0.44
CA LEU C 332 -20.69 24.02 1.05
C LEU C 332 -21.10 25.15 0.10
N ILE C 333 -21.75 26.17 0.63
CA ILE C 333 -22.11 27.32 -0.12
C ILE C 333 -21.03 28.41 0.06
N SER C 334 -20.24 28.65 -0.96
CA SER C 334 -19.25 29.69 -0.93
C SER C 334 -19.84 31.09 -0.74
N LYS C 335 -18.98 32.02 -0.31
CA LYS C 335 -19.36 33.43 -0.24
C LYS C 335 -19.87 33.94 -1.59
N GLU C 336 -19.20 33.56 -2.67
CA GLU C 336 -19.63 34.00 -3.99
C GLU C 336 -20.98 33.44 -4.38
N GLY C 337 -21.29 32.28 -3.82
CA GLY C 337 -22.56 31.68 -3.91
C GLY C 337 -22.61 30.30 -4.54
N LYS C 338 -21.52 29.93 -5.19
CA LYS C 338 -21.37 28.64 -5.77
C LYS C 338 -21.28 27.55 -4.72
N SER C 339 -21.91 26.42 -4.97
CA SER C 339 -21.89 25.31 -4.07
C SER C 339 -20.67 24.41 -4.39
N ILE C 340 -20.05 23.84 -3.37
CA ILE C 340 -18.85 23.04 -3.51
C ILE C 340 -19.07 21.63 -2.96
N GLU C 341 -18.95 20.62 -3.82
CA GLU C 341 -18.96 19.25 -3.33
C GLU C 341 -17.59 18.88 -2.80
N VAL C 342 -17.51 18.58 -1.50
CA VAL C 342 -16.28 18.12 -0.90
C VAL C 342 -16.16 16.61 -1.11
N ARG C 343 -15.09 16.17 -1.77
CA ARG C 343 -14.86 14.73 -1.89
C ARG C 343 -13.59 14.30 -1.18
N ASN C 344 -12.80 15.27 -0.71
CA ASN C 344 -11.55 15.00 0.01
C ASN C 344 -11.21 16.22 0.86
N THR C 345 -11.14 16.07 2.18
CA THR C 345 -10.93 17.23 3.07
C THR C 345 -9.51 17.78 3.05
N ASP C 346 -8.62 17.07 2.36
CA ASP C 346 -7.22 17.46 2.24
C ASP C 346 -7.03 18.45 1.08
N ALA C 347 -8.13 18.74 0.37
CA ALA C 347 -8.14 19.83 -0.59
C ALA C 347 -8.81 21.05 0.05
N GLU C 348 -8.24 21.48 1.18
CA GLU C 348 -8.81 22.50 2.04
C GLU C 348 -8.35 23.92 1.72
N GLY C 349 -7.12 24.04 1.20
CA GLY C 349 -6.56 25.34 0.89
C GLY C 349 -7.43 26.11 -0.09
N ARG C 350 -7.95 25.39 -1.07
CA ARG C 350 -8.72 26.07 -2.12
C ARG C 350 -10.07 26.56 -1.58
N LEU C 351 -10.58 25.92 -0.54
CA LEU C 351 -11.82 26.35 0.10
C LEU C 351 -11.63 27.64 0.89
N VAL C 352 -10.57 27.69 1.71
CA VAL C 352 -10.20 28.93 2.37
C VAL C 352 -9.98 30.05 1.34
N LEU C 353 -9.22 29.76 0.29
CA LEU C 353 -8.93 30.77 -0.73
C LEU C 353 -10.17 31.21 -1.51
N ALA C 354 -11.10 30.28 -1.75
CA ALA C 354 -12.33 30.65 -2.44
C ALA C 354 -13.01 31.81 -1.73
N ASP C 355 -13.14 31.70 -0.41
CA ASP C 355 -13.79 32.77 0.36
C ASP C 355 -12.90 34.01 0.55
N CYS C 356 -11.59 33.81 0.72
CA CYS C 356 -10.70 34.96 0.86
C CYS C 356 -10.57 35.76 -0.44
N LEU C 357 -10.61 35.07 -1.59
CA LEU C 357 -10.57 35.78 -2.87
C LEU C 357 -11.86 36.57 -3.07
N SER C 358 -12.95 36.04 -2.55
CA SER C 358 -14.23 36.72 -2.65
C SER C 358 -14.18 38.05 -1.88
N TYR C 359 -13.73 37.96 -0.63
CA TYR C 359 -13.48 39.12 0.22
C TYR C 359 -12.54 40.13 -0.46
N ALA C 360 -11.51 39.62 -1.13
CA ALA C 360 -10.53 40.47 -1.81
C ALA C 360 -11.17 41.23 -2.97
N GLN C 361 -12.02 40.56 -3.73
CA GLN C 361 -12.63 41.20 -4.90
C GLN C 361 -13.58 42.32 -4.50
N ASP C 362 -14.17 42.22 -3.31
CA ASP C 362 -15.06 43.27 -2.80
C ASP C 362 -14.35 44.61 -2.61
N LEU C 363 -13.03 44.59 -2.59
CA LEU C 363 -12.23 45.81 -2.44
C LEU C 363 -11.97 46.50 -3.78
N ASN C 364 -12.49 45.89 -4.86
CA ASN C 364 -12.23 46.34 -6.24
CA ASN C 364 -12.23 46.31 -6.24
C ASN C 364 -10.76 46.67 -6.53
N PRO C 365 -9.86 45.68 -6.35
CA PRO C 365 -8.44 45.96 -6.63
C PRO C 365 -8.17 45.99 -8.13
N ASP C 366 -7.06 46.59 -8.53
CA ASP C 366 -6.60 46.54 -9.93
C ASP C 366 -5.91 45.22 -10.24
N VAL C 367 -5.24 44.68 -9.24
CA VAL C 367 -4.49 43.43 -9.38
C VAL C 367 -4.76 42.54 -8.15
N ILE C 368 -4.96 41.25 -8.40
CA ILE C 368 -5.06 40.25 -7.33
C ILE C 368 -4.03 39.14 -7.55
N VAL C 369 -3.19 38.91 -6.55
CA VAL C 369 -2.26 37.77 -6.58
C VAL C 369 -2.50 36.90 -5.36
N ASP C 370 -2.74 35.61 -5.56
CA ASP C 370 -2.81 34.75 -4.39
C ASP C 370 -1.55 33.88 -4.31
N PHE C 371 -1.13 33.61 -3.08
CA PHE C 371 0.00 32.71 -2.82
C PHE C 371 -0.48 31.58 -1.93
N ALA C 372 -0.11 30.35 -2.28
CA ALA C 372 -0.61 29.20 -1.55
C ALA C 372 0.32 28.01 -1.74
N THR C 373 0.57 27.31 -0.65
CA THR C 373 1.23 26.03 -0.70
C THR C 373 0.14 25.01 -1.03
N LEU C 374 -0.33 25.02 -2.29
CA LEU C 374 -1.65 24.45 -2.59
C LEU C 374 -1.66 22.96 -3.00
N THR C 375 -0.70 22.53 -3.80
CA THR C 375 -0.80 21.18 -4.35
C THR C 375 0.53 20.45 -4.39
N GLY C 376 0.46 19.14 -4.14
CA GLY C 376 1.61 18.27 -4.28
C GLY C 376 1.93 18.07 -5.74
N ALA C 377 0.90 18.12 -6.60
CA ALA C 377 1.11 17.94 -8.04
C ALA C 377 2.02 19.03 -8.63
N CYS C 378 1.91 20.25 -8.12
CA CYS C 378 2.84 21.30 -8.54
C CYS C 378 4.30 20.93 -8.26
N VAL C 379 4.55 20.40 -7.06
CA VAL C 379 5.91 20.01 -6.69
C VAL C 379 6.37 18.78 -7.51
N VAL C 380 5.46 17.85 -7.75
CA VAL C 380 5.77 16.72 -8.62
C VAL C 380 6.17 17.23 -10.01
N GLY C 381 5.40 18.17 -10.54
CA GLY C 381 5.60 18.65 -11.90
C GLY C 381 6.81 19.56 -12.10
N LEU C 382 7.09 20.41 -11.12
CA LEU C 382 8.12 21.44 -11.28
C LEU C 382 9.36 21.17 -10.41
N GLY C 383 9.20 20.36 -9.38
CA GLY C 383 10.28 20.14 -8.44
C GLY C 383 10.10 21.06 -7.23
N GLU C 384 10.92 20.84 -6.20
CA GLU C 384 10.77 21.56 -4.94
C GLU C 384 11.20 23.02 -4.99
N PHE C 385 11.87 23.43 -6.06
CA PHE C 385 12.59 24.70 -6.04
C PHE C 385 11.89 25.81 -6.82
N THR C 386 10.79 25.45 -7.46
CA THR C 386 10.14 26.30 -8.46
C THR C 386 8.66 26.47 -8.16
N SER C 387 8.18 27.71 -8.21
CA SER C 387 6.76 27.99 -8.00
C SER C 387 6.03 28.03 -9.34
N ALA C 388 4.72 27.74 -9.33
CA ALA C 388 3.91 27.81 -10.56
C ALA C 388 3.10 29.09 -10.62
N ILE C 389 3.00 29.65 -11.82
CA ILE C 389 2.19 30.83 -12.06
C ILE C 389 1.00 30.48 -12.94
N MET C 390 -0.19 30.89 -12.51
CA MET C 390 -1.39 30.61 -13.25
C MET C 390 -2.27 31.84 -13.36
N GLY C 391 -3.21 31.81 -14.30
CA GLY C 391 -4.08 32.94 -14.53
C GLY C 391 -4.39 33.07 -16.01
N HIS C 392 -5.12 34.12 -16.37
CA HIS C 392 -5.61 34.29 -17.74
C HIS C 392 -4.81 35.31 -18.54
N ASN C 393 -4.34 36.35 -17.85
CA ASN C 393 -3.71 37.48 -18.51
C ASN C 393 -2.24 37.16 -18.77
N GLU C 394 -1.94 36.81 -20.03
CA GLU C 394 -0.59 36.37 -20.39
C GLU C 394 0.45 37.46 -20.11
N GLU C 395 0.09 38.71 -20.37
CA GLU C 395 1.03 39.80 -20.11
C GLU C 395 1.30 39.96 -18.61
N LEU C 396 0.27 39.74 -17.81
CA LEU C 396 0.42 39.86 -16.36
C LEU C 396 1.31 38.74 -15.81
N LYS C 397 1.01 37.53 -16.27
CA LYS C 397 1.79 36.35 -15.91
C LYS C 397 3.26 36.51 -16.32
N ASN C 398 3.49 36.97 -17.55
CA ASN C 398 4.86 37.18 -18.03
C ASN C 398 5.61 38.20 -17.18
N LEU C 399 4.91 39.24 -16.77
CA LEU C 399 5.53 40.25 -15.92
C LEU C 399 5.92 39.65 -14.57
N PHE C 400 5.06 38.82 -14.01
CA PHE C 400 5.37 38.21 -12.72
C PHE C 400 6.55 37.26 -12.88
N GLU C 401 6.55 36.45 -13.94
CA GLU C 401 7.65 35.53 -14.20
C GLU C 401 8.99 36.25 -14.40
N THR C 402 9.06 37.18 -15.34
CA THR C 402 10.31 37.87 -15.66
CA THR C 402 10.33 37.85 -15.65
C THR C 402 10.86 38.61 -14.44
N SER C 403 10.00 39.34 -13.76
CA SER C 403 10.37 40.05 -12.54
C SER C 403 10.87 39.08 -11.48
N GLY C 404 10.11 38.01 -11.26
CA GLY C 404 10.46 36.99 -10.28
C GLY C 404 11.77 36.29 -10.61
N LEU C 405 11.96 35.92 -11.87
CA LEU C 405 13.23 35.31 -12.28
C LEU C 405 14.41 36.25 -11.98
N GLU C 406 14.23 37.54 -12.27
CA GLU C 406 15.31 38.51 -12.00
C GLU C 406 15.66 38.58 -10.53
N SER C 407 14.65 38.41 -9.69
CA SER C 407 14.80 38.57 -8.25
C SER C 407 15.53 37.39 -7.64
N GLY C 408 15.72 36.33 -8.43
CA GLY C 408 16.38 35.12 -7.98
C GLY C 408 15.46 33.96 -7.61
N GLU C 409 14.15 34.11 -7.83
CA GLU C 409 13.24 33.00 -7.57
C GLU C 409 13.04 32.20 -8.83
N LEU C 410 12.83 30.88 -8.68
CA LEU C 410 12.55 30.04 -9.82
C LEU C 410 11.03 29.92 -10.01
N LEU C 411 10.58 30.17 -11.24
CA LEU C 411 9.15 30.24 -11.54
C LEU C 411 8.85 29.62 -12.88
N ALA C 412 7.60 29.18 -13.05
CA ALA C 412 7.16 28.58 -14.30
C ALA C 412 5.68 28.83 -14.51
N LYS C 413 5.29 29.16 -15.74
CA LYS C 413 3.87 29.31 -16.05
C LYS C 413 3.26 27.94 -16.34
N LEU C 414 2.08 27.68 -15.78
CA LEU C 414 1.35 26.48 -16.12
C LEU C 414 0.03 26.88 -16.81
N PRO C 415 -0.22 26.32 -18.00
CA PRO C 415 -1.40 26.70 -18.79
C PRO C 415 -2.72 25.99 -18.45
N PHE C 416 -3.79 26.77 -18.35
CA PHE C 416 -5.15 26.23 -18.32
C PHE C 416 -5.53 25.64 -19.67
N ASN C 417 -6.48 24.73 -19.69
CA ASN C 417 -7.17 24.41 -20.94
C ASN C 417 -8.56 23.88 -20.65
N ARG C 418 -9.43 23.86 -21.64
CA ARG C 418 -10.84 23.50 -21.43
C ARG C 418 -11.05 22.05 -21.01
N HIS C 419 -10.12 21.17 -21.37
CA HIS C 419 -10.21 19.77 -21.01
C HIS C 419 -10.02 19.59 -19.50
N LEU C 420 -9.07 20.31 -18.92
CA LEU C 420 -8.82 20.21 -17.46
C LEU C 420 -9.99 20.81 -16.69
N LYS C 421 -10.60 21.83 -17.26
CA LYS C 421 -11.71 22.52 -16.61
C LYS C 421 -12.89 21.58 -16.34
N LYS C 422 -13.14 20.63 -17.24
CA LYS C 422 -14.21 19.67 -17.07
C LYS C 422 -13.98 18.70 -15.90
N LEU C 423 -12.75 18.58 -15.45
CA LEU C 423 -12.40 17.57 -14.45
C LEU C 423 -12.87 17.92 -13.05
N ILE C 424 -13.32 19.16 -12.84
CA ILE C 424 -13.79 19.55 -11.51
C ILE C 424 -15.31 19.74 -11.44
N GLU C 425 -16.01 19.25 -12.45
CA GLU C 425 -17.47 19.19 -12.41
C GLU C 425 -17.97 18.36 -11.24
N SER C 426 -19.16 18.68 -10.77
CA SER C 426 -19.85 17.90 -9.75
C SER C 426 -21.22 17.48 -10.29
N LYS C 427 -21.69 16.28 -9.94
CA LYS C 427 -23.02 15.85 -10.34
C LYS C 427 -24.06 16.43 -9.41
N ILE C 428 -23.64 16.93 -8.25
CA ILE C 428 -24.62 17.36 -7.26
C ILE C 428 -24.34 18.76 -6.69
N ALA C 429 -23.32 19.44 -7.19
CA ALA C 429 -23.01 20.80 -6.77
C ALA C 429 -22.48 21.57 -7.96
N ASP C 430 -22.13 22.85 -7.77
CA ASP C 430 -21.66 23.66 -8.88
C ASP C 430 -20.23 23.30 -9.26
N VAL C 431 -19.43 22.92 -8.28
CA VAL C 431 -18.06 22.54 -8.57
C VAL C 431 -17.65 21.53 -7.50
N CYS C 432 -16.66 20.69 -7.82
CA CYS C 432 -16.08 19.73 -6.88
C CYS C 432 -14.71 20.23 -6.39
N ASN C 433 -14.33 19.96 -5.14
CA ASN C 433 -13.06 20.49 -4.64
C ASN C 433 -11.87 19.61 -5.01
N ILE C 434 -12.13 18.48 -5.66
CA ILE C 434 -11.03 17.71 -6.26
C ILE C 434 -11.32 17.39 -7.74
N SER C 435 -10.29 16.99 -8.45
CA SER C 435 -10.41 16.59 -9.85
C SER C 435 -10.81 15.12 -9.94
N SER C 436 -11.48 14.73 -11.01
CA SER C 436 -11.83 13.32 -11.21
C SER C 436 -10.62 12.56 -11.73
N SER C 437 -9.54 13.29 -12.03
CA SER C 437 -8.33 12.67 -12.58
C SER C 437 -7.15 12.73 -11.61
N ARG C 438 -6.22 11.79 -11.73
CA ARG C 438 -5.00 11.86 -10.95
C ARG C 438 -3.98 12.77 -11.60
N TYR C 439 -4.32 13.35 -12.75
CA TYR C 439 -3.36 14.18 -13.48
C TYR C 439 -3.73 15.67 -13.58
N GLY C 440 -2.72 16.52 -13.39
CA GLY C 440 -2.86 17.95 -13.56
C GLY C 440 -3.38 18.70 -12.34
N GLY C 441 -3.16 18.12 -11.16
CA GLY C 441 -3.72 18.64 -9.93
C GLY C 441 -3.43 20.12 -9.66
N ALA C 442 -2.24 20.60 -10.01
CA ALA C 442 -1.92 21.99 -9.74
C ALA C 442 -2.81 22.93 -10.57
N ILE C 443 -3.11 22.52 -11.79
CA ILE C 443 -3.84 23.38 -12.72
C ILE C 443 -5.36 23.28 -12.54
N THR C 444 -5.87 22.10 -12.18
CA THR C 444 -7.29 22.01 -11.84
C THR C 444 -7.57 22.72 -10.51
N ALA C 445 -6.59 22.80 -9.61
CA ALA C 445 -6.74 23.60 -8.39
C ALA C 445 -6.85 25.08 -8.73
N GLY C 446 -6.02 25.53 -9.67
CA GLY C 446 -6.12 26.89 -10.17
C GLY C 446 -7.47 27.11 -10.86
N LEU C 447 -7.93 26.14 -11.63
CA LEU C 447 -9.22 26.28 -12.29
C LEU C 447 -10.37 26.24 -11.27
N PHE C 448 -10.19 25.50 -10.18
CA PHE C 448 -11.15 25.58 -9.07
C PHE C 448 -11.23 27.01 -8.56
N LEU C 449 -10.08 27.59 -8.20
CA LEU C 449 -9.99 29.00 -7.80
C LEU C 449 -10.67 29.93 -8.80
N ASN C 450 -10.43 29.68 -10.08
CA ASN C 450 -11.02 30.48 -11.15
C ASN C 450 -12.54 30.56 -11.06
N GLU C 451 -13.18 29.50 -10.57
CA GLU C 451 -14.65 29.49 -10.48
C GLU C 451 -15.15 30.54 -9.51
N PHE C 452 -14.26 31.06 -8.68
CA PHE C 452 -14.63 32.07 -7.69
C PHE C 452 -14.07 33.47 -8.05
N ILE C 453 -13.37 33.56 -9.18
CA ILE C 453 -12.98 34.87 -9.68
C ILE C 453 -14.06 35.41 -10.62
N ARG C 454 -14.71 36.50 -10.22
CA ARG C 454 -15.73 37.15 -11.07
C ARG C 454 -15.15 37.54 -12.42
N ASP C 455 -15.99 37.51 -13.47
CA ASP C 455 -15.59 37.87 -14.82
C ASP C 455 -14.77 39.16 -14.88
N GLU C 456 -15.19 40.14 -14.08
CA GLU C 456 -14.54 41.44 -14.10
C GLU C 456 -13.21 41.46 -13.35
N PHE C 457 -12.79 40.31 -12.82
CA PHE C 457 -11.46 40.24 -12.20
C PHE C 457 -10.57 39.17 -12.82
N LYS C 458 -11.09 38.44 -13.80
CA LYS C 458 -10.35 37.31 -14.37
C LYS C 458 -9.04 37.73 -15.02
N ASP C 459 -9.01 38.88 -15.70
CA ASP C 459 -7.77 39.31 -16.33
CA ASP C 459 -7.77 39.32 -16.33
C ASP C 459 -6.95 40.20 -15.39
N LYS C 460 -7.30 40.20 -14.11
CA LYS C 460 -6.57 40.96 -13.11
C LYS C 460 -5.93 40.06 -12.05
N TRP C 461 -6.00 38.74 -12.27
CA TRP C 461 -5.72 37.74 -11.23
C TRP C 461 -4.53 36.83 -11.53
N LEU C 462 -3.65 36.68 -10.55
CA LEU C 462 -2.58 35.69 -10.64
C LEU C 462 -2.69 34.71 -9.48
N HIS C 463 -2.47 33.43 -9.78
CA HIS C 463 -2.39 32.41 -8.75
C HIS C 463 -0.98 31.81 -8.75
N ILE C 464 -0.34 31.83 -7.58
CA ILE C 464 1.04 31.33 -7.45
C ILE C 464 1.12 30.20 -6.44
N ASP C 465 1.49 29.01 -6.93
CA ASP C 465 1.55 27.81 -6.11
C ASP C 465 2.98 27.66 -5.62
N ILE C 466 3.20 27.88 -4.33
CA ILE C 466 4.56 27.87 -3.81
C ILE C 466 4.80 26.64 -2.94
N ALA C 467 4.02 25.58 -3.18
CA ALA C 467 4.09 24.35 -2.38
C ALA C 467 5.51 23.74 -2.34
N GLY C 468 6.27 23.94 -3.41
CA GLY C 468 7.62 23.44 -3.45
C GLY C 468 8.58 24.26 -2.58
N PRO C 469 8.95 25.45 -3.06
CA PRO C 469 10.08 26.16 -2.41
C PRO C 469 9.76 26.86 -1.09
N ALA C 470 8.48 27.00 -0.71
CA ALA C 470 8.18 27.62 0.57
C ALA C 470 8.89 26.93 1.73
N TYR C 471 9.00 25.61 1.65
CA TYR C 471 9.63 24.83 2.70
C TYR C 471 10.35 23.63 2.12
N VAL C 472 11.66 23.54 2.39
CA VAL C 472 12.51 22.53 1.81
C VAL C 472 13.47 22.02 2.90
N GLU C 473 13.52 20.71 3.08
CA GLU C 473 14.28 20.17 4.21
C GLU C 473 15.76 19.95 3.87
N LYS C 474 16.39 20.98 3.29
CA LYS C 474 17.83 21.00 3.09
C LYS C 474 18.23 22.43 2.74
N GLU C 475 19.52 22.72 2.80
CA GLU C 475 19.98 24.04 2.39
C GLU C 475 20.08 24.09 0.87
N TRP C 476 19.66 25.20 0.30
CA TRP C 476 19.76 25.40 -1.14
C TRP C 476 19.78 26.91 -1.45
N ASP C 477 20.62 27.31 -2.41
CA ASP C 477 20.75 28.72 -2.79
C ASP C 477 20.97 29.59 -1.53
N VAL C 478 20.17 30.63 -1.35
CA VAL C 478 20.31 31.49 -0.18
C VAL C 478 19.39 31.06 0.97
N ASN C 479 18.94 29.81 0.91
CA ASN C 479 17.93 29.32 1.85
C ASN C 479 18.47 28.29 2.81
N SER C 480 18.18 28.47 4.09
CA SER C 480 18.60 27.49 5.08
C SER C 480 17.56 26.39 5.13
N PHE C 481 17.84 25.35 5.90
CA PHE C 481 16.90 24.25 6.12
C PHE C 481 15.55 24.79 6.55
N GLY C 482 14.48 24.35 5.88
CA GLY C 482 13.15 24.74 6.27
C GLY C 482 12.58 25.86 5.41
N ALA C 483 12.04 26.88 6.08
CA ALA C 483 11.35 27.96 5.39
C ALA C 483 12.34 28.80 4.58
N SER C 484 11.89 29.28 3.41
CA SER C 484 12.73 30.03 2.48
C SER C 484 12.25 31.47 2.28
N GLY C 485 10.97 31.70 2.53
CA GLY C 485 10.36 32.99 2.27
C GLY C 485 9.98 33.14 0.82
N ALA C 486 9.71 32.00 0.16
CA ALA C 486 9.31 31.98 -1.24
C ALA C 486 8.16 32.94 -1.54
N GLY C 487 8.26 33.64 -2.66
CA GLY C 487 7.19 34.53 -3.12
C GLY C 487 7.41 36.00 -2.81
N VAL C 488 8.15 36.29 -1.73
CA VAL C 488 8.35 37.67 -1.28
C VAL C 488 9.22 38.46 -2.25
N ARG C 489 10.40 37.95 -2.57
CA ARG C 489 11.27 38.63 -3.54
C ARG C 489 10.61 38.83 -4.90
N ALA C 490 9.96 37.77 -5.38
CA ALA C 490 9.35 37.80 -6.70
C ALA C 490 8.21 38.81 -6.77
N CYS C 491 7.38 38.85 -5.73
CA CYS C 491 6.21 39.72 -5.79
C CYS C 491 6.59 41.19 -5.60
N THR C 492 7.65 41.42 -4.84
CA THR C 492 8.17 42.77 -4.68
C THR C 492 8.68 43.31 -6.02
N ALA C 493 9.45 42.49 -6.72
CA ALA C 493 9.99 42.88 -8.02
C ALA C 493 8.87 43.09 -9.04
N PHE C 494 7.82 42.26 -8.95
CA PHE C 494 6.65 42.34 -9.81
C PHE C 494 5.88 43.63 -9.61
N VAL C 495 5.65 43.99 -8.35
CA VAL C 495 4.93 45.20 -8.00
C VAL C 495 5.72 46.43 -8.47
N GLU C 496 7.03 46.45 -8.20
CA GLU C 496 7.90 47.53 -8.63
C GLU C 496 7.87 47.71 -10.15
N GLU C 497 7.93 46.60 -10.89
CA GLU C 497 7.96 46.72 -12.35
C GLU C 497 6.60 47.12 -12.88
N LEU C 498 5.56 46.65 -12.22
CA LEU C 498 4.19 47.03 -12.51
C LEU C 498 3.99 48.55 -12.44
N LEU C 499 4.57 49.17 -11.42
CA LEU C 499 4.34 50.59 -11.14
C LEU C 499 5.13 51.51 -12.07
N LYS C 500 6.23 51.00 -12.63
CA LYS C 500 7.01 51.76 -13.61
C LYS C 500 6.18 52.09 -14.85
N LYS C 501 5.24 51.22 -15.19
CA LYS C 501 4.40 51.42 -16.37
C LYS C 501 2.99 51.87 -15.99
N ALA C 502 2.84 52.34 -14.76
CA ALA C 502 1.53 52.73 -14.25
C ALA C 502 1.17 54.15 -14.68
N MET D 7 -44.06 17.56 -8.91
CA MET D 7 -44.24 16.16 -9.30
C MET D 7 -44.92 16.03 -10.65
N LEU D 8 -44.81 14.86 -11.25
CA LEU D 8 -45.49 14.60 -12.52
C LEU D 8 -46.93 14.17 -12.27
N LYS D 9 -47.86 15.08 -12.56
CA LYS D 9 -49.27 14.72 -12.48
C LYS D 9 -49.65 13.74 -13.59
N ILE D 10 -50.34 12.67 -13.22
CA ILE D 10 -50.88 11.74 -14.22
C ILE D 10 -52.41 11.84 -14.28
N LYS D 11 -52.92 12.22 -15.45
CA LYS D 11 -54.36 12.27 -15.65
C LYS D 11 -54.79 11.05 -16.45
N LEU D 12 -55.73 10.30 -15.88
CA LEU D 12 -56.32 9.19 -16.62
C LEU D 12 -57.52 9.71 -17.41
N GLU D 13 -57.56 9.43 -18.70
CA GLU D 13 -58.67 9.85 -19.55
C GLU D 13 -59.26 8.72 -20.38
N LYS D 14 -60.58 8.58 -20.32
CA LYS D 14 -61.29 7.59 -21.12
C LYS D 14 -61.44 8.10 -22.54
N THR D 15 -60.42 7.85 -23.36
CA THR D 15 -60.39 8.29 -24.75
C THR D 15 -59.35 7.46 -25.48
N THR D 16 -59.29 7.61 -26.81
CA THR D 16 -58.25 6.93 -27.56
C THR D 16 -56.96 7.74 -27.48
N PHE D 17 -55.85 7.08 -27.74
CA PHE D 17 -54.56 7.76 -27.73
C PHE D 17 -54.57 8.88 -28.75
N GLU D 18 -55.15 8.59 -29.92
CA GLU D 18 -55.22 9.57 -31.01
C GLU D 18 -56.00 10.82 -30.64
N ASN D 19 -57.12 10.63 -29.93
CA ASN D 19 -58.01 11.73 -29.57
C ASN D 19 -57.55 12.49 -28.34
N ALA D 20 -56.68 11.87 -27.54
CA ALA D 20 -56.14 12.55 -26.37
C ALA D 20 -55.32 13.75 -26.84
N LYS D 21 -55.32 14.80 -26.03
CA LYS D 21 -54.58 16.00 -26.36
C LYS D 21 -53.44 16.24 -25.38
N ALA D 22 -52.24 16.44 -25.92
CA ALA D 22 -51.11 16.89 -25.12
C ALA D 22 -50.12 17.63 -26.03
N GLU D 23 -49.15 18.31 -25.45
CA GLU D 23 -48.22 19.10 -26.25
C GLU D 23 -47.20 18.21 -26.97
N CYS D 24 -47.09 16.96 -26.54
CA CYS D 24 -46.27 15.98 -27.24
C CYS D 24 -46.76 14.56 -26.92
N SER D 25 -46.21 13.58 -27.63
CA SER D 25 -46.61 12.18 -27.49
C SER D 25 -45.45 11.31 -27.06
N LEU D 26 -45.76 10.25 -26.31
CA LEU D 26 -44.76 9.24 -25.97
C LEU D 26 -45.23 7.90 -26.53
N VAL D 27 -44.38 7.24 -27.29
CA VAL D 27 -44.69 5.90 -27.82
C VAL D 27 -43.54 4.92 -27.55
N PHE D 28 -43.87 3.77 -26.97
CA PHE D 28 -42.84 2.77 -26.72
C PHE D 28 -42.69 1.83 -27.90
N ILE D 29 -41.45 1.53 -28.24
CA ILE D 29 -41.11 0.54 -29.26
C ILE D 29 -40.62 -0.71 -28.51
N ILE D 30 -41.45 -1.73 -28.44
CA ILE D 30 -41.09 -2.97 -27.75
C ILE D 30 -40.43 -3.94 -28.71
N ASN D 31 -39.23 -4.39 -28.36
CA ASN D 31 -38.51 -5.41 -29.12
C ASN D 31 -38.37 -5.09 -30.62
N LYS D 32 -38.13 -3.82 -30.91
CA LYS D 32 -37.94 -3.31 -32.27
C LYS D 32 -39.17 -3.52 -33.16
N ASP D 33 -40.36 -3.62 -32.55
CA ASP D 33 -41.59 -3.69 -33.34
C ASP D 33 -42.12 -2.29 -33.66
N PHE D 34 -41.94 -1.88 -34.92
CA PHE D 34 -42.34 -0.55 -35.36
C PHE D 34 -43.66 -0.54 -36.13
N SER D 35 -44.45 -1.61 -36.03
CA SER D 35 -45.61 -1.81 -36.91
C SER D 35 -46.88 -1.08 -36.45
N HIS D 36 -46.94 -0.73 -35.18
CA HIS D 36 -48.17 -0.22 -34.59
C HIS D 36 -48.64 1.09 -35.21
N ALA D 37 -49.96 1.34 -35.14
CA ALA D 37 -50.57 2.57 -35.65
C ALA D 37 -49.97 3.84 -35.05
N TRP D 38 -49.51 3.75 -33.80
CA TRP D 38 -49.00 4.94 -33.09
C TRP D 38 -47.65 5.39 -33.61
N VAL D 39 -46.97 4.54 -34.38
CA VAL D 39 -45.79 4.97 -35.10
C VAL D 39 -46.23 5.79 -36.31
N LYS D 40 -46.27 7.11 -36.17
CA LYS D 40 -46.94 7.94 -37.18
C LYS D 40 -46.11 8.08 -38.45
N ASN D 41 -44.80 8.26 -38.30
CA ASN D 41 -43.92 8.42 -39.47
C ASN D 41 -42.72 7.50 -39.41
N LYS D 42 -42.90 6.31 -39.95
CA LYS D 42 -41.89 5.26 -39.97
C LYS D 42 -40.62 5.64 -40.73
N GLU D 43 -40.78 6.24 -41.90
CA GLU D 43 -39.65 6.43 -42.79
C GLU D 43 -38.65 7.42 -42.18
N LEU D 44 -39.14 8.32 -41.34
CA LEU D 44 -38.26 9.22 -40.60
C LEU D 44 -37.30 8.43 -39.71
N LEU D 45 -37.83 7.41 -39.04
CA LEU D 45 -37.02 6.58 -38.15
C LEU D 45 -35.99 5.82 -38.97
N GLU D 46 -36.40 5.40 -40.16
CA GLU D 46 -35.50 4.68 -41.06
C GLU D 46 -34.39 5.58 -41.53
N THR D 47 -34.76 6.78 -41.97
CA THR D 47 -33.82 7.75 -42.48
C THR D 47 -32.73 8.08 -41.46
N PHE D 48 -33.11 8.18 -40.19
CA PHE D 48 -32.15 8.56 -39.16
C PHE D 48 -31.66 7.39 -38.34
N LYS D 49 -31.85 6.19 -38.86
CA LYS D 49 -31.29 4.97 -38.30
C LYS D 49 -31.68 4.74 -36.85
N TYR D 50 -32.90 5.14 -36.48
CA TYR D 50 -33.41 4.76 -35.17
C TYR D 50 -33.91 3.33 -35.22
N GLU D 51 -33.30 2.47 -34.41
CA GLU D 51 -33.66 1.06 -34.41
C GLU D 51 -34.24 0.61 -33.07
N GLY D 52 -34.64 1.56 -32.24
CA GLY D 52 -35.35 1.24 -31.00
C GLY D 52 -34.47 1.09 -29.78
N GLU D 53 -33.25 1.61 -29.84
CA GLU D 53 -32.39 1.68 -28.66
C GLU D 53 -32.37 3.11 -28.14
N GLY D 54 -32.68 3.27 -26.87
CA GLY D 54 -32.81 4.60 -26.29
C GLY D 54 -34.01 5.32 -26.86
N VAL D 55 -33.99 6.64 -26.80
CA VAL D 55 -35.11 7.44 -27.26
C VAL D 55 -34.81 8.09 -28.59
N PHE D 56 -35.87 8.50 -29.28
CA PHE D 56 -35.74 9.25 -30.53
C PHE D 56 -36.93 10.18 -30.64
N LEU D 57 -36.66 11.43 -31.00
CA LEU D 57 -37.75 12.41 -31.07
C LEU D 57 -38.06 12.80 -32.52
N ASP D 58 -39.28 12.46 -32.94
CA ASP D 58 -39.85 12.89 -34.21
C ASP D 58 -40.22 14.35 -34.04
N GLN D 59 -39.43 15.25 -34.61
CA GLN D 59 -39.62 16.67 -34.35
C GLN D 59 -40.93 17.20 -34.91
N GLU D 60 -41.23 16.84 -36.15
CA GLU D 60 -42.42 17.36 -36.82
C GLU D 60 -43.70 16.93 -36.11
N ASN D 61 -43.80 15.66 -35.74
CA ASN D 61 -44.98 15.13 -35.07
C ASN D 61 -44.92 15.26 -33.55
N LYS D 62 -43.81 15.75 -33.02
CA LYS D 62 -43.58 15.86 -31.58
C LYS D 62 -43.88 14.53 -30.89
N ILE D 63 -43.29 13.46 -31.41
CA ILE D 63 -43.41 12.14 -30.80
C ILE D 63 -42.06 11.68 -30.27
N LEU D 64 -42.01 11.38 -28.97
CA LEU D 64 -40.84 10.77 -28.41
C LEU D 64 -41.01 9.27 -28.44
N TYR D 65 -40.12 8.57 -29.14
CA TYR D 65 -40.12 7.12 -29.08
C TYR D 65 -39.15 6.66 -28.00
N ALA D 66 -39.54 5.66 -27.22
CA ALA D 66 -38.65 5.09 -26.20
C ALA D 66 -38.55 3.57 -26.37
N GLY D 67 -37.35 3.06 -26.60
CA GLY D 67 -37.17 1.64 -26.85
C GLY D 67 -37.26 0.76 -25.63
N VAL D 68 -37.91 -0.38 -25.79
CA VAL D 68 -37.96 -1.37 -24.73
C VAL D 68 -37.40 -2.66 -25.35
N LYS D 69 -36.20 -3.06 -24.92
CA LYS D 69 -35.44 -4.09 -25.63
C LYS D 69 -36.20 -5.40 -25.76
N GLU D 70 -36.85 -5.80 -24.68
CA GLU D 70 -37.63 -7.03 -24.66
C GLU D 70 -38.98 -6.67 -24.11
N ASP D 71 -39.95 -7.55 -24.34
CA ASP D 71 -41.32 -7.35 -23.87
C ASP D 71 -41.41 -7.60 -22.36
N ASP D 72 -40.81 -6.72 -21.58
CA ASP D 72 -40.60 -7.00 -20.15
C ASP D 72 -41.03 -5.81 -19.28
N VAL D 73 -41.90 -6.07 -18.32
CA VAL D 73 -42.46 -5.03 -17.48
C VAL D 73 -41.37 -4.18 -16.78
N HIS D 74 -40.23 -4.79 -16.47
CA HIS D 74 -39.15 -4.09 -15.76
C HIS D 74 -38.47 -3.13 -16.71
N LEU D 75 -38.33 -3.53 -17.97
CA LEU D 75 -37.69 -2.68 -18.94
C LEU D 75 -38.63 -1.54 -19.32
N LEU D 76 -39.94 -1.82 -19.28
CA LEU D 76 -40.93 -0.76 -19.49
C LEU D 76 -40.81 0.32 -18.41
N ARG D 77 -40.64 -0.11 -17.15
CA ARG D 77 -40.46 0.82 -16.04
C ARG D 77 -39.28 1.74 -16.32
N GLU D 78 -38.16 1.13 -16.65
CA GLU D 78 -36.95 1.86 -17.02
C GLU D 78 -37.12 2.88 -18.16
N SER D 79 -37.77 2.45 -19.24
CA SER D 79 -37.91 3.30 -20.42
C SER D 79 -38.79 4.50 -20.14
N ALA D 80 -39.85 4.25 -19.39
CA ALA D 80 -40.77 5.30 -18.99
C ALA D 80 -40.03 6.39 -18.21
N CYS D 81 -39.10 5.96 -17.37
CA CYS D 81 -38.28 6.90 -16.60
C CYS D 81 -37.37 7.69 -17.54
N LEU D 82 -36.70 6.98 -18.44
CA LEU D 82 -35.82 7.62 -19.40
C LEU D 82 -36.58 8.64 -20.25
N ALA D 83 -37.80 8.28 -20.65
CA ALA D 83 -38.60 9.13 -21.52
C ALA D 83 -38.90 10.48 -20.85
N VAL D 84 -39.23 10.43 -19.56
CA VAL D 84 -39.58 11.63 -18.83
C VAL D 84 -38.32 12.44 -18.48
N ARG D 85 -37.21 11.77 -18.14
CA ARG D 85 -35.95 12.49 -18.00
C ARG D 85 -35.65 13.29 -19.24
N THR D 86 -35.95 12.70 -20.40
CA THR D 86 -35.70 13.33 -21.69
C THR D 86 -36.60 14.54 -21.92
N LEU D 87 -37.91 14.34 -21.68
CA LEU D 87 -38.86 15.43 -21.87
C LEU D 87 -38.68 16.56 -20.85
N LYS D 88 -38.12 16.22 -19.68
CA LYS D 88 -37.92 17.22 -18.61
C LYS D 88 -37.08 18.41 -19.07
N LYS D 89 -36.15 18.14 -19.98
CA LYS D 89 -35.24 19.18 -20.44
C LYS D 89 -35.85 20.01 -21.56
N LEU D 90 -37.06 19.66 -21.98
CA LEU D 90 -37.67 20.29 -23.14
C LEU D 90 -38.78 21.24 -22.72
N ALA D 91 -39.51 21.77 -23.70
CA ALA D 91 -40.45 22.86 -23.43
C ALA D 91 -41.93 22.44 -23.54
N PHE D 92 -42.20 21.14 -23.57
CA PHE D 92 -43.58 20.66 -23.63
C PHE D 92 -44.17 20.54 -22.23
N LYS D 93 -45.38 21.07 -22.05
CA LYS D 93 -45.98 21.11 -20.72
C LYS D 93 -46.63 19.78 -20.35
N SER D 94 -47.00 19.02 -21.36
CA SER D 94 -47.70 17.76 -21.17
C SER D 94 -47.27 16.73 -22.22
N VAL D 95 -47.40 15.46 -21.87
CA VAL D 95 -47.14 14.37 -22.79
C VAL D 95 -48.30 13.39 -22.68
N LYS D 96 -48.70 12.79 -23.80
CA LYS D 96 -49.72 11.76 -23.75
C LYS D 96 -49.12 10.41 -24.10
N VAL D 97 -49.64 9.36 -23.46
CA VAL D 97 -49.14 8.02 -23.63
C VAL D 97 -50.32 7.04 -23.60
N GLY D 98 -50.23 5.96 -24.36
CA GLY D 98 -51.21 4.88 -24.30
C GLY D 98 -50.89 3.88 -23.19
N VAL D 99 -51.68 2.81 -23.11
CA VAL D 99 -51.50 1.84 -22.03
C VAL D 99 -50.84 0.56 -22.53
N TYR D 100 -49.74 0.18 -21.89
CA TYR D 100 -48.91 -0.91 -22.36
C TYR D 100 -48.98 -2.14 -21.46
N THR D 101 -48.80 -3.31 -22.05
CA THR D 101 -48.88 -4.56 -21.32
C THR D 101 -47.75 -5.51 -21.75
N CYS D 102 -46.60 -5.37 -21.11
CA CYS D 102 -45.42 -6.18 -21.41
C CYS D 102 -45.33 -7.46 -20.56
N ALA D 110 -51.47 -8.97 -14.33
CA ALA D 110 -50.38 -8.54 -15.21
C ALA D 110 -50.61 -7.11 -15.70
N LEU D 111 -51.87 -6.80 -15.99
CA LEU D 111 -52.24 -5.46 -16.42
C LEU D 111 -51.97 -4.44 -15.31
N LEU D 112 -52.33 -4.82 -14.08
CA LEU D 112 -52.07 -3.95 -12.93
C LEU D 112 -50.56 -3.70 -12.75
N GLU D 113 -49.80 -4.78 -12.89
CA GLU D 113 -48.35 -4.73 -12.74
C GLU D 113 -47.73 -3.83 -13.81
N ASN D 114 -48.22 -3.92 -15.04
CA ASN D 114 -47.77 -3.04 -16.12
C ASN D 114 -48.17 -1.58 -15.91
N LEU D 115 -49.38 -1.37 -15.41
CA LEU D 115 -49.83 -0.02 -15.11
C LEU D 115 -49.01 0.61 -13.97
N LYS D 116 -48.74 -0.17 -12.92
CA LYS D 116 -47.85 0.29 -11.84
C LYS D 116 -46.45 0.66 -12.36
N ALA D 117 -45.90 -0.14 -13.27
CA ALA D 117 -44.55 0.12 -13.82
C ALA D 117 -44.49 1.37 -14.70
N LEU D 118 -45.53 1.57 -15.50
CA LEU D 118 -45.58 2.73 -16.35
C LEU D 118 -45.70 3.98 -15.51
N PHE D 119 -46.62 3.98 -14.55
CA PHE D 119 -46.93 5.20 -13.83
C PHE D 119 -45.80 5.59 -12.90
N LEU D 120 -45.26 4.58 -12.22
CA LEU D 120 -44.12 4.80 -11.33
C LEU D 120 -42.92 5.26 -12.16
N GLY D 121 -42.64 4.54 -13.23
CA GLY D 121 -41.54 4.84 -14.14
C GLY D 121 -41.57 6.30 -14.58
N LEU D 122 -42.71 6.72 -15.11
CA LEU D 122 -42.89 8.10 -15.55
C LEU D 122 -42.62 9.12 -14.44
N LYS D 123 -43.22 8.89 -13.28
CA LYS D 123 -43.08 9.84 -12.19
C LYS D 123 -41.62 9.94 -11.71
N LEU D 124 -40.91 8.80 -11.70
CA LEU D 124 -39.52 8.80 -11.23
C LEU D 124 -38.57 9.48 -12.20
N GLY D 125 -39.03 9.73 -13.42
CA GLY D 125 -38.25 10.44 -14.41
C GLY D 125 -37.92 11.88 -14.06
N LEU D 126 -38.70 12.51 -13.19
CA LEU D 126 -38.43 13.89 -12.82
C LEU D 126 -37.42 14.04 -11.68
N TYR D 127 -37.11 12.97 -10.96
CA TYR D 127 -36.27 13.12 -9.78
C TYR D 127 -34.80 13.32 -10.16
N GLU D 128 -34.22 14.43 -9.70
CA GLU D 128 -32.77 14.61 -9.65
C GLU D 128 -32.43 15.27 -8.34
N TYR D 129 -31.32 14.88 -7.71
CA TYR D 129 -30.85 15.61 -6.53
C TYR D 129 -30.08 16.87 -6.98
N ASP D 130 -30.80 17.93 -7.29
CA ASP D 130 -30.16 19.13 -7.85
C ASP D 130 -30.32 20.32 -6.92
N THR D 131 -30.72 20.05 -5.69
CA THR D 131 -30.89 21.06 -4.64
C THR D 131 -29.78 22.10 -4.55
N PHE D 132 -28.53 21.67 -4.69
CA PHE D 132 -27.41 22.61 -4.52
C PHE D 132 -26.86 23.14 -5.84
N LYS D 133 -27.51 22.82 -6.95
CA LYS D 133 -27.12 23.36 -8.25
C LYS D 133 -27.65 24.78 -8.43
N SER D 134 -26.78 25.71 -8.80
CA SER D 134 -27.20 27.09 -9.03
C SER D 134 -27.99 27.24 -10.35
N ASN D 135 -27.68 26.38 -11.31
CA ASN D 135 -28.31 26.43 -12.62
C ASN D 135 -29.65 25.70 -12.69
N LYS D 136 -30.12 25.17 -11.55
CA LYS D 136 -31.38 24.44 -11.52
C LYS D 136 -32.53 25.36 -11.97
N LYS D 137 -33.33 24.87 -12.91
CA LYS D 137 -34.49 25.62 -13.41
C LYS D 137 -35.71 24.71 -13.34
N GLU D 138 -36.88 25.30 -13.09
CA GLU D 138 -38.10 24.52 -12.98
C GLU D 138 -38.41 23.85 -14.33
N SER D 139 -38.98 22.66 -14.26
CA SER D 139 -39.33 21.95 -15.48
C SER D 139 -40.62 22.51 -16.07
N VAL D 140 -40.70 22.54 -17.38
CA VAL D 140 -41.93 22.87 -18.07
C VAL D 140 -42.93 21.70 -18.00
N LEU D 141 -42.40 20.48 -18.00
CA LEU D 141 -43.26 19.29 -18.07
C LEU D 141 -44.00 19.06 -16.74
N LYS D 142 -45.33 19.01 -16.79
CA LYS D 142 -46.08 18.93 -15.53
C LYS D 142 -47.10 17.81 -15.49
N GLU D 143 -47.48 17.30 -16.66
CA GLU D 143 -48.57 16.34 -16.74
C GLU D 143 -48.29 15.22 -17.73
N ALA D 144 -48.72 14.01 -17.40
CA ALA D 144 -48.80 12.95 -18.39
C ALA D 144 -50.27 12.54 -18.54
N ILE D 145 -50.77 12.70 -19.76
CA ILE D 145 -52.12 12.27 -20.11
C ILE D 145 -52.08 10.82 -20.55
N VAL D 146 -52.67 9.95 -19.74
CA VAL D 146 -52.74 8.53 -20.04
C VAL D 146 -54.07 8.23 -20.72
N ALA D 147 -54.02 7.94 -22.02
CA ALA D 147 -55.23 7.53 -22.73
C ALA D 147 -55.54 6.08 -22.40
N LEU D 148 -56.71 5.83 -21.84
CA LEU D 148 -57.05 4.48 -21.41
C LEU D 148 -57.43 3.61 -22.62
N GLU D 149 -56.40 3.25 -23.38
CA GLU D 149 -56.51 2.41 -24.57
C GLU D 149 -55.31 1.46 -24.64
N LEU D 150 -55.58 0.17 -24.89
CA LEU D 150 -54.54 -0.84 -24.84
C LEU D 150 -53.68 -0.90 -26.09
N HIS D 151 -52.36 -0.92 -25.88
CA HIS D 151 -51.39 -1.13 -26.96
C HIS D 151 -51.72 -2.42 -27.69
N LYS D 152 -51.90 -3.49 -26.92
CA LYS D 152 -52.35 -4.76 -27.47
C LYS D 152 -53.66 -5.19 -26.78
N LEU D 162 -60.18 -2.05 -16.81
CA LEU D 162 -58.98 -1.27 -17.10
C LEU D 162 -58.96 -0.01 -16.24
N GLU D 163 -60.08 0.70 -16.18
CA GLU D 163 -60.14 1.94 -15.43
C GLU D 163 -59.88 1.70 -13.95
N LYS D 164 -60.39 0.59 -13.43
CA LYS D 164 -60.21 0.23 -12.03
C LYS D 164 -58.75 -0.12 -11.74
N SER D 165 -58.10 -0.81 -12.67
CA SER D 165 -56.70 -1.15 -12.46
C SER D 165 -55.85 0.11 -12.56
N ALA D 166 -56.22 1.00 -13.49
CA ALA D 166 -55.46 2.23 -13.70
C ALA D 166 -55.44 3.09 -12.44
N LYS D 167 -56.58 3.28 -11.78
CA LYS D 167 -56.57 4.12 -10.59
C LYS D 167 -55.91 3.42 -9.42
N GLU D 168 -55.91 2.10 -9.42
CA GLU D 168 -55.19 1.36 -8.39
C GLU D 168 -53.69 1.56 -8.56
N ALA D 169 -53.22 1.47 -9.81
CA ALA D 169 -51.81 1.62 -10.11
C ALA D 169 -51.36 3.06 -9.89
N LEU D 170 -52.27 4.01 -10.14
CA LEU D 170 -51.97 5.41 -9.94
C LEU D 170 -51.80 5.75 -8.47
N LYS D 171 -52.63 5.15 -7.63
CA LYS D 171 -52.51 5.36 -6.19
C LYS D 171 -51.17 4.79 -5.69
N TYR D 172 -50.84 3.58 -6.10
CA TYR D 172 -49.53 2.99 -5.76
C TYR D 172 -48.38 3.92 -6.20
N ALA D 173 -48.45 4.31 -7.47
CA ALA D 173 -47.39 5.11 -8.07
C ALA D 173 -47.18 6.40 -7.31
N GLU D 174 -48.29 7.07 -6.98
CA GLU D 174 -48.24 8.33 -6.26
C GLU D 174 -47.62 8.17 -4.86
N ILE D 175 -48.03 7.14 -4.14
CA ILE D 175 -47.58 6.92 -2.78
C ILE D 175 -46.12 6.48 -2.80
N MET D 176 -45.80 5.58 -3.73
CA MET D 176 -44.47 5.02 -3.81
C MET D 176 -43.43 6.03 -4.32
N THR D 177 -43.85 6.91 -5.23
CA THR D 177 -42.99 8.02 -5.67
C THR D 177 -42.70 8.97 -4.52
N GLU D 178 -43.75 9.34 -3.79
CA GLU D 178 -43.60 10.18 -2.61
C GLU D 178 -42.65 9.54 -1.61
N SER D 179 -42.90 8.27 -1.31
CA SER D 179 -42.12 7.54 -0.34
C SER D 179 -40.64 7.40 -0.73
N LEU D 180 -40.38 6.97 -1.97
CA LEU D 180 -39.02 6.88 -2.50
C LEU D 180 -38.30 8.22 -2.46
N ASN D 181 -38.99 9.28 -2.84
CA ASN D 181 -38.34 10.57 -2.90
C ASN D 181 -38.06 11.13 -1.49
N ILE D 182 -38.90 10.75 -0.52
CA ILE D 182 -38.61 11.09 0.87
C ILE D 182 -37.26 10.48 1.29
N VAL D 183 -37.12 9.20 0.98
CA VAL D 183 -35.89 8.44 1.28
C VAL D 183 -34.66 8.99 0.54
N LYS D 184 -34.82 9.28 -0.75
CA LYS D 184 -33.69 9.79 -1.54
C LYS D 184 -33.29 11.19 -1.12
N ASP D 185 -34.25 12.07 -0.82
CA ASP D 185 -33.87 13.39 -0.35
C ASP D 185 -33.08 13.29 0.95
N LEU D 186 -33.57 12.47 1.87
CA LEU D 186 -32.89 12.26 3.14
C LEU D 186 -31.49 11.66 2.97
N VAL D 187 -31.38 10.56 2.25
CA VAL D 187 -30.09 9.90 2.04
C VAL D 187 -29.09 10.87 1.34
N ASN D 188 -29.58 11.60 0.35
CA ASN D 188 -28.74 12.55 -0.43
C ASN D 188 -28.31 13.77 0.38
N THR D 189 -29.00 14.04 1.48
CA THR D 189 -28.67 15.23 2.29
C THR D 189 -27.25 15.07 2.86
N PRO D 190 -26.38 16.07 2.62
CA PRO D 190 -24.99 15.97 3.08
C PRO D 190 -24.91 15.95 4.60
N PRO D 191 -23.85 15.32 5.15
CA PRO D 191 -23.78 14.96 6.58
C PRO D 191 -23.73 16.12 7.59
N MET D 192 -23.25 17.30 7.21
CA MET D 192 -23.28 18.44 8.14
C MET D 192 -24.72 18.80 8.46
N ILE D 193 -25.59 18.59 7.48
CA ILE D 193 -27.00 18.92 7.62
C ILE D 193 -27.81 17.71 8.07
N GLY D 194 -27.51 16.56 7.46
CA GLY D 194 -28.28 15.35 7.70
C GLY D 194 -27.83 14.58 8.93
N THR D 195 -28.01 15.21 10.09
CA THR D 195 -27.62 14.69 11.38
C THR D 195 -28.65 13.70 11.96
N PRO D 196 -28.30 12.99 13.05
CA PRO D 196 -29.35 12.16 13.66
C PRO D 196 -30.60 12.95 14.06
N VAL D 197 -30.41 14.18 14.55
CA VAL D 197 -31.53 15.04 14.88
C VAL D 197 -32.32 15.32 13.62
N TYR D 198 -31.62 15.62 12.52
CA TYR D 198 -32.29 15.86 11.25
C TYR D 198 -33.12 14.65 10.80
N MET D 199 -32.59 13.44 10.95
CA MET D 199 -33.34 12.23 10.63
C MET D 199 -34.63 12.13 11.45
N ALA D 200 -34.53 12.42 12.73
CA ALA D 200 -35.70 12.37 13.60
C ALA D 200 -36.74 13.39 13.16
N GLU D 201 -36.27 14.53 12.64
CA GLU D 201 -37.14 15.57 12.11
C GLU D 201 -37.91 15.09 10.87
N VAL D 202 -37.24 14.38 9.97
CA VAL D 202 -37.92 13.85 8.79
C VAL D 202 -38.96 12.80 9.23
N ALA D 203 -38.61 11.99 10.22
CA ALA D 203 -39.54 11.03 10.80
C ALA D 203 -40.71 11.71 11.50
N GLN D 204 -40.45 12.84 12.15
CA GLN D 204 -41.55 13.59 12.78
C GLN D 204 -42.54 14.11 11.72
N LYS D 205 -42.01 14.56 10.58
CA LYS D 205 -42.89 15.03 9.52
C LYS D 205 -43.74 13.90 8.96
N VAL D 206 -43.15 12.73 8.79
CA VAL D 206 -43.86 11.57 8.27
C VAL D 206 -44.96 11.10 9.26
N ALA D 207 -44.65 11.12 10.55
CA ALA D 207 -45.63 10.78 11.58
C ALA D 207 -46.79 11.78 11.63
N LYS D 208 -46.47 13.06 11.47
CA LYS D 208 -47.50 14.09 11.54
C LYS D 208 -48.40 14.04 10.31
N GLU D 209 -47.81 13.78 9.14
CA GLU D 209 -48.57 13.61 7.91
C GLU D 209 -49.55 12.43 8.00
N ASN D 210 -49.09 11.34 8.58
CA ASN D 210 -49.88 10.11 8.61
C ASN D 210 -50.57 9.83 9.94
N HIS D 211 -50.57 10.81 10.84
CA HIS D 211 -51.15 10.64 12.16
C HIS D 211 -50.58 9.42 12.86
N LEU D 212 -49.26 9.25 12.80
CA LEU D 212 -48.64 8.09 13.42
C LEU D 212 -48.17 8.38 14.83
N GLU D 213 -48.13 7.33 15.64
CA GLU D 213 -47.44 7.39 16.92
C GLU D 213 -45.92 7.49 16.68
N ILE D 214 -45.24 8.41 17.38
CA ILE D 214 -43.78 8.49 17.25
C ILE D 214 -43.08 8.75 18.59
N HIS D 215 -42.02 7.99 18.83
CA HIS D 215 -41.15 8.24 19.98
C HIS D 215 -39.74 8.49 19.50
N VAL D 216 -39.15 9.59 19.95
CA VAL D 216 -37.75 9.89 19.65
C VAL D 216 -36.95 9.90 20.94
N HIS D 217 -36.10 8.89 21.12
CA HIS D 217 -35.31 8.75 22.35
C HIS D 217 -33.86 9.25 22.17
N ASP D 218 -33.22 9.70 23.26
CA ASP D 218 -31.83 10.15 23.21
C ASP D 218 -30.87 9.23 23.97
N GLU D 219 -29.65 9.72 24.20
CA GLU D 219 -28.60 8.90 24.82
C GLU D 219 -28.95 8.47 26.25
N LYS D 220 -29.73 9.29 26.94
CA LYS D 220 -30.12 8.95 28.31
C LYS D 220 -31.06 7.74 28.27
N PHE D 221 -31.95 7.70 27.28
CA PHE D 221 -32.80 6.51 27.10
C PHE D 221 -31.97 5.28 26.74
N LEU D 222 -31.03 5.46 25.82
CA LEU D 222 -30.11 4.37 25.47
C LEU D 222 -29.37 3.85 26.71
N GLU D 223 -28.91 4.76 27.57
CA GLU D 223 -28.22 4.37 28.79
C GLU D 223 -29.12 3.55 29.71
N GLU D 224 -30.36 4.00 29.89
CA GLU D 224 -31.33 3.30 30.73
CA GLU D 224 -31.33 3.30 30.73
C GLU D 224 -31.58 1.89 30.20
N LYS D 225 -31.67 1.76 28.89
CA LYS D 225 -31.95 0.46 28.25
C LYS D 225 -30.69 -0.37 28.09
N LYS D 226 -29.57 0.14 28.60
CA LYS D 226 -28.26 -0.52 28.50
C LYS D 226 -27.86 -0.86 27.06
N MET D 227 -28.21 0.01 26.14
CA MET D 227 -27.82 -0.18 24.74
C MET D 227 -26.40 0.35 24.52
N ASN D 228 -25.43 -0.32 25.13
CA ASN D 228 -24.05 0.15 25.17
C ASN D 228 -23.29 -0.06 23.86
N ALA D 229 -23.77 -0.96 23.01
CA ALA D 229 -23.16 -1.16 21.71
C ALA D 229 -23.43 0.06 20.83
N PHE D 230 -24.70 0.49 20.80
CA PHE D 230 -25.15 1.69 20.11
C PHE D 230 -24.40 2.92 20.64
N LEU D 231 -24.37 3.08 21.96
CA LEU D 231 -23.74 4.23 22.58
C LEU D 231 -22.25 4.32 22.23
N ALA D 232 -21.58 3.17 22.15
CA ALA D 232 -20.14 3.13 21.88
C ALA D 232 -19.82 3.77 20.54
N VAL D 233 -20.59 3.42 19.53
CA VAL D 233 -20.40 3.99 18.20
C VAL D 233 -20.56 5.52 18.24
N ASN D 234 -21.50 6.00 19.04
CA ASN D 234 -21.77 7.41 19.16
C ASN D 234 -20.75 8.18 20.02
N LYS D 235 -20.00 7.48 20.87
CA LYS D 235 -19.15 8.17 21.85
C LYS D 235 -18.27 9.29 21.27
N ALA D 236 -17.61 9.05 20.13
CA ALA D 236 -16.74 10.07 19.56
C ALA D 236 -17.43 11.42 19.33
N SER D 237 -18.70 11.36 18.96
CA SER D 237 -19.41 12.53 18.47
C SER D 237 -20.62 12.92 19.32
N LEU D 238 -20.78 12.28 20.48
CA LEU D 238 -21.90 12.57 21.38
C LEU D 238 -22.09 14.08 21.64
N SER D 239 -21.00 14.79 21.90
CA SER D 239 -21.08 16.20 22.27
C SER D 239 -21.34 17.08 21.04
N VAL D 240 -21.17 16.52 19.85
CA VAL D 240 -21.45 17.25 18.61
C VAL D 240 -22.84 16.94 18.07
N ASN D 241 -23.10 15.67 17.78
CA ASN D 241 -24.42 15.25 17.36
C ASN D 241 -24.85 14.04 18.15
N PRO D 242 -25.72 14.26 19.13
CA PRO D 242 -26.20 13.17 19.97
C PRO D 242 -27.02 12.16 19.17
N PRO D 243 -27.07 10.91 19.64
CA PRO D 243 -27.77 9.86 18.90
C PRO D 243 -29.28 9.97 19.10
N ARG D 244 -30.02 9.33 18.21
CA ARG D 244 -31.48 9.31 18.29
C ARG D 244 -31.95 7.88 17.97
N LEU D 245 -32.77 7.33 18.87
CA LEU D 245 -33.50 6.10 18.56
C LEU D 245 -34.92 6.51 18.17
N ILE D 246 -35.24 6.29 16.90
CA ILE D 246 -36.53 6.71 16.34
C ILE D 246 -37.47 5.51 16.24
N HIS D 247 -38.69 5.71 16.74
CA HIS D 247 -39.66 4.64 16.80
C HIS D 247 -41.01 5.17 16.33
N LEU D 248 -41.37 4.85 15.08
CA LEU D 248 -42.67 5.15 14.50
C LEU D 248 -43.61 3.97 14.68
N VAL D 249 -44.90 4.24 14.88
CA VAL D 249 -45.86 3.16 14.96
C VAL D 249 -47.07 3.44 14.09
N TYR D 250 -47.34 2.53 13.19
CA TYR D 250 -48.57 2.55 12.42
C TYR D 250 -49.46 1.47 12.99
N LYS D 251 -50.65 1.86 13.46
CA LYS D 251 -51.54 0.89 14.07
C LYS D 251 -52.95 1.09 13.49
N PRO D 252 -53.30 0.27 12.50
CA PRO D 252 -54.58 0.40 11.80
C PRO D 252 -55.72 -0.22 12.60
N LYS D 253 -56.96 -0.02 12.14
CA LYS D 253 -58.14 -0.56 12.82
C LYS D 253 -58.09 -2.08 12.82
N LYS D 254 -57.57 -2.65 11.75
CA LYS D 254 -57.43 -4.09 11.63
C LYS D 254 -55.97 -4.47 11.39
N ALA D 255 -55.39 -5.27 12.27
CA ALA D 255 -54.01 -5.70 12.12
C ALA D 255 -53.88 -7.23 12.15
N LYS D 256 -53.54 -7.81 11.00
CA LYS D 256 -53.36 -9.25 10.89
C LYS D 256 -51.98 -9.68 11.36
N LYS D 257 -51.01 -8.78 11.26
CA LYS D 257 -49.65 -9.05 11.73
C LYS D 257 -49.02 -7.83 12.43
N LYS D 258 -48.04 -8.10 13.28
CA LYS D 258 -47.21 -7.05 13.86
C LYS D 258 -45.80 -7.18 13.24
N ILE D 259 -45.34 -6.11 12.61
CA ILE D 259 -44.09 -6.16 11.85
C ILE D 259 -43.15 -5.05 12.33
N ALA D 260 -41.91 -5.44 12.65
CA ALA D 260 -40.89 -4.48 13.06
C ALA D 260 -39.87 -4.33 11.95
N LEU D 261 -39.65 -3.08 11.57
CA LEU D 261 -38.69 -2.75 10.51
C LEU D 261 -37.56 -1.98 11.13
N VAL D 262 -36.36 -2.52 11.05
CA VAL D 262 -35.25 -1.97 11.80
C VAL D 262 -34.17 -1.46 10.84
N GLY D 263 -33.77 -0.20 10.96
CA GLY D 263 -32.87 0.40 9.99
C GLY D 263 -31.62 1.00 10.60
N LYS D 264 -30.48 0.77 9.94
CA LYS D 264 -29.22 1.37 10.32
C LYS D 264 -29.24 2.83 9.84
N GLY D 265 -29.21 3.76 10.78
CA GLY D 265 -29.17 5.17 10.43
C GLY D 265 -27.83 5.85 10.69
N LEU D 266 -26.77 5.35 10.07
CA LEU D 266 -25.48 5.99 10.27
C LEU D 266 -25.40 7.21 9.37
N THR D 267 -25.58 8.40 9.94
CA THR D 267 -25.67 9.58 9.11
C THR D 267 -24.30 10.01 8.58
N TYR D 268 -23.25 9.53 9.23
CA TYR D 268 -21.93 9.50 8.56
C TYR D 268 -21.06 8.44 9.20
N ASP D 269 -20.30 7.75 8.36
CA ASP D 269 -19.42 6.66 8.78
C ASP D 269 -18.02 6.95 8.26
N CYS D 270 -17.15 7.47 9.12
CA CYS D 270 -15.77 7.72 8.72
C CYS D 270 -14.90 6.52 9.04
N GLY D 271 -15.52 5.52 9.69
CA GLY D 271 -14.83 4.31 10.13
C GLY D 271 -14.37 4.37 11.58
N GLY D 272 -14.44 5.57 12.19
CA GLY D 272 -13.98 5.79 13.55
C GLY D 272 -12.46 5.75 13.61
N LEU D 273 -11.91 5.25 14.72
CA LEU D 273 -10.45 5.13 14.85
C LEU D 273 -9.86 4.25 13.73
N SER D 274 -10.58 3.20 13.38
CA SER D 274 -10.24 2.40 12.19
C SER D 274 -10.65 3.19 10.93
N LEU D 275 -9.98 4.33 10.71
CA LEU D 275 -10.38 5.32 9.71
C LEU D 275 -10.38 4.80 8.26
N LYS D 276 -11.43 5.15 7.52
CA LYS D 276 -11.52 4.85 6.09
C LYS D 276 -10.56 5.71 5.27
N PRO D 277 -9.92 5.14 4.24
CA PRO D 277 -9.19 5.99 3.30
C PRO D 277 -10.15 6.90 2.54
N ALA D 278 -9.64 8.00 1.99
CA ALA D 278 -10.46 8.99 1.31
C ALA D 278 -11.33 8.38 0.22
N ASP D 279 -10.79 7.43 -0.53
CA ASP D 279 -11.52 6.81 -1.64
C ASP D 279 -12.79 6.13 -1.18
N TYR D 280 -12.78 5.68 0.08
CA TYR D 280 -13.89 4.88 0.58
C TYR D 280 -14.82 5.65 1.49
N MET D 281 -14.37 6.80 1.96
CA MET D 281 -15.20 7.60 2.86
C MET D 281 -16.24 8.39 2.10
N VAL D 282 -15.88 8.89 0.92
CA VAL D 282 -16.81 9.60 0.06
C VAL D 282 -18.02 8.64 -0.19
N THR D 283 -19.23 9.21 -0.14
CA THR D 283 -20.56 8.54 -0.24
C THR D 283 -21.09 7.99 1.07
N MET D 284 -20.32 8.04 2.16
CA MET D 284 -20.80 7.48 3.42
C MET D 284 -21.90 8.33 4.10
N LYS D 285 -22.26 9.48 3.53
CA LYS D 285 -23.50 10.15 3.96
C LYS D 285 -24.68 9.20 3.78
N ALA D 286 -24.49 8.22 2.89
CA ALA D 286 -25.54 7.27 2.55
C ALA D 286 -25.56 6.07 3.48
N ASP D 287 -24.74 6.09 4.53
CA ASP D 287 -24.78 4.98 5.48
C ASP D 287 -26.04 5.03 6.32
N LYS D 288 -26.89 6.03 6.08
CA LYS D 288 -28.21 6.09 6.71
C LYS D 288 -29.28 5.55 5.76
N GLY D 289 -28.83 4.85 4.72
CA GLY D 289 -29.73 4.29 3.72
C GLY D 289 -30.83 3.39 4.27
N GLY D 290 -30.48 2.52 5.23
CA GLY D 290 -31.43 1.58 5.80
C GLY D 290 -32.48 2.23 6.70
N GLY D 291 -32.01 3.08 7.61
CA GLY D 291 -32.91 3.86 8.45
C GLY D 291 -33.84 4.77 7.63
N SER D 292 -33.29 5.41 6.60
CA SER D 292 -34.12 6.24 5.74
C SER D 292 -35.18 5.40 5.04
N ALA D 293 -34.80 4.19 4.62
CA ALA D 293 -35.74 3.31 3.95
C ALA D 293 -36.89 2.94 4.89
N VAL D 294 -36.59 2.77 6.16
CA VAL D 294 -37.64 2.43 7.12
C VAL D 294 -38.62 3.60 7.32
N ILE D 295 -38.12 4.84 7.34
CA ILE D 295 -38.98 6.02 7.42
C ILE D 295 -39.93 6.09 6.21
N GLY D 296 -39.39 5.89 5.01
CA GLY D 296 -40.22 5.84 3.81
C GLY D 296 -41.22 4.70 3.78
N LEU D 297 -40.84 3.57 4.37
CA LEU D 297 -41.72 2.41 4.41
C LEU D 297 -42.97 2.70 5.26
N LEU D 298 -42.75 3.31 6.42
CA LEU D 298 -43.85 3.67 7.31
C LEU D 298 -44.83 4.59 6.60
N ASN D 299 -44.31 5.45 5.73
CA ASN D 299 -45.14 6.38 4.97
C ASN D 299 -45.91 5.67 3.87
N ALA D 300 -45.28 4.70 3.23
CA ALA D 300 -45.91 3.94 2.16
C ALA D 300 -46.98 3.02 2.72
N LEU D 301 -46.62 2.31 3.79
CA LEU D 301 -47.49 1.28 4.33
C LEU D 301 -48.73 1.89 4.98
N ALA D 302 -48.56 3.06 5.58
CA ALA D 302 -49.69 3.76 6.19
C ALA D 302 -50.63 4.31 5.12
N LYS D 303 -50.06 4.94 4.09
CA LYS D 303 -50.90 5.55 3.05
C LYS D 303 -51.60 4.48 2.23
N LEU D 304 -50.99 3.32 2.13
CA LEU D 304 -51.65 2.19 1.46
C LEU D 304 -52.66 1.52 2.40
N GLY D 305 -52.61 1.88 3.68
CA GLY D 305 -53.54 1.35 4.67
C GLY D 305 -53.49 -0.16 4.84
N VAL D 306 -52.29 -0.73 4.84
CA VAL D 306 -52.17 -2.18 4.96
C VAL D 306 -52.63 -2.63 6.35
N GLU D 307 -53.14 -3.84 6.42
CA GLU D 307 -53.71 -4.38 7.64
C GLU D 307 -52.66 -5.01 8.57
N ALA D 308 -51.72 -4.20 9.01
CA ALA D 308 -50.70 -4.68 9.93
C ALA D 308 -50.25 -3.56 10.82
N GLU D 309 -49.90 -3.90 12.05
CA GLU D 309 -49.29 -2.92 12.92
C GLU D 309 -47.82 -2.91 12.53
N VAL D 310 -47.31 -1.76 12.11
CA VAL D 310 -45.93 -1.72 11.66
C VAL D 310 -45.12 -0.77 12.52
N HIS D 311 -44.01 -1.26 13.05
CA HIS D 311 -43.11 -0.44 13.85
C HIS D 311 -41.86 -0.15 13.05
N GLY D 312 -41.45 1.11 13.02
CA GLY D 312 -40.25 1.49 12.32
C GLY D 312 -39.23 1.98 13.32
N ILE D 313 -38.13 1.24 13.43
CA ILE D 313 -37.10 1.51 14.42
C ILE D 313 -35.79 1.89 13.73
N ILE D 314 -35.29 3.08 14.02
CA ILE D 314 -34.08 3.59 13.39
C ILE D 314 -33.07 3.97 14.44
N GLY D 315 -31.90 3.34 14.41
CA GLY D 315 -30.80 3.76 15.28
C GLY D 315 -29.94 4.75 14.52
N ALA D 316 -29.98 6.01 14.93
CA ALA D 316 -29.30 7.09 14.24
C ALA D 316 -28.12 7.67 15.01
N THR D 317 -26.94 7.70 14.38
CA THR D 317 -25.72 8.26 14.97
C THR D 317 -24.69 8.40 13.86
N GLU D 318 -23.67 9.22 14.07
CA GLU D 318 -22.49 9.17 13.22
C GLU D 318 -21.51 8.17 13.82
N ASN D 319 -20.54 7.74 13.02
CA ASN D 319 -19.40 6.96 13.51
C ASN D 319 -18.17 7.80 13.23
N MET D 320 -17.79 8.64 14.19
CA MET D 320 -16.72 9.59 13.97
C MET D 320 -15.42 9.19 14.68
N ILE D 321 -14.38 9.97 14.45
CA ILE D 321 -13.11 9.75 15.09
C ILE D 321 -12.83 10.93 16.03
N GLY D 322 -12.17 10.67 17.16
CA GLY D 322 -11.90 11.72 18.13
C GLY D 322 -11.36 11.12 19.41
N PRO D 323 -11.04 11.97 20.39
CA PRO D 323 -10.37 11.46 21.60
C PRO D 323 -11.30 10.63 22.50
N ALA D 324 -12.61 10.70 22.28
CA ALA D 324 -13.53 9.88 23.08
C ALA D 324 -14.05 8.66 22.31
N ALA D 325 -13.49 8.42 21.13
CA ALA D 325 -13.98 7.34 20.27
C ALA D 325 -13.86 5.96 20.91
N TYR D 326 -14.83 5.08 20.66
CA TYR D 326 -14.67 3.69 21.09
C TYR D 326 -13.53 3.08 20.27
N LYS D 327 -12.95 1.95 20.75
CA LYS D 327 -11.65 1.53 20.24
C LYS D 327 -11.60 0.06 19.86
N PRO D 328 -10.73 -0.28 18.88
CA PRO D 328 -10.34 -1.70 18.74
C PRO D 328 -9.78 -2.10 20.13
N ASP D 329 -10.23 -3.25 20.65
CA ASP D 329 -9.94 -3.82 22.01
C ASP D 329 -11.06 -3.52 23.01
N ASP D 330 -12.04 -2.68 22.66
CA ASP D 330 -13.12 -2.43 23.59
C ASP D 330 -14.02 -3.66 23.60
N ILE D 331 -14.60 -3.93 24.76
CA ILE D 331 -15.46 -5.06 24.96
C ILE D 331 -16.76 -4.55 25.53
N LEU D 332 -17.76 -4.61 24.67
CA LEU D 332 -19.02 -3.97 24.91
C LEU D 332 -20.09 -4.95 25.38
N ILE D 333 -20.98 -4.52 26.27
CA ILE D 333 -22.05 -5.35 26.74
C ILE D 333 -23.32 -4.90 26.02
N SER D 334 -23.78 -5.74 25.13
CA SER D 334 -24.99 -5.50 24.38
C SER D 334 -26.21 -5.48 25.33
N LYS D 335 -27.30 -4.90 24.84
CA LYS D 335 -28.56 -4.87 25.56
C LYS D 335 -29.07 -6.29 25.78
N GLU D 336 -28.82 -7.17 24.81
CA GLU D 336 -29.25 -8.56 24.96
C GLU D 336 -28.43 -9.25 26.04
N GLY D 337 -27.24 -8.73 26.27
CA GLY D 337 -26.41 -9.24 27.32
C GLY D 337 -25.11 -9.84 26.88
N LYS D 338 -25.02 -10.27 25.62
CA LYS D 338 -23.82 -10.81 25.10
C LYS D 338 -22.75 -9.74 24.97
N SER D 339 -21.51 -10.10 25.27
CA SER D 339 -20.39 -9.18 25.16
C SER D 339 -19.76 -9.23 23.76
N ILE D 340 -19.26 -8.08 23.30
CA ILE D 340 -18.72 -7.94 21.96
C ILE D 340 -17.28 -7.43 21.99
N GLU D 341 -16.34 -8.21 21.47
CA GLU D 341 -14.97 -7.72 21.29
C GLU D 341 -14.90 -6.86 20.03
N VAL D 342 -14.60 -5.58 20.19
CA VAL D 342 -14.33 -4.71 19.04
C VAL D 342 -12.89 -4.87 18.54
N ARG D 343 -12.72 -5.28 17.29
CA ARG D 343 -11.38 -5.34 16.70
C ARG D 343 -11.22 -4.30 15.58
N ASN D 344 -12.32 -3.68 15.20
CA ASN D 344 -12.33 -2.71 14.11
C ASN D 344 -13.56 -1.84 14.25
N THR D 345 -13.35 -0.54 14.44
CA THR D 345 -14.42 0.38 14.71
C THR D 345 -15.27 0.68 13.48
N ASP D 346 -14.80 0.24 12.32
CA ASP D 346 -15.49 0.42 11.05
C ASP D 346 -16.54 -0.67 10.84
N ALA D 347 -16.63 -1.60 11.78
CA ALA D 347 -17.77 -2.52 11.78
C ALA D 347 -18.77 -2.05 12.84
N GLU D 348 -19.31 -0.84 12.63
CA GLU D 348 -20.12 -0.14 13.62
C GLU D 348 -21.63 -0.35 13.44
N GLY D 349 -22.05 -0.60 12.20
CA GLY D 349 -23.46 -0.77 11.93
C GLY D 349 -24.06 -1.94 12.69
N ARG D 350 -23.34 -3.05 12.76
CA ARG D 350 -23.82 -4.26 13.40
C ARG D 350 -23.94 -4.07 14.92
N LEU D 351 -23.19 -3.11 15.47
CA LEU D 351 -23.28 -2.79 16.88
C LEU D 351 -24.56 -1.98 17.15
N VAL D 352 -24.84 -0.98 16.32
CA VAL D 352 -26.10 -0.24 16.45
C VAL D 352 -27.25 -1.20 16.26
N LEU D 353 -27.16 -2.06 15.24
CA LEU D 353 -28.25 -2.97 14.93
C LEU D 353 -28.47 -4.01 16.03
N ALA D 354 -27.39 -4.49 16.63
CA ALA D 354 -27.51 -5.43 17.74
C ALA D 354 -28.43 -4.90 18.83
N ASP D 355 -28.26 -3.64 19.20
CA ASP D 355 -29.11 -3.05 20.22
C ASP D 355 -30.50 -2.68 19.70
N CYS D 356 -30.60 -2.21 18.47
CA CYS D 356 -31.91 -1.87 17.91
C CYS D 356 -32.77 -3.11 17.70
N LEU D 357 -32.15 -4.23 17.30
CA LEU D 357 -32.88 -5.49 17.17
C LEU D 357 -33.43 -5.98 18.51
N SER D 358 -32.64 -5.80 19.56
CA SER D 358 -33.07 -6.14 20.91
C SER D 358 -34.32 -5.33 21.30
N TYR D 359 -34.25 -4.02 21.10
CA TYR D 359 -35.40 -3.14 21.28
C TYR D 359 -36.62 -3.62 20.47
N ALA D 360 -36.37 -3.94 19.20
CA ALA D 360 -37.43 -4.43 18.33
C ALA D 360 -38.11 -5.69 18.87
N GLN D 361 -37.30 -6.62 19.39
CA GLN D 361 -37.83 -7.91 19.81
C GLN D 361 -38.69 -7.80 21.06
N ASP D 362 -38.45 -6.74 21.85
CA ASP D 362 -39.21 -6.50 23.08
C ASP D 362 -40.66 -6.17 22.77
N LEU D 363 -40.91 -5.82 21.52
CA LEU D 363 -42.25 -5.48 21.05
C LEU D 363 -43.05 -6.72 20.70
N ASN D 364 -42.41 -7.87 20.83
CA ASN D 364 -42.98 -9.16 20.42
C ASN D 364 -43.62 -9.18 19.02
N PRO D 365 -42.86 -8.78 17.99
CA PRO D 365 -43.42 -8.75 16.63
C PRO D 365 -43.53 -10.15 16.03
N ASP D 366 -44.38 -10.29 15.02
CA ASP D 366 -44.48 -11.54 14.28
C ASP D 366 -43.37 -11.64 13.24
N VAL D 367 -42.94 -10.50 12.72
CA VAL D 367 -41.88 -10.48 11.71
C VAL D 367 -40.96 -9.33 12.02
N ILE D 368 -39.66 -9.56 11.83
CA ILE D 368 -38.64 -8.52 11.94
C ILE D 368 -37.82 -8.53 10.67
N VAL D 369 -37.71 -7.37 10.04
CA VAL D 369 -36.83 -7.21 8.89
C VAL D 369 -35.89 -6.06 9.17
N ASP D 370 -34.59 -6.26 9.02
CA ASP D 370 -33.68 -5.14 9.20
C ASP D 370 -33.07 -4.76 7.86
N PHE D 371 -32.82 -3.45 7.71
CA PHE D 371 -32.20 -2.90 6.52
C PHE D 371 -30.95 -2.14 6.89
N ALA D 372 -29.85 -2.42 6.18
CA ALA D 372 -28.59 -1.79 6.51
C ALA D 372 -27.65 -1.78 5.33
N THR D 373 -26.97 -0.65 5.14
CA THR D 373 -25.85 -0.57 4.22
C THR D 373 -24.62 -1.12 4.96
N LEU D 374 -24.54 -2.43 5.10
CA LEU D 374 -23.73 -3.00 6.16
C LEU D 374 -22.33 -3.48 5.77
N THR D 375 -22.16 -4.06 4.59
CA THR D 375 -20.84 -4.60 4.26
C THR D 375 -20.39 -4.26 2.84
N GLY D 376 -19.09 -3.99 2.68
CA GLY D 376 -18.51 -3.87 1.36
C GLY D 376 -18.51 -5.22 0.66
N ALA D 377 -18.35 -6.28 1.45
CA ALA D 377 -18.23 -7.64 0.91
C ALA D 377 -19.49 -8.05 0.15
N CYS D 378 -20.64 -7.54 0.60
CA CYS D 378 -21.90 -7.78 -0.10
C CYS D 378 -21.88 -7.18 -1.49
N VAL D 379 -21.38 -5.94 -1.59
CA VAL D 379 -21.25 -5.25 -2.86
C VAL D 379 -20.23 -5.95 -3.77
N VAL D 380 -19.13 -6.42 -3.18
CA VAL D 380 -18.15 -7.17 -3.96
C VAL D 380 -18.77 -8.46 -4.53
N GLY D 381 -19.54 -9.18 -3.71
CA GLY D 381 -20.11 -10.46 -4.11
C GLY D 381 -21.25 -10.36 -5.11
N LEU D 382 -22.10 -9.36 -4.92
CA LEU D 382 -23.33 -9.25 -5.71
C LEU D 382 -23.32 -8.12 -6.75
N GLY D 383 -22.43 -7.15 -6.58
CA GLY D 383 -22.44 -5.98 -7.45
C GLY D 383 -23.20 -4.84 -6.79
N GLU D 384 -23.14 -3.65 -7.38
CA GLU D 384 -23.71 -2.46 -6.74
C GLU D 384 -25.22 -2.37 -6.80
N PHE D 385 -25.87 -3.23 -7.59
CA PHE D 385 -27.28 -3.02 -7.95
C PHE D 385 -28.22 -4.00 -7.26
N THR D 386 -27.65 -4.90 -6.46
CA THR D 386 -28.36 -6.03 -5.90
C THR D 386 -28.17 -6.08 -4.38
N SER D 387 -29.26 -6.27 -3.65
CA SER D 387 -29.20 -6.43 -2.19
C SER D 387 -29.22 -7.89 -1.79
N ALA D 388 -28.67 -8.19 -0.61
CA ALA D 388 -28.60 -9.56 -0.12
C ALA D 388 -29.68 -9.82 0.92
N ILE D 389 -30.28 -10.99 0.86
CA ILE D 389 -31.28 -11.40 1.86
C ILE D 389 -30.71 -12.52 2.72
N MET D 390 -30.75 -12.34 4.03
CA MET D 390 -30.26 -13.37 4.93
C MET D 390 -31.28 -13.71 6.02
N GLY D 391 -31.14 -14.89 6.62
CA GLY D 391 -32.06 -15.35 7.64
C GLY D 391 -32.10 -16.87 7.71
N HIS D 392 -33.01 -17.40 8.53
CA HIS D 392 -33.09 -18.84 8.73
C HIS D 392 -34.31 -19.43 8.03
N ASN D 393 -35.39 -18.69 8.01
CA ASN D 393 -36.68 -19.16 7.50
C ASN D 393 -36.70 -19.04 6.00
N GLU D 394 -36.60 -20.17 5.30
CA GLU D 394 -36.47 -20.16 3.84
C GLU D 394 -37.73 -19.61 3.17
N GLU D 395 -38.88 -19.95 3.75
CA GLU D 395 -40.15 -19.49 3.20
C GLU D 395 -40.25 -17.97 3.30
N LEU D 396 -39.79 -17.41 4.41
CA LEU D 396 -39.85 -15.97 4.61
C LEU D 396 -38.87 -15.25 3.65
N LYS D 397 -37.70 -15.84 3.50
CA LYS D 397 -36.68 -15.32 2.58
C LYS D 397 -37.15 -15.38 1.13
N ASN D 398 -37.79 -16.50 0.74
CA ASN D 398 -38.34 -16.65 -0.60
C ASN D 398 -39.48 -15.69 -0.86
N LEU D 399 -40.29 -15.43 0.16
CA LEU D 399 -41.36 -14.48 0.02
C LEU D 399 -40.79 -13.08 -0.20
N PHE D 400 -39.77 -12.71 0.55
CA PHE D 400 -39.19 -11.39 0.39
C PHE D 400 -38.54 -11.31 -0.99
N GLU D 401 -37.80 -12.34 -1.38
CA GLU D 401 -37.10 -12.32 -2.65
C GLU D 401 -38.06 -12.19 -3.84
N THR D 402 -39.07 -13.05 -3.89
CA THR D 402 -40.03 -13.09 -4.99
CA THR D 402 -40.00 -13.06 -5.02
C THR D 402 -40.82 -11.78 -5.09
N SER D 403 -41.29 -11.30 -3.95
CA SER D 403 -42.08 -10.06 -3.93
C SER D 403 -41.21 -8.88 -4.33
N GLY D 404 -40.00 -8.82 -3.76
CA GLY D 404 -39.06 -7.77 -4.11
C GLY D 404 -38.65 -7.76 -5.57
N LEU D 405 -38.41 -8.93 -6.16
CA LEU D 405 -38.07 -8.98 -7.58
C LEU D 405 -39.22 -8.45 -8.43
N GLU D 406 -40.45 -8.80 -8.09
CA GLU D 406 -41.62 -8.30 -8.83
C GLU D 406 -41.79 -6.79 -8.70
N SER D 407 -41.34 -6.23 -7.57
CA SER D 407 -41.51 -4.80 -7.34
C SER D 407 -40.47 -4.02 -8.13
N GLY D 408 -39.47 -4.72 -8.67
CA GLY D 408 -38.46 -4.08 -9.48
C GLY D 408 -37.08 -3.98 -8.83
N GLU D 409 -36.91 -4.55 -7.64
CA GLU D 409 -35.60 -4.54 -6.98
C GLU D 409 -34.84 -5.80 -7.30
N LEU D 410 -33.52 -5.70 -7.38
CA LEU D 410 -32.64 -6.84 -7.58
C LEU D 410 -32.17 -7.37 -6.23
N LEU D 411 -32.40 -8.66 -6.00
CA LEU D 411 -32.08 -9.32 -4.73
C LEU D 411 -31.46 -10.68 -4.92
N ALA D 412 -30.68 -11.12 -3.93
CA ALA D 412 -30.13 -12.47 -3.90
C ALA D 412 -30.14 -12.99 -2.47
N LYS D 413 -30.44 -14.28 -2.29
CA LYS D 413 -30.29 -14.89 -0.97
C LYS D 413 -28.83 -15.27 -0.76
N LEU D 414 -28.29 -15.02 0.43
CA LEU D 414 -26.97 -15.55 0.76
C LEU D 414 -27.12 -16.50 1.94
N PRO D 415 -26.59 -17.73 1.81
CA PRO D 415 -26.79 -18.77 2.82
C PRO D 415 -25.79 -18.75 3.96
N PHE D 416 -26.29 -18.93 5.17
CA PHE D 416 -25.45 -19.19 6.34
C PHE D 416 -24.83 -20.57 6.21
N ASN D 417 -23.76 -20.82 6.95
CA ASN D 417 -23.32 -22.18 7.20
C ASN D 417 -22.46 -22.20 8.46
N ARG D 418 -22.26 -23.39 9.02
CA ARG D 418 -21.61 -23.54 10.32
C ARG D 418 -20.13 -23.19 10.31
N HIS D 419 -19.50 -23.28 9.15
CA HIS D 419 -18.08 -22.94 9.04
C HIS D 419 -17.90 -21.44 9.19
N LEU D 420 -18.79 -20.67 8.56
CA LEU D 420 -18.75 -19.21 8.66
C LEU D 420 -19.03 -18.74 10.08
N LYS D 421 -19.94 -19.43 10.75
CA LYS D 421 -20.33 -19.02 12.10
C LYS D 421 -19.14 -19.03 13.07
N LYS D 422 -18.22 -19.96 12.89
CA LYS D 422 -17.03 -20.04 13.77
C LYS D 422 -16.09 -18.85 13.61
N LEU D 423 -16.13 -18.18 12.47
CA LEU D 423 -15.19 -17.11 12.17
C LEU D 423 -15.38 -15.82 12.99
N ILE D 424 -16.48 -15.71 13.73
CA ILE D 424 -16.72 -14.52 14.55
C ILE D 424 -16.59 -14.80 16.05
N GLU D 425 -15.99 -15.93 16.38
CA GLU D 425 -15.66 -16.23 17.76
C GLU D 425 -14.65 -15.23 18.30
N SER D 426 -14.69 -15.00 19.61
CA SER D 426 -13.71 -14.18 20.32
C SER D 426 -13.08 -15.01 21.45
N LYS D 427 -11.78 -14.83 21.67
CA LYS D 427 -11.10 -15.51 22.75
C LYS D 427 -11.42 -14.87 24.11
N ILE D 428 -11.96 -13.65 24.08
CA ILE D 428 -12.13 -12.89 25.32
C ILE D 428 -13.50 -12.26 25.48
N ALA D 429 -14.42 -12.57 24.58
CA ALA D 429 -15.80 -12.09 24.68
C ALA D 429 -16.72 -13.12 24.07
N ASP D 430 -18.02 -12.88 24.13
CA ASP D 430 -18.99 -13.82 23.56
C ASP D 430 -18.94 -13.85 22.04
N VAL D 431 -18.59 -12.72 21.43
CA VAL D 431 -18.55 -12.65 19.97
C VAL D 431 -17.63 -11.50 19.56
N CYS D 432 -17.09 -11.58 18.36
CA CYS D 432 -16.21 -10.53 17.82
C CYS D 432 -16.93 -9.74 16.74
N ASN D 433 -16.73 -8.43 16.68
CA ASN D 433 -17.47 -7.63 15.68
C ASN D 433 -16.86 -7.68 14.29
N ILE D 434 -15.77 -8.43 14.14
CA ILE D 434 -15.30 -8.78 12.79
C ILE D 434 -15.02 -10.27 12.67
N SER D 435 -14.87 -10.70 11.43
CA SER D 435 -14.54 -12.07 11.11
C SER D 435 -13.03 -12.22 11.10
N SER D 436 -12.55 -13.42 11.40
CA SER D 436 -11.11 -13.71 11.35
C SER D 436 -10.62 -13.98 9.92
N SER D 437 -11.56 -14.01 8.97
CA SER D 437 -11.21 -14.28 7.58
C SER D 437 -11.53 -13.09 6.69
N ARG D 438 -10.83 -12.96 5.57
CA ARG D 438 -11.11 -11.91 4.60
C ARG D 438 -12.30 -12.27 3.70
N TYR D 439 -12.88 -13.46 3.90
CA TYR D 439 -13.89 -13.99 2.99
C TYR D 439 -15.24 -14.21 3.65
N GLY D 440 -16.32 -13.81 2.97
CA GLY D 440 -17.68 -14.08 3.43
C GLY D 440 -18.22 -13.01 4.36
N GLY D 441 -17.65 -11.81 4.26
CA GLY D 441 -18.01 -10.72 5.15
C GLY D 441 -19.48 -10.34 5.27
N ALA D 442 -20.24 -10.41 4.18
CA ALA D 442 -21.64 -10.02 4.28
C ALA D 442 -22.40 -11.06 5.10
N ILE D 443 -21.93 -12.30 5.03
CA ILE D 443 -22.63 -13.39 5.67
C ILE D 443 -22.21 -13.52 7.15
N THR D 444 -20.95 -13.30 7.44
CA THR D 444 -20.53 -13.35 8.84
C THR D 444 -21.11 -12.15 9.59
N ALA D 445 -21.33 -11.05 8.88
CA ALA D 445 -22.02 -9.91 9.48
C ALA D 445 -23.44 -10.34 9.80
N GLY D 446 -24.07 -11.09 8.91
CA GLY D 446 -25.42 -11.57 9.16
C GLY D 446 -25.44 -12.46 10.38
N LEU D 447 -24.42 -13.32 10.47
CA LEU D 447 -24.29 -14.25 11.60
C LEU D 447 -23.94 -13.55 12.90
N PHE D 448 -23.31 -12.38 12.83
CA PHE D 448 -23.12 -11.55 14.01
C PHE D 448 -24.49 -11.07 14.51
N LEU D 449 -25.28 -10.51 13.61
CA LEU D 449 -26.64 -10.08 13.95
C LEU D 449 -27.44 -11.22 14.57
N ASN D 450 -27.25 -12.42 14.03
CA ASN D 450 -27.97 -13.58 14.51
C ASN D 450 -27.74 -13.85 15.99
N GLU D 451 -26.53 -13.55 16.47
CA GLU D 451 -26.19 -13.75 17.88
C GLU D 451 -27.09 -12.96 18.84
N PHE D 452 -27.79 -11.94 18.32
CA PHE D 452 -28.60 -11.07 19.15
C PHE D 452 -30.07 -11.24 18.86
N ILE D 453 -30.39 -12.23 18.03
CA ILE D 453 -31.77 -12.60 17.76
C ILE D 453 -32.09 -13.80 18.64
N ARG D 454 -33.04 -13.61 19.55
CA ARG D 454 -33.47 -14.68 20.44
C ARG D 454 -33.98 -15.88 19.67
N ASP D 455 -33.85 -17.07 20.26
CA ASP D 455 -34.28 -18.30 19.60
C ASP D 455 -35.70 -18.18 19.08
N GLU D 456 -36.56 -17.52 19.85
CA GLU D 456 -37.97 -17.45 19.52
C GLU D 456 -38.26 -16.42 18.42
N PHE D 457 -37.23 -15.72 17.95
CA PHE D 457 -37.40 -14.77 16.84
C PHE D 457 -36.58 -15.16 15.62
N LYS D 458 -35.75 -16.19 15.74
CA LYS D 458 -34.85 -16.57 14.67
C LYS D 458 -35.59 -16.98 13.40
N ASP D 459 -36.77 -17.57 13.54
CA ASP D 459 -37.53 -17.93 12.34
C ASP D 459 -38.49 -16.84 11.89
N LYS D 460 -38.40 -15.66 12.53
CA LYS D 460 -39.26 -14.55 12.15
C LYS D 460 -38.47 -13.36 11.60
N TRP D 461 -37.20 -13.60 11.30
CA TRP D 461 -36.25 -12.52 11.02
C TRP D 461 -35.63 -12.57 9.62
N LEU D 462 -35.54 -11.41 9.00
CA LEU D 462 -34.79 -11.23 7.76
C LEU D 462 -33.80 -10.10 7.94
N HIS D 463 -32.61 -10.29 7.39
CA HIS D 463 -31.60 -9.24 7.31
C HIS D 463 -31.36 -8.89 5.83
N ILE D 464 -31.48 -7.60 5.49
CA ILE D 464 -31.28 -7.13 4.11
C ILE D 464 -30.11 -6.16 4.01
N ASP D 465 -29.05 -6.57 3.32
CA ASP D 465 -27.86 -5.75 3.17
C ASP D 465 -28.01 -4.97 1.87
N ILE D 466 -28.28 -3.68 1.98
CA ILE D 466 -28.47 -2.82 0.81
C ILE D 466 -27.28 -1.90 0.55
N ALA D 467 -26.11 -2.28 1.05
CA ALA D 467 -24.86 -1.51 0.86
C ALA D 467 -24.64 -1.14 -0.60
N GLY D 468 -24.99 -2.04 -1.50
CA GLY D 468 -24.85 -1.75 -2.91
C GLY D 468 -25.81 -0.69 -3.43
N PRO D 469 -27.08 -1.08 -3.65
CA PRO D 469 -27.97 -0.20 -4.43
C PRO D 469 -28.53 1.00 -3.67
N ALA D 470 -28.36 1.09 -2.36
CA ALA D 470 -28.86 2.27 -1.65
C ALA D 470 -28.27 3.59 -2.18
N TYR D 471 -27.04 3.55 -2.67
CA TYR D 471 -26.42 4.76 -3.19
C TYR D 471 -25.42 4.38 -4.27
N VAL D 472 -25.58 4.95 -5.46
CA VAL D 472 -24.78 4.55 -6.61
C VAL D 472 -24.41 5.80 -7.36
N GLU D 473 -23.15 5.94 -7.70
CA GLU D 473 -22.74 7.22 -8.29
C GLU D 473 -22.88 7.24 -9.82
N LYS D 474 -24.04 6.81 -10.28
CA LYS D 474 -24.45 6.98 -11.68
C LYS D 474 -25.94 6.71 -11.79
N GLU D 475 -26.53 7.02 -12.94
CA GLU D 475 -27.93 6.73 -13.20
C GLU D 475 -28.04 5.28 -13.58
N TRP D 476 -29.07 4.62 -13.08
CA TRP D 476 -29.33 3.24 -13.44
C TRP D 476 -30.81 2.94 -13.16
N ASP D 477 -31.43 2.24 -14.07
CA ASP D 477 -32.84 1.91 -13.97
C ASP D 477 -33.65 3.17 -13.73
N VAL D 478 -34.49 3.17 -12.69
CA VAL D 478 -35.32 4.33 -12.37
C VAL D 478 -34.63 5.26 -11.37
N ASN D 479 -33.33 5.08 -11.20
CA ASN D 479 -32.60 5.82 -10.18
C ASN D 479 -31.63 6.82 -10.74
N SER D 480 -31.68 8.03 -10.20
CA SER D 480 -30.77 9.09 -10.55
C SER D 480 -29.49 8.92 -9.74
N PHE D 481 -28.45 9.66 -10.13
CA PHE D 481 -27.17 9.69 -9.41
C PHE D 481 -27.39 9.78 -7.91
N GLY D 482 -26.73 8.90 -7.16
CA GLY D 482 -26.82 8.97 -5.70
C GLY D 482 -27.87 8.06 -5.11
N ALA D 483 -28.73 8.59 -4.24
CA ALA D 483 -29.67 7.73 -3.50
C ALA D 483 -30.71 7.09 -4.42
N SER D 484 -31.12 5.87 -4.08
CA SER D 484 -32.08 5.14 -4.92
C SER D 484 -33.42 4.88 -4.22
N GLY D 485 -33.40 4.86 -2.89
CA GLY D 485 -34.58 4.44 -2.16
C GLY D 485 -34.70 2.94 -2.09
N ALA D 486 -33.56 2.25 -2.21
CA ALA D 486 -33.48 0.79 -2.13
C ALA D 486 -34.16 0.25 -0.87
N GLY D 487 -34.83 -0.89 -1.00
CA GLY D 487 -35.55 -1.48 0.11
C GLY D 487 -37.04 -1.16 0.18
N VAL D 488 -37.41 0.07 -0.16
CA VAL D 488 -38.81 0.50 0.03
C VAL D 488 -39.81 -0.32 -0.79
N ARG D 489 -39.58 -0.47 -2.08
CA ARG D 489 -40.54 -1.16 -2.94
C ARG D 489 -40.63 -2.63 -2.60
N ALA D 490 -39.47 -3.22 -2.33
CA ALA D 490 -39.38 -4.64 -2.07
C ALA D 490 -40.08 -4.98 -0.75
N CYS D 491 -39.82 -4.20 0.30
CA CYS D 491 -40.42 -4.51 1.59
C CYS D 491 -41.91 -4.21 1.58
N THR D 492 -42.33 -3.25 0.76
CA THR D 492 -43.76 -2.99 0.59
C THR D 492 -44.47 -4.17 -0.09
N ALA D 493 -43.87 -4.65 -1.17
CA ALA D 493 -44.42 -5.82 -1.87
C ALA D 493 -44.46 -7.05 -0.95
N PHE D 494 -43.41 -7.25 -0.15
CA PHE D 494 -43.32 -8.38 0.78
C PHE D 494 -44.42 -8.31 1.85
N VAL D 495 -44.63 -7.13 2.43
CA VAL D 495 -45.67 -6.94 3.43
C VAL D 495 -47.07 -7.17 2.82
N GLU D 496 -47.33 -6.60 1.65
CA GLU D 496 -48.60 -6.83 0.98
C GLU D 496 -48.86 -8.31 0.71
N GLU D 497 -47.83 -9.03 0.24
CA GLU D 497 -48.00 -10.44 -0.07
C GLU D 497 -48.15 -11.28 1.20
N LEU D 498 -47.41 -10.91 2.24
CA LEU D 498 -47.52 -11.56 3.53
C LEU D 498 -48.97 -11.53 4.06
N LEU D 499 -49.60 -10.37 3.95
CA LEU D 499 -50.94 -10.18 4.49
C LEU D 499 -51.99 -10.96 3.69
N LYS D 500 -51.71 -11.22 2.42
CA LYS D 500 -52.59 -12.07 1.61
C LYS D 500 -52.72 -13.46 2.22
N LYS D 501 -51.64 -13.95 2.80
CA LYS D 501 -51.60 -15.31 3.33
C LYS D 501 -52.27 -15.39 4.70
N ALA D 502 -52.31 -14.27 5.41
CA ALA D 502 -52.95 -14.24 6.73
C ALA D 502 -54.46 -14.13 6.63
N MET E 7 -7.67 -18.79 43.33
CA MET E 7 -6.36 -19.32 42.97
C MET E 7 -6.27 -20.80 43.32
N LEU E 8 -5.18 -21.45 42.93
CA LEU E 8 -5.03 -22.88 43.20
C LEU E 8 -4.29 -23.07 44.51
N LYS E 9 -4.97 -23.59 45.53
CA LYS E 9 -4.30 -23.84 46.81
C LYS E 9 -3.30 -24.98 46.70
N ILE E 10 -2.09 -24.76 47.19
CA ILE E 10 -1.12 -25.84 47.26
C ILE E 10 -0.85 -26.20 48.71
N LYS E 11 -1.08 -27.48 49.04
CA LYS E 11 -0.81 -27.98 50.38
C LYS E 11 0.39 -28.91 50.36
N LEU E 12 1.38 -28.62 51.20
CA LEU E 12 2.54 -29.49 51.30
C LEU E 12 2.24 -30.57 52.31
N GLU E 13 2.48 -31.81 51.95
CA GLU E 13 2.20 -32.91 52.87
C GLU E 13 3.41 -33.83 52.99
N LYS E 14 3.77 -34.14 54.24
CA LYS E 14 4.92 -35.00 54.53
C LYS E 14 4.54 -36.47 54.41
N THR E 15 4.43 -36.95 53.17
CA THR E 15 4.10 -38.34 52.93
C THR E 15 4.63 -38.80 51.59
N THR E 16 4.47 -40.08 51.30
CA THR E 16 4.81 -40.58 49.97
C THR E 16 3.73 -40.12 48.99
N PHE E 17 4.07 -40.13 47.71
CA PHE E 17 3.10 -39.78 46.67
C PHE E 17 1.95 -40.80 46.70
N GLU E 18 2.31 -42.07 46.83
CA GLU E 18 1.33 -43.15 46.83
C GLU E 18 0.32 -43.01 47.98
N ASN E 19 0.79 -42.56 49.15
CA ASN E 19 -0.07 -42.45 50.34
C ASN E 19 -0.86 -41.15 50.43
N ALA E 20 -0.38 -40.09 49.78
CA ALA E 20 -1.15 -38.85 49.70
C ALA E 20 -2.51 -39.11 49.07
N LYS E 21 -3.51 -38.37 49.51
CA LYS E 21 -4.87 -38.55 49.01
C LYS E 21 -5.34 -37.34 48.23
N ALA E 22 -5.93 -37.62 47.07
CA ALA E 22 -6.50 -36.60 46.20
C ALA E 22 -7.42 -37.28 45.19
N GLU E 23 -8.27 -36.50 44.54
CA GLU E 23 -9.25 -37.08 43.62
C GLU E 23 -8.65 -37.56 42.31
N CYS E 24 -7.46 -37.06 41.99
CA CYS E 24 -6.74 -37.54 40.82
C CYS E 24 -5.24 -37.34 41.03
N SER E 25 -4.44 -37.93 40.16
CA SER E 25 -2.98 -37.81 40.23
C SER E 25 -2.40 -37.13 39.00
N LEU E 26 -1.27 -36.45 39.19
CA LEU E 26 -0.47 -35.90 38.12
C LEU E 26 0.92 -36.52 38.16
N VAL E 27 1.37 -37.08 37.04
CA VAL E 27 2.74 -37.58 36.93
C VAL E 27 3.40 -37.03 35.66
N PHE E 28 4.61 -36.49 35.80
CA PHE E 28 5.33 -36.00 34.63
C PHE E 28 6.17 -37.09 33.98
N ILE E 29 6.09 -37.17 32.66
CA ILE E 29 6.98 -38.03 31.90
C ILE E 29 8.13 -37.21 31.32
N ILE E 30 9.34 -37.45 31.82
CA ILE E 30 10.53 -36.74 31.36
C ILE E 30 11.23 -37.51 30.25
N ASN E 31 11.30 -36.90 29.06
CA ASN E 31 12.05 -37.45 27.94
C ASN E 31 11.64 -38.89 27.59
N LYS E 32 10.33 -39.11 27.49
CA LYS E 32 9.76 -40.40 27.10
C LYS E 32 10.19 -41.59 27.98
N ASP E 33 10.58 -41.30 29.22
CA ASP E 33 10.95 -42.34 30.19
C ASP E 33 9.74 -42.76 31.02
N PHE E 34 9.17 -43.91 30.70
CA PHE E 34 7.99 -44.39 31.40
C PHE E 34 8.30 -45.46 32.46
N SER E 35 9.51 -45.44 33.01
CA SER E 35 9.94 -46.54 33.87
C SER E 35 9.60 -46.35 35.35
N HIS E 36 9.25 -45.12 35.74
CA HIS E 36 9.04 -44.82 37.15
C HIS E 36 7.85 -45.59 37.73
N ALA E 37 7.90 -45.85 39.04
CA ALA E 37 6.85 -46.58 39.74
C ALA E 37 5.52 -45.83 39.72
N TRP E 38 5.56 -44.52 39.57
CA TRP E 38 4.33 -43.75 39.57
C TRP E 38 3.53 -43.96 38.28
N VAL E 39 4.18 -44.46 37.24
CA VAL E 39 3.46 -44.83 36.04
C VAL E 39 2.74 -46.14 36.32
N LYS E 40 1.53 -46.02 36.87
CA LYS E 40 0.77 -47.11 37.46
C LYS E 40 0.43 -48.23 36.47
N ASN E 41 -0.10 -47.83 35.32
CA ASN E 41 -0.40 -48.78 34.25
C ASN E 41 0.33 -48.39 32.97
N LYS E 42 1.51 -48.96 32.79
CA LYS E 42 2.36 -48.66 31.63
C LYS E 42 1.79 -49.23 30.32
N GLU E 43 1.11 -50.38 30.40
CA GLU E 43 0.61 -51.02 29.20
C GLU E 43 -0.49 -50.17 28.54
N LEU E 44 -1.33 -49.53 29.35
CA LEU E 44 -2.39 -48.67 28.82
C LEU E 44 -1.79 -47.59 27.92
N LEU E 45 -0.71 -46.96 28.39
CA LEU E 45 -0.10 -45.89 27.63
C LEU E 45 0.42 -46.42 26.30
N GLU E 46 0.97 -47.63 26.30
CA GLU E 46 1.45 -48.26 25.07
C GLU E 46 0.29 -48.52 24.11
N THR E 47 -0.75 -49.16 24.63
CA THR E 47 -1.93 -49.50 23.83
C THR E 47 -2.49 -48.30 23.08
N PHE E 48 -2.55 -47.15 23.75
CA PHE E 48 -3.13 -45.95 23.16
C PHE E 48 -2.07 -44.99 22.63
N LYS E 49 -0.84 -45.49 22.50
CA LYS E 49 0.21 -44.80 21.76
C LYS E 49 0.62 -43.44 22.33
N TYR E 50 0.54 -43.29 23.64
CA TYR E 50 1.07 -42.09 24.30
C TYR E 50 2.58 -42.23 24.40
N GLU E 51 3.30 -41.24 23.87
CA GLU E 51 4.76 -41.32 23.79
C GLU E 51 5.40 -40.13 24.48
N GLY E 52 4.62 -39.44 25.31
CA GLY E 52 5.16 -38.39 26.16
C GLY E 52 5.02 -37.00 25.58
N GLU E 53 4.18 -36.88 24.55
CA GLU E 53 3.92 -35.59 23.95
C GLU E 53 2.56 -35.07 24.41
N GLY E 54 2.58 -33.96 25.15
CA GLY E 54 1.35 -33.39 25.66
C GLY E 54 0.82 -34.20 26.82
N VAL E 55 -0.49 -34.19 27.01
CA VAL E 55 -1.07 -34.90 28.13
C VAL E 55 -1.79 -36.17 27.71
N PHE E 56 -1.94 -37.06 28.67
CA PHE E 56 -2.72 -38.28 28.50
C PHE E 56 -3.35 -38.63 29.85
N LEU E 57 -4.62 -38.96 29.85
CA LEU E 57 -5.30 -39.27 31.09
C LEU E 57 -5.65 -40.75 31.20
N ASP E 58 -5.04 -41.43 32.17
CA ASP E 58 -5.41 -42.80 32.55
C ASP E 58 -6.75 -42.72 33.27
N GLN E 59 -7.83 -43.06 32.59
CA GLN E 59 -9.17 -42.87 33.14
C GLN E 59 -9.46 -43.75 34.35
N GLU E 60 -9.08 -45.02 34.26
CA GLU E 60 -9.38 -45.96 35.34
C GLU E 60 -8.62 -45.59 36.61
N ASN E 61 -7.35 -45.21 36.46
CA ASN E 61 -6.54 -44.83 37.61
C ASN E 61 -6.61 -43.34 37.97
N LYS E 62 -7.27 -42.56 37.12
CA LYS E 62 -7.39 -41.11 37.32
C LYS E 62 -6.01 -40.47 37.43
N ILE E 63 -5.12 -40.84 36.52
CA ILE E 63 -3.79 -40.23 36.47
C ILE E 63 -3.60 -39.44 35.20
N LEU E 64 -3.28 -38.17 35.35
CA LEU E 64 -2.92 -37.32 34.23
C LEU E 64 -1.41 -37.37 34.03
N TYR E 65 -0.98 -37.78 32.85
CA TYR E 65 0.43 -37.71 32.51
C TYR E 65 0.67 -36.46 31.68
N ALA E 66 1.76 -35.76 31.97
CA ALA E 66 2.14 -34.57 31.19
C ALA E 66 3.58 -34.69 30.78
N GLY E 67 3.82 -34.59 29.48
CA GLY E 67 5.15 -34.80 28.95
C GLY E 67 6.07 -33.62 29.21
N VAL E 68 7.34 -33.91 29.47
CA VAL E 68 8.37 -32.88 29.61
C VAL E 68 9.51 -33.32 28.70
N LYS E 69 9.59 -32.71 27.52
CA LYS E 69 10.40 -33.29 26.43
C LYS E 69 11.86 -33.47 26.81
N GLU E 70 12.38 -32.52 27.57
CA GLU E 70 13.74 -32.57 28.04
C GLU E 70 13.76 -32.42 29.54
N ASP E 71 14.80 -32.97 30.17
CA ASP E 71 15.03 -32.79 31.59
C ASP E 71 15.40 -31.35 31.91
N ASP E 72 14.42 -30.47 31.97
CA ASP E 72 14.65 -29.03 31.96
C ASP E 72 13.64 -28.31 32.86
N VAL E 73 14.14 -27.52 33.82
CA VAL E 73 13.29 -26.82 34.77
C VAL E 73 12.22 -25.92 34.09
N HIS E 74 12.57 -25.35 32.93
CA HIS E 74 11.62 -24.49 32.23
C HIS E 74 10.50 -25.29 31.57
N LEU E 75 10.80 -26.47 31.06
CA LEU E 75 9.73 -27.27 30.46
C LEU E 75 8.83 -27.85 31.54
N LEU E 76 9.39 -28.10 32.72
CA LEU E 76 8.59 -28.57 33.86
C LEU E 76 7.54 -27.53 34.23
N ARG E 77 7.96 -26.27 34.33
CA ARG E 77 7.08 -25.15 34.59
C ARG E 77 5.93 -25.11 33.59
N GLU E 78 6.28 -25.19 32.32
CA GLU E 78 5.29 -25.20 31.25
C GLU E 78 4.34 -26.40 31.37
N SER E 79 4.89 -27.56 31.69
CA SER E 79 4.06 -28.77 31.75
C SER E 79 3.12 -28.73 32.93
N ALA E 80 3.55 -28.15 34.04
CA ALA E 80 2.71 -28.03 35.23
C ALA E 80 1.50 -27.17 34.91
N CYS E 81 1.74 -26.10 34.16
CA CYS E 81 0.68 -25.18 33.78
C CYS E 81 -0.30 -25.88 32.81
N LEU E 82 0.23 -26.63 31.86
CA LEU E 82 -0.60 -27.36 30.92
C LEU E 82 -1.48 -28.39 31.65
N ALA E 83 -0.91 -29.06 32.65
CA ALA E 83 -1.67 -30.06 33.40
C ALA E 83 -2.84 -29.44 34.13
N VAL E 84 -2.62 -28.27 34.73
CA VAL E 84 -3.69 -27.65 35.47
C VAL E 84 -4.74 -27.05 34.50
N ARG E 85 -4.31 -26.52 33.36
CA ARG E 85 -5.30 -26.03 32.37
C ARG E 85 -6.19 -27.19 31.98
N THR E 86 -5.58 -28.35 31.83
CA THR E 86 -6.29 -29.55 31.44
C THR E 86 -7.27 -29.98 32.53
N LEU E 87 -6.76 -30.08 33.77
CA LEU E 87 -7.60 -30.49 34.90
C LEU E 87 -8.70 -29.48 35.24
N LYS E 88 -8.46 -28.21 34.91
CA LYS E 88 -9.43 -27.15 35.19
C LYS E 88 -10.81 -27.40 34.56
N LYS E 89 -10.83 -28.16 33.46
CA LYS E 89 -12.07 -28.37 32.74
C LYS E 89 -12.76 -29.67 33.18
N LEU E 90 -12.16 -30.37 34.14
CA LEU E 90 -12.69 -31.67 34.57
C LEU E 90 -13.42 -31.57 35.91
N ALA E 91 -13.71 -32.71 36.52
CA ALA E 91 -14.57 -32.73 37.70
C ALA E 91 -13.83 -33.08 38.99
N PHE E 92 -12.50 -33.00 38.98
CA PHE E 92 -11.73 -33.34 40.18
C PHE E 92 -11.46 -32.11 41.02
N LYS E 93 -11.68 -32.24 42.33
CA LYS E 93 -11.57 -31.08 43.21
C LYS E 93 -10.12 -30.89 43.62
N SER E 94 -9.30 -31.93 43.45
CA SER E 94 -7.92 -31.91 43.90
C SER E 94 -7.05 -32.89 43.13
N VAL E 95 -5.79 -32.52 42.96
CA VAL E 95 -4.83 -33.37 42.27
C VAL E 95 -3.62 -33.50 43.18
N LYS E 96 -2.97 -34.64 43.15
CA LYS E 96 -1.76 -34.84 43.92
C LYS E 96 -0.55 -34.98 43.00
N VAL E 97 0.60 -34.50 43.47
CA VAL E 97 1.80 -34.53 42.66
C VAL E 97 3.04 -34.69 43.56
N GLY E 98 4.09 -35.32 43.04
CA GLY E 98 5.33 -35.45 43.77
C GLY E 98 6.30 -34.33 43.44
N VAL E 99 7.50 -34.39 44.01
CA VAL E 99 8.49 -33.34 43.79
C VAL E 99 9.51 -33.73 42.72
N TYR E 100 9.62 -32.90 41.69
CA TYR E 100 10.49 -33.19 40.55
C TYR E 100 11.74 -32.30 40.55
N THR E 101 12.84 -32.84 40.06
CA THR E 101 14.08 -32.08 40.02
C THR E 101 14.74 -32.24 38.64
N CYS E 102 14.36 -31.36 37.73
CA CYS E 102 14.92 -31.34 36.39
C CYS E 102 16.19 -30.49 36.34
N GLY E 103 16.91 -30.57 35.22
CA GLY E 103 18.09 -29.74 35.01
C GLY E 103 17.80 -28.26 35.23
N ALA E 104 18.55 -27.64 36.13
CA ALA E 104 18.31 -26.24 36.52
C ALA E 104 19.42 -25.32 36.03
N ALA E 110 19.04 -25.55 43.11
CA ALA E 110 18.44 -26.33 42.03
C ALA E 110 17.11 -26.94 42.47
N LEU E 111 17.07 -27.54 43.66
CA LEU E 111 15.81 -28.03 44.21
C LEU E 111 14.81 -26.90 44.38
N LEU E 112 15.26 -25.80 44.98
CA LEU E 112 14.41 -24.63 45.19
C LEU E 112 13.87 -24.11 43.86
N GLU E 113 14.75 -24.03 42.87
CA GLU E 113 14.40 -23.61 41.53
C GLU E 113 13.33 -24.52 40.90
N ASN E 114 13.47 -25.83 41.11
CA ASN E 114 12.51 -26.79 40.57
C ASN E 114 11.18 -26.74 41.32
N LEU E 115 11.25 -26.54 42.63
CA LEU E 115 10.06 -26.38 43.45
C LEU E 115 9.27 -25.14 43.04
N LYS E 116 9.98 -24.02 42.86
CA LYS E 116 9.39 -22.76 42.41
C LYS E 116 8.66 -22.92 41.08
N ALA E 117 9.34 -23.58 40.14
CA ALA E 117 8.81 -23.83 38.81
C ALA E 117 7.54 -24.67 38.85
N LEU E 118 7.61 -25.80 39.53
CA LEU E 118 6.44 -26.66 39.68
C LEU E 118 5.28 -25.88 40.29
N PHE E 119 5.54 -25.23 41.43
CA PHE E 119 4.47 -24.52 42.14
C PHE E 119 3.88 -23.35 41.34
N LEU E 120 4.73 -22.58 40.69
CA LEU E 120 4.25 -21.42 39.94
C LEU E 120 3.53 -21.89 38.68
N GLY E 121 4.11 -22.91 38.03
CA GLY E 121 3.51 -23.50 36.85
C GLY E 121 2.10 -24.00 37.14
N LEU E 122 1.96 -24.81 38.18
CA LEU E 122 0.65 -25.30 38.59
C LEU E 122 -0.34 -24.16 38.81
N LYS E 123 0.03 -23.16 39.59
CA LYS E 123 -0.90 -22.08 39.93
C LYS E 123 -1.33 -21.26 38.72
N LEU E 124 -0.41 -21.08 37.77
CA LEU E 124 -0.69 -20.24 36.62
C LEU E 124 -1.63 -20.92 35.64
N GLY E 125 -1.79 -22.23 35.76
CA GLY E 125 -2.68 -22.96 34.86
C GLY E 125 -4.14 -22.58 35.02
N LEU E 126 -4.48 -21.90 36.12
CA LEU E 126 -5.87 -21.54 36.33
C LEU E 126 -6.25 -20.26 35.58
N TYR E 127 -5.27 -19.43 35.26
CA TYR E 127 -5.57 -18.09 34.75
C TYR E 127 -6.07 -18.11 33.31
N GLU E 128 -7.16 -17.41 33.09
CA GLU E 128 -7.54 -16.97 31.75
C GLU E 128 -8.39 -15.71 31.84
N TYR E 129 -8.27 -14.85 30.86
CA TYR E 129 -9.01 -13.59 30.91
C TYR E 129 -10.41 -13.84 30.39
N ASP E 130 -11.31 -14.26 31.27
CA ASP E 130 -12.63 -14.67 30.85
C ASP E 130 -13.75 -13.86 31.51
N THR E 131 -13.42 -12.71 32.10
CA THR E 131 -14.38 -11.90 32.81
CA THR E 131 -14.44 -11.99 32.84
C THR E 131 -15.59 -11.52 31.96
N PHE E 132 -15.38 -11.36 30.66
CA PHE E 132 -16.46 -10.95 29.75
C PHE E 132 -17.17 -12.11 29.04
N LYS E 133 -16.75 -13.34 29.29
CA LYS E 133 -17.42 -14.52 28.73
C LYS E 133 -18.68 -14.87 29.51
N SER E 134 -19.81 -14.91 28.82
CA SER E 134 -21.09 -15.26 29.45
C SER E 134 -21.12 -16.71 29.94
N ASN E 135 -20.32 -17.56 29.32
CA ASN E 135 -20.25 -18.97 29.71
C ASN E 135 -19.13 -19.31 30.70
N LYS E 136 -18.66 -18.33 31.47
CA LYS E 136 -17.57 -18.58 32.40
C LYS E 136 -18.05 -19.45 33.55
N LYS E 137 -17.55 -20.68 33.61
CA LYS E 137 -17.95 -21.60 34.67
C LYS E 137 -16.85 -21.72 35.70
N GLU E 138 -17.25 -21.88 36.96
CA GLU E 138 -16.27 -22.02 38.03
C GLU E 138 -15.61 -23.39 37.97
N SER E 139 -14.30 -23.43 38.13
CA SER E 139 -13.58 -24.70 38.12
C SER E 139 -13.82 -25.48 39.41
N VAL E 140 -14.05 -26.78 39.25
CA VAL E 140 -14.17 -27.70 40.38
C VAL E 140 -12.81 -27.86 41.09
N LEU E 141 -11.74 -27.75 40.30
CA LEU E 141 -10.38 -27.93 40.77
C LEU E 141 -9.91 -26.82 41.71
N LYS E 142 -9.60 -27.19 42.96
CA LYS E 142 -9.34 -26.21 44.01
C LYS E 142 -7.95 -26.33 44.62
N GLU E 143 -7.40 -27.55 44.62
CA GLU E 143 -6.21 -27.84 45.39
C GLU E 143 -5.22 -28.72 44.69
N ALA E 144 -3.95 -28.43 44.91
CA ALA E 144 -2.88 -29.34 44.53
C ALA E 144 -2.24 -29.85 45.82
N ILE E 145 -2.33 -31.16 46.02
CA ILE E 145 -1.71 -31.82 47.17
C ILE E 145 -0.30 -32.20 46.74
N VAL E 146 0.71 -31.53 47.30
CA VAL E 146 2.10 -31.82 46.97
C VAL E 146 2.71 -32.77 47.99
N ALA E 147 2.98 -34.01 47.57
CA ALA E 147 3.64 -34.98 48.44
C ALA E 147 5.14 -34.74 48.44
N LEU E 148 5.69 -34.40 49.60
CA LEU E 148 7.12 -34.11 49.71
C LEU E 148 7.95 -35.39 49.60
N GLU E 149 8.01 -35.94 48.39
CA GLU E 149 8.81 -37.11 48.07
C GLU E 149 9.43 -36.91 46.70
N LEU E 150 10.74 -37.17 46.59
CA LEU E 150 11.46 -36.94 45.35
C LEU E 150 11.12 -37.97 44.26
N HIS E 151 10.92 -37.47 43.05
CA HIS E 151 10.71 -38.32 41.88
C HIS E 151 12.00 -39.04 41.51
N LYS E 152 13.13 -38.33 41.59
CA LYS E 152 14.44 -38.98 41.50
C LYS E 152 15.16 -38.87 42.86
N PRO E 153 15.51 -40.01 43.45
CA PRO E 153 16.06 -40.04 44.81
C PRO E 153 17.53 -39.64 44.85
N SER E 161 17.04 -29.02 53.19
CA SER E 161 15.83 -29.65 53.70
C SER E 161 14.65 -29.42 52.77
N LEU E 162 14.07 -30.52 52.30
CA LEU E 162 12.99 -30.48 51.31
C LEU E 162 11.79 -29.64 51.79
N GLU E 163 11.36 -29.86 53.03
CA GLU E 163 10.26 -29.11 53.58
C GLU E 163 10.56 -27.61 53.65
N LYS E 164 11.80 -27.28 53.99
CA LYS E 164 12.25 -25.89 54.04
C LYS E 164 12.20 -25.23 52.66
N SER E 165 12.79 -25.90 51.67
CA SER E 165 12.85 -25.37 50.32
C SER E 165 11.45 -25.25 49.69
N ALA E 166 10.58 -26.20 50.02
CA ALA E 166 9.21 -26.17 49.51
C ALA E 166 8.38 -25.03 50.12
N LYS E 167 8.56 -24.75 51.40
CA LYS E 167 7.83 -23.63 52.01
C LYS E 167 8.26 -22.31 51.38
N GLU E 168 9.56 -22.21 51.13
CA GLU E 168 10.14 -21.02 50.53
C GLU E 168 9.68 -20.84 49.08
N ALA E 169 9.65 -21.95 48.34
CA ALA E 169 9.18 -21.94 46.97
C ALA E 169 7.68 -21.64 46.93
N LEU E 170 6.92 -22.16 47.90
CA LEU E 170 5.48 -21.91 47.94
C LEU E 170 5.16 -20.42 48.16
N LYS E 171 5.91 -19.80 49.06
CA LYS E 171 5.74 -18.38 49.32
C LYS E 171 5.96 -17.59 48.04
N TYR E 172 7.03 -17.93 47.33
CA TYR E 172 7.36 -17.26 46.07
C TYR E 172 6.22 -17.44 45.06
N ALA E 173 5.74 -18.66 44.88
CA ALA E 173 4.70 -18.92 43.90
C ALA E 173 3.38 -18.23 44.25
N GLU E 174 3.04 -18.18 45.52
CA GLU E 174 1.84 -17.46 45.94
C GLU E 174 1.96 -15.97 45.63
N ILE E 175 3.09 -15.39 46.01
CA ILE E 175 3.27 -13.96 45.79
C ILE E 175 3.37 -13.64 44.29
N MET E 176 4.14 -14.43 43.55
CA MET E 176 4.38 -14.17 42.14
C MET E 176 3.10 -14.38 41.29
N THR E 177 2.33 -15.43 41.59
CA THR E 177 1.03 -15.64 40.93
C THR E 177 0.10 -14.45 41.17
N GLU E 178 0.02 -13.99 42.41
CA GLU E 178 -0.81 -12.83 42.71
C GLU E 178 -0.34 -11.61 41.92
N SER E 179 0.97 -11.37 41.94
CA SER E 179 1.54 -10.20 41.27
C SER E 179 1.32 -10.26 39.74
N LEU E 180 1.66 -11.39 39.13
CA LEU E 180 1.42 -11.61 37.70
C LEU E 180 -0.06 -11.40 37.33
N ASN E 181 -0.95 -12.01 38.09
CA ASN E 181 -2.37 -11.89 37.77
C ASN E 181 -2.90 -10.48 37.94
N ILE E 182 -2.39 -9.73 38.92
CA ILE E 182 -2.71 -8.30 38.99
C ILE E 182 -2.33 -7.58 37.71
N VAL E 183 -1.11 -7.82 37.25
CA VAL E 183 -0.61 -7.16 36.04
C VAL E 183 -1.43 -7.60 34.82
N LYS E 184 -1.70 -8.90 34.72
CA LYS E 184 -2.47 -9.42 33.59
C LYS E 184 -3.90 -8.89 33.57
N ASP E 185 -4.56 -8.87 34.73
CA ASP E 185 -5.91 -8.32 34.77
C ASP E 185 -5.94 -6.86 34.34
N LEU E 186 -4.96 -6.09 34.80
CA LEU E 186 -4.84 -4.69 34.41
C LEU E 186 -4.59 -4.57 32.89
N VAL E 187 -3.58 -5.25 32.40
CA VAL E 187 -3.22 -5.12 30.98
C VAL E 187 -4.37 -5.61 30.07
N ASN E 188 -5.04 -6.69 30.47
CA ASN E 188 -6.20 -7.20 29.74
C ASN E 188 -7.44 -6.30 29.79
N THR E 189 -7.50 -5.39 30.74
CA THR E 189 -8.69 -4.56 30.87
C THR E 189 -8.86 -3.66 29.63
N PRO E 190 -10.05 -3.69 29.02
CA PRO E 190 -10.26 -2.90 27.80
C PRO E 190 -10.18 -1.39 28.03
N PRO E 191 -9.79 -0.63 26.99
CA PRO E 191 -9.35 0.76 27.18
C PRO E 191 -10.46 1.73 27.61
N MET E 192 -11.72 1.46 27.30
CA MET E 192 -12.80 2.35 27.79
C MET E 192 -12.84 2.35 29.32
N ILE E 193 -12.52 1.20 29.91
CA ILE E 193 -12.50 1.00 31.36
C ILE E 193 -11.11 1.31 31.95
N GLY E 194 -10.08 0.77 31.30
CA GLY E 194 -8.72 0.90 31.80
C GLY E 194 -8.06 2.21 31.44
N THR E 195 -8.54 3.29 32.04
CA THR E 195 -8.07 4.66 31.79
C THR E 195 -6.85 4.95 32.66
N PRO E 196 -6.18 6.10 32.43
CA PRO E 196 -5.09 6.43 33.37
C PRO E 196 -5.58 6.50 34.82
N VAL E 197 -6.79 7.02 35.03
CA VAL E 197 -7.39 7.08 36.36
C VAL E 197 -7.57 5.67 36.92
N TYR E 198 -7.97 4.76 36.05
CA TYR E 198 -8.15 3.37 36.44
C TYR E 198 -6.82 2.75 36.89
N MET E 199 -5.75 3.03 36.14
CA MET E 199 -4.41 2.58 36.53
C MET E 199 -4.01 3.05 37.92
N ALA E 200 -4.27 4.32 38.20
CA ALA E 200 -3.97 4.88 39.51
C ALA E 200 -4.78 4.18 40.61
N GLU E 201 -6.02 3.80 40.28
CA GLU E 201 -6.90 3.11 41.23
C GLU E 201 -6.37 1.72 41.60
N VAL E 202 -5.86 0.99 40.61
CA VAL E 202 -5.24 -0.31 40.85
C VAL E 202 -3.98 -0.14 41.71
N ALA E 203 -3.18 0.86 41.37
CA ALA E 203 -2.00 1.22 42.14
C ALA E 203 -2.37 1.58 43.59
N GLN E 204 -3.46 2.30 43.78
CA GLN E 204 -3.97 2.59 45.13
C GLN E 204 -4.30 1.33 45.93
N LYS E 205 -4.95 0.35 45.29
CA LYS E 205 -5.23 -0.92 45.97
C LYS E 205 -3.94 -1.59 46.42
N VAL E 206 -2.95 -1.62 45.53
CA VAL E 206 -1.69 -2.26 45.87
C VAL E 206 -1.01 -1.52 47.02
N ALA E 207 -1.06 -0.20 46.99
CA ALA E 207 -0.48 0.60 48.09
C ALA E 207 -1.19 0.34 49.43
N LYS E 208 -2.52 0.31 49.42
CA LYS E 208 -3.27 0.06 50.65
C LYS E 208 -3.03 -1.36 51.18
N GLU E 209 -3.02 -2.33 50.27
CA GLU E 209 -2.76 -3.72 50.63
C GLU E 209 -1.40 -3.90 51.27
N ASN E 210 -0.40 -3.19 50.74
CA ASN E 210 0.96 -3.38 51.18
C ASN E 210 1.47 -2.27 52.08
N HIS E 211 0.57 -1.36 52.48
CA HIS E 211 0.95 -0.21 53.32
C HIS E 211 2.07 0.59 52.69
N LEU E 212 1.93 0.85 51.40
CA LEU E 212 2.92 1.64 50.68
C LEU E 212 2.52 3.11 50.64
N GLU E 213 3.54 3.95 50.54
CA GLU E 213 3.34 5.35 50.23
C GLU E 213 2.93 5.42 48.77
N ILE E 214 1.94 6.25 48.44
CA ILE E 214 1.61 6.47 47.04
C ILE E 214 1.29 7.95 46.81
N HIS E 215 1.81 8.49 45.70
CA HIS E 215 1.44 9.81 45.21
C HIS E 215 0.82 9.66 43.83
N VAL E 216 -0.34 10.26 43.61
CA VAL E 216 -0.92 10.29 42.27
C VAL E 216 -1.03 11.73 41.80
N HIS E 217 -0.21 12.07 40.81
CA HIS E 217 -0.09 13.43 40.30
C HIS E 217 -0.89 13.62 38.99
N ASP E 218 -1.46 14.81 38.82
CA ASP E 218 -2.23 15.11 37.60
C ASP E 218 -1.51 16.08 36.66
N GLU E 219 -2.24 16.59 35.67
CA GLU E 219 -1.66 17.45 34.65
C GLU E 219 -1.07 18.75 35.20
N LYS E 220 -1.61 19.24 36.31
CA LYS E 220 -1.09 20.45 36.96
C LYS E 220 0.34 20.23 37.51
N PHE E 221 0.53 19.09 38.16
CA PHE E 221 1.86 18.70 38.62
C PHE E 221 2.85 18.57 37.45
N LEU E 222 2.42 17.91 36.38
CA LEU E 222 3.27 17.76 35.20
C LEU E 222 3.70 19.13 34.65
N GLU E 223 2.77 20.08 34.61
CA GLU E 223 3.05 21.45 34.18
C GLU E 223 4.08 22.12 35.08
N GLU E 224 3.87 22.02 36.38
CA GLU E 224 4.79 22.60 37.36
C GLU E 224 6.18 22.01 37.24
N LYS E 225 6.24 20.72 36.91
CA LYS E 225 7.53 20.06 36.76
C LYS E 225 8.05 20.15 35.32
N LYS E 226 7.33 20.92 34.50
CA LYS E 226 7.67 21.14 33.10
C LYS E 226 7.83 19.83 32.33
N MET E 227 6.92 18.90 32.56
CA MET E 227 6.95 17.63 31.85
CA MET E 227 6.97 17.63 31.85
C MET E 227 6.12 17.73 30.57
N ASN E 228 6.57 18.58 29.66
CA ASN E 228 5.80 18.93 28.46
C ASN E 228 5.81 17.90 27.36
N ALA E 229 6.79 16.99 27.40
CA ALA E 229 6.80 15.87 26.48
C ALA E 229 5.68 14.90 26.84
N PHE E 230 5.63 14.51 28.11
CA PHE E 230 4.51 13.74 28.67
C PHE E 230 3.18 14.45 28.35
N LEU E 231 3.10 15.75 28.62
CA LEU E 231 1.85 16.49 28.46
C LEU E 231 1.43 16.55 26.99
N ALA E 232 2.40 16.70 26.09
CA ALA E 232 2.12 16.72 24.66
C ALA E 232 1.35 15.50 24.19
N VAL E 233 1.76 14.33 24.65
CA VAL E 233 1.15 13.08 24.25
C VAL E 233 -0.32 13.03 24.66
N ASN E 234 -0.60 13.58 25.85
CA ASN E 234 -1.92 13.59 26.46
C ASN E 234 -2.86 14.67 25.92
N LYS E 235 -2.31 15.64 25.17
CA LYS E 235 -3.09 16.82 24.80
C LYS E 235 -4.38 16.50 24.07
N ALA E 236 -4.33 15.49 23.19
CA ALA E 236 -5.52 15.17 22.39
C ALA E 236 -6.66 14.74 23.30
N SER E 237 -6.33 14.05 24.39
CA SER E 237 -7.34 13.42 25.23
C SER E 237 -7.45 13.97 26.64
N LEU E 238 -6.75 15.06 26.92
CA LEU E 238 -6.78 15.69 28.25
C LEU E 238 -8.19 15.90 28.81
N SER E 239 -9.11 16.40 27.99
CA SER E 239 -10.45 16.72 28.48
C SER E 239 -11.31 15.48 28.67
N VAL E 240 -10.89 14.35 28.08
CA VAL E 240 -11.62 13.09 28.25
C VAL E 240 -10.98 12.23 29.33
N ASN E 241 -9.69 11.98 29.22
CA ASN E 241 -8.99 11.18 30.23
C ASN E 241 -7.70 11.88 30.60
N PRO E 242 -7.72 12.65 31.69
CA PRO E 242 -6.51 13.37 32.09
C PRO E 242 -5.39 12.39 32.46
N PRO E 243 -4.12 12.85 32.38
CA PRO E 243 -2.98 11.97 32.63
C PRO E 243 -2.75 11.73 34.12
N ARG E 244 -2.06 10.66 34.48
CA ARG E 244 -1.70 10.43 35.88
C ARG E 244 -0.24 10.05 35.96
N LEU E 245 0.49 10.71 36.85
CA LEU E 245 1.84 10.28 37.20
C LEU E 245 1.77 9.56 38.54
N ILE E 246 1.97 8.26 38.48
CA ILE E 246 1.76 7.41 39.64
C ILE E 246 3.12 7.10 40.23
N HIS E 247 3.23 7.26 41.54
CA HIS E 247 4.51 7.10 42.23
C HIS E 247 4.28 6.32 43.52
N LEU E 248 4.61 5.04 43.49
CA LEU E 248 4.49 4.15 44.63
C LEU E 248 5.83 4.07 45.34
N VAL E 249 5.81 3.97 46.67
CA VAL E 249 7.07 3.85 47.39
C VAL E 249 7.00 2.74 48.42
N TYR E 250 7.95 1.82 48.30
CA TYR E 250 8.15 0.76 49.29
C TYR E 250 9.45 1.05 50.07
N LYS E 251 9.34 1.21 51.38
CA LYS E 251 10.50 1.59 52.18
C LYS E 251 10.57 0.82 53.49
N PRO E 252 11.35 -0.28 53.51
CA PRO E 252 11.58 -1.07 54.72
C PRO E 252 12.66 -0.40 55.57
N LYS E 253 12.76 -0.72 56.85
CA LYS E 253 13.73 0.00 57.68
C LYS E 253 15.17 -0.34 57.26
N LYS E 254 15.40 -1.53 56.72
CA LYS E 254 16.70 -1.78 56.10
C LYS E 254 16.62 -1.80 54.58
N ALA E 255 17.22 -0.78 53.98
CA ALA E 255 17.33 -0.70 52.53
C ALA E 255 18.79 -0.66 52.13
N LYS E 256 19.21 -1.62 51.33
CA LYS E 256 20.59 -1.71 50.88
C LYS E 256 20.82 -0.88 49.61
N LYS E 257 19.73 -0.65 48.88
CA LYS E 257 19.77 0.07 47.62
C LYS E 257 18.51 0.87 47.48
N LYS E 258 18.56 1.94 46.70
CA LYS E 258 17.36 2.63 46.26
C LYS E 258 17.15 2.30 44.78
N ILE E 259 15.96 1.77 44.48
CA ILE E 259 15.69 1.28 43.14
C ILE E 259 14.44 1.95 42.55
N ALA E 260 14.59 2.49 41.36
CA ALA E 260 13.48 3.15 40.70
C ALA E 260 13.05 2.33 39.49
N LEU E 261 11.78 1.95 39.48
CA LEU E 261 11.21 1.20 38.36
C LEU E 261 10.24 2.10 37.64
N VAL E 262 10.48 2.29 36.35
CA VAL E 262 9.75 3.29 35.58
C VAL E 262 9.01 2.61 34.44
N GLY E 263 7.70 2.86 34.31
CA GLY E 263 6.93 2.13 33.32
C GLY E 263 6.12 2.99 32.38
N LYS E 264 6.10 2.60 31.10
CA LYS E 264 5.24 3.25 30.12
C LYS E 264 3.81 2.82 30.38
N GLY E 265 2.97 3.76 30.80
CA GLY E 265 1.58 3.44 31.06
C GLY E 265 0.62 3.95 29.98
N LEU E 266 0.84 3.57 28.73
CA LEU E 266 -0.03 4.07 27.66
C LEU E 266 -1.28 3.20 27.59
N THR E 267 -2.36 3.67 28.20
CA THR E 267 -3.53 2.84 28.40
C THR E 267 -4.27 2.61 27.08
N TYR E 268 -4.00 3.47 26.10
CA TYR E 268 -4.30 3.16 24.70
C TYR E 268 -3.45 4.00 23.76
N ASP E 269 -3.01 3.37 22.68
CA ASP E 269 -2.13 4.03 21.74
C ASP E 269 -2.72 3.86 20.35
N CYS E 270 -3.39 4.90 19.84
CA CYS E 270 -3.95 4.82 18.48
C CYS E 270 -2.95 5.36 17.46
N GLY E 271 -1.82 5.88 17.95
CA GLY E 271 -0.80 6.47 17.10
C GLY E 271 -0.83 7.99 17.10
N GLY E 272 -1.92 8.56 17.61
CA GLY E 272 -2.15 10.00 17.48
C GLY E 272 -2.48 10.40 16.05
N LEU E 273 -2.06 11.60 15.64
CA LEU E 273 -2.25 12.05 14.28
C LEU E 273 -1.57 11.13 13.26
N SER E 274 -0.43 10.56 13.65
CA SER E 274 0.22 9.51 12.89
C SER E 274 -0.49 8.19 13.16
N LEU E 275 -1.77 8.18 12.78
CA LEU E 275 -2.72 7.13 13.09
C LEU E 275 -2.25 5.76 12.66
N LYS E 276 -2.38 4.78 13.55
CA LYS E 276 -2.10 3.37 13.23
C LYS E 276 -3.15 2.79 12.30
N PRO E 277 -2.73 1.96 11.34
CA PRO E 277 -3.72 1.19 10.59
C PRO E 277 -4.46 0.20 11.50
N ALA E 278 -5.68 -0.15 11.10
CA ALA E 278 -6.56 -0.95 11.96
C ALA E 278 -5.94 -2.26 12.44
N ASP E 279 -5.22 -2.96 11.56
CA ASP E 279 -4.61 -4.25 11.90
CA ASP E 279 -4.65 -4.26 11.94
C ASP E 279 -3.49 -4.12 12.93
N TYR E 280 -3.00 -2.90 13.11
CA TYR E 280 -1.90 -2.67 14.06
C TYR E 280 -2.38 -1.97 15.34
N MET E 281 -3.58 -1.42 15.32
CA MET E 281 -4.11 -0.71 16.47
C MET E 281 -4.73 -1.67 17.51
N VAL E 282 -5.32 -2.75 17.02
CA VAL E 282 -5.84 -3.77 17.91
C VAL E 282 -4.68 -4.31 18.80
N THR E 283 -4.99 -4.65 20.05
CA THR E 283 -4.05 -4.98 21.15
C THR E 283 -3.32 -3.78 21.78
N MET E 284 -3.54 -2.57 21.30
CA MET E 284 -2.87 -1.42 21.94
C MET E 284 -3.44 -1.03 23.32
N LYS E 285 -4.44 -1.76 23.82
CA LYS E 285 -4.80 -1.64 25.24
C LYS E 285 -3.63 -2.11 26.08
N ALA E 286 -2.76 -2.90 25.47
CA ALA E 286 -1.61 -3.49 26.17
C ALA E 286 -0.41 -2.55 26.20
N ASP E 287 -0.57 -1.35 25.64
CA ASP E 287 0.54 -0.42 25.61
C ASP E 287 0.83 0.13 27.01
N LYS E 288 0.06 -0.34 28.00
CA LYS E 288 0.32 0.00 29.39
C LYS E 288 1.02 -1.16 30.10
N GLY E 289 1.52 -2.11 29.30
CA GLY E 289 2.21 -3.28 29.84
C GLY E 289 3.38 -3.00 30.77
N GLY E 290 4.19 -2.00 30.45
CA GLY E 290 5.35 -1.65 31.26
C GLY E 290 4.95 -1.02 32.58
N GLY E 291 4.04 -0.07 32.51
CA GLY E 291 3.53 0.57 33.72
C GLY E 291 2.84 -0.44 34.62
N SER E 292 2.10 -1.37 34.03
CA SER E 292 1.39 -2.38 34.81
C SER E 292 2.37 -3.34 35.49
N ALA E 293 3.42 -3.70 34.77
CA ALA E 293 4.45 -4.56 35.34
C ALA E 293 5.09 -3.90 36.57
N VAL E 294 5.34 -2.60 36.49
CA VAL E 294 5.87 -1.85 37.64
C VAL E 294 4.91 -1.94 38.84
N ILE E 295 3.61 -1.79 38.61
CA ILE E 295 2.63 -1.90 39.69
C ILE E 295 2.70 -3.27 40.35
N GLY E 296 2.77 -4.33 39.54
CA GLY E 296 2.85 -5.68 40.06
C GLY E 296 4.17 -5.95 40.76
N LEU E 297 5.22 -5.28 40.28
CA LEU E 297 6.55 -5.42 40.87
C LEU E 297 6.60 -4.88 42.30
N LEU E 298 5.91 -3.79 42.58
CA LEU E 298 5.91 -3.28 43.94
CA LEU E 298 5.90 -3.28 43.94
C LEU E 298 5.12 -4.20 44.85
N ASN E 299 4.09 -4.84 44.30
CA ASN E 299 3.34 -5.81 45.09
C ASN E 299 4.25 -6.98 45.46
N ALA E 300 4.97 -7.51 44.47
CA ALA E 300 5.84 -8.67 44.68
C ALA E 300 6.99 -8.37 45.63
N LEU E 301 7.70 -7.27 45.37
CA LEU E 301 8.88 -6.90 46.13
C LEU E 301 8.54 -6.53 47.57
N ALA E 302 7.42 -5.84 47.78
CA ALA E 302 6.94 -5.57 49.13
C ALA E 302 6.57 -6.86 49.87
N LYS E 303 5.80 -7.75 49.23
CA LYS E 303 5.40 -8.97 49.92
C LYS E 303 6.57 -9.94 50.14
N LEU E 304 7.62 -9.83 49.31
CA LEU E 304 8.80 -10.66 49.53
C LEU E 304 9.68 -10.02 50.60
N GLY E 305 9.37 -8.78 50.95
CA GLY E 305 10.10 -8.07 51.98
C GLY E 305 11.56 -7.82 51.63
N VAL E 306 11.82 -7.48 50.38
CA VAL E 306 13.19 -7.22 49.95
C VAL E 306 13.78 -6.01 50.69
N GLU E 307 15.09 -6.07 50.94
CA GLU E 307 15.76 -5.02 51.69
C GLU E 307 16.23 -3.93 50.75
N ALA E 308 15.29 -3.15 50.23
CA ALA E 308 15.61 -2.07 49.32
C ALA E 308 14.47 -1.09 49.30
N GLU E 309 14.81 0.19 49.09
CA GLU E 309 13.81 1.22 48.89
C GLU E 309 13.46 1.19 47.41
N VAL E 310 12.21 0.85 47.11
CA VAL E 310 11.80 0.66 45.73
C VAL E 310 10.74 1.68 45.32
N HIS E 311 11.00 2.35 44.20
CA HIS E 311 10.07 3.36 43.72
C HIS E 311 9.46 2.89 42.42
N GLY E 312 8.14 2.96 42.34
CA GLY E 312 7.45 2.59 41.12
C GLY E 312 6.83 3.83 40.51
N ILE E 313 7.29 4.18 39.32
CA ILE E 313 6.85 5.41 38.67
C ILE E 313 6.21 5.06 37.34
N ILE E 314 4.97 5.48 37.16
CA ILE E 314 4.18 5.13 35.99
C ILE E 314 3.61 6.38 35.37
N GLY E 315 4.00 6.65 34.11
CA GLY E 315 3.41 7.73 33.35
C GLY E 315 2.22 7.18 32.58
N ALA E 316 1.03 7.57 32.99
CA ALA E 316 -0.18 7.03 32.39
C ALA E 316 -0.93 8.08 31.58
N THR E 317 -1.28 7.72 30.35
CA THR E 317 -2.06 8.59 29.45
C THR E 317 -2.46 7.77 28.24
N GLU E 318 -3.44 8.25 27.49
CA GLU E 318 -3.72 7.69 26.17
C GLU E 318 -2.93 8.51 25.16
N ASN E 319 -2.75 7.94 23.97
CA ASN E 319 -2.23 8.67 22.83
C ASN E 319 -3.34 8.69 21.77
N MET E 320 -4.19 9.71 21.82
CA MET E 320 -5.37 9.76 20.94
C MET E 320 -5.22 10.77 19.81
N ILE E 321 -6.19 10.73 18.90
CA ILE E 321 -6.21 11.65 17.77
C ILE E 321 -7.37 12.62 17.97
N GLY E 322 -7.21 13.84 17.50
CA GLY E 322 -8.23 14.86 17.74
C GLY E 322 -7.69 16.24 17.46
N PRO E 323 -8.55 17.26 17.54
CA PRO E 323 -8.17 18.60 17.09
C PRO E 323 -7.10 19.26 17.97
N ALA E 324 -6.90 18.78 19.19
CA ALA E 324 -5.88 19.37 20.06
C ALA E 324 -4.64 18.47 20.16
N ALA E 325 -4.56 17.44 19.32
CA ALA E 325 -3.43 16.52 19.39
C ALA E 325 -2.11 17.21 19.09
N TYR E 326 -1.06 16.72 19.67
CA TYR E 326 0.28 17.18 19.30
C TYR E 326 0.67 16.64 17.93
N LYS E 327 1.61 17.28 17.25
CA LYS E 327 1.74 17.08 15.80
C LYS E 327 3.17 16.78 15.31
N PRO E 328 3.28 16.03 14.20
CA PRO E 328 4.56 16.08 13.47
C PRO E 328 4.87 17.55 13.20
N ASP E 329 6.11 17.94 13.49
CA ASP E 329 6.68 19.31 13.43
C ASP E 329 6.63 20.08 14.74
N ASP E 330 5.93 19.53 15.74
CA ASP E 330 5.94 20.15 17.08
C ASP E 330 7.34 19.95 17.65
N ILE E 331 7.80 20.94 18.41
CA ILE E 331 9.10 20.86 19.07
C ILE E 331 8.85 21.08 20.55
N LEU E 332 9.14 20.00 21.31
CA LEU E 332 8.76 19.98 22.72
C LEU E 332 9.99 20.18 23.61
N ILE E 333 9.80 20.90 24.72
CA ILE E 333 10.90 21.06 25.66
C ILE E 333 10.72 20.05 26.81
N SER E 334 11.63 19.08 26.87
CA SER E 334 11.60 18.04 27.88
C SER E 334 11.84 18.64 29.27
N LYS E 335 11.46 17.91 30.31
CA LYS E 335 11.78 18.35 31.67
C LYS E 335 13.30 18.51 31.81
N GLU E 336 14.06 17.58 31.23
CA GLU E 336 15.52 17.67 31.23
C GLU E 336 16.06 18.93 30.55
N GLY E 337 15.27 19.53 29.66
CA GLY E 337 15.67 20.76 28.99
C GLY E 337 15.97 20.63 27.51
N LYS E 338 16.27 19.42 27.08
CA LYS E 338 16.54 19.14 25.67
C LYS E 338 15.27 19.28 24.83
N SER E 339 15.41 19.89 23.66
CA SER E 339 14.27 20.07 22.78
C SER E 339 14.09 18.84 21.89
N ILE E 340 12.84 18.50 21.56
CA ILE E 340 12.53 17.30 20.79
C ILE E 340 11.70 17.61 19.56
N GLU E 341 12.25 17.36 18.38
CA GLU E 341 11.45 17.51 17.17
C GLU E 341 10.56 16.26 17.03
N VAL E 342 9.24 16.47 17.02
CA VAL E 342 8.32 15.39 16.72
C VAL E 342 8.13 15.24 15.22
N ARG E 343 8.45 14.07 14.66
CA ARG E 343 8.18 13.82 13.25
C ARG E 343 7.13 12.71 13.08
N ASN E 344 6.79 12.04 14.17
CA ASN E 344 5.77 11.00 14.13
C ASN E 344 5.16 10.84 15.52
N THR E 345 3.85 11.08 15.64
CA THR E 345 3.23 11.06 16.94
C THR E 345 3.02 9.65 17.49
N ASP E 346 3.28 8.65 16.65
CA ASP E 346 3.23 7.25 17.08
C ASP E 346 4.51 6.85 17.85
N ALA E 347 5.50 7.75 17.94
CA ALA E 347 6.65 7.53 18.83
C ALA E 347 6.42 8.27 20.15
N GLU E 348 5.34 7.91 20.84
CA GLU E 348 4.86 8.67 21.98
C GLU E 348 5.43 8.16 23.30
N GLY E 349 5.71 6.85 23.38
CA GLY E 349 6.17 6.24 24.61
C GLY E 349 7.48 6.83 25.11
N ARG E 350 8.36 7.12 24.16
CA ARG E 350 9.68 7.62 24.51
C ARG E 350 9.57 9.07 25.01
N LEU E 351 8.50 9.76 24.61
CA LEU E 351 8.26 11.13 25.09
C LEU E 351 7.79 11.11 26.53
N VAL E 352 6.84 10.22 26.81
CA VAL E 352 6.36 10.05 28.18
C VAL E 352 7.52 9.58 29.07
N LEU E 353 8.33 8.65 28.57
CA LEU E 353 9.43 8.10 29.34
C LEU E 353 10.57 9.09 29.55
N ALA E 354 10.83 9.95 28.57
CA ALA E 354 11.84 11.00 28.73
C ALA E 354 11.56 11.78 30.01
N ASP E 355 10.31 12.17 30.18
CA ASP E 355 9.96 12.98 31.35
C ASP E 355 9.83 12.15 32.63
N CYS E 356 9.34 10.91 32.55
CA CYS E 356 9.25 10.08 33.74
C CYS E 356 10.62 9.62 34.26
N LEU E 357 11.56 9.42 33.34
CA LEU E 357 12.94 9.06 33.70
C LEU E 357 13.66 10.21 34.40
N SER E 358 13.37 11.42 33.93
CA SER E 358 13.88 12.65 34.53
C SER E 358 13.39 12.79 35.97
N TYR E 359 12.07 12.61 36.16
CA TYR E 359 11.50 12.56 37.51
C TYR E 359 12.14 11.47 38.37
N ALA E 360 12.41 10.30 37.78
CA ALA E 360 13.02 9.17 38.50
C ALA E 360 14.40 9.51 39.03
N GLN E 361 15.17 10.20 38.20
CA GLN E 361 16.55 10.51 38.54
C GLN E 361 16.60 11.52 39.69
N ASP E 362 15.56 12.36 39.79
CA ASP E 362 15.43 13.29 40.90
C ASP E 362 15.36 12.59 42.28
N LEU E 363 15.10 11.29 42.27
CA LEU E 363 15.08 10.50 43.51
C LEU E 363 16.49 10.10 43.91
N ASN E 364 17.44 10.38 43.03
CA ASN E 364 18.80 9.84 43.10
C ASN E 364 18.88 8.35 43.50
N PRO E 365 18.25 7.48 42.69
CA PRO E 365 18.31 6.03 42.91
C PRO E 365 19.70 5.46 42.63
N ASP E 366 19.98 4.27 43.17
CA ASP E 366 21.19 3.53 42.83
C ASP E 366 21.04 2.78 41.50
N VAL E 367 19.81 2.40 41.17
CA VAL E 367 19.54 1.65 39.98
C VAL E 367 18.26 2.18 39.37
N ILE E 368 18.23 2.36 38.06
CA ILE E 368 17.00 2.71 37.36
C ILE E 368 16.69 1.69 36.28
N VAL E 369 15.49 1.12 36.31
CA VAL E 369 15.08 0.22 35.24
C VAL E 369 13.74 0.69 34.68
N ASP E 370 13.67 0.88 33.36
CA ASP E 370 12.40 1.23 32.76
C ASP E 370 11.87 0.03 31.97
N PHE E 371 10.55 -0.13 31.99
CA PHE E 371 9.85 -1.15 31.21
C PHE E 371 8.89 -0.47 30.26
N ALA E 372 8.92 -0.87 29.00
CA ALA E 372 8.04 -0.24 28.02
C ALA E 372 7.77 -1.17 26.85
N THR E 373 6.52 -1.21 26.44
CA THR E 373 6.14 -1.80 25.17
C THR E 373 6.47 -0.76 24.11
N LEU E 374 7.76 -0.57 23.83
CA LEU E 374 8.23 0.63 23.13
C LEU E 374 8.26 0.59 21.60
N THR E 375 8.75 -0.50 21.00
CA THR E 375 8.91 -0.51 19.54
C THR E 375 8.47 -1.81 18.84
N GLY E 376 7.86 -1.65 17.66
CA GLY E 376 7.59 -2.79 16.80
C GLY E 376 8.88 -3.43 16.32
N ALA E 377 9.92 -2.62 16.14
CA ALA E 377 11.22 -3.12 15.66
C ALA E 377 11.84 -4.14 16.61
N CYS E 378 11.63 -3.96 17.91
CA CYS E 378 12.07 -4.96 18.89
C CYS E 378 11.44 -6.31 18.61
N VAL E 379 10.15 -6.31 18.32
CA VAL E 379 9.41 -7.55 18.12
C VAL E 379 9.83 -8.18 16.79
N VAL E 380 10.04 -7.35 15.77
CA VAL E 380 10.53 -7.83 14.49
C VAL E 380 11.90 -8.50 14.69
N GLY E 381 12.74 -7.86 15.50
CA GLY E 381 14.12 -8.31 15.70
C GLY E 381 14.27 -9.57 16.53
N LEU E 382 13.47 -9.70 17.60
CA LEU E 382 13.63 -10.79 18.57
C LEU E 382 12.49 -11.79 18.58
N GLY E 383 11.36 -11.42 17.99
CA GLY E 383 10.15 -12.23 18.07
C GLY E 383 9.24 -11.78 19.20
N GLU E 384 8.06 -12.39 19.28
CA GLU E 384 7.05 -11.95 20.22
C GLU E 384 7.27 -12.38 21.64
N PHE E 385 8.21 -13.28 21.87
CA PHE E 385 8.34 -13.95 23.17
C PHE E 385 9.52 -13.47 23.99
N THR E 386 10.25 -12.49 23.47
CA THR E 386 11.55 -12.10 24.02
C THR E 386 11.65 -10.60 24.23
N SER E 387 12.10 -10.18 25.42
CA SER E 387 12.31 -8.74 25.64
C SER E 387 13.76 -8.35 25.41
N ALA E 388 13.96 -7.08 25.05
CA ALA E 388 15.29 -6.53 24.79
C ALA E 388 15.83 -5.77 26.00
N ILE E 389 17.11 -5.98 26.30
CA ILE E 389 17.80 -5.26 27.37
C ILE E 389 18.82 -4.30 26.75
N MET E 390 18.77 -3.04 27.16
CA MET E 390 19.70 -2.02 26.68
C MET E 390 20.23 -1.20 27.86
N GLY E 391 21.38 -0.59 27.67
CA GLY E 391 22.04 0.19 28.71
C GLY E 391 23.53 0.21 28.47
N HIS E 392 24.28 0.91 29.31
CA HIS E 392 25.72 1.03 29.14
C HIS E 392 26.54 0.06 30.00
N ASN E 393 26.06 -0.22 31.19
CA ASN E 393 26.80 -1.06 32.14
C ASN E 393 26.63 -2.54 31.80
N GLU E 394 27.65 -3.15 31.20
CA GLU E 394 27.56 -4.55 30.76
C GLU E 394 27.29 -5.51 31.92
N GLU E 395 27.88 -5.22 33.08
CA GLU E 395 27.73 -6.08 34.24
C GLU E 395 26.26 -6.10 34.70
N LEU E 396 25.68 -4.91 34.77
CA LEU E 396 24.29 -4.74 35.19
C LEU E 396 23.32 -5.41 34.21
N LYS E 397 23.60 -5.24 32.92
CA LYS E 397 22.80 -5.86 31.86
CA LYS E 397 22.78 -5.86 31.88
C LYS E 397 22.90 -7.39 31.96
N ASN E 398 24.11 -7.87 32.21
CA ASN E 398 24.33 -9.31 32.32
C ASN E 398 23.58 -9.88 33.52
N LEU E 399 23.62 -9.15 34.63
CA LEU E 399 22.87 -9.51 35.82
C LEU E 399 21.37 -9.60 35.56
N PHE E 400 20.81 -8.59 34.89
CA PHE E 400 19.37 -8.64 34.57
C PHE E 400 19.08 -9.84 33.68
N GLU E 401 19.93 -10.04 32.67
CA GLU E 401 19.71 -11.13 31.73
C GLU E 401 19.77 -12.51 32.39
N THR E 402 20.86 -12.82 33.09
CA THR E 402 21.01 -14.11 33.75
CA THR E 402 21.00 -14.13 33.73
C THR E 402 19.89 -14.39 34.75
N SER E 403 19.61 -13.38 35.58
CA SER E 403 18.53 -13.48 36.56
C SER E 403 17.21 -13.72 35.87
N GLY E 404 16.95 -12.95 34.83
CA GLY E 404 15.69 -13.02 34.11
C GLY E 404 15.51 -14.36 33.41
N LEU E 405 16.56 -14.84 32.77
CA LEU E 405 16.48 -16.12 32.08
C LEU E 405 16.17 -17.23 33.10
N GLU E 406 16.79 -17.17 34.28
CA GLU E 406 16.53 -18.15 35.34
C GLU E 406 15.07 -18.13 35.80
N SER E 407 14.48 -16.94 35.87
CA SER E 407 13.11 -16.82 36.36
C SER E 407 12.09 -17.34 35.34
N GLY E 408 12.54 -17.58 34.12
CA GLY E 408 11.67 -18.15 33.10
C GLY E 408 11.30 -17.21 31.97
N GLU E 409 11.86 -15.99 31.99
CA GLU E 409 11.58 -15.03 30.94
C GLU E 409 12.65 -15.09 29.85
N LEU E 410 12.27 -14.80 28.61
CA LEU E 410 13.24 -14.82 27.51
C LEU E 410 13.72 -13.40 27.28
N LEU E 411 15.03 -13.25 27.17
CA LEU E 411 15.66 -11.94 27.07
C LEU E 411 16.83 -11.95 26.13
N ALA E 412 17.14 -10.77 25.60
CA ALA E 412 18.31 -10.59 24.74
C ALA E 412 18.86 -9.18 24.94
N LYS E 413 20.18 -9.06 25.00
CA LYS E 413 20.82 -7.75 25.04
C LYS E 413 20.94 -7.21 23.64
N LEU E 414 20.68 -5.92 23.46
CA LEU E 414 20.87 -5.26 22.18
C LEU E 414 21.91 -4.16 22.37
N PRO E 415 22.96 -4.15 21.54
CA PRO E 415 24.04 -3.18 21.72
C PRO E 415 23.83 -1.81 21.06
N PHE E 416 24.16 -0.76 21.80
CA PHE E 416 24.27 0.59 21.25
C PHE E 416 25.48 0.64 20.32
N ASN E 417 25.48 1.62 19.41
CA ASN E 417 26.73 2.04 18.77
C ASN E 417 26.62 3.48 18.28
N ARG E 418 27.75 4.06 17.91
CA ARG E 418 27.79 5.50 17.62
C ARG E 418 27.11 5.82 16.29
N HIS E 419 27.03 4.84 15.40
CA HIS E 419 26.40 5.05 14.11
C HIS E 419 24.89 5.20 14.24
N LEU E 420 24.28 4.35 15.07
CA LEU E 420 22.84 4.47 15.34
C LEU E 420 22.51 5.78 16.01
N LYS E 421 23.39 6.20 16.91
CA LYS E 421 23.16 7.41 17.68
C LYS E 421 22.96 8.64 16.80
N LYS E 422 23.70 8.72 15.70
CA LYS E 422 23.56 9.86 14.78
C LYS E 422 22.19 9.92 14.11
N LEU E 423 21.48 8.80 14.06
CA LEU E 423 20.25 8.71 13.28
C LEU E 423 19.06 9.39 13.93
N ILE E 424 19.23 9.86 15.16
CA ILE E 424 18.16 10.59 15.85
C ILE E 424 18.51 12.07 16.02
N GLU E 425 19.49 12.53 15.27
CA GLU E 425 19.77 13.96 15.17
C GLU E 425 18.58 14.72 14.55
N SER E 426 18.44 15.99 14.91
CA SER E 426 17.45 16.87 14.32
C SER E 426 18.17 18.09 13.76
N LYS E 427 17.68 18.62 12.65
CA LYS E 427 18.24 19.86 12.09
C LYS E 427 17.72 21.10 12.83
N ILE E 428 16.62 20.98 13.58
CA ILE E 428 16.02 22.17 14.19
C ILE E 428 15.80 22.05 15.69
N ALA E 429 16.13 20.88 16.26
CA ALA E 429 16.03 20.63 17.70
C ALA E 429 17.24 19.84 18.19
N ASP E 430 17.29 19.59 19.49
CA ASP E 430 18.39 18.85 20.10
C ASP E 430 18.33 17.37 19.74
N VAL E 431 17.13 16.85 19.60
CA VAL E 431 16.97 15.45 19.27
C VAL E 431 15.63 15.24 18.55
N CYS E 432 15.55 14.20 17.72
CA CYS E 432 14.32 13.85 17.00
C CYS E 432 13.67 12.64 17.66
N ASN E 433 12.33 12.58 17.69
CA ASN E 433 11.69 11.45 18.36
C ASN E 433 11.57 10.20 17.48
N ILE E 434 12.06 10.29 16.24
CA ILE E 434 12.22 9.10 15.41
C ILE E 434 13.59 9.08 14.76
N SER E 435 13.98 7.90 14.30
CA SER E 435 15.21 7.73 13.55
C SER E 435 15.02 8.09 12.08
N SER E 436 16.09 8.52 11.43
CA SER E 436 16.03 8.81 10.00
C SER E 436 16.08 7.53 9.17
N SER E 437 16.28 6.39 9.83
CA SER E 437 16.39 5.13 9.08
C SER E 437 15.26 4.17 9.43
N ARG E 438 14.95 3.26 8.51
CA ARG E 438 13.97 2.22 8.80
C ARG E 438 14.59 1.05 9.58
N TYR E 439 15.88 1.15 9.97
CA TYR E 439 16.57 0.04 10.62
C TYR E 439 17.15 0.37 12.00
N GLY E 440 16.88 -0.51 12.98
CA GLY E 440 17.46 -0.41 14.31
C GLY E 440 16.58 0.36 15.28
N GLY E 441 15.29 0.40 14.97
CA GLY E 441 14.33 1.17 15.74
C GLY E 441 14.30 0.92 17.24
N ALA E 442 14.43 -0.32 17.68
CA ALA E 442 14.44 -0.63 19.12
C ALA E 442 15.64 0.04 19.81
N ILE E 443 16.75 0.10 19.09
CA ILE E 443 18.01 0.57 19.66
C ILE E 443 18.11 2.10 19.57
N THR E 444 17.60 2.67 18.47
CA THR E 444 17.58 4.12 18.36
C THR E 444 16.58 4.69 19.35
N ALA E 445 15.53 3.92 19.65
CA ALA E 445 14.60 4.35 20.69
C ALA E 445 15.31 4.32 22.04
N GLY E 446 16.12 3.29 22.26
CA GLY E 446 16.93 3.22 23.48
C GLY E 446 17.90 4.38 23.59
N LEU E 447 18.53 4.72 22.46
CA LEU E 447 19.45 5.84 22.38
C LEU E 447 18.73 7.19 22.57
N PHE E 448 17.48 7.30 22.12
CA PHE E 448 16.67 8.47 22.43
C PHE E 448 16.50 8.61 23.95
N LEU E 449 16.10 7.54 24.61
CA LEU E 449 15.95 7.58 26.05
C LEU E 449 17.27 7.99 26.70
N ASN E 450 18.38 7.47 26.17
CA ASN E 450 19.70 7.77 26.71
C ASN E 450 19.97 9.27 26.78
N GLU E 451 19.40 10.02 25.84
CA GLU E 451 19.59 11.47 25.83
C GLU E 451 19.00 12.17 27.07
N PHE E 452 18.18 11.47 27.84
CA PHE E 452 17.57 12.05 29.03
C PHE E 452 18.08 11.41 30.30
N ILE E 453 19.12 10.59 30.15
CA ILE E 453 19.76 9.96 31.30
C ILE E 453 21.01 10.78 31.64
N ARG E 454 20.98 11.41 32.80
CA ARG E 454 22.08 12.28 33.21
C ARG E 454 23.38 11.46 33.34
N ASP E 455 24.51 12.14 33.16
CA ASP E 455 25.82 11.49 33.18
C ASP E 455 26.05 10.63 34.41
N GLU E 456 25.50 11.05 35.54
CA GLU E 456 25.76 10.32 36.77
C GLU E 456 24.85 9.08 36.92
N PHE E 457 23.90 8.90 36.02
CA PHE E 457 23.07 7.71 36.08
C PHE E 457 23.29 6.75 34.92
N LYS E 458 24.23 7.08 34.02
CA LYS E 458 24.38 6.28 32.82
C LYS E 458 24.78 4.83 33.11
N ASP E 459 25.60 4.64 34.15
N ASP E 459 25.62 4.61 34.13
CA ASP E 459 26.07 3.31 34.53
CA ASP E 459 26.03 3.24 34.43
C ASP E 459 25.11 2.63 35.50
C ASP E 459 25.10 2.61 35.48
N LYS E 460 23.95 3.25 35.72
CA LYS E 460 22.96 2.75 36.68
C LYS E 460 21.60 2.44 36.06
N TRP E 461 21.54 2.43 34.74
CA TRP E 461 20.25 2.46 34.03
C TRP E 461 20.08 1.25 33.10
N LEU E 462 18.92 0.60 33.21
CA LEU E 462 18.53 -0.42 32.24
C LEU E 462 17.24 -0.02 31.52
N HIS E 463 17.18 -0.31 30.23
CA HIS E 463 15.95 -0.13 29.44
C HIS E 463 15.52 -1.49 28.92
N ILE E 464 14.29 -1.88 29.26
CA ILE E 464 13.74 -3.15 28.84
C ILE E 464 12.53 -2.94 27.94
N ASP E 465 12.67 -3.35 26.68
CA ASP E 465 11.61 -3.22 25.71
C ASP E 465 10.83 -4.53 25.69
N ILE E 466 9.61 -4.50 26.23
CA ILE E 466 8.78 -5.69 26.35
C ILE E 466 7.60 -5.70 25.34
N ALA E 467 7.75 -4.98 24.24
CA ALA E 467 6.69 -4.87 23.23
C ALA E 467 6.23 -6.24 22.75
N GLY E 468 7.16 -7.19 22.71
CA GLY E 468 6.80 -8.55 22.33
C GLY E 468 5.93 -9.27 23.35
N PRO E 469 6.55 -9.80 24.41
CA PRO E 469 5.85 -10.75 25.30
C PRO E 469 4.80 -10.17 26.24
N ALA E 470 4.74 -8.86 26.39
CA ALA E 470 3.75 -8.26 27.29
C ALA E 470 2.33 -8.67 26.91
N TYR E 471 2.09 -8.81 25.60
CA TYR E 471 0.78 -9.19 25.08
C TYR E 471 0.92 -10.00 23.81
N VAL E 472 0.36 -11.19 23.82
CA VAL E 472 0.51 -12.14 22.71
C VAL E 472 -0.85 -12.80 22.50
N GLU E 473 -1.31 -12.81 21.27
CA GLU E 473 -2.64 -13.35 21.00
C GLU E 473 -2.66 -14.87 20.78
N LYS E 474 -2.06 -15.59 21.71
CA LYS E 474 -2.20 -17.03 21.81
C LYS E 474 -1.60 -17.51 23.13
N GLU E 475 -1.95 -18.73 23.55
CA GLU E 475 -1.32 -19.34 24.71
C GLU E 475 0.10 -19.76 24.38
N TRP E 476 1.02 -19.51 25.30
CA TRP E 476 2.42 -19.91 25.16
C TRP E 476 3.03 -20.04 26.56
N ASP E 477 3.82 -21.08 26.76
CA ASP E 477 4.45 -21.31 28.07
C ASP E 477 3.39 -21.26 29.19
N VAL E 478 3.60 -20.42 30.19
CA VAL E 478 2.68 -20.27 31.31
C VAL E 478 1.70 -19.11 31.13
N ASN E 479 1.56 -18.67 29.87
CA ASN E 479 0.76 -17.49 29.58
C ASN E 479 -0.46 -17.79 28.75
N SER E 480 -1.61 -17.32 29.21
CA SER E 480 -2.84 -17.48 28.46
C SER E 480 -2.92 -16.40 27.40
N PHE E 481 -3.97 -16.45 26.59
CA PHE E 481 -4.18 -15.46 25.54
C PHE E 481 -4.21 -14.06 26.13
N GLY E 482 -3.48 -13.14 25.50
CA GLY E 482 -3.47 -11.76 25.95
C GLY E 482 -2.27 -11.40 26.81
N ALA E 483 -2.53 -10.74 27.95
CA ALA E 483 -1.46 -10.26 28.84
C ALA E 483 -0.67 -11.42 29.44
N SER E 484 0.64 -11.21 29.62
CA SER E 484 1.48 -12.24 30.24
C SER E 484 2.10 -11.82 31.58
N GLY E 485 2.17 -10.52 31.83
CA GLY E 485 2.89 -10.01 32.99
C GLY E 485 4.40 -10.03 32.77
N ALA E 486 4.82 -9.95 31.50
CA ALA E 486 6.24 -9.83 31.16
C ALA E 486 6.95 -8.76 32.00
N GLY E 487 8.17 -9.06 32.42
CA GLY E 487 8.97 -8.12 33.19
C GLY E 487 9.02 -8.36 34.69
N VAL E 488 7.89 -8.82 35.27
CA VAL E 488 7.74 -8.96 36.72
C VAL E 488 8.67 -10.02 37.33
N ARG E 489 8.63 -11.24 36.79
CA ARG E 489 9.50 -12.31 37.28
C ARG E 489 10.97 -11.96 37.10
N ALA E 490 11.31 -11.47 35.92
CA ALA E 490 12.69 -11.14 35.60
C ALA E 490 13.22 -10.05 36.52
N CYS E 491 12.45 -8.98 36.68
CA CYS E 491 12.91 -7.87 37.52
C CYS E 491 12.97 -8.28 38.97
N THR E 492 12.06 -9.16 39.39
CA THR E 492 12.06 -9.62 40.77
C THR E 492 13.33 -10.38 41.06
N ALA E 493 13.72 -11.26 40.13
CA ALA E 493 14.91 -12.07 40.27
C ALA E 493 16.17 -11.20 40.22
N PHE E 494 16.14 -10.17 39.38
CA PHE E 494 17.24 -9.22 39.26
C PHE E 494 17.49 -8.43 40.55
N VAL E 495 16.41 -8.02 41.19
CA VAL E 495 16.50 -7.28 42.42
C VAL E 495 16.98 -8.21 43.55
N GLU E 496 16.46 -9.43 43.61
CA GLU E 496 16.89 -10.36 44.64
C GLU E 496 18.38 -10.68 44.53
N GLU E 497 18.88 -10.87 43.31
CA GLU E 497 20.30 -11.19 43.14
C GLU E 497 21.18 -9.98 43.41
N LEU E 498 20.66 -8.81 43.05
CA LEU E 498 21.33 -7.54 43.32
C LEU E 498 21.59 -7.37 44.81
N LEU E 499 20.57 -7.64 45.60
CA LEU E 499 20.63 -7.46 47.06
C LEU E 499 21.45 -8.55 47.75
N LYS E 500 21.50 -9.73 47.15
CA LYS E 500 22.33 -10.82 47.66
C LYS E 500 23.79 -10.40 47.71
N LYS E 501 24.24 -9.67 46.69
CA LYS E 501 25.61 -9.17 46.62
C LYS E 501 25.81 -7.89 47.44
N ALA E 502 24.72 -7.29 47.93
CA ALA E 502 24.82 -6.02 48.62
C ALA E 502 24.90 -6.19 50.13
N MET F 7 -11.33 7.46 -45.18
CA MET F 7 -11.03 8.82 -45.64
C MET F 7 -12.28 9.59 -46.06
N LEU F 8 -12.50 10.75 -45.46
CA LEU F 8 -13.56 11.66 -45.91
C LEU F 8 -13.05 12.48 -47.10
N LYS F 9 -13.64 12.29 -48.27
CA LYS F 9 -13.25 13.09 -49.43
C LYS F 9 -13.82 14.49 -49.31
N ILE F 10 -12.99 15.50 -49.57
CA ILE F 10 -13.48 16.87 -49.53
C ILE F 10 -13.43 17.47 -50.95
N LYS F 11 -14.56 17.99 -51.38
CA LYS F 11 -14.67 18.57 -52.73
C LYS F 11 -14.83 20.07 -52.63
N LEU F 12 -13.94 20.81 -53.26
CA LEU F 12 -14.06 22.26 -53.29
C LEU F 12 -14.94 22.62 -54.48
N GLU F 13 -15.90 23.50 -54.28
CA GLU F 13 -16.82 23.85 -55.35
C GLU F 13 -17.04 25.33 -55.38
N LYS F 14 -16.91 25.94 -56.57
CA LYS F 14 -17.14 27.36 -56.77
C LYS F 14 -18.63 27.63 -56.88
N THR F 15 -19.28 27.81 -55.72
CA THR F 15 -20.72 27.95 -55.69
C THR F 15 -21.17 28.43 -54.33
N THR F 16 -22.36 28.99 -54.25
CA THR F 16 -22.89 29.42 -52.96
C THR F 16 -23.26 28.17 -52.18
N PHE F 17 -23.32 28.30 -50.85
CA PHE F 17 -23.74 27.21 -49.98
C PHE F 17 -25.14 26.76 -50.35
N GLU F 18 -26.02 27.72 -50.59
CA GLU F 18 -27.40 27.43 -50.97
C GLU F 18 -27.52 26.61 -52.26
N ASN F 19 -26.69 26.92 -53.26
CA ASN F 19 -26.75 26.19 -54.53
C ASN F 19 -25.99 24.85 -54.55
N ALA F 20 -25.08 24.68 -53.60
CA ALA F 20 -24.35 23.42 -53.49
C ALA F 20 -25.32 22.29 -53.20
N LYS F 21 -25.02 21.09 -53.70
CA LYS F 21 -25.90 19.95 -53.48
C LYS F 21 -25.20 18.90 -52.63
N ALA F 22 -25.93 18.37 -51.66
CA ALA F 22 -25.46 17.27 -50.83
C ALA F 22 -26.67 16.70 -50.09
N GLU F 23 -26.52 15.50 -49.55
CA GLU F 23 -27.65 14.83 -48.95
C GLU F 23 -28.03 15.42 -47.59
N CYS F 24 -27.12 16.19 -47.00
CA CYS F 24 -27.47 16.97 -45.81
C CYS F 24 -26.56 18.21 -45.72
N SER F 25 -26.83 19.07 -44.75
CA SER F 25 -26.05 20.31 -44.57
C SER F 25 -25.44 20.38 -43.17
N LEU F 26 -24.32 21.10 -43.09
CA LEU F 26 -23.66 21.37 -41.82
C LEU F 26 -23.55 22.86 -41.67
N VAL F 27 -24.07 23.40 -40.56
CA VAL F 27 -23.95 24.81 -40.24
C VAL F 27 -23.40 25.00 -38.83
N PHE F 28 -22.35 25.79 -38.70
CA PHE F 28 -21.78 26.07 -37.38
C PHE F 28 -22.46 27.27 -36.74
N ILE F 29 -22.74 27.15 -35.45
CA ILE F 29 -23.25 28.25 -34.65
C ILE F 29 -22.14 28.77 -33.71
N ILE F 30 -21.61 29.95 -34.05
CA ILE F 30 -20.51 30.55 -33.32
C ILE F 30 -21.03 31.50 -32.26
N ASN F 31 -20.65 31.24 -31.01
CA ASN F 31 -20.97 32.11 -29.89
C ASN F 31 -22.48 32.36 -29.75
N LYS F 32 -23.27 31.33 -30.04
CA LYS F 32 -24.72 31.36 -29.94
C LYS F 32 -25.39 32.38 -30.87
N ASP F 33 -24.73 32.68 -32.00
CA ASP F 33 -25.30 33.55 -33.02
C ASP F 33 -26.13 32.78 -34.06
N PHE F 34 -27.45 32.86 -33.95
CA PHE F 34 -28.35 32.14 -34.84
C PHE F 34 -28.91 33.02 -35.95
N SER F 35 -28.28 34.15 -36.22
CA SER F 35 -28.83 35.18 -37.12
C SER F 35 -28.61 34.93 -38.62
N HIS F 36 -27.64 34.08 -38.95
CA HIS F 36 -27.22 33.91 -40.34
C HIS F 36 -28.31 33.31 -41.21
N ALA F 37 -28.28 33.64 -42.50
CA ALA F 37 -29.23 33.08 -43.45
C ALA F 37 -29.24 31.54 -43.49
N TRP F 38 -28.09 30.93 -43.17
CA TRP F 38 -27.99 29.48 -43.24
C TRP F 38 -28.76 28.79 -42.12
N VAL F 39 -29.16 29.54 -41.10
CA VAL F 39 -30.05 28.98 -40.09
C VAL F 39 -31.48 29.01 -40.64
N LYS F 40 -31.90 27.91 -41.27
CA LYS F 40 -33.08 27.91 -42.11
C LYS F 40 -34.39 27.97 -41.33
N ASN F 41 -34.45 27.24 -40.21
CA ASN F 41 -35.64 27.24 -39.37
C ASN F 41 -35.28 27.49 -37.92
N LYS F 42 -35.17 28.77 -37.58
CA LYS F 42 -34.80 29.20 -36.24
C LYS F 42 -35.81 28.72 -35.19
N GLU F 43 -37.08 28.71 -35.56
CA GLU F 43 -38.16 28.34 -34.63
C GLU F 43 -38.04 26.92 -34.08
N LEU F 44 -37.65 25.96 -34.93
CA LEU F 44 -37.46 24.58 -34.49
C LEU F 44 -36.41 24.51 -33.38
N LEU F 45 -35.37 25.30 -33.52
CA LEU F 45 -34.28 25.30 -32.56
C LEU F 45 -34.74 25.85 -31.21
N GLU F 46 -35.63 26.84 -31.24
CA GLU F 46 -36.20 27.39 -30.03
C GLU F 46 -37.11 26.37 -29.36
N THR F 47 -38.00 25.78 -30.14
CA THR F 47 -38.94 24.80 -29.61
C THR F 47 -38.24 23.65 -28.88
N PHE F 48 -37.15 23.14 -29.44
CA PHE F 48 -36.46 22.02 -28.79
C PHE F 48 -35.25 22.47 -27.97
N LYS F 49 -35.23 23.77 -27.68
CA LYS F 49 -34.29 24.38 -26.74
C LYS F 49 -32.83 24.17 -27.11
N TYR F 50 -32.50 24.21 -28.39
CA TYR F 50 -31.09 24.15 -28.78
C TYR F 50 -30.50 25.53 -28.61
N GLU F 51 -29.42 25.62 -27.83
CA GLU F 51 -28.81 26.90 -27.49
C GLU F 51 -27.36 26.98 -27.96
N GLY F 52 -26.98 26.11 -28.90
CA GLY F 52 -25.66 26.19 -29.49
C GLY F 52 -24.61 25.35 -28.78
N GLU F 53 -25.06 24.48 -27.89
CA GLU F 53 -24.15 23.56 -27.21
C GLU F 53 -24.17 22.19 -27.87
N GLY F 54 -23.03 21.76 -28.38
CA GLY F 54 -22.96 20.49 -29.07
C GLY F 54 -23.73 20.57 -30.37
N VAL F 55 -24.29 19.46 -30.82
CA VAL F 55 -24.95 19.44 -32.11
C VAL F 55 -26.45 19.30 -31.98
N PHE F 56 -27.13 19.64 -33.08
CA PHE F 56 -28.57 19.47 -33.16
C PHE F 56 -28.94 19.28 -34.63
N LEU F 57 -29.78 18.29 -34.90
CA LEU F 57 -30.14 17.98 -36.27
C LEU F 57 -31.59 18.38 -36.55
N ASP F 58 -31.75 19.37 -37.43
CA ASP F 58 -33.06 19.75 -37.99
C ASP F 58 -33.47 18.65 -38.95
N GLN F 59 -34.43 17.83 -38.55
CA GLN F 59 -34.72 16.62 -39.32
C GLN F 59 -35.35 16.93 -40.67
N GLU F 60 -36.27 17.88 -40.67
CA GLU F 60 -37.03 18.20 -41.88
C GLU F 60 -36.12 18.77 -42.95
N ASN F 61 -35.22 19.66 -42.55
CA ASN F 61 -34.32 20.35 -43.48
C ASN F 61 -32.99 19.65 -43.65
N LYS F 62 -32.78 18.59 -42.86
CA LYS F 62 -31.55 17.82 -42.90
C LYS F 62 -30.34 18.73 -42.69
N ILE F 63 -30.44 19.58 -41.68
CA ILE F 63 -29.33 20.44 -41.29
C ILE F 63 -28.77 20.02 -39.95
N LEU F 64 -27.46 19.75 -39.96
CA LEU F 64 -26.78 19.52 -38.69
C LEU F 64 -26.14 20.83 -38.26
N TYR F 65 -26.56 21.34 -37.12
CA TYR F 65 -25.92 22.50 -36.55
C TYR F 65 -24.86 22.07 -35.57
N ALA F 66 -23.73 22.75 -35.57
CA ALA F 66 -22.64 22.42 -34.65
C ALA F 66 -22.15 23.67 -33.96
N GLY F 67 -22.33 23.72 -32.64
CA GLY F 67 -21.99 24.90 -31.87
C GLY F 67 -20.50 25.08 -31.72
N VAL F 68 -20.05 26.31 -31.92
CA VAL F 68 -18.68 26.72 -31.62
C VAL F 68 -18.74 27.83 -30.57
N LYS F 69 -18.33 27.51 -29.34
CA LYS F 69 -18.58 28.37 -28.18
C LYS F 69 -18.08 29.80 -28.36
N GLU F 70 -16.88 29.93 -28.92
CA GLU F 70 -16.28 31.24 -29.17
C GLU F 70 -15.77 31.27 -30.59
N ASP F 71 -15.60 32.47 -31.13
CA ASP F 71 -15.04 32.64 -32.45
C ASP F 71 -13.57 32.26 -32.41
N ASP F 72 -13.29 30.97 -32.47
CA ASP F 72 -11.96 30.45 -32.20
C ASP F 72 -11.62 29.30 -33.15
N VAL F 73 -10.50 29.42 -33.85
CA VAL F 73 -10.05 28.39 -34.78
C VAL F 73 -9.97 27.03 -34.08
N HIS F 74 -9.31 27.02 -32.93
CA HIS F 74 -9.15 25.79 -32.17
C HIS F 74 -10.49 25.16 -31.88
N LEU F 75 -11.46 26.00 -31.53
CA LEU F 75 -12.81 25.53 -31.24
C LEU F 75 -13.49 25.01 -32.50
N LEU F 76 -13.17 25.64 -33.63
CA LEU F 76 -13.74 25.25 -34.91
C LEU F 76 -13.32 23.83 -35.29
N ARG F 77 -12.02 23.55 -35.19
CA ARG F 77 -11.49 22.24 -35.51
C ARG F 77 -12.22 21.15 -34.74
N GLU F 78 -12.44 21.40 -33.45
CA GLU F 78 -13.15 20.45 -32.60
C GLU F 78 -14.59 20.18 -33.05
N SER F 79 -15.34 21.26 -33.30
N SER F 79 -15.33 21.26 -33.28
CA SER F 79 -16.73 21.13 -33.68
CA SER F 79 -16.72 21.15 -33.69
C SER F 79 -16.90 20.44 -35.04
C SER F 79 -16.87 20.42 -35.02
N ALA F 80 -15.99 20.72 -35.96
CA ALA F 80 -16.03 20.07 -37.27
C ALA F 80 -15.85 18.55 -37.13
N CYS F 81 -15.00 18.15 -36.18
CA CYS F 81 -14.77 16.74 -35.90
C CYS F 81 -16.03 16.09 -35.31
N LEU F 82 -16.58 16.73 -34.30
CA LEU F 82 -17.81 16.25 -33.67
C LEU F 82 -18.95 16.09 -34.70
N ALA F 83 -19.06 17.05 -35.61
CA ALA F 83 -20.11 17.02 -36.62
C ALA F 83 -19.99 15.77 -37.49
N VAL F 84 -18.76 15.44 -37.89
CA VAL F 84 -18.58 14.30 -38.77
C VAL F 84 -18.79 12.99 -38.00
N ARG F 85 -18.35 12.95 -36.73
CA ARG F 85 -18.57 11.80 -35.89
C ARG F 85 -20.06 11.53 -35.79
N THR F 86 -20.81 12.61 -35.65
CA THR F 86 -22.27 12.53 -35.54
C THR F 86 -22.86 12.01 -36.84
N LEU F 87 -22.44 12.60 -37.96
CA LEU F 87 -22.94 12.21 -39.28
C LEU F 87 -22.51 10.81 -39.70
N LYS F 88 -21.37 10.35 -39.18
CA LYS F 88 -20.83 9.03 -39.52
C LYS F 88 -21.83 7.91 -39.23
N LYS F 89 -22.66 8.08 -38.20
CA LYS F 89 -23.63 7.06 -37.82
C LYS F 89 -24.97 7.18 -38.55
N LEU F 90 -25.06 8.10 -39.47
CA LEU F 90 -26.33 8.33 -40.16
C LEU F 90 -26.25 7.78 -41.58
N ALA F 91 -27.26 8.05 -42.40
CA ALA F 91 -27.34 7.42 -43.72
C ALA F 91 -27.14 8.41 -44.87
N PHE F 92 -26.51 9.55 -44.57
CA PHE F 92 -26.24 10.54 -45.62
C PHE F 92 -24.87 10.29 -46.24
N LYS F 93 -24.82 10.20 -47.57
CA LYS F 93 -23.57 9.91 -48.25
C LYS F 93 -22.70 11.15 -48.36
N SER F 94 -23.29 12.32 -48.17
CA SER F 94 -22.60 13.58 -48.39
C SER F 94 -23.18 14.71 -47.55
N VAL F 95 -22.32 15.66 -47.19
CA VAL F 95 -22.71 16.81 -46.40
C VAL F 95 -22.07 18.04 -47.02
N LYS F 96 -22.80 19.14 -47.08
CA LYS F 96 -22.26 20.38 -47.61
C LYS F 96 -22.04 21.39 -46.47
N VAL F 97 -21.01 22.23 -46.62
CA VAL F 97 -20.64 23.19 -45.60
C VAL F 97 -20.03 24.42 -46.27
N GLY F 98 -20.21 25.60 -45.68
CA GLY F 98 -19.60 26.83 -46.17
C GLY F 98 -18.25 27.10 -45.51
N VAL F 99 -17.60 28.20 -45.89
CA VAL F 99 -16.27 28.49 -45.34
C VAL F 99 -16.36 29.45 -44.16
N TYR F 100 -15.76 29.06 -43.03
CA TYR F 100 -15.81 29.85 -41.81
C TYR F 100 -14.47 30.51 -41.50
N THR F 101 -14.53 31.64 -40.79
CA THR F 101 -13.35 32.42 -40.47
C THR F 101 -13.42 32.90 -39.02
N CYS F 102 -13.01 32.02 -38.11
CA CYS F 102 -13.02 32.31 -36.68
C CYS F 102 -11.70 32.93 -36.22
N GLY F 103 -11.66 33.37 -34.96
CA GLY F 103 -10.47 33.98 -34.40
C GLY F 103 -9.24 33.08 -34.50
N ALA F 104 -8.22 33.54 -35.22
CA ALA F 104 -7.00 32.74 -35.41
C ALA F 104 -5.84 33.33 -34.62
N ASN F 109 -1.84 33.19 -42.07
CA ASN F 109 -2.87 34.17 -41.73
C ASN F 109 -4.21 33.48 -41.45
N ALA F 110 -5.21 34.25 -41.03
CA ALA F 110 -6.44 33.71 -40.45
C ALA F 110 -7.20 32.76 -41.37
N LEU F 111 -7.47 33.18 -42.60
CA LEU F 111 -8.25 32.38 -43.56
C LEU F 111 -7.66 30.98 -43.77
N LEU F 112 -6.38 30.91 -44.08
CA LEU F 112 -5.73 29.62 -44.30
C LEU F 112 -5.82 28.73 -43.06
N GLU F 113 -5.57 29.28 -41.88
CA GLU F 113 -5.61 28.48 -40.67
C GLU F 113 -7.02 28.03 -40.34
N ASN F 114 -8.00 28.87 -40.66
CA ASN F 114 -9.40 28.48 -40.49
C ASN F 114 -9.82 27.38 -41.46
N LEU F 115 -9.34 27.47 -42.69
CA LEU F 115 -9.58 26.44 -43.70
C LEU F 115 -8.90 25.11 -43.33
N LYS F 116 -7.66 25.21 -42.85
CA LYS F 116 -6.96 24.01 -42.34
C LYS F 116 -7.70 23.35 -41.19
N ALA F 117 -8.16 24.16 -40.25
CA ALA F 117 -8.87 23.62 -39.08
C ALA F 117 -10.19 22.98 -39.48
N LEU F 118 -10.92 23.61 -40.39
CA LEU F 118 -12.18 23.05 -40.86
C LEU F 118 -11.94 21.73 -41.55
N PHE F 119 -11.00 21.72 -42.48
CA PHE F 119 -10.75 20.55 -43.31
C PHE F 119 -10.18 19.37 -42.51
N LEU F 120 -9.26 19.68 -41.60
CA LEU F 120 -8.62 18.62 -40.82
C LEU F 120 -9.63 18.06 -39.83
N GLY F 121 -10.37 18.98 -39.20
CA GLY F 121 -11.40 18.62 -38.22
C GLY F 121 -12.39 17.66 -38.81
N LEU F 122 -12.92 18.02 -39.98
CA LEU F 122 -13.90 17.21 -40.65
C LEU F 122 -13.35 15.82 -40.97
N LYS F 123 -12.16 15.76 -41.55
CA LYS F 123 -11.57 14.47 -41.90
C LYS F 123 -11.30 13.61 -40.66
N LEU F 124 -10.89 14.22 -39.56
CA LEU F 124 -10.54 13.44 -38.36
C LEU F 124 -11.75 12.85 -37.66
N GLY F 125 -12.95 13.35 -37.99
CA GLY F 125 -14.17 12.83 -37.36
C GLY F 125 -14.53 11.41 -37.78
N LEU F 126 -13.90 10.90 -38.83
CA LEU F 126 -14.16 9.52 -39.25
C LEU F 126 -13.32 8.49 -38.49
N TYR F 127 -12.22 8.93 -37.87
CA TYR F 127 -11.30 7.96 -37.27
C TYR F 127 -11.82 7.40 -35.96
N GLU F 128 -11.81 6.07 -35.88
CA GLU F 128 -11.90 5.39 -34.60
C GLU F 128 -11.20 4.06 -34.71
N TYR F 129 -10.52 3.68 -33.63
CA TYR F 129 -9.81 2.41 -33.62
C TYR F 129 -10.82 1.27 -33.42
N ASP F 130 -11.37 0.76 -34.52
CA ASP F 130 -12.43 -0.25 -34.43
C ASP F 130 -12.08 -1.55 -35.17
N THR F 131 -10.82 -1.69 -35.57
CA THR F 131 -10.32 -2.88 -36.24
C THR F 131 -10.77 -4.21 -35.61
N PHE F 132 -10.79 -4.29 -34.28
CA PHE F 132 -11.12 -5.53 -33.60
C PHE F 132 -12.58 -5.64 -33.20
N LYS F 133 -13.40 -4.64 -33.50
CA LYS F 133 -14.81 -4.78 -33.14
C LYS F 133 -15.56 -5.55 -34.23
N SER F 134 -16.33 -6.56 -33.80
CA SER F 134 -17.06 -7.43 -34.73
C SER F 134 -18.26 -6.73 -35.41
N ASN F 135 -18.81 -5.70 -34.76
CA ASN F 135 -19.98 -5.02 -35.30
C ASN F 135 -19.69 -3.81 -36.20
N LYS F 136 -18.41 -3.55 -36.44
CA LYS F 136 -17.99 -2.36 -37.17
C LYS F 136 -18.67 -2.22 -38.54
N LYS F 137 -19.09 -1.00 -38.85
CA LYS F 137 -19.78 -0.69 -40.10
C LYS F 137 -18.96 0.26 -40.96
N GLU F 138 -19.04 0.08 -42.27
CA GLU F 138 -18.59 1.12 -43.17
C GLU F 138 -19.62 2.23 -43.09
N SER F 139 -19.15 3.46 -42.91
CA SER F 139 -20.08 4.58 -42.89
C SER F 139 -20.60 4.85 -44.30
N VAL F 140 -21.82 5.35 -44.37
CA VAL F 140 -22.41 5.80 -45.62
C VAL F 140 -21.77 7.12 -46.04
N LEU F 141 -21.31 7.90 -45.06
CA LEU F 141 -20.78 9.24 -45.30
C LEU F 141 -19.41 9.23 -45.97
N LYS F 142 -19.36 9.67 -47.22
CA LYS F 142 -18.13 9.55 -47.99
C LYS F 142 -17.51 10.88 -48.35
N GLU F 143 -18.31 11.94 -48.37
CA GLU F 143 -17.85 13.21 -48.92
C GLU F 143 -18.36 14.42 -48.14
N ALA F 144 -17.53 15.45 -48.09
CA ALA F 144 -18.00 16.77 -47.68
C ALA F 144 -17.87 17.71 -48.86
N ILE F 145 -18.97 18.36 -49.22
CA ILE F 145 -18.98 19.35 -50.29
C ILE F 145 -18.73 20.73 -49.67
N VAL F 146 -17.60 21.35 -50.01
CA VAL F 146 -17.26 22.65 -49.43
C VAL F 146 -17.59 23.75 -50.43
N ALA F 147 -18.68 24.46 -50.17
CA ALA F 147 -19.05 25.62 -50.98
C ALA F 147 -18.10 26.77 -50.66
N LEU F 148 -17.30 27.17 -51.65
CA LEU F 148 -16.38 28.27 -51.45
C LEU F 148 -17.15 29.60 -51.41
N GLU F 149 -17.78 29.83 -50.26
CA GLU F 149 -18.47 31.05 -49.92
C GLU F 149 -18.22 31.34 -48.46
N LEU F 150 -17.86 32.58 -48.17
CA LEU F 150 -17.59 33.00 -46.79
C LEU F 150 -18.86 33.09 -45.97
N HIS F 151 -18.81 32.47 -44.81
CA HIS F 151 -19.81 32.63 -43.75
C HIS F 151 -19.90 34.08 -43.31
N LYS F 152 -18.76 34.78 -43.35
CA LYS F 152 -18.69 36.19 -42.96
C LYS F 152 -18.07 37.06 -44.06
N SER F 161 -6.61 34.99 -52.31
CA SER F 161 -7.62 34.22 -53.03
C SER F 161 -8.15 33.09 -52.15
N LEU F 162 -9.46 32.91 -52.16
CA LEU F 162 -10.11 31.88 -51.36
C LEU F 162 -9.84 30.48 -51.94
N GLU F 163 -9.97 30.34 -53.25
CA GLU F 163 -9.72 29.04 -53.89
C GLU F 163 -8.27 28.58 -53.69
N LYS F 164 -7.33 29.51 -53.74
CA LYS F 164 -5.92 29.13 -53.57
C LYS F 164 -5.64 28.67 -52.13
N SER F 165 -6.09 29.46 -51.17
CA SER F 165 -5.93 29.14 -49.75
C SER F 165 -6.67 27.87 -49.34
N ALA F 166 -7.81 27.59 -49.98
CA ALA F 166 -8.55 26.37 -49.69
C ALA F 166 -7.85 25.17 -50.31
N LYS F 167 -7.22 25.40 -51.45
CA LYS F 167 -6.44 24.34 -52.08
C LYS F 167 -5.25 24.00 -51.21
N GLU F 168 -4.62 25.03 -50.66
CA GLU F 168 -3.46 24.84 -49.79
C GLU F 168 -3.83 24.14 -48.47
N ALA F 169 -4.97 24.50 -47.91
CA ALA F 169 -5.44 23.90 -46.66
C ALA F 169 -5.90 22.47 -46.84
N LEU F 170 -6.53 22.16 -47.99
CA LEU F 170 -6.97 20.81 -48.29
C LEU F 170 -5.78 19.86 -48.45
N LYS F 171 -4.72 20.33 -49.10
CA LYS F 171 -3.53 19.51 -49.25
C LYS F 171 -2.94 19.18 -47.88
N TYR F 172 -2.83 20.20 -47.02
CA TYR F 172 -2.37 20.02 -45.65
C TYR F 172 -3.26 19.03 -44.90
N ALA F 173 -4.57 19.21 -44.99
CA ALA F 173 -5.51 18.37 -44.27
C ALA F 173 -5.42 16.93 -44.73
N GLU F 174 -5.22 16.73 -46.03
CA GLU F 174 -5.11 15.40 -46.60
C GLU F 174 -3.85 14.70 -46.10
N ILE F 175 -2.75 15.44 -46.11
CA ILE F 175 -1.46 14.88 -45.73
C ILE F 175 -1.42 14.64 -44.23
N MET F 176 -1.92 15.60 -43.46
CA MET F 176 -1.87 15.52 -42.01
C MET F 176 -2.80 14.43 -41.48
N THR F 177 -3.98 14.26 -42.10
CA THR F 177 -4.91 13.19 -41.68
C THR F 177 -4.27 11.83 -41.92
N GLU F 178 -3.63 11.67 -43.08
CA GLU F 178 -2.97 10.42 -43.38
C GLU F 178 -1.88 10.14 -42.38
N SER F 179 -1.09 11.17 -42.11
CA SER F 179 0.05 11.05 -41.21
C SER F 179 -0.39 10.75 -39.77
N LEU F 180 -1.34 11.53 -39.29
CA LEU F 180 -1.92 11.29 -37.97
C LEU F 180 -2.48 9.86 -37.86
N ASN F 181 -3.23 9.44 -38.86
CA ASN F 181 -3.85 8.12 -38.80
C ASN F 181 -2.83 6.97 -38.91
N ILE F 182 -1.72 7.19 -39.61
CA ILE F 182 -0.62 6.23 -39.59
C ILE F 182 -0.09 6.04 -38.18
N VAL F 183 0.16 7.16 -37.50
CA VAL F 183 0.71 7.15 -36.16
C VAL F 183 -0.26 6.49 -35.18
N LYS F 184 -1.54 6.82 -35.32
CA LYS F 184 -2.58 6.33 -34.43
C LYS F 184 -2.82 4.83 -34.61
N ASP F 185 -2.87 4.37 -35.86
CA ASP F 185 -3.05 2.94 -36.10
C ASP F 185 -1.89 2.15 -35.50
N LEU F 186 -0.67 2.70 -35.62
CA LEU F 186 0.50 2.05 -35.06
C LEU F 186 0.47 2.05 -33.53
N VAL F 187 0.32 3.23 -32.92
CA VAL F 187 0.25 3.33 -31.46
C VAL F 187 -0.89 2.45 -30.90
N ASN F 188 -2.05 2.46 -31.56
CA ASN F 188 -3.19 1.66 -31.11
C ASN F 188 -2.99 0.16 -31.28
N THR F 189 -2.02 -0.25 -32.10
CA THR F 189 -1.81 -1.67 -32.38
C THR F 189 -1.35 -2.39 -31.10
N PRO F 190 -2.05 -3.49 -30.74
CA PRO F 190 -1.70 -4.24 -29.51
C PRO F 190 -0.29 -4.81 -29.55
N PRO F 191 0.34 -4.98 -28.38
CA PRO F 191 1.78 -5.25 -28.31
C PRO F 191 2.22 -6.61 -28.84
N MET F 192 1.36 -7.64 -28.82
CA MET F 192 1.74 -8.93 -29.41
C MET F 192 2.01 -8.79 -30.91
N ILE F 193 1.28 -7.87 -31.54
CA ILE F 193 1.43 -7.58 -32.97
C ILE F 193 2.44 -6.45 -33.19
N GLY F 194 2.28 -5.36 -32.45
CA GLY F 194 3.10 -4.18 -32.65
C GLY F 194 4.47 -4.28 -32.00
N THR F 195 5.27 -5.20 -32.50
CA THR F 195 6.63 -5.45 -32.03
C THR F 195 7.61 -4.44 -32.62
N PRO F 196 8.87 -4.43 -32.15
CA PRO F 196 9.87 -3.58 -32.83
C PRO F 196 10.00 -3.91 -34.32
N VAL F 197 10.01 -5.19 -34.67
CA VAL F 197 10.01 -5.56 -36.08
C VAL F 197 8.79 -4.94 -36.79
N TYR F 198 7.64 -4.97 -36.13
CA TYR F 198 6.42 -4.38 -36.72
C TYR F 198 6.56 -2.88 -36.96
N MET F 199 7.19 -2.17 -36.00
CA MET F 199 7.47 -0.74 -36.17
C MET F 199 8.33 -0.48 -37.40
N ALA F 200 9.33 -1.32 -37.59
CA ALA F 200 10.22 -1.18 -38.75
C ALA F 200 9.48 -1.41 -40.06
N GLU F 201 8.51 -2.33 -40.07
CA GLU F 201 7.73 -2.62 -41.27
C GLU F 201 6.85 -1.42 -41.63
N VAL F 202 6.31 -0.76 -40.62
CA VAL F 202 5.49 0.43 -40.87
C VAL F 202 6.39 1.56 -41.39
N ALA F 203 7.58 1.69 -40.83
CA ALA F 203 8.57 2.64 -41.35
C ALA F 203 9.00 2.30 -42.78
N GLN F 204 9.09 1.01 -43.09
CA GLN F 204 9.48 0.59 -44.42
C GLN F 204 8.44 0.96 -45.47
N LYS F 205 7.16 0.84 -45.10
CA LYS F 205 6.07 1.25 -45.99
C LYS F 205 6.09 2.74 -46.28
N VAL F 206 6.30 3.53 -45.23
CA VAL F 206 6.35 4.97 -45.34
C VAL F 206 7.55 5.37 -46.22
N ALA F 207 8.68 4.72 -46.04
CA ALA F 207 9.87 4.97 -46.89
C ALA F 207 9.60 4.67 -48.37
N LYS F 208 8.89 3.58 -48.63
CA LYS F 208 8.64 3.15 -50.00
C LYS F 208 7.60 4.04 -50.67
N GLU F 209 6.59 4.43 -49.90
CA GLU F 209 5.58 5.36 -50.34
C GLU F 209 6.20 6.71 -50.70
N ASN F 210 7.17 7.13 -49.90
CA ASN F 210 7.74 8.46 -50.09
C ASN F 210 9.11 8.46 -50.73
N HIS F 211 9.52 7.31 -51.25
CA HIS F 211 10.84 7.17 -51.87
C HIS F 211 11.96 7.68 -50.97
N LEU F 212 11.91 7.30 -49.70
CA LEU F 212 12.94 7.68 -48.74
C LEU F 212 14.04 6.63 -48.59
N GLU F 213 15.19 7.08 -48.14
CA GLU F 213 16.23 6.19 -47.67
C GLU F 213 15.82 5.63 -46.32
N ILE F 214 15.99 4.33 -46.11
CA ILE F 214 15.77 3.79 -44.77
C ILE F 214 16.87 2.79 -44.39
N HIS F 215 17.32 2.86 -43.15
CA HIS F 215 18.20 1.86 -42.58
C HIS F 215 17.51 1.24 -41.38
N VAL F 216 17.44 -0.08 -41.33
CA VAL F 216 16.90 -0.76 -40.15
C VAL F 216 18.02 -1.60 -39.57
N HIS F 217 18.54 -1.14 -38.43
CA HIS F 217 19.66 -1.80 -37.75
C HIS F 217 19.18 -2.75 -36.66
N ASP F 218 19.95 -3.79 -36.38
CA ASP F 218 19.61 -4.73 -35.32
C ASP F 218 20.57 -4.66 -34.12
N GLU F 219 20.49 -5.67 -33.25
CA GLU F 219 21.26 -5.68 -32.01
C GLU F 219 22.78 -5.75 -32.26
N LYS F 220 23.18 -6.35 -33.37
CA LYS F 220 24.59 -6.42 -33.71
C LYS F 220 25.15 -5.04 -34.06
N PHE F 221 24.37 -4.23 -34.78
CA PHE F 221 24.74 -2.84 -35.04
C PHE F 221 24.85 -2.06 -33.73
N LEU F 222 23.87 -2.22 -32.85
CA LEU F 222 23.89 -1.59 -31.54
C LEU F 222 25.17 -1.92 -30.76
N GLU F 223 25.56 -3.18 -30.81
CA GLU F 223 26.76 -3.66 -30.14
C GLU F 223 28.01 -3.01 -30.74
N GLU F 224 28.05 -2.93 -32.06
CA GLU F 224 29.18 -2.32 -32.75
C GLU F 224 29.30 -0.83 -32.43
N LYS F 225 28.16 -0.16 -32.27
CA LYS F 225 28.16 1.26 -31.94
C LYS F 225 28.20 1.50 -30.43
N LYS F 226 28.27 0.41 -29.66
CA LYS F 226 28.38 0.50 -28.19
C LYS F 226 27.17 1.17 -27.55
N MET F 227 26.00 0.91 -28.10
CA MET F 227 24.77 1.44 -27.53
C MET F 227 24.26 0.50 -26.44
N ASN F 228 25.01 0.43 -25.33
CA ASN F 228 24.73 -0.58 -24.32
C ASN F 228 23.60 -0.20 -23.37
N ALA F 229 23.24 1.08 -23.35
CA ALA F 229 22.06 1.50 -22.59
C ALA F 229 20.78 1.00 -23.28
N PHE F 230 20.66 1.29 -24.57
CA PHE F 230 19.61 0.76 -25.43
C PHE F 230 19.56 -0.78 -25.31
N LEU F 231 20.71 -1.44 -25.49
CA LEU F 231 20.75 -2.89 -25.43
C LEU F 231 20.30 -3.48 -24.08
N ALA F 232 20.67 -2.82 -22.99
CA ALA F 232 20.28 -3.25 -21.65
C ALA F 232 18.76 -3.36 -21.47
N VAL F 233 18.03 -2.38 -21.96
CA VAL F 233 16.56 -2.40 -21.89
C VAL F 233 15.97 -3.61 -22.63
N ASN F 234 16.59 -3.96 -23.76
CA ASN F 234 16.16 -5.06 -24.61
C ASN F 234 16.56 -6.45 -24.10
N LYS F 235 17.53 -6.52 -23.18
CA LYS F 235 18.12 -7.80 -22.79
C LYS F 235 17.09 -8.84 -22.39
N ALA F 236 16.07 -8.42 -21.62
CA ALA F 236 15.05 -9.36 -21.16
C ALA F 236 14.35 -10.07 -22.31
N SER F 237 14.13 -9.33 -23.40
CA SER F 237 13.30 -9.84 -24.49
C SER F 237 14.04 -10.05 -25.80
N LEU F 238 15.38 -9.95 -25.79
CA LEU F 238 16.16 -10.08 -27.03
C LEU F 238 15.77 -11.32 -27.85
N SER F 239 15.65 -12.46 -27.18
CA SER F 239 15.41 -13.72 -27.89
C SER F 239 13.95 -13.85 -28.33
N VAL F 240 13.07 -13.00 -27.83
CA VAL F 240 11.69 -13.00 -28.29
C VAL F 240 11.42 -11.93 -29.36
N ASN F 241 11.73 -10.68 -29.02
CA ASN F 241 11.60 -9.58 -29.96
C ASN F 241 12.87 -8.75 -29.96
N PRO F 242 13.74 -9.01 -30.92
CA PRO F 242 14.99 -8.26 -31.02
C PRO F 242 14.72 -6.78 -31.28
N PRO F 243 15.67 -5.90 -30.92
CA PRO F 243 15.42 -4.47 -31.03
C PRO F 243 15.67 -3.98 -32.44
N ARG F 244 15.17 -2.80 -32.77
CA ARG F 244 15.42 -2.21 -34.07
C ARG F 244 15.74 -0.72 -33.92
N LEU F 245 16.84 -0.29 -34.54
CA LEU F 245 17.16 1.12 -34.66
C LEU F 245 16.73 1.54 -36.05
N ILE F 246 15.67 2.34 -36.10
CA ILE F 246 15.08 2.70 -37.38
C ILE F 246 15.57 4.08 -37.76
N HIS F 247 16.14 4.21 -38.96
CA HIS F 247 16.70 5.46 -39.43
C HIS F 247 16.14 5.80 -40.81
N LEU F 248 15.18 6.72 -40.84
CA LEU F 248 14.54 7.22 -42.05
C LEU F 248 15.26 8.48 -42.51
N VAL F 249 15.41 8.65 -43.82
CA VAL F 249 16.03 9.87 -44.34
C VAL F 249 15.23 10.51 -45.47
N TYR F 250 14.86 11.78 -45.28
CA TYR F 250 14.24 12.58 -46.34
C TYR F 250 15.24 13.63 -46.79
N LYS F 251 15.69 13.54 -48.03
CA LYS F 251 16.74 14.44 -48.52
C LYS F 251 16.36 15.02 -49.88
N PRO F 252 15.71 16.20 -49.87
CA PRO F 252 15.25 16.87 -51.09
C PRO F 252 16.41 17.60 -51.76
N LYS F 253 16.18 18.20 -52.92
CA LYS F 253 17.28 18.84 -53.65
C LYS F 253 17.74 20.09 -52.92
N LYS F 254 16.81 20.88 -52.42
CA LYS F 254 17.19 22.02 -51.60
C LYS F 254 16.91 21.75 -50.12
N ALA F 255 17.97 21.74 -49.32
CA ALA F 255 17.83 21.58 -47.88
C ALA F 255 18.48 22.75 -47.16
N LYS F 256 17.65 23.55 -46.50
CA LYS F 256 18.14 24.72 -45.78
C LYS F 256 18.66 24.35 -44.40
N LYS F 257 18.20 23.22 -43.89
CA LYS F 257 18.57 22.74 -42.56
C LYS F 257 18.64 21.22 -42.55
N LYS F 258 19.48 20.66 -41.68
CA LYS F 258 19.42 19.24 -41.39
C LYS F 258 18.71 19.07 -40.06
N ILE F 259 17.68 18.23 -40.03
CA ILE F 259 16.83 18.12 -38.86
C ILE F 259 16.72 16.66 -38.43
N ALA F 260 17.05 16.39 -37.17
CA ALA F 260 16.98 15.03 -36.64
C ALA F 260 15.81 14.91 -35.67
N LEU F 261 14.94 13.95 -35.93
CA LEU F 261 13.81 13.71 -35.04
C LEU F 261 13.99 12.35 -34.41
N VAL F 262 14.07 12.33 -33.08
CA VAL F 262 14.42 11.10 -32.38
C VAL F 262 13.24 10.68 -31.51
N GLY F 263 12.81 9.42 -31.63
CA GLY F 263 11.65 8.97 -30.88
C GLY F 263 11.83 7.72 -30.03
N LYS F 264 11.22 7.73 -28.85
CA LYS F 264 11.15 6.55 -27.98
C LYS F 264 10.18 5.55 -28.59
N GLY F 265 10.70 4.41 -29.04
CA GLY F 265 9.87 3.38 -29.62
C GLY F 265 9.64 2.19 -28.70
N LEU F 266 9.16 2.43 -27.50
CA LEU F 266 8.99 1.34 -26.55
C LEU F 266 7.66 0.65 -26.85
N THR F 267 7.69 -0.47 -27.56
CA THR F 267 6.47 -1.09 -28.06
C THR F 267 5.70 -1.75 -26.94
N TYR F 268 6.40 -2.06 -25.84
CA TYR F 268 5.72 -2.35 -24.60
C TYR F 268 6.63 -2.11 -23.39
N ASP F 269 6.08 -1.42 -22.40
CA ASP F 269 6.82 -1.12 -21.19
C ASP F 269 6.12 -1.75 -20.00
N CYS F 270 6.62 -2.87 -19.49
CA CYS F 270 6.03 -3.48 -18.29
C CYS F 270 6.75 -3.01 -17.03
N GLY F 271 7.79 -2.19 -17.21
CA GLY F 271 8.62 -1.70 -16.12
C GLY F 271 9.91 -2.47 -15.92
N GLY F 272 10.02 -3.65 -16.52
CA GLY F 272 11.16 -4.54 -16.31
C GLY F 272 11.05 -5.18 -14.92
N LEU F 273 12.19 -5.46 -14.31
CA LEU F 273 12.22 -6.01 -12.96
C LEU F 273 11.53 -5.10 -11.95
N SER F 274 11.69 -3.79 -12.14
CA SER F 274 10.90 -2.80 -11.40
C SER F 274 9.48 -2.77 -12.00
N LEU F 275 8.76 -3.86 -11.81
CA LEU F 275 7.50 -4.12 -12.49
C LEU F 275 6.42 -3.09 -12.17
N LYS F 276 5.68 -2.66 -13.19
CA LYS F 276 4.55 -1.75 -12.97
C LYS F 276 3.38 -2.45 -12.32
N PRO F 277 2.64 -1.74 -11.45
CA PRO F 277 1.38 -2.32 -10.98
C PRO F 277 0.41 -2.51 -12.16
N ALA F 278 -0.55 -3.42 -12.04
CA ALA F 278 -1.48 -3.70 -13.12
C ALA F 278 -2.24 -2.46 -13.61
N ASP F 279 -2.69 -1.62 -12.68
CA ASP F 279 -3.43 -0.39 -13.04
C ASP F 279 -2.62 0.58 -13.87
N TYR F 280 -1.30 0.47 -13.81
CA TYR F 280 -0.43 1.40 -14.52
C TYR F 280 0.19 0.80 -15.77
N MET F 281 0.11 -0.53 -15.91
CA MET F 281 0.73 -1.20 -17.04
C MET F 281 -0.20 -1.13 -18.26
N VAL F 282 -1.50 -1.16 -18.02
CA VAL F 282 -2.46 -0.99 -19.11
C VAL F 282 -2.18 0.35 -19.81
N THR F 283 -2.39 0.37 -21.13
CA THR F 283 -2.04 1.45 -22.08
C THR F 283 -0.55 1.57 -22.43
N MET F 284 0.31 0.74 -21.86
CA MET F 284 1.74 0.85 -22.19
C MET F 284 2.11 0.34 -23.60
N LYS F 285 1.14 -0.13 -24.37
CA LYS F 285 1.36 -0.33 -25.81
C LYS F 285 1.67 1.03 -26.47
N ALA F 286 1.24 2.10 -25.80
CA ALA F 286 1.42 3.45 -26.31
C ALA F 286 2.79 4.06 -25.97
N ASP F 287 3.66 3.28 -25.36
CA ASP F 287 4.98 3.78 -25.02
C ASP F 287 5.85 3.93 -26.28
N LYS F 288 5.31 3.55 -27.43
CA LYS F 288 5.97 3.81 -28.72
C LYS F 288 5.39 5.07 -29.38
N GLY F 289 4.72 5.90 -28.57
CA GLY F 289 4.10 7.11 -29.07
C GLY F 289 5.05 8.08 -29.78
N GLY F 290 6.24 8.26 -29.20
CA GLY F 290 7.25 9.15 -29.76
C GLY F 290 7.85 8.64 -31.05
N GLY F 291 8.34 7.40 -31.04
CA GLY F 291 8.81 6.75 -32.23
C GLY F 291 7.77 6.75 -33.34
N SER F 292 6.53 6.43 -32.99
CA SER F 292 5.45 6.43 -33.96
C SER F 292 5.23 7.83 -34.53
N ALA F 293 5.26 8.83 -33.66
CA ALA F 293 5.09 10.20 -34.14
C ALA F 293 6.19 10.56 -35.15
N VAL F 294 7.42 10.14 -34.87
CA VAL F 294 8.53 10.40 -35.80
C VAL F 294 8.30 9.75 -37.18
N ILE F 295 7.74 8.54 -37.21
CA ILE F 295 7.44 7.89 -38.48
C ILE F 295 6.39 8.71 -39.23
N GLY F 296 5.39 9.20 -38.51
CA GLY F 296 4.34 9.99 -39.15
C GLY F 296 4.88 11.31 -39.67
N LEU F 297 5.84 11.87 -38.93
CA LEU F 297 6.45 13.14 -39.28
C LEU F 297 7.25 13.06 -40.58
N LEU F 298 7.93 11.94 -40.81
CA LEU F 298 8.67 11.78 -42.04
C LEU F 298 7.68 11.67 -43.20
N ASN F 299 6.55 11.03 -42.98
CA ASN F 299 5.50 11.00 -44.01
C ASN F 299 4.96 12.40 -44.35
N ALA F 300 4.60 13.17 -43.33
CA ALA F 300 4.05 14.52 -43.52
C ALA F 300 5.05 15.46 -44.21
N LEU F 301 6.26 15.51 -43.66
CA LEU F 301 7.27 16.45 -44.14
C LEU F 301 7.71 16.11 -45.56
N ALA F 302 7.81 14.82 -45.88
CA ALA F 302 8.13 14.43 -47.25
C ALA F 302 7.02 14.84 -48.22
N LYS F 303 5.77 14.54 -47.86
CA LYS F 303 4.64 14.87 -48.74
C LYS F 303 4.37 16.37 -48.85
N LEU F 304 4.72 17.11 -47.81
CA LEU F 304 4.64 18.57 -47.87
C LEU F 304 5.84 19.15 -48.63
N GLY F 305 6.85 18.31 -48.86
CA GLY F 305 8.02 18.74 -49.61
C GLY F 305 8.80 19.88 -48.98
N VAL F 306 8.95 19.84 -47.66
CA VAL F 306 9.69 20.88 -46.97
C VAL F 306 11.13 20.91 -47.46
N GLU F 307 11.74 22.09 -47.41
CA GLU F 307 13.11 22.27 -47.87
C GLU F 307 14.13 22.00 -46.75
N ALA F 308 14.26 20.73 -46.36
CA ALA F 308 15.18 20.35 -45.30
C ALA F 308 15.50 18.87 -45.38
N GLU F 309 16.70 18.51 -44.93
CA GLU F 309 17.06 17.12 -44.80
C GLU F 309 16.61 16.65 -43.43
N VAL F 310 15.69 15.69 -43.42
CA VAL F 310 15.06 15.28 -42.18
C VAL F 310 15.39 13.83 -41.89
N HIS F 311 15.90 13.59 -40.69
CA HIS F 311 16.21 12.25 -40.25
C HIS F 311 15.26 11.82 -39.15
N GLY F 312 14.65 10.64 -39.34
CA GLY F 312 13.79 10.04 -38.33
C GLY F 312 14.52 8.86 -37.72
N ILE F 313 14.78 8.95 -36.41
CA ILE F 313 15.52 7.93 -35.71
C ILE F 313 14.65 7.40 -34.59
N ILE F 314 14.36 6.11 -34.63
CA ILE F 314 13.49 5.46 -33.65
C ILE F 314 14.21 4.29 -33.00
N GLY F 315 14.33 4.36 -31.67
CA GLY F 315 14.87 3.25 -30.91
C GLY F 315 13.69 2.39 -30.44
N ALA F 316 13.51 1.24 -31.07
CA ALA F 316 12.40 0.35 -30.74
C ALA F 316 12.85 -0.89 -29.96
N THR F 317 12.17 -1.15 -28.85
CA THR F 317 12.37 -2.36 -28.06
C THR F 317 11.20 -2.48 -27.11
N GLU F 318 11.00 -3.67 -26.56
CA GLU F 318 10.15 -3.78 -25.37
C GLU F 318 11.03 -3.59 -24.13
N ASN F 319 10.40 -3.29 -23.00
CA ASN F 319 11.04 -3.31 -21.68
C ASN F 319 10.34 -4.42 -20.89
N MET F 320 10.83 -5.65 -21.02
CA MET F 320 10.16 -6.83 -20.41
C MET F 320 10.85 -7.31 -19.13
N ILE F 321 10.23 -8.27 -18.46
CA ILE F 321 10.79 -8.83 -17.24
C ILE F 321 11.15 -10.28 -17.55
N GLY F 322 12.21 -10.79 -16.95
CA GLY F 322 12.64 -12.17 -17.22
C GLY F 322 14.02 -12.40 -16.64
N PRO F 323 14.52 -13.64 -16.74
CA PRO F 323 15.78 -14.00 -16.10
C PRO F 323 17.01 -13.29 -16.68
N ALA F 324 16.89 -12.74 -17.89
CA ALA F 324 18.03 -12.02 -18.47
C ALA F 324 17.86 -10.50 -18.44
N ALA F 325 16.85 -10.00 -17.71
CA ALA F 325 16.58 -8.56 -17.69
C ALA F 325 17.70 -7.74 -17.03
N TYR F 326 17.90 -6.52 -17.51
CA TYR F 326 18.83 -5.63 -16.82
C TYR F 326 18.25 -5.26 -15.45
N LYS F 327 19.13 -4.90 -14.49
CA LYS F 327 18.74 -4.85 -13.08
C LYS F 327 19.01 -3.51 -12.37
N PRO F 328 18.13 -3.16 -11.41
CA PRO F 328 18.52 -2.14 -10.45
C PRO F 328 19.89 -2.59 -9.90
N ASP F 329 20.85 -1.67 -9.85
CA ASP F 329 22.27 -1.85 -9.50
C ASP F 329 23.17 -2.05 -10.71
N ASP F 330 22.60 -2.10 -11.90
CA ASP F 330 23.45 -2.25 -13.07
C ASP F 330 24.00 -0.88 -13.39
N ILE F 331 25.21 -0.90 -13.92
CA ILE F 331 25.90 0.31 -14.35
C ILE F 331 26.27 0.12 -15.81
N LEU F 332 25.61 0.88 -16.66
CA LEU F 332 25.72 0.70 -18.09
C LEU F 332 26.62 1.77 -18.69
N ILE F 333 27.50 1.48 -19.68
CA ILE F 333 28.35 2.44 -20.37
C ILE F 333 27.62 2.92 -21.62
N SER F 334 27.15 4.16 -21.59
CA SER F 334 26.44 4.74 -22.73
C SER F 334 27.36 4.81 -23.95
N LYS F 335 26.76 4.97 -25.12
CA LYS F 335 27.53 5.17 -26.34
C LYS F 335 28.37 6.44 -26.18
N GLU F 336 27.80 7.45 -25.53
CA GLU F 336 28.50 8.70 -25.28
C GLU F 336 29.72 8.53 -24.39
N GLY F 337 29.74 7.46 -23.60
CA GLY F 337 30.89 7.15 -22.77
C GLY F 337 30.62 7.26 -21.28
N LYS F 338 29.64 8.09 -20.92
CA LYS F 338 29.24 8.23 -19.53
C LYS F 338 28.61 6.95 -19.00
N SER F 339 28.85 6.67 -17.73
CA SER F 339 28.32 5.47 -17.11
C SER F 339 27.02 5.78 -16.42
N ILE F 340 26.10 4.81 -16.39
CA ILE F 340 24.78 5.05 -15.83
C ILE F 340 24.44 4.06 -14.73
N GLU F 341 24.23 4.54 -13.51
CA GLU F 341 23.76 3.66 -12.46
C GLU F 341 22.26 3.47 -12.64
N VAL F 342 21.85 2.22 -12.84
CA VAL F 342 20.44 1.87 -12.90
C VAL F 342 19.92 1.59 -11.49
N ARG F 343 18.93 2.36 -11.05
CA ARG F 343 18.31 2.10 -9.75
C ARG F 343 16.85 1.68 -9.91
N ASN F 344 16.31 1.84 -11.12
CA ASN F 344 14.92 1.48 -11.37
C ASN F 344 14.76 1.20 -12.85
N THR F 345 14.38 -0.03 -13.19
CA THR F 345 14.37 -0.41 -14.59
C THR F 345 13.16 0.16 -15.33
N ASP F 346 12.28 0.80 -14.59
CA ASP F 346 11.11 1.45 -15.18
C ASP F 346 11.46 2.86 -15.70
N ALA F 347 12.71 3.29 -15.50
CA ALA F 347 13.20 4.49 -16.19
C ALA F 347 14.05 4.08 -17.39
N GLU F 348 13.42 3.38 -18.33
CA GLU F 348 14.11 2.74 -19.46
C GLU F 348 14.17 3.64 -20.71
N GLY F 349 13.17 4.50 -20.88
CA GLY F 349 13.08 5.29 -22.10
C GLY F 349 14.29 6.19 -22.24
N ARG F 350 14.74 6.73 -21.12
CA ARG F 350 15.83 7.69 -21.18
C ARG F 350 17.14 6.98 -21.53
N LEU F 351 17.20 5.67 -21.27
CA LEU F 351 18.38 4.87 -21.60
C LEU F 351 18.46 4.63 -23.09
N VAL F 352 17.34 4.24 -23.69
CA VAL F 352 17.26 4.07 -25.13
C VAL F 352 17.56 5.41 -25.82
N LEU F 353 16.98 6.48 -25.27
CA LEU F 353 17.15 7.82 -25.80
C LEU F 353 18.57 8.36 -25.66
N ALA F 354 19.23 8.08 -24.54
CA ALA F 354 20.63 8.43 -24.38
C ALA F 354 21.45 7.99 -25.57
N ASP F 355 21.28 6.74 -25.99
CA ASP F 355 22.07 6.18 -27.10
C ASP F 355 21.52 6.62 -28.46
N CYS F 356 20.22 6.80 -28.57
CA CYS F 356 19.65 7.24 -29.83
C CYS F 356 19.99 8.70 -30.12
N LEU F 357 20.01 9.52 -29.06
CA LEU F 357 20.43 10.91 -29.21
C LEU F 357 21.90 11.00 -29.65
N SER F 358 22.72 10.11 -29.09
CA SER F 358 24.13 10.05 -29.45
C SER F 358 24.30 9.72 -30.93
N TYR F 359 23.62 8.67 -31.39
CA TYR F 359 23.58 8.32 -32.80
C TYR F 359 23.10 9.52 -33.65
N ALA F 360 22.11 10.24 -33.16
CA ALA F 360 21.56 11.40 -33.88
C ALA F 360 22.59 12.51 -34.07
N GLN F 361 23.33 12.81 -33.02
CA GLN F 361 24.32 13.89 -33.07
C GLN F 361 25.45 13.56 -34.04
N ASP F 362 25.66 12.28 -34.29
CA ASP F 362 26.68 11.85 -35.24
C ASP F 362 26.34 12.27 -36.67
N LEU F 363 25.10 12.71 -36.88
CA LEU F 363 24.65 13.20 -38.20
C LEU F 363 25.03 14.66 -38.40
N ASN F 364 25.51 15.30 -37.33
CA ASN F 364 25.68 16.75 -37.28
C ASN F 364 24.48 17.54 -37.77
N PRO F 365 23.32 17.32 -37.14
CA PRO F 365 22.14 18.10 -37.52
C PRO F 365 22.23 19.55 -37.03
N ASP F 366 21.40 20.40 -37.61
CA ASP F 366 21.24 21.78 -37.13
C ASP F 366 20.22 21.84 -35.99
N VAL F 367 19.30 20.87 -35.98
CA VAL F 367 18.24 20.86 -35.00
C VAL F 367 17.98 19.43 -34.58
N ILE F 368 17.83 19.20 -33.28
CA ILE F 368 17.47 17.89 -32.77
C ILE F 368 16.24 18.02 -31.88
N VAL F 369 15.22 17.22 -32.15
CA VAL F 369 14.03 17.21 -31.33
C VAL F 369 13.71 15.77 -31.01
N ASP F 370 13.61 15.44 -29.73
CA ASP F 370 13.21 14.09 -29.36
C ASP F 370 11.79 14.11 -28.85
N PHE F 371 11.06 13.03 -29.14
CA PHE F 371 9.69 12.83 -28.67
C PHE F 371 9.63 11.55 -27.85
N ALA F 372 9.01 11.63 -26.67
CA ALA F 372 8.94 10.45 -25.81
C ALA F 372 7.80 10.57 -24.81
N THR F 373 7.09 9.45 -24.67
CA THR F 373 6.16 9.25 -23.57
C THR F 373 7.06 8.87 -22.37
N LEU F 374 7.72 9.88 -21.78
CA LEU F 374 8.86 9.60 -20.90
C LEU F 374 8.53 9.48 -19.41
N THR F 375 7.70 10.37 -18.88
CA THR F 375 7.48 10.37 -17.42
C THR F 375 6.02 10.54 -17.00
N GLY F 376 5.63 9.82 -15.95
CA GLY F 376 4.34 10.03 -15.31
C GLY F 376 4.25 11.41 -14.66
N ALA F 377 5.38 11.91 -14.17
CA ALA F 377 5.43 13.21 -13.47
C ALA F 377 5.04 14.37 -14.40
N CYS F 378 5.37 14.26 -15.67
CA CYS F 378 4.90 15.24 -16.65
C CYS F 378 3.38 15.29 -16.70
N VAL F 379 2.75 14.12 -16.71
CA VAL F 379 1.31 14.05 -16.80
C VAL F 379 0.67 14.57 -15.50
N VAL F 380 1.28 14.23 -14.35
CA VAL F 380 0.81 14.78 -13.09
C VAL F 380 0.90 16.31 -13.11
N GLY F 381 2.00 16.84 -13.66
CA GLY F 381 2.25 18.27 -13.63
C GLY F 381 1.40 19.08 -14.58
N LEU F 382 1.16 18.55 -15.77
CA LEU F 382 0.50 19.31 -16.83
C LEU F 382 -0.91 18.83 -17.17
N GLY F 383 -1.28 17.63 -16.73
CA GLY F 383 -2.49 17.01 -17.22
C GLY F 383 -2.27 16.08 -18.40
N GLU F 384 -3.28 15.29 -18.72
CA GLU F 384 -3.20 14.32 -19.81
C GLU F 384 -3.17 14.92 -21.22
N PHE F 385 -3.50 16.19 -21.34
CA PHE F 385 -3.78 16.75 -22.67
C PHE F 385 -2.65 17.64 -23.17
N THR F 386 -1.59 17.77 -22.37
CA THR F 386 -0.54 18.75 -22.65
C THR F 386 0.86 18.17 -22.63
N SER F 387 1.66 18.50 -23.64
CA SER F 387 3.04 18.03 -23.67
C SER F 387 4.00 19.07 -23.13
N ALA F 388 5.11 18.60 -22.57
CA ALA F 388 6.13 19.48 -22.00
C ALA F 388 7.28 19.69 -22.98
N ILE F 389 7.82 20.91 -23.01
CA ILE F 389 8.95 21.28 -23.86
C ILE F 389 10.14 21.62 -22.99
N MET F 390 11.27 20.94 -23.19
CA MET F 390 12.49 21.24 -22.44
C MET F 390 13.69 21.45 -23.37
N GLY F 391 14.69 22.17 -22.87
CA GLY F 391 15.89 22.45 -23.63
C GLY F 391 16.54 23.71 -23.09
N HIS F 392 17.60 24.18 -23.76
CA HIS F 392 18.35 25.35 -23.29
C HIS F 392 18.04 26.62 -24.07
N ASN F 393 17.89 26.47 -25.39
CA ASN F 393 17.68 27.62 -26.25
C ASN F 393 16.24 28.12 -26.12
N GLU F 394 16.05 29.25 -25.43
CA GLU F 394 14.70 29.77 -25.21
C GLU F 394 13.99 30.13 -26.53
N GLU F 395 14.71 30.76 -27.45
CA GLU F 395 14.15 31.12 -28.75
C GLU F 395 13.62 29.89 -29.49
N LEU F 396 14.38 28.81 -29.46
CA LEU F 396 13.99 27.55 -30.10
C LEU F 396 12.76 26.93 -29.41
N LYS F 397 12.78 26.91 -28.09
CA LYS F 397 11.65 26.42 -27.30
CA LYS F 397 11.64 26.40 -27.32
C LYS F 397 10.40 27.25 -27.61
N ASN F 398 10.56 28.56 -27.68
CA ASN F 398 9.43 29.44 -27.95
C ASN F 398 8.82 29.20 -29.34
N LEU F 399 9.68 28.94 -30.31
CA LEU F 399 9.22 28.67 -31.67
C LEU F 399 8.42 27.37 -31.72
N PHE F 400 8.90 26.33 -31.03
CA PHE F 400 8.16 25.07 -31.00
C PHE F 400 6.83 25.28 -30.30
N GLU F 401 6.85 25.97 -29.17
CA GLU F 401 5.62 26.22 -28.42
C GLU F 401 4.60 27.03 -29.24
N THR F 402 5.02 28.17 -29.77
CA THR F 402 4.13 29.05 -30.52
CA THR F 402 4.09 29.04 -30.49
C THR F 402 3.53 28.35 -31.74
N SER F 403 4.38 27.67 -32.50
CA SER F 403 3.94 26.93 -33.67
C SER F 403 3.01 25.79 -33.29
N GLY F 404 3.39 25.05 -32.24
CA GLY F 404 2.61 23.90 -31.81
C GLY F 404 1.24 24.28 -31.31
N LEU F 405 1.15 25.37 -30.55
CA LEU F 405 -0.15 25.84 -30.09
C LEU F 405 -1.04 26.22 -31.27
N GLU F 406 -0.46 26.92 -32.25
CA GLU F 406 -1.21 27.29 -33.46
C GLU F 406 -1.72 26.06 -34.21
N SER F 407 -0.94 24.98 -34.21
CA SER F 407 -1.36 23.75 -34.90
C SER F 407 -2.50 23.06 -34.16
N GLY F 408 -2.75 23.49 -32.93
CA GLY F 408 -3.85 22.94 -32.16
C GLY F 408 -3.44 21.97 -31.06
N GLU F 409 -2.12 21.82 -30.83
CA GLU F 409 -1.64 21.00 -29.72
C GLU F 409 -1.41 21.83 -28.47
N LEU F 410 -1.63 21.22 -27.31
CA LEU F 410 -1.43 21.90 -26.05
C LEU F 410 -0.03 21.61 -25.55
N LEU F 411 0.69 22.67 -25.19
CA LEU F 411 2.10 22.59 -24.84
C LEU F 411 2.47 23.54 -23.73
N ALA F 412 3.54 23.21 -23.02
CA ALA F 412 4.03 24.04 -21.94
C ALA F 412 5.53 23.83 -21.82
N LYS F 413 6.27 24.92 -21.64
CA LYS F 413 7.70 24.82 -21.36
C LYS F 413 7.91 24.48 -19.89
N LEU F 414 8.89 23.62 -19.61
CA LEU F 414 9.28 23.36 -18.22
C LEU F 414 10.75 23.75 -18.05
N PRO F 415 11.06 24.53 -17.00
CA PRO F 415 12.42 25.07 -16.87
C PRO F 415 13.38 24.16 -16.10
N PHE F 416 14.58 23.96 -16.65
CA PHE F 416 15.69 23.35 -15.91
C PHE F 416 16.12 24.26 -14.78
N ASN F 417 16.78 23.68 -13.77
CA ASN F 417 17.60 24.50 -12.88
C ASN F 417 18.69 23.66 -12.22
N ARG F 418 19.64 24.33 -11.60
CA ARG F 418 20.86 23.66 -11.09
C ARG F 418 20.58 22.78 -9.88
N HIS F 419 19.50 23.07 -9.15
CA HIS F 419 19.18 22.26 -7.98
C HIS F 419 18.65 20.89 -8.42
N LEU F 420 17.79 20.88 -9.44
CA LEU F 420 17.30 19.63 -10.02
C LEU F 420 18.42 18.81 -10.62
N LYS F 421 19.40 19.49 -11.22
CA LYS F 421 20.49 18.79 -11.89
C LYS F 421 21.27 17.91 -10.92
N LYS F 422 21.42 18.35 -9.68
CA LYS F 422 22.13 17.59 -8.67
C LYS F 422 21.43 16.30 -8.25
N LEU F 423 20.13 16.22 -8.49
CA LEU F 423 19.32 15.10 -7.99
C LEU F 423 19.52 13.80 -8.79
N ILE F 424 20.23 13.88 -9.91
CA ILE F 424 20.54 12.66 -10.69
C ILE F 424 22.01 12.27 -10.59
N GLU F 425 22.69 12.82 -9.59
CA GLU F 425 24.04 12.39 -9.25
C GLU F 425 24.07 10.92 -8.83
N SER F 426 25.18 10.25 -9.07
CA SER F 426 25.40 8.88 -8.59
C SER F 426 26.70 8.81 -7.81
N LYS F 427 26.71 8.06 -6.72
CA LYS F 427 27.91 7.85 -5.91
C LYS F 427 28.89 6.88 -6.56
N ILE F 428 28.42 6.05 -7.50
CA ILE F 428 29.26 5.03 -8.10
C ILE F 428 29.33 5.10 -9.63
N ALA F 429 28.60 6.04 -10.24
CA ALA F 429 28.66 6.22 -11.70
C ALA F 429 28.61 7.71 -12.05
N ASP F 430 28.69 8.00 -13.35
CA ASP F 430 28.68 9.39 -13.80
C ASP F 430 27.29 10.00 -13.64
N VAL F 431 26.27 9.16 -13.70
CA VAL F 431 24.91 9.67 -13.57
C VAL F 431 23.93 8.54 -13.23
N CYS F 432 22.83 8.89 -12.58
CA CYS F 432 21.84 7.89 -12.18
C CYS F 432 20.60 7.96 -13.06
N ASN F 433 19.97 6.83 -13.38
CA ASN F 433 18.82 6.89 -14.28
C ASN F 433 17.52 7.29 -13.57
N ILE F 434 17.59 7.51 -12.27
CA ILE F 434 16.45 8.15 -11.58
C ILE F 434 16.92 9.29 -10.67
N SER F 435 15.98 10.15 -10.31
CA SER F 435 16.25 11.21 -9.36
C SER F 435 16.18 10.71 -7.92
N SER F 436 16.93 11.34 -7.03
CA SER F 436 16.87 11.04 -5.59
C SER F 436 15.61 11.59 -4.96
N SER F 437 14.82 12.33 -5.71
CA SER F 437 13.64 12.99 -5.15
C SER F 437 12.36 12.49 -5.78
N ARG F 438 11.25 12.55 -5.04
CA ARG F 438 9.94 12.26 -5.61
C ARG F 438 9.42 13.42 -6.47
N TYR F 439 10.15 14.54 -6.52
CA TYR F 439 9.62 15.75 -7.16
C TYR F 439 10.44 16.24 -8.36
N GLY F 440 9.76 16.60 -9.44
CA GLY F 440 10.41 17.23 -10.58
C GLY F 440 10.84 16.22 -11.61
N GLY F 441 10.18 15.07 -11.60
CA GLY F 441 10.51 13.95 -12.47
C GLY F 441 10.61 14.19 -13.96
N ALA F 442 9.69 14.96 -14.54
CA ALA F 442 9.76 15.24 -15.97
C ALA F 442 11.04 16.01 -16.31
N ILE F 443 11.45 16.86 -15.38
CA ILE F 443 12.56 17.78 -15.61
C ILE F 443 13.91 17.12 -15.32
N THR F 444 13.98 16.32 -14.27
CA THR F 444 15.21 15.61 -14.00
C THR F 444 15.41 14.57 -15.11
N ALA F 445 14.32 14.04 -15.65
CA ALA F 445 14.45 13.17 -16.81
C ALA F 445 15.03 13.92 -18.02
N GLY F 446 14.58 15.15 -18.25
CA GLY F 446 15.15 15.96 -19.32
C GLY F 446 16.61 16.29 -19.05
N LEU F 447 16.94 16.52 -17.78
CA LEU F 447 18.31 16.77 -17.39
C LEU F 447 19.20 15.52 -17.52
N PHE F 448 18.63 14.33 -17.29
CA PHE F 448 19.35 13.10 -17.63
C PHE F 448 19.72 13.09 -19.13
N LEU F 449 18.74 13.35 -19.99
CA LEU F 449 19.01 13.37 -21.42
C LEU F 449 20.10 14.39 -21.76
N ASN F 450 20.07 15.53 -21.07
CA ASN F 450 21.06 16.58 -21.31
C ASN F 450 22.50 16.10 -21.14
N GLU F 451 22.71 15.19 -20.19
CA GLU F 451 24.05 14.63 -19.99
C GLU F 451 24.60 13.91 -21.22
N PHE F 452 23.74 13.62 -22.19
CA PHE F 452 24.18 12.93 -23.42
C PHE F 452 24.09 13.85 -24.64
N ILE F 453 23.82 15.12 -24.38
CA ILE F 453 23.85 16.09 -25.46
C ILE F 453 25.21 16.81 -25.44
N ARG F 454 25.98 16.67 -26.51
CA ARG F 454 27.31 17.29 -26.61
C ARG F 454 27.22 18.81 -26.58
N ASP F 455 28.27 19.46 -26.10
CA ASP F 455 28.28 20.91 -25.88
C ASP F 455 27.87 21.68 -27.12
N GLU F 456 28.24 21.16 -28.28
CA GLU F 456 27.99 21.85 -29.53
C GLU F 456 26.55 21.64 -30.03
N PHE F 457 25.75 20.83 -29.33
CA PHE F 457 24.36 20.67 -29.73
C PHE F 457 23.39 21.18 -28.67
N LYS F 458 23.90 21.72 -27.56
CA LYS F 458 23.02 22.10 -26.46
C LYS F 458 22.05 23.22 -26.84
N ASP F 459 22.42 24.09 -27.77
CA ASP F 459 21.52 25.16 -28.19
C ASP F 459 20.69 24.75 -29.40
N LYS F 460 20.75 23.49 -29.79
CA LYS F 460 20.03 22.99 -30.96
C LYS F 460 19.07 21.85 -30.63
N TRP F 461 18.83 21.62 -29.35
CA TRP F 461 18.11 20.42 -28.92
C TRP F 461 16.83 20.77 -28.15
N LEU F 462 15.75 20.11 -28.54
CA LEU F 462 14.49 20.17 -27.84
C LEU F 462 14.09 18.77 -27.37
N HIS F 463 13.59 18.69 -26.16
CA HIS F 463 13.04 17.45 -25.63
C HIS F 463 11.55 17.66 -25.39
N ILE F 464 10.71 16.82 -25.99
CA ILE F 464 9.27 16.94 -25.83
C ILE F 464 8.68 15.68 -25.18
N ASP F 465 8.09 15.86 -24.01
CA ASP F 465 7.53 14.74 -23.26
C ASP F 465 6.04 14.68 -23.57
N ILE F 466 5.63 13.70 -24.36
CA ILE F 466 4.24 13.56 -24.76
C ILE F 466 3.51 12.45 -23.99
N ALA F 467 3.99 12.10 -22.80
CA ALA F 467 3.40 10.99 -22.03
C ALA F 467 1.90 11.16 -21.81
N GLY F 468 1.46 12.40 -21.65
CA GLY F 468 0.04 12.65 -21.47
C GLY F 468 -0.75 12.39 -22.75
N PRO F 469 -0.69 13.34 -23.71
CA PRO F 469 -1.64 13.32 -24.83
C PRO F 469 -1.41 12.27 -25.89
N ALA F 470 -0.27 11.56 -25.88
CA ALA F 470 -0.06 10.54 -26.90
C ALA F 470 -1.14 9.48 -26.87
N TYR F 471 -1.67 9.19 -25.67
CA TYR F 471 -2.68 8.16 -25.51
C TYR F 471 -3.58 8.50 -24.33
N VAL F 472 -4.86 8.63 -24.60
CA VAL F 472 -5.84 9.03 -23.59
C VAL F 472 -7.06 8.14 -23.72
N GLU F 473 -7.58 7.61 -22.61
CA GLU F 473 -8.70 6.68 -22.68
C GLU F 473 -10.07 7.34 -22.68
N LYS F 474 -10.24 8.33 -23.54
CA LYS F 474 -11.53 8.94 -23.84
C LYS F 474 -11.38 9.82 -25.07
N GLU F 475 -12.51 10.22 -25.65
CA GLU F 475 -12.47 11.17 -26.76
C GLU F 475 -12.25 12.56 -26.22
N TRP F 476 -11.42 13.33 -26.92
CA TRP F 476 -11.17 14.71 -26.55
C TRP F 476 -10.70 15.46 -27.80
N ASP F 477 -11.19 16.67 -27.98
CA ASP F 477 -10.85 17.47 -29.17
C ASP F 477 -11.03 16.65 -30.47
N VAL F 478 -9.99 16.57 -31.29
CA VAL F 478 -10.05 15.84 -32.56
C VAL F 478 -9.57 14.41 -32.38
N ASN F 479 -9.52 13.95 -31.13
CA ASN F 479 -8.92 12.64 -30.86
C ASN F 479 -9.94 11.63 -30.36
N SER F 480 -9.93 10.44 -30.97
CA SER F 480 -10.79 9.37 -30.51
C SER F 480 -10.11 8.67 -29.35
N PHE F 481 -10.82 7.74 -28.71
CA PHE F 481 -10.27 6.93 -27.62
C PHE F 481 -8.95 6.29 -28.05
N GLY F 482 -7.93 6.38 -27.19
CA GLY F 482 -6.65 5.77 -27.47
C GLY F 482 -5.64 6.76 -28.04
N ALA F 483 -4.99 6.37 -29.12
CA ALA F 483 -3.91 7.16 -29.72
C ALA F 483 -4.41 8.48 -30.33
N SER F 484 -3.59 9.52 -30.21
CA SER F 484 -3.98 10.83 -30.72
C SER F 484 -3.08 11.32 -31.86
N GLY F 485 -1.88 10.75 -31.97
CA GLY F 485 -0.85 11.25 -32.88
C GLY F 485 -0.18 12.50 -32.35
N ALA F 486 -0.19 12.71 -31.02
CA ALA F 486 0.51 13.86 -30.41
C ALA F 486 1.94 14.03 -30.95
N GLY F 487 2.36 15.28 -31.14
CA GLY F 487 3.67 15.59 -31.67
C GLY F 487 3.73 15.93 -33.15
N VAL F 488 2.93 15.24 -33.96
CA VAL F 488 3.02 15.37 -35.42
C VAL F 488 2.64 16.75 -35.96
N ARG F 489 1.47 17.26 -35.56
CA ARG F 489 1.05 18.60 -36.02
C ARG F 489 1.98 19.70 -35.50
N ALA F 490 2.36 19.58 -34.23
CA ALA F 490 3.22 20.58 -33.60
C ALA F 490 4.58 20.62 -34.26
N CYS F 491 5.18 19.46 -34.46
CA CYS F 491 6.53 19.42 -35.04
C CYS F 491 6.51 19.84 -36.51
N THR F 492 5.45 19.49 -37.22
CA THR F 492 5.30 19.91 -38.61
C THR F 492 5.23 21.41 -38.70
N ALA F 493 4.42 22.02 -37.84
CA ALA F 493 4.30 23.48 -37.81
C ALA F 493 5.62 24.13 -37.46
N PHE F 494 6.31 23.55 -36.48
CA PHE F 494 7.60 24.07 -36.03
C PHE F 494 8.65 24.05 -37.15
N VAL F 495 8.69 22.95 -37.90
CA VAL F 495 9.64 22.84 -39.00
C VAL F 495 9.29 23.84 -40.12
N GLU F 496 8.01 23.94 -40.46
CA GLU F 496 7.60 24.90 -41.49
C GLU F 496 7.98 26.34 -41.12
N GLU F 497 7.75 26.72 -39.86
CA GLU F 497 8.09 28.07 -39.41
C GLU F 497 9.59 28.27 -39.34
N LEU F 498 10.31 27.24 -38.90
CA LEU F 498 11.76 27.24 -38.93
C LEU F 498 12.32 27.53 -40.32
N LEU F 499 11.79 26.83 -41.31
CA LEU F 499 12.25 26.93 -42.68
C LEU F 499 11.85 28.24 -43.37
N LYS F 500 10.75 28.82 -42.90
CA LYS F 500 10.29 30.10 -43.41
C LYS F 500 11.29 31.20 -43.07
N LYS F 501 11.93 31.05 -41.93
CA LYS F 501 12.96 31.98 -41.47
C LYS F 501 14.36 31.67 -42.08
N ALA F 502 14.55 30.48 -42.62
CA ALA F 502 15.87 30.12 -43.15
C ALA F 502 15.99 30.39 -44.65
ZN ZN G . 18.63 -12.95 -0.69
ZN ZN H . 15.36 -12.82 -1.07
NA NA I . 22.92 -3.72 4.08
C BCT J . 16.52 -15.73 2.65
O1 BCT J . 15.97 -14.90 3.33
O2 BCT J . 16.39 -17.08 2.98
O3 BCT J . 17.29 -15.35 1.55
N2 BES K . 18.78 -11.12 0.56
C1 BES K . 17.62 -10.89 1.32
C6 BES K . 17.99 -10.36 2.71
C7 BES K . 18.28 -8.76 2.85
C8 BES K . 17.22 -7.88 3.13
C12 BES K . 19.56 -8.27 2.72
C9 BES K . 17.46 -6.51 3.28
C11 BES K . 19.80 -6.89 2.87
C10 BES K . 18.75 -6.02 3.15
C2 BES K . 16.89 -12.22 1.58
O2 BES K . 16.99 -13.15 0.57
C3 BES K . 15.40 -11.86 1.78
O3 BES K . 14.79 -11.28 0.87
N1 BES K . 14.75 -12.17 3.09
C4 BES K . 13.37 -11.87 3.38
C13 BES K . 12.73 -13.17 3.98
C14 BES K . 11.20 -13.12 3.92
C15 BES K . 10.72 -13.24 2.51
C16 BES K . 10.65 -14.30 4.75
C5 BES K . 13.26 -10.75 4.29
O1 BES K . 12.58 -9.76 4.00
O4 BES K . 13.83 -10.76 5.36
ZN ZN L . -6.57 -18.32 -12.07
ZN ZN M . -5.45 -15.26 -12.20
NA NA N . -9.87 -21.66 -1.97
C BCT O . -9.97 -15.40 -14.18
O1 BCT O . -10.25 -14.63 -13.30
O2 BCT O . -10.57 -15.27 -15.40
O3 BCT O . -9.02 -16.42 -13.97
N2 BES P . -7.34 -18.19 -9.97
C1 BES P . -7.79 -16.90 -9.63
C6 BES P . -9.11 -16.96 -8.88
C7 BES P . -8.96 -17.48 -7.35
C8 BES P . -8.95 -16.55 -6.30
C12 BES P . -8.84 -18.84 -7.09
C9 BES P . -8.83 -16.99 -4.99
C11 BES P . -8.72 -19.28 -5.75
C10 BES P . -8.73 -18.35 -4.71
C2 BES P . -8.12 -16.09 -10.90
O2 BES P . -7.36 -16.45 -11.98
C3 BES P . -7.90 -14.60 -10.59
O3 BES P . -6.78 -14.19 -10.25
N1 BES P . -9.05 -13.68 -10.70
C4 BES P . -8.92 -12.29 -10.43
C13 BES P . -9.70 -11.52 -11.55
C14 BES P . -9.44 -10.02 -11.42
C15 BES P . -8.05 -9.71 -11.85
C16 BES P . -10.46 -9.25 -12.29
C5 BES P . -9.50 -12.01 -9.13
O1 BES P . -10.59 -12.45 -8.84
O4 BES P . -8.88 -11.33 -8.32
ZN ZN Q . -2.92 22.46 2.70
ZN ZN R . -4.36 19.54 2.48
NA NA S . 7.81 22.42 0.01
C BCT T . -5.76 22.37 -1.33
O1 BCT T . -5.30 22.66 -0.03
O2 BCT T . -6.89 22.99 -1.85
O3 BCT T . -5.17 21.57 -2.02
N2 BES U . -1.09 21.77 1.78
C1 BES U . -1.20 20.80 0.78
C6 BES U . -0.33 21.16 -0.43
C7 BES U . 1.23 20.88 -0.19
C8 BES U . 1.77 19.66 -0.60
C12 BES U . 2.02 21.82 0.43
C9 BES U . 3.14 19.41 -0.41
C11 BES U . 3.39 21.57 0.62
C10 BES U . 3.93 20.36 0.20
C2 BES U . -2.64 20.79 0.21
O2 BES U . -3.60 21.19 1.10
C3 BES U . -2.94 19.34 -0.21
O3 BES U . -2.85 18.42 0.62
N1 BES U . -3.34 19.12 -1.62
C4 BES U . -3.65 17.81 -2.12
C13 BES U . -4.97 17.92 -2.97
C14 BES U . -5.54 16.55 -3.30
C15 BES U . -6.13 15.89 -2.07
C16 BES U . -6.64 16.73 -4.35
C5 BES U . -2.56 17.28 -2.90
O1 BES U . -2.09 16.16 -2.63
O4 BES U . -2.09 17.92 -3.82
ZN ZN V . -21.30 1.81 8.18
ZN ZN W . -18.19 1.24 8.83
NA NA X . -23.74 1.72 -2.64
C BCT Y . -20.77 -2.78 9.95
O1 BCT Y . -21.24 -1.47 9.76
O2 BCT Y . -21.22 -3.54 11.02
O3 BCT Y . -19.96 -3.27 9.20
N2 BES Z . -21.19 1.31 6.08
C1 BES Z . -20.16 0.41 5.78
C6 BES Z . -20.61 -0.60 4.72
C7 BES Z . -20.57 -0.10 3.18
C8 BES Z . -19.44 -0.35 2.40
C12 BES Z . -21.68 0.53 2.63
C9 BES Z . -19.41 0.06 1.07
C11 BES Z . -21.64 0.95 1.28
C10 BES Z . -20.51 0.70 0.51
C2 BES Z . -19.87 -0.45 7.03
O2 BES Z . -20.00 0.20 8.23
C3 BES Z . -18.41 -0.95 6.90
O3 BES Z . -17.45 -0.14 6.82
N1 BES Z . -18.19 -2.41 6.90
C4 BES Z . -16.87 -2.95 6.81
C13 BES Z . -16.84 -4.14 7.84
C14 BES Z . -15.43 -4.71 7.98
C15 BES Z . -14.56 -3.73 8.71
C16 BES Z . -15.54 -6.03 8.79
C5 BES Z . -16.61 -3.40 5.46
O1 BES Z . -17.36 -4.18 4.92
O4 BES Z . -15.60 -2.98 4.87
ZN ZN AA . 2.98 3.12 22.25
ZN ZN BA . 2.83 4.55 19.31
NA NA CA . 3.23 -8.06 22.03
C BCT DA . 7.33 4.92 21.08
O1 BCT DA . 8.20 5.95 21.50
O2 BCT DA . 7.60 4.29 20.09
O3 BCT DA . 6.15 4.66 21.80
N2 BES EA . 3.35 1.05 21.56
C1 BES EA . 4.01 1.06 20.32
C6 BES EA . 5.05 -0.06 20.28
C7 BES EA . 4.47 -1.54 20.02
C8 BES EA . 4.63 -2.12 18.76
C12 BES EA . 3.83 -2.23 21.02
C9 BES EA . 4.16 -3.42 18.50
C11 BES EA . 3.35 -3.54 20.78
C10 BES EA . 3.51 -4.11 19.52
C2 BES EA . 4.85 2.34 20.16
O2 BES EA . 4.29 3.44 20.79
C3 BES EA . 5.05 2.58 18.64
O3 BES EA . 4.07 2.68 17.87
N1 BES EA . 6.45 2.66 18.13
C4 BES EA . 6.71 2.87 16.74
C13 BES EA . 7.87 3.91 16.60
C14 BES EA . 7.99 4.36 15.16
C15 BES EA . 6.78 5.14 14.73
C16 BES EA . 9.24 5.24 15.00
C5 BES EA . 7.09 1.61 16.13
O1 BES EA . 6.53 1.26 15.08
O4 BES EA . 7.94 0.88 16.63
ZN ZN FA . 8.44 3.76 -20.89
ZN ZN GA . 9.00 2.63 -17.81
NA NA HA . -1.19 9.29 -21.88
C BCT IA . 11.84 6.59 -18.61
O1 BCT IA . 11.24 7.04 -17.66
O2 BCT IA . 13.17 6.98 -18.80
O3 BCT IA . 11.21 5.73 -19.52
N2 BES JA . 6.64 5.04 -20.32
C1 BES JA . 6.71 5.41 -18.96
C6 BES JA . 6.16 6.80 -18.68
C7 BES JA . 4.59 7.03 -19.00
C8 BES JA . 3.72 7.34 -17.95
C12 BES JA . 4.11 6.95 -20.31
C9 BES JA . 2.36 7.57 -18.20
C11 BES JA . 2.74 7.17 -20.56
C10 BES JA . 1.88 7.48 -19.50
C2 BES JA . 8.20 5.51 -18.54
O2 BES JA . 8.95 4.53 -19.12
C3 BES JA . 8.21 5.44 -16.99
O3 BES JA . 7.75 4.45 -16.40
N1 BES JA . 8.76 6.58 -16.22
C4 BES JA . 8.79 6.54 -14.79
C13 BES JA . 10.22 6.99 -14.33
C14 BES JA . 10.38 6.77 -12.83
C15 BES JA . 10.40 5.31 -12.52
C16 BES JA . 11.72 7.41 -12.40
C5 BES JA . 7.76 7.39 -14.24
O1 BES JA . 6.99 6.92 -13.38
O4 BES JA . 7.62 8.54 -14.58
#